data_9KGT
#
_entry.id   9KGT
#
_cell.length_a   95.444
_cell.length_b   163.265
_cell.length_c   145.842
_cell.angle_alpha   90.000
_cell.angle_beta   94.548
_cell.angle_gamma   90.000
#
_symmetry.space_group_name_H-M   'P 1 21 1'
#
loop_
_entity.id
_entity.type
_entity.pdbx_description
1 polymer 'DNA topoisomerase 4 subunit B,DNA topoisomerase 4 subunit A'
2 polymer "DNA (5'-D(P*TP*TP*AP*CP*GP*TP*TP*GP*TP*AP*TP*GP*AP*TP*CP*AP*TP*AP*CP*AP*AP*CP*GP*TP*AP*A)-3')"
3 non-polymer 6-[(5S)-5-[[[2-(7-Fluoro-1,2-dihydro-1-methyl-2-oxo-8-quinolinyl)ethyl]amino]methyl]-2-oxo-3-oxazolidinyl]-2H-pyrazino[2,3-b]-1,4-oxazin-3(4H)-one
4 water water
#
loop_
_entity_poly.entity_id
_entity_poly.type
_entity_poly.pdbx_seq_one_letter_code
_entity_poly.pdbx_strand_id
1 'polypeptide(L)'
;MGSSGKLADCTAQDLNRTELFLVEGDSAGGSAKQARDREYQAIMPLKGKILNTWEVSSDEVLASQEVHDISVAIGIDPDS
DDLSQLRYGKICILADADSDGLHIATLLCALFVRHFRTLVKEGHVYVALPPLYRIDLGKEVYYALTEEEKTGVLEQLKRK
KGKPNVQRFKGLGEMNPMQLRETTLDPNTRRLVQLVISDEDEQQTTAIMDMLLAKKRSEDRRNWLQEKGDMADLEVESMS
DMAERLALHEFTENAYLNYSMYVIMDRALPFIGDGLKPVQRRIVYAMSELGLNASAKFKKSARTVGDVLGKYHPHGDSAC
YEAMVLMAQPFSYRYPLVDGQGNWGAPDDPKSFAAMRYTESRLSKYAELLLSELGQGTVDWVPNFDGTLQEPKMLPARLP
NILLNGTTGIAVGMATDIPPHNLREVAKAAITLIEQPKTTLDELLDIVQGPDFPTEAEIITSRAEIRKIYQNGRGSVRMR
AVWSKEDGAVVISALPHQVSGAKVLEQIAAQMRNKKLPMVDDLRDESDHENPTRLVIVPRSNRVDMEQVMNHLFATTDLE
KSYRINLNMIGLDGRPAVKNLLEILSEWLVFRRDTVRRRLNHRLEKVLKRLHILEGLLVAFLNIDEVIEIIRTEDEPKPA
LMSRFGISETQAEAILELKLRHLAKLEEMKIRGEQSELEKERDQLQAILASERKMNNLLKKELQADADAFGDDRRSPLHE
REEAKALEHHHHHH
;
A,B,C,D
2 'polydeoxyribonucleotide'
;(DT)(DT)(DA)(DC)(DG)(DT)(DT)(DG)(DT)(DA)(DT)(DG)(DA)(DT)(DC)(DA)(DT)(DA)(DC)(DA)
(DA)(DC)(DG)(DT)(DA)(DA)
;
E,F,G,H
#
loop_
_chem_comp.id
_chem_comp.type
_chem_comp.name
_chem_comp.formula
A1L5V non-polymer 6-[(5S)-5-[[[2-(7-Fluoro-1,2-dihydro-1-methyl-2-oxo-8-quinolinyl)ethyl]amino]methyl]-2-oxo-3-oxazolidinyl]-2H-pyrazino[2,3-b]-1,4-oxazin-3(4H)-one 'C22 H21 F N6 O5'
DA DNA linking 2'-DEOXYADENOSINE-5'-MONOPHOSPHATE 'C10 H14 N5 O6 P'
DC DNA linking 2'-DEOXYCYTIDINE-5'-MONOPHOSPHATE 'C9 H14 N3 O7 P'
DG DNA linking 2'-DEOXYGUANOSINE-5'-MONOPHOSPHATE 'C10 H14 N5 O7 P'
DT DNA linking THYMIDINE-5'-MONOPHOSPHATE 'C10 H15 N2 O8 P'
#
# COMPACT_ATOMS: atom_id res chain seq x y z
N GLY A 5 -41.34 24.64 38.65
CA GLY A 5 -42.17 23.58 39.16
C GLY A 5 -42.56 23.77 40.62
N LYS A 6 -42.62 22.67 41.37
CA LYS A 6 -42.98 22.73 42.78
C LYS A 6 -41.77 22.83 43.70
N LEU A 7 -40.65 23.34 43.19
CA LEU A 7 -39.42 23.63 43.94
C LEU A 7 -38.80 22.39 44.59
N ALA A 8 -39.41 21.22 44.41
CA ALA A 8 -38.93 19.94 44.93
C ALA A 8 -38.23 20.10 46.29
N ASP A 9 -38.99 20.61 47.26
CA ASP A 9 -38.44 20.85 48.59
C ASP A 9 -37.99 19.55 49.23
N CYS A 10 -36.99 19.67 50.11
CA CYS A 10 -36.44 18.51 50.79
C CYS A 10 -37.22 18.20 52.06
N THR A 11 -36.86 17.09 52.69
CA THR A 11 -37.49 16.62 53.93
C THR A 11 -36.60 16.88 55.15
N ALA A 12 -35.97 18.05 55.22
CA ALA A 12 -35.12 18.40 56.36
C ALA A 12 -34.98 19.91 56.41
N GLN A 13 -34.90 20.43 57.64
CA GLN A 13 -34.81 21.85 57.88
C GLN A 13 -33.48 22.27 58.49
N ASP A 14 -32.47 21.41 58.45
CA ASP A 14 -31.17 21.74 59.03
C ASP A 14 -30.47 22.78 58.15
N LEU A 15 -30.43 24.03 58.61
CA LEU A 15 -29.83 25.12 57.85
C LEU A 15 -28.33 24.98 57.69
N ASN A 16 -27.70 24.08 58.45
CA ASN A 16 -26.23 23.97 58.40
C ASN A 16 -25.75 23.50 57.04
N ARG A 17 -26.42 22.51 56.43
CA ARG A 17 -25.93 21.88 55.21
C ARG A 17 -26.95 21.76 54.10
N THR A 18 -28.19 22.19 54.30
CA THR A 18 -29.18 22.11 53.23
C THR A 18 -28.77 22.95 52.03
N GLU A 19 -28.93 22.38 50.84
CA GLU A 19 -28.48 23.00 49.61
C GLU A 19 -29.62 23.05 48.61
N LEU A 20 -29.71 24.16 47.88
CA LEU A 20 -30.68 24.34 46.82
C LEU A 20 -29.93 24.58 45.51
N PHE A 21 -30.34 23.88 44.46
CA PHE A 21 -29.69 23.96 43.15
C PHE A 21 -30.66 24.56 42.14
N LEU A 22 -30.19 25.60 41.45
CA LEU A 22 -30.96 26.27 40.41
C LEU A 22 -30.54 25.72 39.05
N VAL A 23 -31.44 25.01 38.38
CA VAL A 23 -31.13 24.37 37.12
C VAL A 23 -31.74 25.19 35.98
N GLU A 24 -31.35 24.87 34.76
CA GLU A 24 -31.77 25.63 33.58
C GLU A 24 -33.15 25.25 33.07
N GLY A 25 -33.72 24.12 33.49
CA GLY A 25 -35.02 23.73 32.98
C GLY A 25 -35.38 22.33 33.45
N ASP A 26 -36.67 22.01 33.30
CA ASP A 26 -37.18 20.73 33.78
C ASP A 26 -36.60 19.56 33.02
N SER A 27 -36.09 19.77 31.80
CA SER A 27 -35.37 18.71 31.10
C SER A 27 -34.16 18.28 31.90
N ALA A 28 -33.37 19.24 32.36
CA ALA A 28 -32.32 18.98 33.33
C ALA A 28 -32.88 18.81 34.74
N GLY A 29 -34.07 19.36 35.00
CA GLY A 29 -34.67 19.24 36.31
C GLY A 29 -34.98 17.81 36.70
N GLY A 30 -35.44 17.00 35.74
CA GLY A 30 -35.71 15.60 36.06
C GLY A 30 -34.46 14.86 36.47
N SER A 31 -33.37 15.05 35.72
CA SER A 31 -32.10 14.43 36.07
C SER A 31 -31.61 14.92 37.42
N ALA A 32 -31.75 16.23 37.69
CA ALA A 32 -31.33 16.77 38.98
C ALA A 32 -32.15 16.17 40.13
N LYS A 33 -33.46 16.03 39.93
CA LYS A 33 -34.33 15.50 40.98
C LYS A 33 -34.07 14.02 41.21
N GLN A 34 -33.64 13.30 40.17
CA GLN A 34 -33.27 11.90 40.35
C GLN A 34 -31.87 11.75 40.92
N ALA A 35 -31.01 12.74 40.73
CA ALA A 35 -29.64 12.73 41.23
C ALA A 35 -29.49 13.38 42.59
N ARG A 36 -30.59 13.89 43.17
CA ARG A 36 -30.51 14.61 44.42
C ARG A 36 -30.19 13.66 45.57
N ASP A 37 -29.69 14.25 46.66
CA ASP A 37 -29.38 13.49 47.87
C ASP A 37 -30.51 13.54 48.88
N ARG A 38 -31.75 13.44 48.39
CA ARG A 38 -32.95 13.53 49.19
C ARG A 38 -32.98 14.77 50.07
N GLU A 39 -33.08 14.58 51.39
CA GLU A 39 -33.29 15.69 52.32
C GLU A 39 -32.05 16.55 52.49
N TYR A 40 -30.90 16.14 51.95
CA TYR A 40 -29.70 16.95 51.98
C TYR A 40 -29.72 18.06 50.95
N GLN A 41 -30.32 17.85 49.78
CA GLN A 41 -30.27 18.80 48.69
C GLN A 41 -31.66 19.07 48.14
N ALA A 42 -31.78 20.17 47.39
CA ALA A 42 -33.02 20.55 46.74
C ALA A 42 -32.70 21.17 45.39
N ILE A 43 -33.69 21.15 44.50
CA ILE A 43 -33.52 21.64 43.13
C ILE A 43 -34.71 22.53 42.78
N MET A 44 -34.42 23.71 42.24
CA MET A 44 -35.44 24.65 41.78
C MET A 44 -35.24 24.92 40.29
N PRO A 45 -36.20 24.58 39.43
CA PRO A 45 -36.02 24.84 38.00
C PRO A 45 -36.37 26.28 37.64
N LEU A 46 -35.69 26.76 36.59
CA LEU A 46 -35.91 28.10 36.06
C LEU A 46 -36.27 28.01 34.58
N LYS A 47 -37.20 28.86 34.15
CA LYS A 47 -37.67 28.83 32.76
C LYS A 47 -36.76 29.71 31.90
N GLY A 48 -35.55 29.21 31.66
CA GLY A 48 -34.61 29.91 30.82
C GLY A 48 -33.92 31.05 31.57
N LYS A 49 -33.59 32.10 30.82
CA LYS A 49 -32.95 33.26 31.41
C LYS A 49 -33.97 34.04 32.26
N ILE A 50 -33.48 34.98 33.06
CA ILE A 50 -34.39 35.74 33.90
C ILE A 50 -34.38 37.21 33.53
N LEU A 51 -33.28 37.90 33.80
CA LEU A 51 -33.16 39.33 33.50
C LEU A 51 -31.81 39.87 33.95
N ASN A 52 -31.31 40.91 33.28
CA ASN A 52 -30.09 41.58 33.73
C ASN A 52 -30.47 42.41 34.96
N THR A 53 -30.07 41.94 36.13
CA THR A 53 -30.53 42.52 37.40
C THR A 53 -29.63 43.65 37.90
N TRP A 54 -28.54 43.97 37.20
CA TRP A 54 -27.63 44.99 37.68
C TRP A 54 -28.26 46.38 37.70
N GLU A 55 -29.00 46.73 36.66
CA GLU A 55 -29.56 48.07 36.51
C GLU A 55 -31.04 48.15 36.88
N VAL A 56 -31.49 47.33 37.83
CA VAL A 56 -32.87 47.35 38.29
C VAL A 56 -32.89 47.56 39.80
N SER A 57 -33.84 48.37 40.25
CA SER A 57 -33.94 48.71 41.67
C SER A 57 -34.33 47.50 42.52
N SER A 58 -33.92 47.54 43.79
CA SER A 58 -34.19 46.44 44.71
C SER A 58 -35.68 46.24 44.97
N ASP A 59 -36.50 47.25 44.75
CA ASP A 59 -37.94 47.09 44.88
C ASP A 59 -38.58 46.55 43.62
N GLU A 60 -37.90 46.64 42.47
CA GLU A 60 -38.44 46.21 41.20
C GLU A 60 -38.02 44.80 40.81
N VAL A 61 -37.33 44.08 41.68
CA VAL A 61 -36.95 42.72 41.35
C VAL A 61 -38.08 41.75 41.66
N LEU A 62 -38.69 41.87 42.83
CA LEU A 62 -39.89 41.10 43.13
C LEU A 62 -40.94 41.37 42.07
N ALA A 63 -41.51 40.31 41.52
CA ALA A 63 -42.42 40.42 40.40
C ALA A 63 -43.45 39.31 40.53
N SER A 64 -44.12 38.99 39.40
CA SER A 64 -45.14 37.96 39.43
C SER A 64 -44.55 36.59 39.76
N GLN A 65 -43.65 36.08 38.93
CA GLN A 65 -43.16 34.73 39.14
C GLN A 65 -41.65 34.50 38.97
N GLU A 66 -40.92 35.34 38.23
CA GLU A 66 -39.51 35.01 37.97
C GLU A 66 -38.63 35.14 39.22
N VAL A 67 -38.52 36.34 39.77
CA VAL A 67 -37.72 36.54 40.98
C VAL A 67 -38.50 36.15 42.23
N HIS A 68 -39.83 36.21 42.16
CA HIS A 68 -40.67 35.85 43.30
C HIS A 68 -40.46 34.40 43.73
N ASP A 69 -40.37 33.48 42.75
CA ASP A 69 -40.14 32.09 43.11
C ASP A 69 -38.81 31.89 43.82
N ILE A 70 -37.75 32.55 43.36
CA ILE A 70 -36.46 32.43 44.02
C ILE A 70 -36.52 32.99 45.43
N SER A 71 -37.14 34.17 45.59
CA SER A 71 -37.21 34.80 46.90
C SER A 71 -38.01 33.97 47.88
N VAL A 72 -39.13 33.41 47.43
CA VAL A 72 -39.94 32.56 48.30
C VAL A 72 -39.20 31.27 48.62
N ALA A 73 -38.56 30.66 47.62
CA ALA A 73 -37.83 29.41 47.80
C ALA A 73 -36.58 29.56 48.63
N ILE A 74 -36.15 30.80 48.91
CA ILE A 74 -34.97 31.02 49.74
C ILE A 74 -35.32 31.71 51.05
N GLY A 75 -36.32 32.60 51.06
CA GLY A 75 -36.77 33.28 52.25
C GLY A 75 -36.22 34.68 52.41
N ILE A 76 -35.00 34.91 51.96
CA ILE A 76 -34.34 36.20 52.14
C ILE A 76 -34.93 37.17 51.13
N ASP A 77 -35.60 38.21 51.62
CA ASP A 77 -36.07 39.26 50.74
C ASP A 77 -34.87 40.07 50.25
N PRO A 78 -34.87 40.51 48.99
CA PRO A 78 -33.75 41.33 48.50
C PRO A 78 -33.67 42.70 49.17
N ASP A 79 -33.24 42.73 50.43
CA ASP A 79 -33.10 43.98 51.18
C ASP A 79 -31.66 44.22 51.62
N SER A 80 -30.70 43.49 51.02
CA SER A 80 -29.28 43.58 51.35
C SER A 80 -29.00 43.15 52.80
N ASP A 81 -30.03 42.75 53.52
CA ASP A 81 -29.89 42.34 54.92
C ASP A 81 -30.98 41.31 55.20
N ASP A 82 -31.30 41.11 56.49
CA ASP A 82 -32.36 40.19 56.92
C ASP A 82 -31.97 38.74 56.67
N LEU A 83 -30.71 38.39 56.92
CA LEU A 83 -30.23 37.03 56.67
C LEU A 83 -30.83 36.09 57.70
N SER A 84 -32.10 35.74 57.53
CA SER A 84 -32.81 34.95 58.53
C SER A 84 -32.40 33.48 58.42
N GLN A 85 -33.21 32.59 59.00
CA GLN A 85 -33.02 31.14 58.92
C GLN A 85 -34.38 30.54 58.57
N LEU A 86 -34.66 30.40 57.27
CA LEU A 86 -35.96 29.88 56.85
C LEU A 86 -35.90 28.58 56.08
N ARG A 87 -35.21 28.50 54.94
CA ARG A 87 -35.27 27.31 54.11
C ARG A 87 -33.94 26.58 53.93
N TYR A 88 -32.95 27.17 53.27
CA TYR A 88 -31.71 26.45 52.98
C TYR A 88 -30.47 27.28 53.25
N GLY A 89 -29.47 26.62 53.84
CA GLY A 89 -28.17 27.22 54.11
C GLY A 89 -27.36 27.66 52.91
N LYS A 90 -26.99 26.72 52.03
CA LYS A 90 -26.12 26.99 50.91
C LYS A 90 -26.91 27.05 49.60
N ILE A 91 -26.65 28.10 48.82
CA ILE A 91 -27.30 28.31 47.53
C ILE A 91 -26.30 28.04 46.43
N CYS A 92 -26.67 27.15 45.49
CA CYS A 92 -25.77 26.72 44.43
C CYS A 92 -26.41 26.97 43.07
N ILE A 93 -25.55 27.31 42.10
CA ILE A 93 -25.95 27.56 40.72
C ILE A 93 -25.51 26.38 39.86
N LEU A 94 -26.48 25.72 39.24
CA LEU A 94 -26.25 24.57 38.37
C LEU A 94 -26.56 25.00 36.94
N ALA A 95 -25.56 25.56 36.27
CA ALA A 95 -25.67 25.98 34.89
C ALA A 95 -24.68 25.21 34.02
N ASP A 96 -25.05 25.00 32.77
CA ASP A 96 -24.21 24.23 31.86
C ASP A 96 -22.91 24.96 31.58
N ALA A 97 -21.88 24.19 31.24
CA ALA A 97 -20.58 24.79 30.93
C ALA A 97 -20.56 25.46 29.57
N ASP A 98 -21.60 25.28 28.76
CA ASP A 98 -21.69 25.97 27.47
C ASP A 98 -21.80 27.47 27.68
N SER A 99 -21.53 28.23 26.61
CA SER A 99 -21.51 29.68 26.71
C SER A 99 -22.86 30.23 27.19
N ASP A 100 -23.97 29.62 26.76
CA ASP A 100 -25.27 30.05 27.26
C ASP A 100 -25.40 29.76 28.75
N GLY A 101 -24.88 28.63 29.20
CA GLY A 101 -24.86 28.35 30.64
C GLY A 101 -24.00 29.34 31.40
N LEU A 102 -22.88 29.77 30.81
CA LEU A 102 -22.07 30.81 31.43
C LEU A 102 -22.82 32.13 31.51
N HIS A 103 -23.61 32.44 30.48
CA HIS A 103 -24.46 33.63 30.52
C HIS A 103 -25.48 33.54 31.63
N ILE A 104 -26.10 32.36 31.78
CA ILE A 104 -27.07 32.16 32.86
C ILE A 104 -26.40 32.31 34.22
N ALA A 105 -25.19 31.77 34.36
CA ALA A 105 -24.45 31.92 35.61
C ALA A 105 -24.10 33.37 35.89
N THR A 106 -23.73 34.13 34.85
CA THR A 106 -23.42 35.54 35.03
C THR A 106 -24.65 36.33 35.47
N LEU A 107 -25.81 36.04 34.85
CA LEU A 107 -27.03 36.72 35.26
C LEU A 107 -27.40 36.38 36.70
N LEU A 108 -27.27 35.10 37.07
CA LEU A 108 -27.57 34.70 38.45
C LEU A 108 -26.62 35.36 39.43
N CYS A 109 -25.34 35.47 39.06
CA CYS A 109 -24.36 36.13 39.91
C CYS A 109 -24.70 37.61 40.07
N ALA A 110 -25.14 38.26 38.99
CA ALA A 110 -25.55 39.66 39.09
C ALA A 110 -26.74 39.81 40.02
N LEU A 111 -27.72 38.91 39.92
CA LEU A 111 -28.87 38.96 40.81
C LEU A 111 -28.44 38.75 42.26
N PHE A 112 -27.52 37.83 42.49
CA PHE A 112 -27.07 37.53 43.85
C PHE A 112 -26.17 38.63 44.43
N VAL A 113 -25.51 39.43 43.61
CA VAL A 113 -24.64 40.47 44.14
C VAL A 113 -25.39 41.79 44.33
N ARG A 114 -26.18 42.20 43.34
CA ARG A 114 -26.82 43.51 43.42
C ARG A 114 -27.91 43.56 44.49
N HIS A 115 -28.45 42.41 44.89
CA HIS A 115 -29.54 42.39 45.86
C HIS A 115 -29.32 41.46 47.04
N PHE A 116 -28.36 40.54 46.98
CA PHE A 116 -28.07 39.60 48.06
C PHE A 116 -26.58 39.59 48.37
N ARG A 117 -26.01 40.80 48.48
CA ARG A 117 -24.56 40.93 48.69
C ARG A 117 -24.11 40.25 49.98
N THR A 118 -24.96 40.24 51.00
CA THR A 118 -24.61 39.55 52.24
C THR A 118 -24.52 38.04 52.05
N LEU A 119 -25.38 37.48 51.19
CA LEU A 119 -25.33 36.04 50.94
C LEU A 119 -24.05 35.61 50.26
N VAL A 120 -23.28 36.56 49.72
CA VAL A 120 -21.98 36.26 49.13
C VAL A 120 -20.83 36.65 50.06
N LYS A 121 -20.98 37.77 50.77
CA LYS A 121 -19.96 38.16 51.75
C LYS A 121 -19.84 37.14 52.88
N GLU A 122 -20.97 36.68 53.42
CA GLU A 122 -20.91 35.64 54.44
C GLU A 122 -20.46 34.31 53.84
N GLY A 123 -20.73 34.12 52.56
CA GLY A 123 -20.37 32.92 51.82
C GLY A 123 -21.49 31.90 51.79
N HIS A 124 -22.41 32.07 50.84
CA HIS A 124 -23.49 31.12 50.63
C HIS A 124 -23.74 30.89 49.15
N VAL A 125 -22.90 31.42 48.26
CA VAL A 125 -23.08 31.28 46.82
C VAL A 125 -22.02 30.33 46.28
N TYR A 126 -22.47 29.27 45.62
CA TYR A 126 -21.58 28.30 45.02
C TYR A 126 -21.97 28.13 43.56
N VAL A 127 -20.98 27.76 42.74
CA VAL A 127 -21.21 27.47 41.33
C VAL A 127 -20.73 26.05 41.08
N ALA A 128 -21.56 25.27 40.39
CA ALA A 128 -21.15 23.94 39.98
C ALA A 128 -20.29 24.01 38.72
N LEU A 129 -19.35 23.09 38.62
CA LEU A 129 -18.47 22.97 37.46
C LEU A 129 -18.75 21.62 36.81
N PRO A 130 -19.86 21.50 36.08
CA PRO A 130 -20.20 20.22 35.47
C PRO A 130 -19.34 19.97 34.26
N PRO A 131 -19.05 18.71 33.93
CA PRO A 131 -18.25 18.41 32.76
C PRO A 131 -19.05 18.56 31.48
N LEU A 132 -18.34 18.88 30.40
CA LEU A 132 -18.92 18.99 29.07
C LEU A 132 -18.48 17.89 28.12
N TYR A 133 -17.34 17.26 28.34
CA TYR A 133 -16.83 16.25 27.44
C TYR A 133 -16.75 14.92 28.17
N ARG A 134 -17.14 13.85 27.48
CA ARG A 134 -17.10 12.50 28.05
C ARG A 134 -16.43 11.54 27.08
N ILE A 135 -15.52 10.73 27.62
CA ILE A 135 -14.90 9.64 26.87
C ILE A 135 -15.52 8.35 27.38
N ASP A 136 -16.10 7.57 26.47
CA ASP A 136 -16.86 6.37 26.85
C ASP A 136 -16.24 5.18 26.12
N LEU A 137 -15.13 4.69 26.66
CA LEU A 137 -14.43 3.52 26.14
C LEU A 137 -14.78 2.23 26.89
N GLY A 138 -14.73 2.28 28.22
CA GLY A 138 -14.78 1.09 29.06
C GLY A 138 -15.82 1.16 30.15
N LYS A 139 -15.79 0.17 31.05
CA LYS A 139 -16.69 0.13 32.20
C LYS A 139 -16.08 0.85 33.40
N GLU A 140 -15.37 1.93 33.13
CA GLU A 140 -14.71 2.78 34.12
C GLU A 140 -15.23 4.19 33.90
N VAL A 141 -16.04 4.68 34.83
CA VAL A 141 -16.72 5.96 34.66
C VAL A 141 -15.72 7.09 34.49
N TYR A 142 -15.91 7.89 33.44
CA TYR A 142 -15.03 9.01 33.11
C TYR A 142 -15.84 10.30 32.95
N TYR A 143 -15.38 11.38 33.59
CA TYR A 143 -15.94 12.72 33.41
C TYR A 143 -14.82 13.73 33.49
N ALA A 144 -14.85 14.74 32.61
CA ALA A 144 -13.90 15.84 32.70
C ALA A 144 -14.27 16.92 31.69
N LEU A 145 -14.12 18.18 32.10
CA LEU A 145 -14.36 19.33 31.25
C LEU A 145 -13.05 20.06 31.04
N THR A 146 -12.72 20.37 29.79
CA THR A 146 -11.46 21.03 29.47
C THR A 146 -11.41 21.35 27.99
N GLU A 147 -10.49 22.26 27.64
CA GLU A 147 -10.21 22.60 26.25
C GLU A 147 -8.73 22.75 25.96
N GLU A 148 -7.89 23.07 26.94
CA GLU A 148 -6.45 23.21 26.71
C GLU A 148 -5.77 21.86 26.56
N GLU A 149 -6.02 20.95 27.50
CA GLU A 149 -5.56 19.56 27.41
C GLU A 149 -6.73 18.69 26.95
N LYS A 150 -6.87 18.54 25.63
CA LYS A 150 -7.84 17.58 25.11
C LYS A 150 -7.22 16.18 25.13
N THR A 151 -6.66 15.82 26.27
CA THR A 151 -6.07 14.51 26.56
C THR A 151 -6.25 14.28 28.06
N GLY A 152 -5.47 13.36 28.63
CA GLY A 152 -5.51 13.18 30.06
C GLY A 152 -5.82 11.77 30.53
N VAL A 153 -7.01 11.58 31.11
CA VAL A 153 -7.39 10.26 31.59
C VAL A 153 -7.51 9.28 30.43
N LEU A 154 -7.83 9.78 29.23
CA LEU A 154 -7.76 8.99 27.99
C LEU A 154 -6.56 8.06 27.98
N GLU A 155 -5.37 8.63 28.19
CA GLU A 155 -4.11 7.88 28.11
C GLU A 155 -4.03 6.74 29.13
N GLN A 156 -4.85 6.75 30.18
CA GLN A 156 -4.85 5.60 31.07
C GLN A 156 -5.66 4.43 30.53
N LEU A 157 -6.07 4.47 29.27
CA LEU A 157 -6.79 3.38 28.62
C LEU A 157 -5.91 2.69 27.57
N LYS A 158 -4.63 2.51 27.89
CA LYS A 158 -3.72 1.76 27.03
C LYS A 158 -3.64 0.29 27.42
N ARG A 159 -4.59 -0.18 28.21
CA ARG A 159 -4.63 -1.56 28.66
C ARG A 159 -6.02 -2.18 28.48
N LYS A 160 -6.98 -1.42 27.96
CA LYS A 160 -8.29 -1.95 27.60
C LYS A 160 -8.51 -1.79 26.10
N LYS A 161 -9.72 -2.14 25.66
CA LYS A 161 -10.17 -2.02 24.28
C LYS A 161 -10.60 -0.58 23.94
N GLY A 162 -10.68 -0.30 22.65
CA GLY A 162 -11.25 0.95 22.18
C GLY A 162 -10.25 2.08 22.06
N LYS A 163 -10.52 3.00 21.04
CA LYS A 163 -10.04 4.19 20.37
C LYS A 163 -10.76 5.43 20.90
N PRO A 164 -10.08 6.57 21.00
CA PRO A 164 -10.72 7.75 21.59
C PRO A 164 -11.95 8.21 20.82
N ASN A 165 -12.96 8.61 21.59
CA ASN A 165 -14.20 9.18 21.05
C ASN A 165 -14.49 10.51 21.74
N VAL A 166 -15.69 11.06 21.54
CA VAL A 166 -16.03 12.35 22.13
C VAL A 166 -17.54 12.44 22.30
N GLN A 167 -17.97 12.86 23.50
CA GLN A 167 -19.36 13.13 23.82
C GLN A 167 -19.44 14.53 24.42
N ARG A 168 -20.27 15.39 23.86
CA ARG A 168 -20.38 16.76 24.35
C ARG A 168 -21.49 16.95 25.38
N PHE A 169 -22.28 15.92 25.66
CA PHE A 169 -23.32 15.95 26.70
C PHE A 169 -24.35 17.06 26.51
N LYS A 170 -24.38 17.72 25.36
CA LYS A 170 -25.29 18.86 25.11
C LYS A 170 -25.04 19.85 26.24
N GLY A 171 -26.05 20.33 26.94
CA GLY A 171 -25.76 21.20 28.07
C GLY A 171 -25.91 20.49 29.40
N LEU A 172 -27.09 19.94 29.66
CA LEU A 172 -27.29 19.06 30.80
C LEU A 172 -28.20 17.87 30.54
N GLY A 173 -29.05 17.91 29.51
CA GLY A 173 -30.01 16.85 29.29
C GLY A 173 -29.41 15.50 28.95
N GLU A 174 -28.29 15.48 28.21
CA GLU A 174 -27.69 14.21 27.82
C GLU A 174 -27.18 13.42 29.01
N MET A 175 -26.83 14.08 30.11
CA MET A 175 -26.31 13.38 31.27
C MET A 175 -27.38 12.48 31.88
N ASN A 176 -27.00 11.24 32.19
CA ASN A 176 -27.87 10.35 32.92
C ASN A 176 -27.98 10.81 34.38
N PRO A 177 -29.12 10.57 35.03
CA PRO A 177 -29.26 11.04 36.42
C PRO A 177 -28.16 10.58 37.35
N MET A 178 -27.74 9.32 37.25
CA MET A 178 -26.64 8.85 38.09
C MET A 178 -25.34 9.55 37.72
N GLN A 179 -25.13 9.78 36.42
CA GLN A 179 -23.96 10.53 35.98
C GLN A 179 -23.97 11.95 36.53
N LEU A 180 -25.15 12.59 36.52
CA LEU A 180 -25.27 13.92 37.10
C LEU A 180 -24.95 13.90 38.58
N ARG A 181 -25.42 12.88 39.30
CA ARG A 181 -25.13 12.76 40.72
C ARG A 181 -23.63 12.63 40.96
N GLU A 182 -22.97 11.76 40.20
CA GLU A 182 -21.52 11.58 40.38
C GLU A 182 -20.75 12.84 40.01
N THR A 183 -21.22 13.60 39.02
CA THR A 183 -20.43 14.74 38.55
C THR A 183 -20.60 15.96 39.44
N THR A 184 -21.84 16.37 39.71
CA THR A 184 -22.06 17.69 40.32
C THR A 184 -23.04 17.68 41.49
N LEU A 185 -23.50 16.52 41.94
CA LEU A 185 -24.49 16.52 43.02
C LEU A 185 -24.04 15.73 44.24
N ASP A 186 -23.40 14.59 44.06
CA ASP A 186 -22.94 13.80 45.19
C ASP A 186 -21.64 14.38 45.71
N PRO A 187 -21.58 14.83 46.98
CA PRO A 187 -20.38 15.53 47.46
C PRO A 187 -19.11 14.69 47.43
N ASN A 188 -19.21 13.36 47.41
CA ASN A 188 -18.01 12.54 47.39
C ASN A 188 -17.17 12.76 46.14
N THR A 189 -17.80 13.12 45.02
CA THR A 189 -17.08 13.40 43.79
C THR A 189 -17.47 14.71 43.13
N ARG A 190 -18.36 15.49 43.73
CA ARG A 190 -18.79 16.75 43.14
C ARG A 190 -17.69 17.81 43.24
N ARG A 191 -17.63 18.68 42.24
CA ARG A 191 -16.67 19.78 42.19
C ARG A 191 -17.42 21.12 42.28
N LEU A 192 -17.79 21.50 43.50
CA LEU A 192 -18.43 22.78 43.76
C LEU A 192 -17.38 23.82 44.07
N VAL A 193 -17.59 25.05 43.59
CA VAL A 193 -16.65 26.15 43.82
C VAL A 193 -17.39 27.29 44.50
N GLN A 194 -16.90 27.73 45.66
CA GLN A 194 -17.51 28.82 46.39
C GLN A 194 -17.12 30.15 45.76
N LEU A 195 -18.10 30.93 45.34
CA LEU A 195 -17.85 32.23 44.71
C LEU A 195 -17.82 33.28 45.81
N VAL A 196 -16.66 33.90 46.01
CA VAL A 196 -16.46 34.87 47.08
C VAL A 196 -15.98 36.18 46.47
N ILE A 197 -16.64 37.27 46.84
CA ILE A 197 -16.22 38.62 46.44
C ILE A 197 -15.42 39.17 47.61
N SER A 198 -14.11 38.89 47.62
CA SER A 198 -13.19 39.38 48.64
C SER A 198 -13.41 40.86 48.95
N ASP A 199 -13.22 41.24 50.22
CA ASP A 199 -13.40 42.64 50.59
C ASP A 199 -12.30 43.54 50.02
N GLU A 200 -11.12 42.97 49.74
CA GLU A 200 -10.02 43.77 49.20
C GLU A 200 -10.26 44.18 47.75
N ASP A 201 -10.98 43.36 46.99
CA ASP A 201 -11.18 43.62 45.56
C ASP A 201 -12.61 44.03 45.21
N GLU A 202 -13.42 44.36 46.22
CA GLU A 202 -14.82 44.69 45.96
C GLU A 202 -14.92 45.85 44.98
N GLN A 203 -14.15 46.91 45.21
CA GLN A 203 -14.18 48.06 44.32
C GLN A 203 -13.84 47.65 42.90
N GLN A 204 -12.88 46.75 42.73
CA GLN A 204 -12.57 46.27 41.40
C GLN A 204 -13.73 45.49 40.80
N THR A 205 -14.36 44.62 41.60
CA THR A 205 -15.44 43.79 41.08
C THR A 205 -16.59 44.64 40.57
N THR A 206 -17.00 45.63 41.36
CA THR A 206 -18.08 46.52 40.93
C THR A 206 -17.70 47.21 39.64
N ALA A 207 -16.43 47.57 39.49
CA ALA A 207 -15.98 48.19 38.24
C ALA A 207 -16.16 47.24 37.06
N ILE A 208 -15.78 45.97 37.25
CA ILE A 208 -15.91 45.01 36.15
C ILE A 208 -17.38 44.73 35.85
N MET A 209 -18.17 44.47 36.89
CA MET A 209 -19.58 44.14 36.69
C MET A 209 -20.32 45.30 36.05
N ASP A 210 -20.04 46.53 36.49
CA ASP A 210 -20.65 47.69 35.85
C ASP A 210 -20.23 47.77 34.38
N MET A 211 -18.99 47.41 34.08
CA MET A 211 -18.58 47.36 32.68
C MET A 211 -19.37 46.30 31.93
N LEU A 212 -19.65 45.17 32.59
CA LEU A 212 -20.32 44.06 31.92
C LEU A 212 -21.83 44.27 31.84
N LEU A 213 -22.48 44.41 32.99
CA LEU A 213 -23.93 44.37 33.07
C LEU A 213 -24.55 45.77 33.18
N ALA A 214 -24.23 46.62 32.20
CA ALA A 214 -24.80 47.96 32.12
C ALA A 214 -25.45 48.15 30.77
N LYS A 215 -26.66 48.72 30.77
CA LYS A 215 -27.38 48.91 29.52
C LYS A 215 -26.69 49.93 28.62
N LYS A 216 -25.95 50.89 29.20
CA LYS A 216 -25.32 51.92 28.41
C LYS A 216 -23.81 51.80 28.31
N ARG A 217 -23.16 51.13 29.27
CA ARG A 217 -21.70 50.97 29.20
C ARG A 217 -21.33 49.77 28.35
N SER A 218 -22.29 48.88 28.09
CA SER A 218 -22.05 47.70 27.26
C SER A 218 -21.54 48.05 25.88
N GLU A 219 -21.96 49.20 25.35
CA GLU A 219 -21.55 49.61 24.00
C GLU A 219 -20.03 49.72 23.88
N ASP A 220 -19.39 50.41 24.83
CA ASP A 220 -17.94 50.57 24.80
C ASP A 220 -17.18 49.37 25.38
N ARG A 221 -17.83 48.21 25.54
CA ARG A 221 -17.12 47.00 25.96
C ARG A 221 -16.28 46.41 24.84
N ARG A 222 -16.49 46.87 23.59
CA ARG A 222 -15.69 46.42 22.47
C ARG A 222 -14.20 46.61 22.73
N ASN A 223 -13.82 47.67 23.44
CA ASN A 223 -12.42 47.87 23.79
C ASN A 223 -11.88 46.72 24.64
N TRP A 224 -12.68 46.26 25.61
CA TRP A 224 -12.28 45.07 26.38
C TRP A 224 -12.13 43.87 25.45
N LEU A 225 -13.13 43.64 24.60
CA LEU A 225 -13.08 42.54 23.64
C LEU A 225 -11.93 42.70 22.66
N GLN A 226 -11.74 43.92 22.15
CA GLN A 226 -10.66 44.19 21.22
C GLN A 226 -9.31 43.88 21.85
N GLU A 227 -9.10 44.36 23.08
CA GLU A 227 -7.82 44.12 23.77
C GLU A 227 -7.60 42.63 24.00
N LYS A 228 -8.63 41.92 24.46
CA LYS A 228 -8.48 40.48 24.71
C LYS A 228 -8.17 39.75 23.41
N GLY A 229 -8.84 40.11 22.32
CA GLY A 229 -8.54 39.51 21.03
C GLY A 229 -7.12 39.80 20.57
N ASP A 230 -6.67 41.04 20.74
CA ASP A 230 -5.32 41.42 20.34
C ASP A 230 -4.28 40.62 21.11
N MET A 231 -4.49 40.46 22.41
CA MET A 231 -3.58 39.74 23.29
C MET A 231 -3.77 38.23 23.14
N ALA A 232 -4.22 37.80 21.96
CA ALA A 232 -4.41 36.38 21.69
C ALA A 232 -3.10 35.60 21.74
N ASP A 233 -1.98 36.24 21.40
CA ASP A 233 -0.72 35.52 21.51
C ASP A 233 -0.26 35.48 22.96
N LEU A 234 -1.19 35.15 23.86
CA LEU A 234 -0.98 34.89 25.27
C LEU A 234 -2.13 34.01 25.73
N GLU A 235 -1.93 33.32 26.86
CA GLU A 235 -2.98 32.44 27.35
C GLU A 235 -2.69 32.21 28.83
N VAL A 236 -3.75 32.17 29.64
CA VAL A 236 -3.66 32.04 31.10
C VAL A 236 -2.56 31.09 31.60
N SER A 238 -0.78 28.09 32.10
CA SER A 238 -0.77 26.74 32.66
C SER A 238 -2.09 26.43 33.36
N MET A 239 -3.18 26.86 32.72
CA MET A 239 -4.57 26.65 33.17
C MET A 239 -4.83 27.24 34.55
N SER A 240 -6.08 27.18 35.00
CA SER A 240 -6.48 27.73 36.30
C SER A 240 -6.45 26.72 37.43
N ASP A 241 -6.22 25.43 37.13
CA ASP A 241 -6.15 24.35 38.10
C ASP A 241 -7.31 24.35 39.08
N MET A 242 -7.13 23.72 40.25
CA MET A 242 -8.16 23.60 41.28
C MET A 242 -7.85 24.51 42.46
N ALA A 243 -8.79 25.39 42.79
CA ALA A 243 -8.64 26.35 43.88
C ALA A 243 -9.56 26.11 45.06
N GLU A 244 -10.65 25.36 44.86
CA GLU A 244 -11.67 25.04 45.86
C GLU A 244 -12.50 26.27 46.24
N ARG A 245 -12.12 27.43 45.71
CA ARG A 245 -12.81 28.69 45.94
C ARG A 245 -12.36 29.66 44.86
N LEU A 246 -13.24 30.58 44.48
CA LEU A 246 -12.85 31.49 43.41
C LEU A 246 -13.50 32.85 43.61
N ALA A 247 -12.82 33.88 43.13
CA ALA A 247 -13.29 35.25 43.22
C ALA A 247 -14.21 35.56 42.05
N LEU A 248 -15.24 36.36 42.31
CA LEU A 248 -16.20 36.68 41.27
C LEU A 248 -15.57 37.50 40.14
N HIS A 249 -14.58 38.33 40.47
CA HIS A 249 -13.94 39.17 39.45
C HIS A 249 -13.31 38.34 38.35
N GLU A 250 -12.88 37.11 38.67
CA GLU A 250 -12.34 36.21 37.65
C GLU A 250 -13.44 35.41 36.96
N PHE A 251 -14.33 34.81 37.75
CA PHE A 251 -15.35 33.92 37.19
C PHE A 251 -16.29 34.66 36.25
N THR A 252 -16.86 35.79 36.70
CA THR A 252 -17.80 36.52 35.85
C THR A 252 -17.09 37.05 34.60
N GLU A 253 -15.88 37.57 34.75
CA GLU A 253 -15.15 38.09 33.59
C GLU A 253 -14.91 36.99 32.57
N ASN A 254 -14.42 35.83 33.02
CA ASN A 254 -14.14 34.74 32.08
C ASN A 254 -15.42 34.22 31.43
N ALA A 255 -16.48 34.02 32.22
CA ALA A 255 -17.72 33.49 31.67
C ALA A 255 -18.34 34.44 30.67
N TYR A 256 -18.38 35.74 31.00
CA TYR A 256 -18.97 36.70 30.07
C TYR A 256 -18.10 36.89 28.84
N LEU A 257 -16.77 36.80 28.98
CA LEU A 257 -15.91 36.84 27.79
C LEU A 257 -16.20 35.67 26.87
N ASN A 258 -16.31 34.46 27.44
CA ASN A 258 -16.59 33.28 26.62
C ASN A 258 -17.94 33.41 25.93
N TYR A 259 -18.97 33.83 26.67
CA TYR A 259 -20.30 33.96 26.06
C TYR A 259 -20.32 35.03 24.99
N SER A 260 -19.69 36.18 25.25
CA SER A 260 -19.66 37.26 24.27
C SER A 260 -18.94 36.84 23.01
N MET A 261 -17.79 36.16 23.16
CA MET A 261 -17.05 35.70 21.99
C MET A 261 -17.85 34.69 21.20
N TYR A 262 -18.53 33.76 21.89
CA TYR A 262 -19.34 32.79 21.18
C TYR A 262 -20.48 33.45 20.42
N VAL A 263 -21.14 34.43 21.05
CA VAL A 263 -22.25 35.09 20.38
C VAL A 263 -21.75 35.92 19.19
N ILE A 264 -20.59 36.55 19.34
CA ILE A 264 -20.06 37.40 18.27
C ILE A 264 -19.63 36.55 17.08
N MET A 265 -18.88 35.48 17.33
CA MET A 265 -18.23 34.75 16.25
C MET A 265 -18.97 33.49 15.82
N ASP A 266 -20.06 33.13 16.50
CA ASP A 266 -20.77 31.90 16.17
C ASP A 266 -22.29 32.02 16.25
N ARG A 267 -22.84 33.19 16.56
CA ARG A 267 -24.29 33.26 16.68
C ARG A 267 -24.92 34.39 15.89
N ALA A 268 -24.31 35.57 15.84
CA ALA A 268 -24.99 36.76 15.34
C ALA A 268 -24.28 37.49 14.21
N LEU A 269 -22.98 37.29 14.01
CA LEU A 269 -22.29 38.01 12.96
C LEU A 269 -21.98 37.08 11.79
N PRO A 270 -22.30 37.49 10.57
CA PRO A 270 -22.01 36.63 9.41
C PRO A 270 -20.55 36.69 9.02
N PHE A 271 -20.16 35.70 8.20
CA PHE A 271 -18.82 35.64 7.65
C PHE A 271 -18.81 36.34 6.29
N ILE A 272 -17.71 37.07 6.02
CA ILE A 272 -17.68 37.93 4.84
C ILE A 272 -17.79 37.11 3.56
N GLY A 273 -17.20 35.92 3.55
CA GLY A 273 -17.21 35.09 2.36
C GLY A 273 -18.59 34.66 1.90
N ASP A 274 -19.28 33.84 2.69
CA ASP A 274 -20.59 33.34 2.34
C ASP A 274 -21.73 34.24 2.80
N GLY A 275 -21.45 35.23 3.64
CA GLY A 275 -22.51 36.11 4.13
C GLY A 275 -23.56 35.39 4.94
N LEU A 276 -23.15 34.41 5.74
CA LEU A 276 -24.08 33.57 6.49
C LEU A 276 -23.65 33.47 7.94
N LYS A 277 -24.62 33.46 8.84
CA LYS A 277 -24.39 33.10 10.22
C LYS A 277 -24.33 31.58 10.34
N PRO A 278 -23.67 31.05 11.37
CA PRO A 278 -23.45 29.60 11.44
C PRO A 278 -24.72 28.77 11.34
N VAL A 279 -25.82 29.18 11.98
CA VAL A 279 -27.04 28.39 11.93
C VAL A 279 -27.56 28.31 10.49
N GLN A 280 -27.51 29.43 9.77
CA GLN A 280 -27.94 29.44 8.37
C GLN A 280 -27.06 28.52 7.53
N ARG A 281 -25.75 28.56 7.75
CA ARG A 281 -24.83 27.68 7.02
C ARG A 281 -25.14 26.22 7.29
N ARG A 282 -25.40 25.87 8.55
CA ARG A 282 -25.72 24.49 8.88
C ARG A 282 -27.04 24.07 8.23
N ILE A 283 -28.02 24.96 8.22
CA ILE A 283 -29.29 24.63 7.57
C ILE A 283 -29.09 24.35 6.09
N VAL A 284 -28.34 25.24 5.41
CA VAL A 284 -28.11 25.07 3.98
C VAL A 284 -27.33 23.79 3.70
N TYR A 285 -26.29 23.52 4.50
CA TYR A 285 -25.48 22.32 4.29
C TYR A 285 -26.31 21.06 4.53
N ALA A 286 -27.14 21.05 5.58
CA ALA A 286 -27.96 19.88 5.85
C ALA A 286 -28.99 19.66 4.75
N MET A 287 -29.55 20.75 4.21
CA MET A 287 -30.48 20.61 3.09
C MET A 287 -29.77 20.04 1.86
N SER A 288 -28.55 20.49 1.61
CA SER A 288 -27.79 19.95 0.48
C SER A 288 -27.48 18.47 0.69
N GLU A 289 -27.09 18.09 1.91
CA GLU A 289 -26.83 16.70 2.21
C GLU A 289 -28.09 15.84 2.16
N LEU A 290 -29.26 16.46 2.27
CA LEU A 290 -30.52 15.74 2.12
C LEU A 290 -30.94 15.63 0.66
N GLY A 291 -30.14 16.14 -0.27
CA GLY A 291 -30.50 16.08 -1.67
C GLY A 291 -31.58 17.06 -2.06
N LEU A 292 -31.82 18.07 -1.24
CA LEU A 292 -32.90 19.03 -1.48
C LEU A 292 -32.43 20.15 -2.40
N ASN A 293 -32.01 19.75 -3.60
CA ASN A 293 -31.59 20.73 -4.59
C ASN A 293 -32.81 21.43 -5.19
N ALA A 294 -32.54 22.49 -5.95
CA ALA A 294 -33.64 23.27 -6.54
C ALA A 294 -34.47 22.44 -7.51
N SER A 295 -33.87 21.43 -8.13
CA SER A 295 -34.57 20.55 -9.05
C SER A 295 -35.18 19.34 -8.36
N ALA A 296 -34.91 19.14 -7.08
CA ALA A 296 -35.41 17.97 -6.36
C ALA A 296 -36.83 18.20 -5.86
N LYS A 297 -37.40 17.17 -5.25
CA LYS A 297 -38.74 17.24 -4.69
C LYS A 297 -38.68 17.79 -3.27
N PHE A 298 -39.77 18.42 -2.86
CA PHE A 298 -39.87 19.00 -1.52
C PHE A 298 -39.86 17.90 -0.46
N LYS A 299 -39.35 18.26 0.72
CA LYS A 299 -39.36 17.37 1.86
C LYS A 299 -39.77 18.16 3.10
N LYS A 300 -40.34 17.45 4.07
CA LYS A 300 -40.85 18.09 5.28
C LYS A 300 -39.72 18.79 6.04
N SER A 301 -39.99 20.03 6.47
CA SER A 301 -38.98 20.79 7.21
C SER A 301 -38.63 20.15 8.55
N ALA A 302 -39.49 19.27 9.06
CA ALA A 302 -39.16 18.57 10.29
C ALA A 302 -37.91 17.72 10.11
N ARG A 303 -37.79 17.04 8.97
CA ARG A 303 -36.60 16.24 8.69
C ARG A 303 -35.36 17.12 8.61
N THR A 304 -35.47 18.28 7.95
CA THR A 304 -34.34 19.20 7.84
C THR A 304 -33.90 19.69 9.21
N VAL A 305 -34.86 20.10 10.04
CA VAL A 305 -34.53 20.61 11.37
C VAL A 305 -33.90 19.51 12.22
N GLY A 306 -34.45 18.30 12.14
CA GLY A 306 -33.87 17.19 12.88
C GLY A 306 -32.44 16.89 12.45
N ASP A 307 -32.19 16.93 11.13
CA ASP A 307 -30.82 16.72 10.65
C ASP A 307 -29.88 17.81 11.17
N VAL A 308 -30.32 19.07 11.11
CA VAL A 308 -29.48 20.17 11.58
C VAL A 308 -29.17 20.00 13.05
N LEU A 309 -30.17 19.64 13.86
CA LEU A 309 -29.96 19.55 15.30
C LEU A 309 -29.12 18.32 15.67
N GLY A 310 -29.33 17.20 14.99
CA GLY A 310 -28.61 15.99 15.33
C GLY A 310 -27.25 15.82 14.68
N LYS A 311 -26.91 16.66 13.71
CA LYS A 311 -25.63 16.54 13.02
C LYS A 311 -24.69 17.71 13.26
N TYR A 312 -25.18 18.94 13.22
CA TYR A 312 -24.26 20.07 13.23
C TYR A 312 -24.57 21.12 14.29
N HIS A 313 -25.85 21.40 14.56
CA HIS A 313 -26.23 22.53 15.40
C HIS A 313 -26.69 22.05 16.77
N PRO A 314 -25.92 22.31 17.83
CA PRO A 314 -26.34 21.91 19.20
C PRO A 314 -27.15 23.00 19.90
N HIS A 315 -28.31 23.33 19.33
CA HIS A 315 -29.15 24.38 19.88
C HIS A 315 -30.61 23.98 19.70
N GLY A 316 -31.52 24.93 19.93
CA GLY A 316 -32.93 24.63 19.92
C GLY A 316 -33.51 24.51 18.53
N ASP A 317 -34.64 23.81 18.45
CA ASP A 317 -35.32 23.62 17.18
C ASP A 317 -36.02 24.89 16.71
N SER A 318 -36.63 25.63 17.64
CA SER A 318 -37.45 26.78 17.27
C SER A 318 -36.61 27.85 16.59
N ALA A 319 -35.42 28.14 17.12
CA ALA A 319 -34.57 29.15 16.51
C ALA A 319 -34.14 28.73 15.10
N CYS A 320 -33.80 27.44 14.94
CA CYS A 320 -33.44 26.93 13.63
C CYS A 320 -34.59 27.08 12.64
N TYR A 321 -35.80 26.74 13.07
CA TYR A 321 -36.96 26.88 12.19
C TYR A 321 -37.23 28.34 11.84
N GLU A 322 -37.08 29.24 12.82
CA GLU A 322 -37.27 30.66 12.54
C GLU A 322 -36.26 31.18 11.53
N ALA A 323 -35.00 30.78 11.67
CA ALA A 323 -33.99 31.18 10.70
C ALA A 323 -34.30 30.62 9.31
N MET A 324 -34.75 29.37 9.25
CA MET A 324 -35.12 28.76 7.97
C MET A 324 -36.27 29.52 7.32
N VAL A 325 -37.30 29.85 8.11
CA VAL A 325 -38.45 30.58 7.57
C VAL A 325 -38.01 31.95 7.07
N LEU A 326 -37.15 32.64 7.83
CA LEU A 326 -36.65 33.93 7.37
C LEU A 326 -35.90 33.79 6.06
N MET A 327 -35.08 32.75 5.93
CA MET A 327 -34.39 32.49 4.67
C MET A 327 -35.34 32.13 3.54
N ALA A 328 -36.55 31.66 3.86
CA ALA A 328 -37.49 31.24 2.83
C ALA A 328 -38.49 32.33 2.42
N GLN A 329 -38.67 33.36 3.25
CA GLN A 329 -39.72 34.34 2.99
C GLN A 329 -39.26 35.36 1.95
N PRO A 330 -39.97 35.50 0.82
CA PRO A 330 -39.57 36.50 -0.18
C PRO A 330 -39.60 37.93 0.36
N PHE A 331 -40.50 38.23 1.29
CA PHE A 331 -40.60 39.57 1.85
C PHE A 331 -39.56 39.85 2.92
N SER A 332 -38.77 38.85 3.30
CA SER A 332 -37.69 39.01 4.27
C SER A 332 -36.30 38.93 3.64
N TYR A 333 -36.10 38.03 2.68
CA TYR A 333 -34.82 37.87 2.00
C TYR A 333 -34.93 38.42 0.59
N ARG A 334 -34.00 39.30 0.22
CA ARG A 334 -33.96 39.83 -1.13
C ARG A 334 -33.72 38.74 -2.15
N TYR A 335 -32.82 37.81 -1.84
CA TYR A 335 -32.54 36.64 -2.67
C TYR A 335 -32.71 35.41 -1.78
N PRO A 336 -33.92 34.87 -1.69
CA PRO A 336 -34.17 33.78 -0.75
C PRO A 336 -33.32 32.55 -1.05
N LEU A 337 -32.89 31.88 0.01
CA LEU A 337 -32.12 30.65 -0.10
C LEU A 337 -32.98 29.39 -0.05
N VAL A 338 -34.24 29.51 0.36
CA VAL A 338 -35.12 28.36 0.55
C VAL A 338 -36.42 28.61 -0.19
N ASP A 339 -36.89 27.60 -0.92
CA ASP A 339 -38.19 27.60 -1.55
C ASP A 339 -39.11 26.66 -0.78
N GLY A 340 -40.31 27.15 -0.44
CA GLY A 340 -41.18 26.38 0.44
C GLY A 340 -42.57 26.11 -0.10
N GLN A 341 -43.23 25.12 0.51
CA GLN A 341 -44.62 24.78 0.22
C GLN A 341 -45.37 24.75 1.54
N GLY A 342 -46.45 25.53 1.62
CA GLY A 342 -47.24 25.62 2.83
C GLY A 342 -47.39 27.04 3.33
N ASN A 343 -47.79 27.19 4.59
CA ASN A 343 -47.94 28.50 5.21
C ASN A 343 -46.57 28.96 5.69
N TRP A 344 -45.88 29.73 4.85
CA TRP A 344 -44.54 30.22 5.16
C TRP A 344 -44.57 31.69 5.58
N GLY A 345 -45.70 32.16 6.12
CA GLY A 345 -45.82 33.53 6.58
C GLY A 345 -46.45 34.42 5.54
N ALA A 346 -46.65 35.67 5.95
CA ALA A 346 -47.25 36.69 5.10
C ALA A 346 -46.47 37.99 5.30
N PRO A 347 -46.48 38.87 4.29
CA PRO A 347 -45.80 40.17 4.47
C PRO A 347 -46.33 40.97 5.66
N ASP A 348 -47.64 40.91 5.92
CA ASP A 348 -48.19 41.65 7.05
C ASP A 348 -47.90 40.96 8.37
N ASP A 349 -47.87 39.63 8.39
CA ASP A 349 -47.58 38.86 9.60
C ASP A 349 -46.47 37.86 9.26
N PRO A 350 -45.21 38.31 9.30
CA PRO A 350 -44.11 37.41 8.94
C PRO A 350 -44.03 36.16 9.80
N LYS A 351 -44.36 36.25 11.09
CA LYS A 351 -44.26 35.13 12.00
C LYS A 351 -45.55 34.33 12.09
N SER A 352 -46.45 34.47 11.12
CA SER A 352 -47.69 33.70 11.08
C SER A 352 -47.53 32.41 10.29
N PHE A 353 -46.31 31.92 10.14
CA PHE A 353 -46.04 30.72 9.37
C PHE A 353 -46.58 29.48 10.10
N ALA A 354 -46.68 28.38 9.35
CA ALA A 354 -47.17 27.12 9.90
C ALA A 354 -46.07 26.46 10.69
N ALA A 355 -46.12 25.14 10.83
CA ALA A 355 -45.12 24.42 11.60
C ALA A 355 -44.38 23.46 10.69
N MET A 356 -43.21 23.03 11.15
CA MET A 356 -42.35 22.20 10.32
C MET A 356 -42.98 20.84 10.01
N ARG A 357 -44.02 20.45 10.75
CA ARG A 357 -44.75 19.22 10.40
C ARG A 357 -45.73 19.44 9.26
N TYR A 358 -46.16 20.69 9.03
CA TYR A 358 -47.13 21.00 7.99
C TYR A 358 -46.53 21.84 6.86
N THR A 359 -45.22 21.74 6.64
CA THR A 359 -44.58 22.51 5.58
C THR A 359 -43.49 21.67 4.91
N GLU A 360 -43.27 21.95 3.63
CA GLU A 360 -42.21 21.31 2.86
C GLU A 360 -41.22 22.35 2.36
N SER A 361 -39.96 21.93 2.19
CA SER A 361 -38.91 22.88 1.85
C SER A 361 -37.93 22.24 0.87
N ARG A 362 -37.22 23.11 0.15
CA ARG A 362 -36.14 22.73 -0.75
C ARG A 362 -35.22 23.93 -0.93
N LEU A 363 -34.02 23.67 -1.42
CA LEU A 363 -33.10 24.78 -1.68
C LEU A 363 -33.55 25.55 -2.92
N SER A 364 -33.27 26.85 -2.92
CA SER A 364 -33.59 27.68 -4.06
C SER A 364 -32.48 27.60 -5.12
N LYS A 365 -32.77 28.11 -6.31
CA LYS A 365 -31.77 28.14 -7.36
C LYS A 365 -30.59 29.02 -6.95
N TYR A 366 -30.87 30.17 -6.33
CA TYR A 366 -29.82 31.06 -5.86
C TYR A 366 -28.86 30.34 -4.92
N ALA A 367 -29.38 29.41 -4.11
CA ALA A 367 -28.52 28.68 -3.18
C ALA A 367 -27.42 27.91 -3.89
N GLU A 368 -27.59 27.60 -5.18
CA GLU A 368 -26.53 26.95 -5.93
C GLU A 368 -25.25 27.77 -5.89
N LEU A 369 -25.38 29.10 -5.93
CA LEU A 369 -24.22 29.98 -5.88
C LEU A 369 -23.40 29.80 -4.60
N LEU A 370 -23.94 29.09 -3.61
CA LEU A 370 -23.23 28.82 -2.38
C LEU A 370 -22.71 27.39 -2.27
N LEU A 371 -23.20 26.47 -3.11
CA LEU A 371 -22.89 25.06 -2.92
C LEU A 371 -22.39 24.35 -4.18
N SER A 372 -22.35 25.02 -5.33
CA SER A 372 -21.95 24.34 -6.56
C SER A 372 -20.51 23.85 -6.49
N GLU A 373 -19.64 24.59 -5.82
CA GLU A 373 -18.22 24.24 -5.72
C GLU A 373 -17.86 23.67 -4.35
N LEU A 374 -18.85 23.25 -3.57
CA LEU A 374 -18.60 22.76 -2.23
C LEU A 374 -17.79 21.47 -2.25
N GLY A 375 -18.05 20.59 -3.22
CA GLY A 375 -17.42 19.29 -3.26
C GLY A 375 -15.95 19.32 -3.62
N GLN A 376 -15.42 20.48 -3.98
CA GLN A 376 -14.02 20.61 -4.36
C GLN A 376 -13.22 20.98 -3.11
N GLY A 377 -11.93 21.28 -3.28
CA GLY A 377 -11.10 21.69 -2.16
C GLY A 377 -11.18 23.18 -1.89
N THR A 378 -12.37 23.76 -2.07
CA THR A 378 -12.52 25.20 -1.99
C THR A 378 -12.55 25.74 -0.56
N VAL A 379 -13.10 24.98 0.38
CA VAL A 379 -13.28 25.47 1.74
C VAL A 379 -12.66 24.49 2.73
N ASP A 380 -12.45 24.97 3.94
CA ASP A 380 -11.93 24.16 5.04
C ASP A 380 -13.08 23.45 5.75
N TRP A 381 -12.78 22.28 6.32
CA TRP A 381 -13.77 21.46 6.98
C TRP A 381 -13.33 21.17 8.41
N VAL A 382 -14.31 21.09 9.30
CA VAL A 382 -14.06 20.90 10.73
C VAL A 382 -14.96 19.79 11.25
N PRO A 383 -14.51 18.98 12.21
CA PRO A 383 -15.40 17.98 12.79
C PRO A 383 -16.55 18.62 13.55
N ASN A 384 -17.68 17.91 13.56
CA ASN A 384 -18.89 18.40 14.24
C ASN A 384 -18.77 18.15 15.74
N PHE A 385 -19.85 18.40 16.47
CA PHE A 385 -19.78 18.34 17.94
C PHE A 385 -19.56 16.92 18.44
N ASP A 386 -20.16 15.92 17.80
CA ASP A 386 -19.98 14.53 18.23
C ASP A 386 -18.77 13.86 17.58
N GLY A 387 -18.12 14.51 16.62
CA GLY A 387 -16.95 13.96 15.97
C GLY A 387 -17.22 12.88 14.95
N THR A 388 -18.48 12.57 14.67
CA THR A 388 -18.84 11.53 13.71
C THR A 388 -19.09 12.07 12.31
N LEU A 389 -18.94 13.37 12.09
CA LEU A 389 -19.20 13.96 10.79
C LEU A 389 -18.28 15.17 10.59
N GLN A 390 -18.32 15.71 9.38
CA GLN A 390 -17.55 16.89 9.02
C GLN A 390 -18.48 17.97 8.50
N GLU A 391 -18.12 19.23 8.78
CA GLU A 391 -18.94 20.38 8.44
C GLU A 391 -18.08 21.43 7.76
N PRO A 392 -18.61 22.10 6.74
CA PRO A 392 -17.85 23.18 6.09
C PRO A 392 -17.77 24.41 6.98
N LYS A 393 -16.55 24.91 7.18
CA LYS A 393 -16.38 26.15 7.94
C LYS A 393 -16.96 27.34 7.19
N MET A 394 -16.91 27.31 5.86
CA MET A 394 -17.44 28.37 5.01
C MET A 394 -18.08 27.72 3.79
N LEU A 395 -18.63 28.55 2.90
CA LEU A 395 -19.21 28.05 1.68
C LEU A 395 -18.58 28.77 0.49
N PRO A 396 -18.36 28.06 -0.62
CA PRO A 396 -17.75 28.70 -1.79
C PRO A 396 -18.71 29.65 -2.50
N ALA A 397 -18.93 30.82 -1.92
CA ALA A 397 -19.87 31.77 -2.48
C ALA A 397 -19.35 32.32 -3.81
N ARG A 398 -20.07 32.04 -4.89
CA ARG A 398 -19.68 32.57 -6.19
C ARG A 398 -19.97 34.07 -6.29
N LEU A 399 -20.87 34.59 -5.47
CA LEU A 399 -21.20 36.00 -5.41
C LEU A 399 -21.23 36.44 -3.95
N PRO A 400 -20.94 37.72 -3.66
CA PRO A 400 -20.85 38.14 -2.26
C PRO A 400 -22.21 38.26 -1.58
N ASN A 401 -22.70 37.12 -1.08
CA ASN A 401 -24.03 37.06 -0.48
C ASN A 401 -24.17 37.98 0.74
N ILE A 402 -23.06 38.39 1.35
CA ILE A 402 -23.14 39.26 2.52
C ILE A 402 -23.78 40.60 2.16
N LEU A 403 -23.59 41.07 0.93
CA LEU A 403 -24.18 42.32 0.48
C LEU A 403 -25.47 42.13 -0.30
N LEU A 404 -25.58 41.03 -1.04
CA LEU A 404 -26.78 40.79 -1.85
C LEU A 404 -28.00 40.57 -0.97
N ASN A 405 -27.87 39.75 0.06
CA ASN A 405 -28.97 39.46 0.98
C ASN A 405 -28.88 40.29 2.26
N GLY A 406 -27.74 40.22 2.94
CA GLY A 406 -27.56 40.97 4.17
C GLY A 406 -28.29 40.36 5.35
N THR A 407 -27.72 40.50 6.54
CA THR A 407 -28.31 39.99 7.76
C THR A 407 -28.36 41.09 8.81
N THR A 408 -29.35 41.02 9.69
CA THR A 408 -29.45 41.90 10.84
C THR A 408 -29.36 41.05 12.10
N GLY A 409 -28.44 41.42 12.99
CA GLY A 409 -28.23 40.67 14.21
C GLY A 409 -27.66 41.54 15.29
N ILE A 410 -27.90 41.13 16.54
CA ILE A 410 -27.44 41.86 17.71
C ILE A 410 -26.67 40.90 18.60
N ALA A 411 -25.47 41.31 19.02
CA ALA A 411 -24.62 40.48 19.85
C ALA A 411 -24.16 41.27 21.07
N VAL A 412 -23.25 40.70 21.85
CA VAL A 412 -22.70 41.38 23.01
C VAL A 412 -21.57 42.30 22.54
N GLY A 413 -21.70 43.59 22.85
CA GLY A 413 -20.73 44.59 22.43
C GLY A 413 -20.97 45.21 21.08
N MET A 414 -21.33 44.41 20.08
CA MET A 414 -21.50 44.88 18.72
C MET A 414 -22.86 44.44 18.18
N ALA A 415 -23.16 44.89 16.97
CA ALA A 415 -24.35 44.50 16.24
C ALA A 415 -24.07 44.72 14.76
N THR A 416 -25.02 44.32 13.91
CA THR A 416 -24.85 44.49 12.48
C THR A 416 -26.21 44.61 11.80
N ASP A 417 -26.33 45.56 10.88
CA ASP A 417 -27.54 45.74 10.07
C ASP A 417 -27.11 45.94 8.61
N ILE A 418 -26.72 44.86 7.95
CA ILE A 418 -26.32 44.91 6.54
C ILE A 418 -27.58 44.90 5.68
N PRO A 419 -27.81 45.91 4.86
CA PRO A 419 -29.00 45.92 4.00
C PRO A 419 -28.77 45.08 2.75
N PRO A 420 -29.83 44.65 2.08
CA PRO A 420 -29.66 43.91 0.82
C PRO A 420 -29.24 44.83 -0.32
N HIS A 421 -28.66 44.23 -1.35
CA HIS A 421 -28.23 44.95 -2.54
C HIS A 421 -28.60 44.15 -3.78
N ASN A 422 -28.60 44.83 -4.91
CA ASN A 422 -28.94 44.19 -6.19
C ASN A 422 -27.79 43.29 -6.64
N LEU A 423 -28.15 42.13 -7.20
CA LEU A 423 -27.14 41.17 -7.63
C LEU A 423 -26.31 41.72 -8.79
N ARG A 424 -26.99 42.23 -9.82
CA ARG A 424 -26.30 42.68 -11.03
C ARG A 424 -25.38 43.87 -10.73
N GLU A 425 -25.86 44.81 -9.90
CA GLU A 425 -25.04 45.98 -9.58
C GLU A 425 -23.76 45.58 -8.84
N VAL A 426 -23.88 44.68 -7.86
CA VAL A 426 -22.71 44.25 -7.11
C VAL A 426 -21.77 43.45 -8.00
N ALA A 427 -22.32 42.62 -8.88
CA ALA A 427 -21.47 41.86 -9.81
C ALA A 427 -20.70 42.79 -10.73
N LYS A 428 -21.37 43.82 -11.26
CA LYS A 428 -20.69 44.79 -12.11
C LYS A 428 -19.62 45.54 -11.33
N ALA A 429 -19.91 45.89 -10.06
CA ALA A 429 -18.91 46.55 -9.24
C ALA A 429 -17.69 45.66 -9.02
N ALA A 430 -17.91 44.37 -8.77
CA ALA A 430 -16.79 43.45 -8.58
C ALA A 430 -15.98 43.31 -9.87
N ILE A 431 -16.65 43.23 -11.02
CA ILE A 431 -15.95 43.12 -12.29
C ILE A 431 -15.12 44.38 -12.55
N THR A 432 -15.69 45.55 -12.27
CA THR A 432 -14.95 46.80 -12.44
C THR A 432 -13.75 46.86 -11.49
N LEU A 433 -13.93 46.40 -10.25
CA LEU A 433 -12.81 46.38 -9.31
C LEU A 433 -11.70 45.45 -9.78
N ILE A 434 -12.06 44.30 -10.35
CA ILE A 434 -11.05 43.42 -10.92
C ILE A 434 -10.34 44.09 -12.08
N GLU A 435 -11.10 44.76 -12.95
CA GLU A 435 -10.50 45.44 -14.09
C GLU A 435 -9.58 46.58 -13.64
N GLN A 436 -10.05 47.38 -12.68
CA GLN A 436 -9.28 48.50 -12.14
C GLN A 436 -9.20 48.34 -10.63
N PRO A 437 -8.13 47.73 -10.12
CA PRO A 437 -8.02 47.55 -8.66
C PRO A 437 -8.05 48.84 -7.87
N LYS A 438 -7.53 49.94 -8.43
CA LYS A 438 -7.49 51.22 -7.74
C LYS A 438 -8.71 52.06 -8.12
N THR A 439 -9.88 51.51 -7.84
CA THR A 439 -11.15 52.16 -8.12
C THR A 439 -11.67 52.85 -6.86
N THR A 440 -12.05 54.11 -6.99
CA THR A 440 -12.51 54.89 -5.86
C THR A 440 -13.94 54.51 -5.47
N LEU A 441 -14.32 54.90 -4.26
CA LEU A 441 -15.66 54.60 -3.75
C LEU A 441 -16.73 55.26 -4.61
N ASP A 442 -16.49 56.51 -5.05
CA ASP A 442 -17.47 57.22 -5.85
C ASP A 442 -17.75 56.50 -7.16
N GLU A 443 -16.70 55.94 -7.78
CA GLU A 443 -16.88 55.18 -9.01
C GLU A 443 -17.75 53.96 -8.79
N LEU A 444 -17.56 53.27 -7.67
CA LEU A 444 -18.41 52.13 -7.34
C LEU A 444 -19.85 52.57 -7.12
N LEU A 445 -20.04 53.70 -6.43
CA LEU A 445 -21.38 54.20 -6.18
C LEU A 445 -22.10 54.61 -7.46
N ASP A 446 -21.36 54.94 -8.52
CA ASP A 446 -22.00 55.19 -9.81
C ASP A 446 -22.59 53.92 -10.41
N ILE A 447 -22.18 52.75 -9.94
CA ILE A 447 -22.75 51.48 -10.37
C ILE A 447 -23.73 50.94 -9.35
N VAL A 448 -23.34 50.94 -8.07
CA VAL A 448 -24.20 50.49 -6.98
C VAL A 448 -24.94 51.72 -6.47
N GLN A 449 -26.22 51.85 -6.85
CA GLN A 449 -27.02 52.97 -6.41
C GLN A 449 -27.31 52.95 -4.92
N GLY A 450 -27.10 51.82 -4.25
CA GLY A 450 -27.37 51.71 -2.84
C GLY A 450 -28.11 50.43 -2.53
N PRO A 451 -28.76 50.37 -1.37
CA PRO A 451 -29.49 49.15 -0.99
C PRO A 451 -30.66 48.90 -1.94
N ASP A 452 -31.01 47.62 -2.07
CA ASP A 452 -32.12 47.17 -2.90
C ASP A 452 -32.98 46.22 -2.07
N PHE A 453 -33.95 46.78 -1.37
CA PHE A 453 -34.84 45.99 -0.53
C PHE A 453 -35.85 45.24 -1.40
N PRO A 454 -36.40 44.10 -0.89
CA PRO A 454 -37.37 43.30 -1.67
C PRO A 454 -38.78 43.87 -1.67
N THR A 455 -38.88 45.17 -1.88
CA THR A 455 -40.15 45.87 -2.04
C THR A 455 -40.02 46.87 -3.18
N GLU A 456 -41.14 47.15 -3.84
CA GLU A 456 -41.19 48.14 -4.91
C GLU A 456 -41.31 49.57 -4.38
N ALA A 457 -41.04 49.79 -3.11
CA ALA A 457 -41.12 51.12 -2.53
C ALA A 457 -39.94 51.98 -3.01
N GLU A 458 -39.87 53.19 -2.49
CA GLU A 458 -38.90 54.18 -2.94
C GLU A 458 -37.91 54.50 -1.82
N ILE A 459 -36.64 54.68 -2.19
CA ILE A 459 -35.61 55.10 -1.26
C ILE A 459 -35.40 56.60 -1.45
N ILE A 460 -35.53 57.36 -0.35
CA ILE A 460 -35.56 58.81 -0.44
C ILE A 460 -34.26 59.48 -0.01
N THR A 461 -33.33 58.71 0.57
CA THR A 461 -32.07 59.29 1.02
C THR A 461 -31.25 59.78 -0.18
N SER A 462 -30.60 60.93 -0.01
CA SER A 462 -29.82 61.53 -1.07
C SER A 462 -28.56 60.69 -1.34
N ARG A 463 -28.01 60.87 -2.55
CA ARG A 463 -26.83 60.11 -2.95
C ARG A 463 -25.62 60.47 -2.10
N ALA A 464 -25.49 61.73 -1.68
CA ALA A 464 -24.37 62.12 -0.83
C ALA A 464 -24.43 61.42 0.53
N GLU A 465 -25.62 61.34 1.11
CA GLU A 465 -25.78 60.63 2.38
C GLU A 465 -25.47 59.15 2.22
N ILE A 466 -25.88 58.55 1.10
CA ILE A 466 -25.56 57.14 0.84
C ILE A 466 -24.05 56.95 0.71
N ARG A 467 -23.38 57.90 0.05
CA ARG A 467 -21.92 57.86 -0.05
C ARG A 467 -21.28 57.94 1.34
N LYS A 468 -21.78 58.82 2.19
CA LYS A 468 -21.26 58.92 3.55
C LYS A 468 -21.48 57.62 4.32
N ILE A 469 -22.64 57.00 4.15
CA ILE A 469 -22.93 55.74 4.83
C ILE A 469 -21.96 54.66 4.39
N TYR A 470 -21.75 54.53 3.07
CA TYR A 470 -20.87 53.50 2.56
C TYR A 470 -19.39 53.84 2.73
N GLN A 471 -19.07 55.08 3.12
CA GLN A 471 -17.70 55.42 3.47
C GLN A 471 -17.39 55.18 4.94
N ASN A 472 -18.30 55.56 5.83
CA ASN A 472 -18.11 55.37 7.26
C ASN A 472 -18.68 54.05 7.78
N GLY A 473 -19.41 53.31 6.96
CA GLY A 473 -19.99 52.06 7.38
C GLY A 473 -21.34 52.25 8.05
N ARG A 474 -21.33 52.91 9.20
CA ARG A 474 -22.56 53.16 9.94
C ARG A 474 -23.39 54.26 9.28
N GLY A 475 -24.69 54.22 9.50
CA GLY A 475 -25.57 55.24 8.97
C GLY A 475 -27.02 54.82 9.07
N SER A 476 -27.87 55.55 8.37
CA SER A 476 -29.29 55.24 8.35
C SER A 476 -29.88 55.66 7.02
N VAL A 477 -30.77 54.82 6.49
CA VAL A 477 -31.45 55.09 5.23
C VAL A 477 -32.94 55.22 5.52
N ARG A 478 -33.67 55.77 4.56
CA ARG A 478 -35.10 55.97 4.73
C ARG A 478 -35.83 55.53 3.46
N MET A 479 -37.04 54.99 3.65
CA MET A 479 -37.88 54.55 2.55
C MET A 479 -39.27 55.13 2.72
N ARG A 480 -39.87 55.52 1.59
CA ARG A 480 -41.21 56.08 1.52
C ARG A 480 -42.07 55.21 0.62
N ALA A 481 -43.36 55.15 0.92
CA ALA A 481 -44.24 54.31 0.12
C ALA A 481 -44.35 54.87 -1.30
N VAL A 482 -44.84 54.03 -2.21
CA VAL A 482 -45.12 54.44 -3.58
C VAL A 482 -46.63 54.53 -3.76
N TRP A 483 -47.09 55.73 -4.11
CA TRP A 483 -48.51 56.07 -4.18
C TRP A 483 -48.79 56.71 -5.54
N SER A 484 -50.06 56.64 -5.95
CA SER A 484 -50.47 57.14 -7.26
C SER A 484 -51.90 57.64 -7.16
N LYS A 485 -52.22 58.66 -7.94
CA LYS A 485 -53.52 59.32 -7.87
C LYS A 485 -54.41 58.78 -8.98
N GLU A 486 -55.61 58.33 -8.61
CA GLU A 486 -56.59 57.84 -9.57
C GLU A 486 -57.96 58.41 -9.20
N ASP A 487 -58.64 58.99 -10.20
CA ASP A 487 -59.97 59.58 -9.99
C ASP A 487 -59.94 60.62 -8.87
N GLY A 488 -58.83 61.35 -8.78
CA GLY A 488 -58.66 62.32 -7.71
C GLY A 488 -58.44 61.73 -6.34
N ALA A 489 -58.19 60.42 -6.25
CA ALA A 489 -57.98 59.74 -4.99
C ALA A 489 -56.59 59.12 -4.98
N VAL A 490 -55.94 59.16 -3.82
CA VAL A 490 -54.58 58.65 -3.69
C VAL A 490 -54.62 57.13 -3.57
N VAL A 491 -53.85 56.44 -4.41
CA VAL A 491 -53.76 54.99 -4.37
C VAL A 491 -52.32 54.63 -4.06
N ILE A 492 -52.11 53.98 -2.91
CA ILE A 492 -50.79 53.53 -2.50
C ILE A 492 -50.62 52.10 -2.99
N SER A 493 -49.55 51.88 -3.75
CA SER A 493 -49.27 50.60 -4.37
C SER A 493 -48.08 49.87 -3.76
N ALA A 494 -47.12 50.58 -3.16
CA ALA A 494 -45.97 49.93 -2.56
C ALA A 494 -45.74 50.46 -1.16
N LEU A 495 -45.38 49.57 -0.25
CA LEU A 495 -45.10 49.88 1.14
C LEU A 495 -43.63 49.65 1.47
N PRO A 496 -43.10 50.32 2.49
CA PRO A 496 -41.71 50.10 2.89
C PRO A 496 -41.49 48.68 3.40
N HIS A 497 -40.22 48.31 3.50
CA HIS A 497 -39.85 46.96 3.93
C HIS A 497 -40.28 46.71 5.37
N GLN A 498 -40.74 45.48 5.63
CA GLN A 498 -41.15 45.04 6.96
C GLN A 498 -42.25 45.93 7.53
N VAL A 499 -43.14 46.39 6.65
CA VAL A 499 -44.27 47.23 7.03
C VAL A 499 -45.54 46.51 6.61
N SER A 500 -46.43 46.29 7.55
CA SER A 500 -47.70 45.61 7.29
C SER A 500 -48.73 46.60 6.80
N GLY A 501 -49.47 46.21 5.76
CA GLY A 501 -50.56 47.05 5.28
C GLY A 501 -51.66 47.23 6.31
N ALA A 502 -51.92 46.18 7.10
CA ALA A 502 -52.92 46.26 8.15
C ALA A 502 -52.53 47.30 9.20
N LYS A 503 -51.24 47.36 9.54
CA LYS A 503 -50.76 48.35 10.51
C LYS A 503 -50.97 49.77 9.99
N VAL A 504 -50.67 50.01 8.71
CA VAL A 504 -50.88 51.33 8.13
C VAL A 504 -52.35 51.68 8.11
N LEU A 505 -53.20 50.72 7.74
CA LEU A 505 -54.64 50.96 7.74
C LEU A 505 -55.15 51.29 9.14
N GLU A 506 -54.66 50.56 10.15
CA GLU A 506 -55.07 50.83 11.52
C GLU A 506 -54.60 52.20 11.99
N GLN A 507 -53.38 52.60 11.60
CA GLN A 507 -52.88 53.91 11.98
C GLN A 507 -53.70 55.03 11.34
N ILE A 508 -54.02 54.89 10.05
CA ILE A 508 -54.83 55.92 9.39
C ILE A 508 -56.24 55.94 9.95
N ALA A 509 -56.79 54.77 10.29
CA ALA A 509 -58.11 54.74 10.91
C ALA A 509 -58.08 55.36 12.30
N ALA A 510 -56.98 55.20 13.03
CA ALA A 510 -56.83 55.88 14.31
C ALA A 510 -56.83 57.40 14.13
N GLN A 511 -56.12 57.89 13.11
CA GLN A 511 -56.16 59.32 12.82
C GLN A 511 -57.57 59.78 12.43
N MET A 512 -58.26 58.97 11.64
CA MET A 512 -59.62 59.32 11.20
C MET A 512 -60.59 59.36 12.37
N ARG A 513 -60.51 58.38 13.27
CA ARG A 513 -61.44 58.33 14.40
C ARG A 513 -61.19 59.48 15.36
N ASN A 514 -59.91 59.82 15.60
CA ASN A 514 -59.56 60.97 16.40
C ASN A 514 -59.85 62.27 15.68
N LYS A 515 -60.20 62.20 14.40
CA LYS A 515 -60.52 63.37 13.57
C LYS A 515 -59.35 64.34 13.50
N LYS A 516 -58.14 63.78 13.46
CA LYS A 516 -56.95 64.57 13.17
C LYS A 516 -56.92 65.02 11.71
N LEU A 517 -57.53 64.25 10.81
CA LEU A 517 -57.55 64.57 9.38
C LEU A 517 -58.99 64.58 8.89
N PRO A 518 -59.68 65.71 8.98
CA PRO A 518 -61.08 65.75 8.53
C PRO A 518 -61.22 66.03 7.05
N MET A 519 -60.14 65.86 6.28
CA MET A 519 -60.22 65.97 4.84
C MET A 519 -60.45 64.64 4.15
N VAL A 520 -60.40 63.54 4.91
CA VAL A 520 -60.61 62.21 4.34
C VAL A 520 -62.10 61.96 4.16
N ASP A 521 -62.41 61.06 3.23
CA ASP A 521 -63.78 60.65 2.96
C ASP A 521 -63.94 59.15 2.82
N ASP A 522 -62.91 58.40 2.41
CA ASP A 522 -63.02 56.95 2.33
C ASP A 522 -61.63 56.33 2.36
N LEU A 523 -61.33 55.58 3.42
CA LEU A 523 -60.11 54.79 3.50
C LEU A 523 -60.49 53.33 3.22
N ARG A 524 -60.05 52.80 2.08
CA ARG A 524 -60.42 51.47 1.65
C ARG A 524 -59.17 50.64 1.35
N ASP A 525 -59.31 49.33 1.52
CA ASP A 525 -58.25 48.37 1.23
C ASP A 525 -58.70 47.52 0.05
N GLU A 526 -58.21 47.85 -1.14
CA GLU A 526 -58.55 47.13 -2.36
C GLU A 526 -57.47 46.13 -2.75
N SER A 527 -56.67 45.68 -1.79
CA SER A 527 -55.62 44.71 -2.08
C SER A 527 -56.22 43.36 -2.48
N ASP A 528 -55.56 42.70 -3.42
CA ASP A 528 -55.98 41.40 -3.90
C ASP A 528 -54.75 40.61 -4.31
N HIS A 529 -54.97 39.39 -4.81
CA HIS A 529 -53.85 38.57 -5.25
C HIS A 529 -53.14 39.18 -6.46
N GLU A 530 -53.92 39.74 -7.40
CA GLU A 530 -53.31 40.35 -8.59
C GLU A 530 -52.50 41.59 -8.22
N ASN A 531 -53.03 42.44 -7.33
CA ASN A 531 -52.33 43.64 -6.90
C ASN A 531 -51.96 43.51 -5.43
N PRO A 532 -50.70 43.23 -5.09
CA PRO A 532 -50.35 42.92 -3.69
C PRO A 532 -50.73 44.00 -2.70
N THR A 533 -50.60 45.27 -3.06
CA THR A 533 -50.93 46.37 -2.17
C THR A 533 -51.69 47.44 -2.93
N ARG A 534 -52.91 47.74 -2.48
CA ARG A 534 -53.72 48.80 -3.07
C ARG A 534 -54.53 49.44 -1.94
N LEU A 535 -54.01 50.53 -1.39
CA LEU A 535 -54.70 51.27 -0.34
C LEU A 535 -55.22 52.58 -0.91
N VAL A 536 -56.53 52.78 -0.84
CA VAL A 536 -57.18 53.92 -1.48
C VAL A 536 -57.61 54.91 -0.42
N ILE A 537 -57.17 56.16 -0.58
CA ILE A 537 -57.60 57.28 0.26
C ILE A 537 -58.36 58.23 -0.64
N VAL A 538 -59.64 58.41 -0.35
CA VAL A 538 -60.57 59.23 -1.11
C VAL A 538 -60.84 60.50 -0.30
N PRO A 539 -60.36 61.66 -0.72
CA PRO A 539 -60.62 62.89 0.02
C PRO A 539 -62.01 63.44 -0.27
N ARG A 540 -62.44 64.34 0.62
CA ARG A 540 -63.80 64.88 0.57
C ARG A 540 -64.13 65.61 -0.72
N SER A 541 -63.15 66.00 -1.52
CA SER A 541 -63.41 66.75 -2.75
C SER A 541 -62.11 66.92 -3.52
N ASN A 542 -62.17 67.75 -4.57
CA ASN A 542 -61.06 67.98 -5.49
C ASN A 542 -60.29 69.25 -5.19
N ARG A 543 -60.53 69.88 -4.04
CA ARG A 543 -59.81 71.08 -3.64
C ARG A 543 -58.86 70.83 -2.49
N VAL A 544 -58.77 69.59 -2.01
CA VAL A 544 -57.92 69.26 -0.88
C VAL A 544 -56.55 68.90 -1.40
N ASP A 545 -55.51 69.53 -0.84
CA ASP A 545 -54.15 69.29 -1.27
C ASP A 545 -53.68 67.91 -0.79
N MET A 546 -53.97 66.88 -1.59
CA MET A 546 -53.60 65.52 -1.21
C MET A 546 -52.11 65.36 -0.99
N GLU A 547 -51.28 66.21 -1.62
CA GLU A 547 -49.83 66.12 -1.42
C GLU A 547 -49.46 66.44 0.01
N GLN A 548 -50.10 67.45 0.60
CA GLN A 548 -49.79 67.80 1.98
C GLN A 548 -50.31 66.74 2.96
N VAL A 549 -51.46 66.14 2.66
CA VAL A 549 -51.96 65.06 3.48
C VAL A 549 -51.05 63.85 3.39
N MET A 550 -50.50 63.58 2.20
CA MET A 550 -49.53 62.50 2.05
C MET A 550 -48.25 62.78 2.83
N ASN A 551 -47.79 64.04 2.81
CA ASN A 551 -46.62 64.41 3.61
C ASN A 551 -46.88 64.21 5.10
N HIS A 552 -48.07 64.60 5.56
CA HIS A 552 -48.42 64.39 6.97
C HIS A 552 -48.45 62.91 7.30
N LEU A 553 -49.02 62.08 6.42
CA LEU A 553 -49.05 60.64 6.66
C LEU A 553 -47.65 60.05 6.69
N PHE A 554 -46.77 60.51 5.80
CA PHE A 554 -45.38 60.05 5.82
C PHE A 554 -44.71 60.42 7.14
N ALA A 555 -44.94 61.64 7.61
CA ALA A 555 -44.34 62.08 8.87
C ALA A 555 -44.92 61.34 10.08
N THR A 556 -46.17 60.89 9.99
CA THR A 556 -46.87 60.32 11.14
C THR A 556 -47.04 58.81 11.09
N THR A 557 -47.39 58.25 9.93
CA THR A 557 -47.73 56.83 9.85
C THR A 557 -46.47 56.01 9.51
N ASP A 558 -46.67 54.72 9.22
CA ASP A 558 -45.60 53.81 8.86
C ASP A 558 -45.29 53.83 7.37
N LEU A 559 -45.94 54.69 6.59
CA LEU A 559 -45.70 54.80 5.16
C LEU A 559 -44.29 55.28 4.84
N GLU A 560 -43.57 55.81 5.83
CA GLU A 560 -42.18 56.20 5.67
C GLU A 560 -41.40 55.71 6.89
N LYS A 561 -40.41 54.86 6.66
CA LYS A 561 -39.69 54.20 7.74
C LYS A 561 -38.20 54.28 7.52
N SER A 562 -37.45 54.31 8.62
CA SER A 562 -36.00 54.36 8.60
C SER A 562 -35.41 52.99 8.90
N TYR A 563 -34.20 52.76 8.39
CA TYR A 563 -33.50 51.51 8.55
C TYR A 563 -32.05 51.80 8.92
N ARG A 564 -31.58 51.22 10.02
CA ARG A 564 -30.20 51.39 10.44
C ARG A 564 -29.26 50.57 9.54
N ILE A 565 -28.05 51.08 9.36
CA ILE A 565 -27.04 50.42 8.55
C ILE A 565 -25.76 50.34 9.36
N ASN A 566 -25.30 49.12 9.62
CA ASN A 566 -24.09 48.88 10.41
C ASN A 566 -23.36 47.71 9.74
N LEU A 567 -22.38 48.04 8.88
CA LEU A 567 -21.67 47.04 8.09
C LEU A 567 -20.59 46.34 8.92
N ASN A 568 -21.06 45.63 9.94
CA ASN A 568 -20.19 44.87 10.83
C ASN A 568 -20.22 43.40 10.43
N MET A 569 -19.05 42.82 10.24
CA MET A 569 -18.98 41.44 9.78
C MET A 569 -17.65 40.82 10.22
N ILE A 570 -17.60 39.50 10.15
CA ILE A 570 -16.39 38.75 10.44
C ILE A 570 -15.58 38.61 9.16
N GLY A 571 -14.36 39.15 9.17
CA GLY A 571 -13.52 39.11 8.01
C GLY A 571 -12.74 37.81 7.90
N LEU A 572 -11.92 37.73 6.85
CA LEU A 572 -11.07 36.56 6.65
C LEU A 572 -10.06 36.39 7.78
N ASP A 573 -9.73 37.47 8.49
CA ASP A 573 -8.83 37.39 9.64
C ASP A 573 -9.46 36.69 10.83
N GLY A 574 -10.76 36.41 10.79
CA GLY A 574 -11.43 35.76 11.89
C GLY A 574 -11.83 36.69 13.02
N ARG A 575 -11.82 38.00 12.79
CA ARG A 575 -12.15 38.97 13.82
C ARG A 575 -13.27 39.88 13.33
N PRO A 576 -14.24 40.21 14.18
CA PRO A 576 -15.29 41.15 13.77
C PRO A 576 -14.74 42.54 13.51
N ALA A 577 -15.32 43.21 12.52
CA ALA A 577 -14.88 44.56 12.16
C ALA A 577 -15.95 45.21 11.31
N VAL A 578 -15.98 46.54 11.36
CA VAL A 578 -16.85 47.33 10.51
C VAL A 578 -16.09 47.70 9.24
N LYS A 579 -16.66 47.37 8.09
CA LYS A 579 -15.98 47.55 6.82
C LYS A 579 -16.83 48.40 5.89
N ASN A 580 -16.16 49.20 5.06
CA ASN A 580 -16.83 50.00 4.06
C ASN A 580 -17.05 49.19 2.79
N LEU A 581 -17.71 49.80 1.80
CA LEU A 581 -18.02 49.09 0.56
C LEU A 581 -16.76 48.62 -0.14
N LEU A 582 -15.76 49.50 -0.24
CA LEU A 582 -14.50 49.14 -0.89
C LEU A 582 -13.80 48.02 -0.13
N GLU A 583 -13.75 48.11 1.20
CA GLU A 583 -13.10 47.07 1.98
C GLU A 583 -13.83 45.73 1.84
N ILE A 584 -15.15 45.76 1.88
CA ILE A 584 -15.94 44.53 1.73
C ILE A 584 -15.68 43.90 0.38
N LEU A 585 -15.72 44.71 -0.69
CA LEU A 585 -15.54 44.17 -2.03
C LEU A 585 -14.12 43.62 -2.21
N SER A 586 -13.11 44.33 -1.71
CA SER A 586 -11.74 43.85 -1.85
C SER A 586 -11.51 42.56 -1.08
N GLU A 587 -12.00 42.50 0.17
CA GLU A 587 -11.81 41.30 0.97
C GLU A 587 -12.55 40.11 0.38
N TRP A 588 -13.77 40.32 -0.12
CA TRP A 588 -14.49 39.23 -0.77
C TRP A 588 -13.82 38.81 -2.06
N LEU A 589 -13.22 39.75 -2.79
CA LEU A 589 -12.48 39.38 -4.00
C LEU A 589 -11.28 38.52 -3.66
N VAL A 590 -10.59 38.85 -2.57
CA VAL A 590 -9.48 38.01 -2.11
C VAL A 590 -9.98 36.60 -1.77
N PHE A 591 -11.10 36.53 -1.05
CA PHE A 591 -11.67 35.23 -0.69
C PHE A 591 -12.03 34.43 -1.95
N ARG A 592 -12.66 35.08 -2.93
CA ARG A 592 -13.05 34.41 -4.15
C ARG A 592 -11.84 33.93 -4.93
N ARG A 593 -10.78 34.74 -4.98
CA ARG A 593 -9.55 34.31 -5.65
C ARG A 593 -8.97 33.08 -4.96
N ASP A 594 -8.95 33.07 -3.63
CA ASP A 594 -8.44 31.91 -2.91
C ASP A 594 -9.27 30.66 -3.22
N THR A 595 -10.58 30.79 -3.19
CA THR A 595 -11.45 29.63 -3.44
C THR A 595 -11.29 29.13 -4.88
N VAL A 596 -11.17 30.05 -5.84
CA VAL A 596 -11.01 29.66 -7.24
C VAL A 596 -9.67 28.96 -7.44
N ARG A 597 -8.61 29.46 -6.81
CA ARG A 597 -7.31 28.79 -6.88
C ARG A 597 -7.39 27.38 -6.31
N ARG A 598 -8.07 27.22 -5.17
CA ARG A 598 -8.21 25.90 -4.59
C ARG A 598 -9.01 24.96 -5.49
N ARG A 599 -10.08 25.47 -6.11
CA ARG A 599 -10.88 24.66 -7.02
C ARG A 599 -10.05 24.21 -8.23
N LEU A 600 -9.27 25.14 -8.80
CA LEU A 600 -8.43 24.80 -9.94
C LEU A 600 -7.38 23.76 -9.55
N ASN A 601 -6.79 23.90 -8.37
CA ASN A 601 -5.80 22.92 -7.92
C ASN A 601 -6.44 21.55 -7.71
N HIS A 602 -7.67 21.52 -7.17
CA HIS A 602 -8.38 20.26 -7.00
C HIS A 602 -8.60 19.57 -8.34
N ARG A 603 -9.11 20.32 -9.32
CA ARG A 603 -9.35 19.75 -10.64
C ARG A 603 -8.04 19.29 -11.30
N LEU A 604 -6.97 20.08 -11.13
CA LEU A 604 -5.69 19.72 -11.70
C LEU A 604 -5.16 18.42 -11.10
N GLU A 605 -5.28 18.26 -9.78
CA GLU A 605 -4.85 17.02 -9.14
C GLU A 605 -5.64 15.83 -9.67
N LYS A 606 -6.96 15.99 -9.78
CA LYS A 606 -7.78 14.89 -10.33
C LYS A 606 -7.36 14.54 -11.75
N VAL A 607 -7.13 15.56 -12.58
CA VAL A 607 -6.76 15.33 -13.97
C VAL A 607 -5.40 14.63 -14.07
N LEU A 608 -4.44 15.07 -13.26
CA LEU A 608 -3.12 14.45 -13.29
C LEU A 608 -3.18 12.99 -12.85
N LYS A 609 -3.93 12.71 -11.78
CA LYS A 609 -4.04 11.32 -11.33
C LYS A 609 -4.71 10.45 -12.38
N ARG A 610 -5.77 10.93 -13.01
CA ARG A 610 -6.41 10.13 -14.04
C ARG A 610 -5.51 9.96 -15.26
N LEU A 611 -4.72 10.97 -15.61
CA LEU A 611 -3.77 10.82 -16.71
C LEU A 611 -2.72 9.76 -16.39
N HIS A 612 -2.24 9.75 -15.14
CA HIS A 612 -1.30 8.71 -14.71
C HIS A 612 -1.92 7.33 -14.85
N ILE A 613 -3.17 7.18 -14.42
CA ILE A 613 -3.87 5.90 -14.52
C ILE A 613 -4.03 5.50 -15.99
N LEU A 614 -4.38 6.46 -16.84
CA LEU A 614 -4.57 6.18 -18.26
C LEU A 614 -3.25 5.76 -18.92
N GLU A 615 -2.15 6.40 -18.54
CA GLU A 615 -0.85 5.98 -19.07
C GLU A 615 -0.54 4.54 -18.66
N GLY A 616 -0.80 4.20 -17.41
CA GLY A 616 -0.62 2.82 -16.98
C GLY A 616 -1.49 1.85 -17.75
N LEU A 617 -2.75 2.22 -17.98
CA LEU A 617 -3.67 1.35 -18.70
C LEU A 617 -3.21 1.13 -20.14
N LEU A 618 -2.74 2.19 -20.80
CA LEU A 618 -2.23 2.04 -22.16
C LEU A 618 -0.97 1.17 -22.20
N VAL A 619 -0.08 1.34 -21.22
CA VAL A 619 1.09 0.48 -21.14
C VAL A 619 0.66 -0.98 -20.98
N ALA A 620 -0.35 -1.23 -20.15
CA ALA A 620 -0.87 -2.58 -20.00
C ALA A 620 -1.45 -3.11 -21.31
N PHE A 621 -2.20 -2.27 -22.02
CA PHE A 621 -2.81 -2.69 -23.27
C PHE A 621 -1.76 -3.09 -24.31
N LEU A 622 -0.66 -2.32 -24.37
CA LEU A 622 0.41 -2.65 -25.32
C LEU A 622 1.02 -4.02 -25.03
N ASN A 623 1.10 -4.41 -23.77
CA ASN A 623 1.74 -5.66 -23.38
C ASN A 623 0.78 -6.55 -22.60
N ILE A 624 -0.43 -6.72 -23.12
CA ILE A 624 -1.49 -7.43 -22.39
C ILE A 624 -1.08 -8.87 -22.08
N ASP A 625 -0.47 -9.56 -23.06
CA ASP A 625 -0.10 -10.95 -22.85
C ASP A 625 0.90 -11.10 -21.72
N GLU A 626 1.92 -10.25 -21.67
CA GLU A 626 2.90 -10.31 -20.60
C GLU A 626 2.26 -10.01 -19.25
N VAL A 627 1.36 -9.03 -19.21
CA VAL A 627 0.69 -8.70 -17.95
C VAL A 627 -0.12 -9.88 -17.44
N ILE A 628 -0.87 -10.52 -18.34
CA ILE A 628 -1.69 -11.67 -17.94
C ILE A 628 -0.80 -12.82 -17.48
N GLU A 629 0.33 -13.04 -18.16
CA GLU A 629 1.25 -14.08 -17.72
C GLU A 629 1.81 -13.79 -16.34
N ILE A 630 2.17 -12.53 -16.07
CA ILE A 630 2.68 -12.16 -14.76
C ILE A 630 1.61 -12.38 -13.69
N ILE A 631 0.37 -12.00 -13.99
CA ILE A 631 -0.72 -12.20 -13.04
C ILE A 631 -0.94 -13.68 -12.77
N ARG A 632 -0.91 -14.51 -13.81
CA ARG A 632 -1.20 -15.93 -13.67
C ARG A 632 -0.06 -16.71 -13.04
N THR A 633 1.17 -16.20 -13.09
CA THR A 633 2.32 -16.93 -12.56
C THR A 633 2.81 -16.39 -11.23
N GLU A 634 2.87 -15.07 -11.05
CA GLU A 634 3.39 -14.48 -9.82
C GLU A 634 2.31 -14.37 -8.76
N ASP A 635 2.66 -14.75 -7.53
CA ASP A 635 1.71 -14.67 -6.42
C ASP A 635 1.42 -13.21 -6.07
N GLU A 636 2.45 -12.37 -6.06
CA GLU A 636 2.32 -10.94 -5.80
C GLU A 636 2.61 -10.19 -7.09
N PRO A 637 1.60 -9.96 -7.94
CA PRO A 637 1.88 -9.43 -9.28
C PRO A 637 2.24 -7.95 -9.30
N LYS A 638 1.89 -7.17 -8.29
CA LYS A 638 2.15 -5.73 -8.33
C LYS A 638 3.64 -5.38 -8.39
N PRO A 639 4.50 -5.89 -7.50
CA PRO A 639 5.93 -5.57 -7.65
C PRO A 639 6.53 -6.06 -8.95
N ALA A 640 6.07 -7.22 -9.45
CA ALA A 640 6.57 -7.73 -10.71
C ALA A 640 6.19 -6.80 -11.86
N LEU A 641 4.95 -6.32 -11.89
CA LEU A 641 4.55 -5.38 -12.92
C LEU A 641 5.34 -4.09 -12.83
N MET A 642 5.56 -3.60 -11.61
CA MET A 642 6.36 -2.39 -11.42
C MET A 642 7.77 -2.58 -11.95
N SER A 643 8.37 -3.75 -11.70
CA SER A 643 9.74 -3.98 -12.14
C SER A 643 9.82 -4.12 -13.66
N ARG A 644 8.92 -4.91 -14.26
CA ARG A 644 9.02 -5.14 -15.70
C ARG A 644 8.69 -3.88 -16.50
N PHE A 645 7.64 -3.17 -16.12
CA PHE A 645 7.18 -2.03 -16.91
C PHE A 645 7.58 -0.68 -16.32
N GLY A 646 8.36 -0.65 -15.25
CA GLY A 646 8.73 0.62 -14.65
C GLY A 646 7.54 1.43 -14.24
N ILE A 647 6.54 0.80 -13.63
CA ILE A 647 5.24 1.40 -13.42
C ILE A 647 5.03 1.64 -11.93
N SER A 648 4.12 2.57 -11.62
CA SER A 648 3.86 2.94 -10.25
C SER A 648 2.89 1.96 -9.59
N GLU A 649 2.83 2.04 -8.26
CA GLU A 649 1.94 1.15 -7.51
C GLU A 649 0.48 1.40 -7.84
N THR A 650 0.08 2.67 -7.94
CA THR A 650 -1.30 2.99 -8.31
C THR A 650 -1.61 2.52 -9.72
N GLN A 651 -0.67 2.69 -10.64
CA GLN A 651 -0.86 2.18 -12.00
C GLN A 651 -0.97 0.67 -12.01
N ALA A 652 -0.15 -0.02 -11.21
CA ALA A 652 -0.25 -1.48 -11.14
C ALA A 652 -1.61 -1.91 -10.60
N GLU A 653 -2.10 -1.23 -9.57
CA GLU A 653 -3.43 -1.56 -9.05
C GLU A 653 -4.52 -1.29 -10.09
N ALA A 654 -4.38 -0.20 -10.84
CA ALA A 654 -5.35 0.09 -11.90
C ALA A 654 -5.34 -0.99 -12.97
N ILE A 655 -4.14 -1.48 -13.32
CA ILE A 655 -4.05 -2.59 -14.27
C ILE A 655 -4.73 -3.83 -13.70
N LEU A 656 -4.48 -4.13 -12.43
CA LEU A 656 -5.09 -5.31 -11.82
C LEU A 656 -6.61 -5.19 -11.75
N GLU A 657 -7.13 -3.98 -11.62
CA GLU A 657 -8.56 -3.76 -11.53
C GLU A 657 -9.23 -3.57 -12.89
N LEU A 658 -8.48 -3.69 -13.97
CA LEU A 658 -9.07 -3.63 -15.30
C LEU A 658 -9.98 -4.83 -15.54
N LYS A 659 -11.08 -4.60 -16.25
CA LYS A 659 -12.04 -5.64 -16.54
C LYS A 659 -11.80 -6.20 -17.94
N LEU A 660 -12.28 -7.43 -18.15
CA LEU A 660 -12.07 -8.10 -19.44
C LEU A 660 -12.75 -7.34 -20.57
N ARG A 661 -13.93 -6.79 -20.30
CA ARG A 661 -14.64 -6.02 -21.32
C ARG A 661 -13.83 -4.81 -21.78
N HIS A 662 -12.99 -4.27 -20.90
CA HIS A 662 -12.14 -3.14 -21.26
C HIS A 662 -10.98 -3.54 -22.17
N LEU A 663 -10.73 -4.84 -22.35
CA LEU A 663 -9.66 -5.28 -23.23
C LEU A 663 -9.99 -5.09 -24.70
N ALA A 664 -11.24 -4.75 -25.03
CA ALA A 664 -11.63 -4.51 -26.41
C ALA A 664 -11.02 -3.19 -26.92
N LYS A 665 -10.95 -3.08 -28.24
CA LYS A 665 -10.36 -1.89 -28.87
C LYS A 665 -11.20 -0.64 -28.62
N LEU A 666 -12.52 -0.78 -28.52
CA LEU A 666 -13.38 0.39 -28.31
C LEU A 666 -13.05 1.08 -26.99
N GLU A 667 -12.84 0.30 -25.93
CA GLU A 667 -12.47 0.88 -24.65
C GLU A 667 -11.10 1.55 -24.72
N GLU A 668 -10.17 0.97 -25.48
CA GLU A 668 -8.86 1.59 -25.68
C GLU A 668 -8.99 2.94 -26.38
N MET A 669 -9.84 3.01 -27.41
CA MET A 669 -10.08 4.28 -28.10
C MET A 669 -10.72 5.29 -27.16
N LYS A 670 -11.66 4.85 -26.33
CA LYS A 670 -12.27 5.74 -25.35
C LYS A 670 -11.22 6.29 -24.38
N ILE A 671 -10.32 5.42 -23.93
CA ILE A 671 -9.26 5.84 -23.01
C ILE A 671 -8.34 6.86 -23.70
N ARG A 672 -8.02 6.63 -24.97
CA ARG A 672 -7.17 7.56 -25.70
C ARG A 672 -7.84 8.93 -25.84
N GLY A 673 -9.15 8.93 -26.15
CA GLY A 673 -9.86 10.19 -26.22
C GLY A 673 -9.90 10.90 -24.88
N GLU A 674 -10.10 10.14 -23.80
CA GLU A 674 -10.03 10.71 -22.46
C GLU A 674 -8.67 11.32 -22.19
N GLN A 675 -7.61 10.64 -22.61
CA GLN A 675 -6.25 11.15 -22.41
C GLN A 675 -6.05 12.46 -23.14
N SER A 676 -6.51 12.54 -24.39
CA SER A 676 -6.36 13.79 -25.16
C SER A 676 -7.13 14.93 -24.50
N GLU A 677 -8.39 14.67 -24.12
CA GLU A 677 -9.20 15.70 -23.48
C GLU A 677 -8.57 16.15 -22.16
N LEU A 678 -8.05 15.21 -21.37
CA LEU A 678 -7.44 15.56 -20.11
C LEU A 678 -6.12 16.30 -20.29
N GLU A 679 -5.36 15.97 -21.34
CA GLU A 679 -4.16 16.75 -21.63
C GLU A 679 -4.50 18.19 -21.96
N LYS A 680 -5.54 18.40 -22.79
CA LYS A 680 -5.97 19.76 -23.08
C LYS A 680 -6.44 20.47 -21.82
N GLU A 681 -7.21 19.76 -20.97
CA GLU A 681 -7.69 20.36 -19.72
C GLU A 681 -6.53 20.72 -18.80
N ARG A 682 -5.53 19.85 -18.69
CA ARG A 682 -4.38 20.12 -17.85
C ARG A 682 -3.62 21.34 -18.36
N ASP A 683 -3.44 21.45 -19.69
CA ASP A 683 -2.77 22.61 -20.24
C ASP A 683 -3.54 23.89 -19.93
N GLN A 684 -4.86 23.86 -20.10
CA GLN A 684 -5.67 25.04 -19.83
C GLN A 684 -5.61 25.45 -18.35
N LEU A 685 -5.74 24.47 -17.45
CA LEU A 685 -5.72 24.76 -16.02
C LEU A 685 -4.36 25.31 -15.59
N GLN A 686 -3.27 24.71 -16.09
CA GLN A 686 -1.95 25.22 -15.73
C GLN A 686 -1.74 26.63 -16.28
N ALA A 687 -2.22 26.90 -17.50
CA ALA A 687 -2.09 28.23 -18.06
C ALA A 687 -2.85 29.25 -17.22
N ILE A 688 -4.07 28.90 -16.78
CA ILE A 688 -4.84 29.82 -15.95
C ILE A 688 -4.16 30.03 -14.60
N LEU A 689 -3.68 28.95 -13.97
CA LEU A 689 -3.05 29.06 -12.66
C LEU A 689 -1.69 29.76 -12.72
N ALA A 690 -1.06 29.83 -13.89
CA ALA A 690 0.27 30.42 -14.00
C ALA A 690 0.23 31.92 -14.25
N SER A 691 -0.84 32.43 -14.87
CA SER A 691 -0.94 33.84 -15.23
C SER A 691 -2.07 34.49 -14.44
N GLU A 692 -1.79 35.64 -13.84
CA GLU A 692 -2.82 36.37 -13.11
C GLU A 692 -3.86 36.94 -14.05
N ARG A 693 -3.43 37.36 -15.25
CA ARG A 693 -4.36 37.95 -16.21
C ARG A 693 -5.39 36.93 -16.68
N LYS A 694 -4.96 35.69 -16.92
CA LYS A 694 -5.90 34.66 -17.36
C LYS A 694 -6.92 34.35 -16.27
N MET A 695 -6.47 34.26 -15.02
CA MET A 695 -7.40 34.03 -13.92
C MET A 695 -8.36 35.19 -13.75
N ASN A 696 -7.87 36.42 -13.90
CA ASN A 696 -8.76 37.58 -13.80
C ASN A 696 -9.81 37.56 -14.90
N ASN A 697 -9.41 37.22 -16.12
CA ASN A 697 -10.38 37.11 -17.21
C ASN A 697 -11.41 36.02 -16.92
N LEU A 698 -10.96 34.88 -16.41
CA LEU A 698 -11.88 33.81 -16.04
C LEU A 698 -12.84 34.26 -14.95
N LEU A 699 -12.33 34.99 -13.95
CA LEU A 699 -13.16 35.48 -12.87
C LEU A 699 -14.22 36.45 -13.39
N LYS A 700 -13.83 37.36 -14.29
CA LYS A 700 -14.79 38.28 -14.87
C LYS A 700 -15.87 37.54 -15.65
N LYS A 701 -15.45 36.53 -16.43
CA LYS A 701 -16.42 35.74 -17.19
C LYS A 701 -17.40 35.02 -16.26
N GLU A 702 -16.88 34.42 -15.19
CA GLU A 702 -17.74 33.70 -14.25
C GLU A 702 -18.69 34.64 -13.53
N LEU A 703 -18.20 35.81 -13.11
CA LEU A 703 -19.07 36.77 -12.44
C LEU A 703 -20.18 37.25 -13.37
N GLN A 704 -19.83 37.54 -14.63
CA GLN A 704 -20.85 37.99 -15.57
C GLN A 704 -21.86 36.88 -15.85
N ALA A 705 -21.39 35.63 -15.97
CA ALA A 705 -22.30 34.52 -16.21
C ALA A 705 -23.25 34.33 -15.03
N ASP A 706 -22.74 34.41 -13.81
CA ASP A 706 -23.60 34.27 -12.63
C ASP A 706 -24.61 35.41 -12.56
N ALA A 707 -24.17 36.63 -12.88
CA ALA A 707 -25.10 37.77 -12.89
C ALA A 707 -26.17 37.59 -13.95
N ASP A 708 -25.81 37.05 -15.11
CA ASP A 708 -26.78 36.87 -16.18
C ASP A 708 -27.74 35.73 -15.87
N ALA A 709 -27.30 34.72 -15.13
CA ALA A 709 -28.14 33.57 -14.84
C ALA A 709 -29.01 33.75 -13.60
N PHE A 710 -28.57 34.56 -12.63
CA PHE A 710 -29.30 34.71 -11.38
C PHE A 710 -29.77 36.14 -11.11
N GLY A 711 -29.40 37.11 -11.93
CA GLY A 711 -29.70 38.49 -11.63
C GLY A 711 -31.14 38.88 -11.90
N ASP A 712 -31.49 40.08 -11.45
CA ASP A 712 -32.81 40.64 -11.65
C ASP A 712 -32.69 42.16 -11.58
N ASP A 713 -33.73 42.84 -12.08
CA ASP A 713 -33.74 44.29 -12.06
C ASP A 713 -33.89 44.82 -10.64
N ARG A 714 -33.51 46.07 -10.45
CA ARG A 714 -33.67 46.71 -9.15
C ARG A 714 -35.15 46.81 -8.80
N ARG A 715 -35.47 46.49 -7.55
CA ARG A 715 -36.85 46.48 -7.09
C ARG A 715 -37.27 47.77 -6.41
N SER A 716 -36.39 48.42 -5.66
CA SER A 716 -36.71 49.66 -4.96
C SER A 716 -36.00 50.83 -5.62
N PRO A 717 -36.70 51.65 -6.41
CA PRO A 717 -36.06 52.82 -7.02
C PRO A 717 -35.66 53.84 -5.97
N LEU A 718 -34.65 54.64 -6.31
CA LEU A 718 -34.10 55.65 -5.42
C LEU A 718 -34.45 57.03 -5.99
N HIS A 719 -35.33 57.75 -5.30
CA HIS A 719 -35.72 59.09 -5.70
C HIS A 719 -35.76 59.99 -4.47
N GLU A 720 -35.09 61.13 -4.55
CA GLU A 720 -35.06 62.06 -3.43
C GLU A 720 -36.41 62.73 -3.24
N ARG A 721 -36.83 62.88 -1.98
CA ARG A 721 -38.10 63.49 -1.63
C ARG A 721 -37.89 64.46 -0.47
N GLU A 722 -38.92 65.27 -0.21
CA GLU A 722 -38.84 66.29 0.82
C GLU A 722 -38.90 65.65 2.21
N GLU A 723 -38.72 66.49 3.23
CA GLU A 723 -38.70 66.06 4.62
C GLU A 723 -40.10 65.86 5.21
N ALA A 724 -41.15 66.25 4.49
CA ALA A 724 -42.54 66.10 4.93
C ALA A 724 -42.72 66.91 6.21
N LYS A 725 -43.09 66.30 7.34
CA LYS A 725 -43.35 67.00 8.59
C LYS A 725 -44.43 68.07 8.40
N ALA A 726 -45.63 67.60 8.09
CA ALA A 726 -46.75 68.47 7.76
C ALA A 726 -47.86 68.33 8.80
N LEU A 727 -48.70 69.37 8.85
CA LEU A 727 -49.90 69.41 9.68
C LEU A 727 -49.60 69.27 11.17
N GLU A 728 -50.59 68.84 11.95
CA GLU A 728 -50.52 68.77 13.40
C GLU A 728 -50.19 70.14 14.00
N HIS A 729 -51.10 71.08 13.76
CA HIS A 729 -50.98 72.43 14.31
C HIS A 729 -52.37 73.03 14.40
N HIS A 730 -52.50 74.06 15.25
CA HIS A 730 -53.77 74.73 15.43
C HIS A 730 -54.04 75.71 14.29
N GLY B 5 48.35 -10.40 -35.45
CA GLY B 5 49.52 -10.90 -36.11
C GLY B 5 49.24 -11.47 -37.49
N LYS B 6 47.99 -11.87 -37.73
CA LYS B 6 47.58 -12.42 -39.01
C LYS B 6 47.07 -11.29 -39.89
N LEU B 7 47.84 -10.92 -40.90
CA LEU B 7 47.46 -9.84 -41.79
C LEU B 7 46.34 -10.29 -42.72
N ALA B 8 45.26 -9.50 -42.78
CA ALA B 8 44.15 -9.73 -43.69
C ALA B 8 44.26 -8.73 -44.83
N ASP B 9 44.31 -9.24 -46.07
CA ASP B 9 44.46 -8.40 -47.25
C ASP B 9 43.13 -8.24 -47.97
N CYS B 10 43.01 -7.14 -48.70
CA CYS B 10 41.81 -6.80 -49.44
C CYS B 10 41.77 -7.40 -50.84
N THR B 11 42.90 -7.89 -51.34
CA THR B 11 42.97 -8.50 -52.67
C THR B 11 42.43 -7.56 -53.76
N ALA B 12 42.81 -6.30 -53.66
CA ALA B 12 42.40 -5.29 -54.63
C ALA B 12 43.36 -4.11 -54.53
N GLN B 13 43.65 -3.49 -55.66
CA GLN B 13 44.60 -2.38 -55.71
C GLN B 13 43.93 -1.06 -56.10
N ASP B 14 42.60 -0.99 -56.13
CA ASP B 14 41.92 0.25 -56.48
C ASP B 14 42.03 1.22 -55.31
N LEU B 15 42.89 2.23 -55.45
CA LEU B 15 43.11 3.19 -54.37
C LEU B 15 41.89 4.05 -54.08
N ASN B 16 40.90 4.06 -54.98
CA ASN B 16 39.73 4.92 -54.79
C ASN B 16 38.92 4.51 -53.58
N ARG B 17 38.73 3.20 -53.36
CA ARG B 17 37.82 2.73 -52.33
C ARG B 17 38.40 1.67 -51.40
N THR B 18 39.63 1.21 -51.63
CA THR B 18 40.23 0.23 -50.74
C THR B 18 40.46 0.82 -49.35
N GLU B 19 40.10 0.06 -48.32
CA GLU B 19 40.17 0.52 -46.94
C GLU B 19 40.89 -0.49 -46.07
N LEU B 20 41.73 0.01 -45.16
CA LEU B 20 42.40 -0.82 -44.16
C LEU B 20 42.04 -0.32 -42.78
N PHE B 21 41.67 -1.24 -41.89
CA PHE B 21 41.29 -0.92 -40.53
C PHE B 21 42.31 -1.52 -39.57
N LEU B 22 42.87 -0.69 -38.69
CA LEU B 22 43.81 -1.15 -37.68
C LEU B 22 43.02 -1.40 -36.40
N VAL B 23 42.87 -2.67 -36.05
CA VAL B 23 42.05 -3.08 -34.91
C VAL B 23 42.94 -3.49 -33.76
N GLU B 24 42.32 -3.69 -32.60
CA GLU B 24 42.99 -4.09 -31.38
C GLU B 24 43.23 -5.59 -31.44
N GLY B 25 43.49 -6.23 -30.29
CA GLY B 25 43.82 -7.64 -30.24
C GLY B 25 42.93 -8.57 -31.04
N ASP B 26 43.41 -9.81 -31.25
CA ASP B 26 42.75 -10.74 -32.15
C ASP B 26 41.34 -11.11 -31.71
N SER B 27 40.98 -10.88 -30.44
CA SER B 27 39.60 -11.08 -30.03
C SER B 27 38.65 -10.19 -30.83
N ALA B 28 39.00 -8.91 -30.97
CA ALA B 28 38.27 -8.03 -31.87
C ALA B 28 38.65 -8.26 -33.34
N GLY B 29 39.87 -8.75 -33.58
CA GLY B 29 40.30 -8.99 -34.95
C GLY B 29 39.47 -10.03 -35.66
N GLY B 30 39.09 -11.09 -34.95
CA GLY B 30 38.25 -12.10 -35.55
C GLY B 30 36.89 -11.57 -35.96
N SER B 31 36.26 -10.78 -35.09
CA SER B 31 34.97 -10.17 -35.43
C SER B 31 35.11 -9.22 -36.60
N ALA B 32 36.18 -8.42 -36.62
CA ALA B 32 36.39 -7.50 -37.74
C ALA B 32 36.57 -8.25 -39.05
N LYS B 33 37.37 -9.32 -39.03
CA LYS B 33 37.61 -10.08 -40.25
C LYS B 33 36.38 -10.86 -40.68
N GLN B 34 35.51 -11.22 -39.75
CA GLN B 34 34.27 -11.89 -40.11
C GLN B 34 33.23 -10.92 -40.63
N ALA B 35 33.28 -9.66 -40.21
CA ALA B 35 32.32 -8.65 -40.64
C ALA B 35 32.78 -7.83 -41.83
N ARG B 36 33.99 -8.07 -42.33
CA ARG B 36 34.51 -7.21 -43.39
C ARG B 36 33.80 -7.49 -44.70
N ASP B 37 33.78 -6.47 -45.56
CA ASP B 37 33.27 -6.56 -46.92
C ASP B 37 34.41 -6.77 -47.90
N ARG B 38 35.10 -7.90 -47.75
CA ARG B 38 36.33 -8.18 -48.49
C ARG B 38 36.24 -7.82 -49.97
N GLU B 39 37.41 -7.53 -50.56
CA GLU B 39 37.65 -6.92 -51.87
C GLU B 39 37.31 -5.43 -51.82
N TYR B 40 36.64 -5.00 -50.73
CA TYR B 40 36.42 -3.60 -50.42
C TYR B 40 37.25 -3.10 -49.24
N GLN B 41 37.44 -3.95 -48.22
CA GLN B 41 38.11 -3.56 -46.99
C GLN B 41 39.15 -4.59 -46.58
N ALA B 42 40.05 -4.17 -45.68
CA ALA B 42 41.06 -5.04 -45.11
C ALA B 42 41.27 -4.66 -43.65
N ILE B 43 41.78 -5.60 -42.86
CA ILE B 43 41.94 -5.41 -41.43
C ILE B 43 43.30 -5.94 -40.99
N MET B 44 44.04 -5.15 -40.21
CA MET B 44 45.32 -5.56 -39.65
C MET B 44 45.23 -5.52 -38.13
N PRO B 45 45.36 -6.64 -37.44
CA PRO B 45 45.28 -6.63 -35.97
C PRO B 45 46.59 -6.22 -35.33
N LEU B 46 46.47 -5.64 -34.14
CA LEU B 46 47.61 -5.22 -33.34
C LEU B 46 47.58 -5.92 -31.99
N LYS B 47 48.75 -6.31 -31.49
CA LYS B 47 48.86 -7.06 -30.25
C LYS B 47 48.90 -6.12 -29.04
N GLY B 48 47.73 -5.55 -28.75
CA GLY B 48 47.61 -4.67 -27.61
C GLY B 48 48.07 -3.26 -27.91
N LYS B 49 48.60 -2.59 -26.90
CA LYS B 49 49.08 -1.23 -27.07
C LYS B 49 50.40 -1.22 -27.86
N ILE B 50 50.78 -0.04 -28.30
CA ILE B 50 52.03 0.15 -29.04
C ILE B 50 52.92 1.09 -28.24
N LEU B 51 54.12 1.36 -28.78
CA LEU B 51 55.07 2.20 -28.07
C LEU B 51 54.90 3.67 -28.45
N ASN B 52 55.23 4.54 -27.51
CA ASN B 52 55.15 5.98 -27.76
C ASN B 52 56.28 6.41 -28.70
N THR B 53 55.94 6.69 -29.95
CA THR B 53 56.91 7.01 -30.98
C THR B 53 57.23 8.49 -31.06
N TRP B 54 56.63 9.32 -30.19
CA TRP B 54 56.85 10.75 -30.26
C TRP B 54 58.31 11.11 -29.97
N GLU B 55 58.91 10.45 -28.98
CA GLU B 55 60.28 10.74 -28.56
C GLU B 55 61.28 9.73 -29.13
N VAL B 56 61.01 9.17 -30.30
CA VAL B 56 61.90 8.24 -30.97
C VAL B 56 62.18 8.77 -32.37
N SER B 57 63.45 8.66 -32.79
CA SER B 57 63.85 9.19 -34.08
C SER B 57 63.19 8.39 -35.21
N SER B 58 62.99 9.06 -36.35
CA SER B 58 62.34 8.43 -37.48
C SER B 58 63.13 7.26 -38.05
N ASP B 59 64.45 7.22 -37.83
CA ASP B 59 65.25 6.10 -38.29
C ASP B 59 65.25 4.94 -37.31
N GLU B 60 64.95 5.18 -36.04
CA GLU B 60 64.97 4.14 -35.01
C GLU B 60 63.60 3.54 -34.73
N VAL B 61 62.55 3.96 -35.44
CA VAL B 61 61.23 3.39 -35.20
C VAL B 61 61.03 2.15 -36.06
N LEU B 62 62.11 1.68 -36.68
CA LEU B 62 62.12 0.40 -37.38
C LEU B 62 62.83 -0.66 -36.56
N ALA B 63 62.58 -0.68 -35.26
CA ALA B 63 63.27 -1.57 -34.34
C ALA B 63 62.34 -2.66 -33.80
N SER B 64 61.24 -2.26 -33.15
CA SER B 64 60.28 -3.23 -32.64
C SER B 64 59.56 -3.90 -33.80
N GLN B 65 58.53 -4.69 -33.49
CA GLN B 65 57.82 -5.43 -34.52
C GLN B 65 56.45 -4.84 -34.84
N GLU B 66 55.84 -4.11 -33.91
CA GLU B 66 54.51 -3.55 -34.16
C GLU B 66 54.56 -2.48 -35.24
N VAL B 67 55.45 -1.50 -35.08
CA VAL B 67 55.55 -0.44 -36.08
C VAL B 67 56.16 -0.99 -37.36
N HIS B 68 57.01 -2.03 -37.26
CA HIS B 68 57.55 -2.65 -38.46
C HIS B 68 56.45 -3.30 -39.29
N ASP B 69 55.53 -4.02 -38.63
CA ASP B 69 54.39 -4.60 -39.34
C ASP B 69 53.48 -3.51 -39.88
N ILE B 70 53.29 -2.42 -39.12
CA ILE B 70 52.44 -1.33 -39.59
C ILE B 70 53.01 -0.73 -40.86
N SER B 71 54.33 -0.53 -40.92
CA SER B 71 54.94 0.07 -42.10
C SER B 71 54.77 -0.82 -43.32
N VAL B 72 54.97 -2.13 -43.16
CA VAL B 72 54.72 -3.06 -44.26
C VAL B 72 53.22 -3.12 -44.55
N ALA B 73 52.89 -3.57 -45.75
CA ALA B 73 51.50 -3.67 -46.23
C ALA B 73 50.94 -2.30 -46.55
N ILE B 74 51.70 -1.25 -46.26
CA ILE B 74 51.27 0.13 -46.49
C ILE B 74 52.17 0.82 -47.52
N GLY B 75 53.47 0.55 -47.48
CA GLY B 75 54.42 1.03 -48.45
C GLY B 75 55.19 2.28 -48.06
N ILE B 76 54.57 3.19 -47.32
CA ILE B 76 55.21 4.47 -47.01
C ILE B 76 56.26 4.25 -45.92
N ASP B 77 57.52 4.46 -46.26
CA ASP B 77 58.57 4.48 -45.27
C ASP B 77 58.47 5.79 -44.46
N PRO B 78 58.90 5.78 -43.20
CA PRO B 78 58.82 7.02 -42.41
C PRO B 78 59.65 8.12 -43.04
N ASP B 79 59.09 9.34 -43.04
CA ASP B 79 59.74 10.51 -43.63
C ASP B 79 60.11 10.26 -45.09
N SER B 80 59.13 9.71 -45.84
CA SER B 80 59.31 9.33 -47.25
C SER B 80 58.04 9.76 -48.00
N ASP B 81 58.04 10.99 -48.51
CA ASP B 81 56.89 11.57 -49.18
C ASP B 81 56.43 10.77 -50.40
N ASP B 82 57.12 9.68 -50.72
CA ASP B 82 56.74 8.83 -51.85
C ASP B 82 55.49 8.03 -51.51
N LEU B 83 54.37 8.73 -51.35
CA LEU B 83 53.12 8.06 -50.98
C LEU B 83 52.54 7.24 -52.12
N SER B 84 52.55 7.78 -53.34
CA SER B 84 51.82 7.16 -54.43
C SER B 84 52.44 5.87 -54.96
N GLN B 85 53.68 5.54 -54.57
CA GLN B 85 54.26 4.26 -54.94
C GLN B 85 53.34 3.11 -54.51
N LEU B 86 53.20 2.93 -53.20
CA LEU B 86 52.35 1.89 -52.63
C LEU B 86 51.32 2.55 -51.71
N ARG B 87 50.05 2.22 -51.90
CA ARG B 87 49.00 2.83 -51.10
C ARG B 87 47.88 1.84 -50.84
N TYR B 88 47.37 1.84 -49.61
CA TYR B 88 46.22 1.01 -49.25
C TYR B 88 44.93 1.81 -49.25
N GLY B 89 44.97 3.04 -49.77
CA GLY B 89 43.80 3.90 -49.91
C GLY B 89 43.50 4.67 -48.65
N LYS B 90 42.58 4.16 -47.83
CA LYS B 90 42.21 4.80 -46.58
C LYS B 90 42.74 3.96 -45.43
N ILE B 91 43.42 4.61 -44.49
CA ILE B 91 43.98 3.96 -43.31
C ILE B 91 43.11 4.36 -42.13
N CYS B 92 42.55 3.37 -41.43
CA CYS B 92 41.60 3.64 -40.36
C CYS B 92 42.04 3.02 -39.04
N ILE B 93 41.70 3.73 -37.97
CA ILE B 93 41.97 3.28 -36.60
C ILE B 93 40.65 2.82 -36.02
N LEU B 94 40.57 1.52 -35.71
CA LEU B 94 39.36 0.91 -35.14
C LEU B 94 39.69 0.47 -33.72
N ALA B 95 39.50 1.39 -32.77
CA ALA B 95 39.71 1.11 -31.36
C ALA B 95 38.39 1.29 -30.62
N ASP B 96 38.21 0.52 -29.55
CA ASP B 96 36.98 0.57 -28.79
C ASP B 96 36.83 1.92 -28.09
N ALA B 97 35.58 2.24 -27.75
CA ALA B 97 35.26 3.50 -27.10
C ALA B 97 35.76 3.56 -25.66
N ASP B 98 36.28 2.46 -25.12
CA ASP B 98 36.85 2.47 -23.78
C ASP B 98 38.07 3.38 -23.73
N SER B 99 38.42 3.82 -22.52
CA SER B 99 39.53 4.75 -22.34
C SER B 99 40.84 4.18 -22.87
N ASP B 100 41.06 2.88 -22.69
CA ASP B 100 42.27 2.25 -23.21
C ASP B 100 42.29 2.29 -24.74
N GLY B 101 41.13 2.09 -25.37
CA GLY B 101 41.06 2.24 -26.81
C GLY B 101 41.38 3.66 -27.26
N LEU B 102 40.94 4.65 -26.51
CA LEU B 102 41.30 6.03 -26.82
C LEU B 102 42.80 6.25 -26.66
N HIS B 103 43.41 5.63 -25.65
CA HIS B 103 44.86 5.70 -25.50
C HIS B 103 45.59 5.08 -26.68
N ILE B 104 45.11 3.92 -27.14
CA ILE B 104 45.70 3.26 -28.31
C ILE B 104 45.54 4.14 -29.55
N ALA B 105 44.36 4.76 -29.70
CA ALA B 105 44.15 5.65 -30.83
C ALA B 105 45.09 6.86 -30.77
N THR B 106 45.32 7.40 -29.57
CA THR B 106 46.25 8.51 -29.42
C THR B 106 47.66 8.11 -29.78
N LEU B 107 48.09 6.92 -29.35
CA LEU B 107 49.41 6.43 -29.69
C LEU B 107 49.56 6.23 -31.20
N LEU B 108 48.53 5.66 -31.83
CA LEU B 108 48.57 5.48 -33.29
C LEU B 108 48.62 6.83 -34.00
N CYS B 109 47.89 7.82 -33.49
CA CYS B 109 47.93 9.15 -34.07
C CYS B 109 49.32 9.76 -33.93
N ALA B 110 49.96 9.55 -32.78
CA ALA B 110 51.33 10.02 -32.60
C ALA B 110 52.28 9.37 -33.60
N LEU B 111 52.13 8.06 -33.81
CA LEU B 111 52.96 7.38 -34.80
C LEU B 111 52.72 7.92 -36.20
N PHE B 112 51.46 8.21 -36.53
CA PHE B 112 51.12 8.73 -37.85
C PHE B 112 51.55 10.19 -38.03
N VAL B 113 51.72 10.93 -36.95
CA VAL B 113 52.12 12.34 -37.06
C VAL B 113 53.63 12.50 -37.09
N ARG B 114 54.33 11.88 -36.14
CA ARG B 114 55.78 12.10 -36.05
C ARG B 114 56.54 11.45 -37.20
N HIS B 115 55.96 10.44 -37.86
CA HIS B 115 56.68 9.72 -38.89
C HIS B 115 55.94 9.61 -40.22
N PHE B 116 54.63 9.87 -40.26
CA PHE B 116 53.84 9.74 -41.48
C PHE B 116 53.00 10.99 -41.71
N ARG B 117 53.63 12.16 -41.58
CA ARG B 117 52.91 13.42 -41.71
C ARG B 117 52.25 13.56 -43.07
N THR B 118 52.83 12.97 -44.11
CA THR B 118 52.22 13.02 -45.43
C THR B 118 50.90 12.28 -45.47
N LEU B 119 50.80 11.15 -44.75
CA LEU B 119 49.56 10.39 -44.73
C LEU B 119 48.41 11.12 -44.03
N VAL B 120 48.71 12.18 -43.30
CA VAL B 120 47.67 13.00 -42.66
C VAL B 120 47.42 14.28 -43.43
N LYS B 121 48.49 14.90 -43.96
CA LYS B 121 48.31 16.09 -44.79
C LYS B 121 47.54 15.77 -46.05
N GLU B 122 47.83 14.63 -46.68
CA GLU B 122 47.10 14.22 -47.88
C GLU B 122 45.64 13.88 -47.57
N GLY B 123 45.35 13.49 -46.33
CA GLY B 123 43.99 13.14 -45.97
C GLY B 123 43.67 11.68 -46.22
N HIS B 124 44.35 10.78 -45.51
CA HIS B 124 44.12 9.35 -45.65
C HIS B 124 43.99 8.64 -44.31
N VAL B 125 43.92 9.38 -43.21
CA VAL B 125 43.79 8.81 -41.87
C VAL B 125 42.38 9.05 -41.36
N TYR B 126 41.70 7.97 -40.97
CA TYR B 126 40.35 8.02 -40.45
C TYR B 126 40.31 7.28 -39.13
N VAL B 127 39.36 7.65 -38.28
CA VAL B 127 39.13 6.99 -37.00
C VAL B 127 37.67 6.54 -36.97
N ALA B 128 37.45 5.29 -36.55
CA ALA B 128 36.10 4.80 -36.37
C ALA B 128 35.56 5.25 -35.01
N LEU B 129 34.25 5.46 -34.96
CA LEU B 129 33.56 5.91 -33.74
C LEU B 129 32.60 4.81 -33.31
N PRO B 130 33.09 3.75 -32.69
CA PRO B 130 32.21 2.64 -32.30
C PRO B 130 31.42 2.99 -31.05
N PRO B 131 30.21 2.45 -30.92
CA PRO B 131 29.43 2.65 -29.71
C PRO B 131 29.89 1.75 -28.58
N LEU B 132 29.64 2.19 -27.35
CA LEU B 132 29.96 1.40 -26.17
C LEU B 132 28.74 0.87 -25.44
N TYR B 133 27.59 1.53 -25.57
CA TYR B 133 26.36 1.11 -24.89
C TYR B 133 25.27 0.85 -25.92
N ARG B 134 24.49 -0.20 -25.67
CA ARG B 134 23.38 -0.58 -26.54
C ARG B 134 22.11 -0.84 -25.74
N ILE B 135 20.99 -0.37 -26.27
CA ILE B 135 19.67 -0.63 -25.69
C ILE B 135 19.06 -1.73 -26.55
N ASP B 136 18.65 -2.84 -25.92
CA ASP B 136 18.28 -4.04 -26.66
C ASP B 136 16.89 -4.58 -26.39
N LEU B 137 16.01 -3.83 -25.73
CA LEU B 137 14.64 -4.31 -25.54
C LEU B 137 13.79 -3.77 -26.67
N GLY B 138 13.64 -4.58 -27.72
CA GLY B 138 13.06 -4.18 -28.98
C GLY B 138 13.58 -5.06 -30.09
N LYS B 139 12.73 -5.43 -31.05
CA LYS B 139 13.18 -6.25 -32.18
C LYS B 139 13.65 -5.42 -33.37
N GLU B 140 14.22 -4.25 -33.13
CA GLU B 140 14.75 -3.40 -34.19
C GLU B 140 16.18 -3.00 -33.83
N VAL B 141 17.09 -3.12 -34.78
CA VAL B 141 18.50 -2.86 -34.50
C VAL B 141 18.68 -1.39 -34.17
N TYR B 142 19.18 -1.10 -32.96
CA TYR B 142 19.46 0.25 -32.51
C TYR B 142 20.81 0.31 -31.84
N TYR B 143 21.55 1.41 -32.06
CA TYR B 143 22.83 1.62 -31.40
C TYR B 143 22.87 3.01 -30.79
N ALA B 144 23.41 3.09 -29.57
CA ALA B 144 23.60 4.33 -28.83
C ALA B 144 25.01 4.88 -29.10
N LEU B 145 25.45 5.83 -28.28
CA LEU B 145 26.74 6.49 -28.42
C LEU B 145 27.68 6.06 -27.29
N THR B 146 28.84 6.71 -27.22
CA THR B 146 29.89 6.35 -26.27
C THR B 146 29.82 7.16 -24.98
N GLU B 147 30.58 6.68 -23.98
CA GLU B 147 30.80 7.33 -22.69
C GLU B 147 29.53 7.48 -21.84
N GLU B 148 29.68 8.18 -20.71
CA GLU B 148 28.63 8.44 -19.73
C GLU B 148 27.61 9.42 -20.24
N GLU B 149 27.71 9.65 -21.55
CA GLU B 149 26.69 10.35 -22.31
C GLU B 149 25.75 9.35 -22.97
N LYS B 150 25.67 8.13 -22.42
CA LYS B 150 24.66 7.16 -22.83
C LYS B 150 23.31 7.46 -22.21
N THR B 151 23.32 8.02 -20.99
CA THR B 151 22.08 8.40 -20.32
C THR B 151 21.48 9.65 -20.95
N GLY B 152 22.19 10.78 -20.84
CA GLY B 152 21.76 12.04 -21.43
C GLY B 152 21.22 11.95 -22.85
N VAL B 153 22.06 11.53 -23.80
CA VAL B 153 21.60 11.38 -25.17
C VAL B 153 20.56 10.27 -25.30
N LEU B 154 20.60 9.29 -24.41
CA LEU B 154 19.62 8.19 -24.38
C LEU B 154 19.76 7.44 -25.71
N GLU B 155 18.69 7.19 -26.43
CA GLU B 155 18.70 6.46 -27.69
C GLU B 155 17.34 6.70 -28.35
N GLN B 156 17.07 5.96 -29.42
CA GLN B 156 15.75 5.98 -30.04
C GLN B 156 14.84 5.11 -29.18
N LEU B 157 14.09 5.75 -28.29
CA LEU B 157 13.19 5.07 -27.38
C LEU B 157 11.77 5.15 -27.91
N LYS B 158 11.28 4.04 -28.45
CA LYS B 158 9.90 3.93 -28.91
C LYS B 158 9.04 3.41 -27.77
N ARG B 159 7.74 3.27 -28.03
CA ARG B 159 6.79 2.76 -27.03
C ARG B 159 5.97 1.65 -27.67
N LYS B 160 6.58 0.47 -27.80
CA LYS B 160 5.85 -0.73 -28.21
C LYS B 160 5.87 -1.77 -27.09
N LYS B 161 7.03 -2.35 -26.77
CA LYS B 161 7.16 -3.29 -25.67
C LYS B 161 8.43 -2.97 -24.90
N GLY B 162 8.45 -3.40 -23.63
CA GLY B 162 9.67 -3.37 -22.85
C GLY B 162 10.02 -2.04 -22.21
N LYS B 163 11.21 -2.04 -21.61
CA LYS B 163 11.80 -0.95 -20.84
C LYS B 163 13.28 -0.90 -21.21
N PRO B 164 13.90 0.28 -21.24
CA PRO B 164 15.30 0.34 -21.68
C PRO B 164 16.21 -0.52 -20.82
N ASN B 165 17.16 -1.17 -21.49
CA ASN B 165 18.17 -2.03 -20.90
C ASN B 165 19.54 -1.55 -21.38
N VAL B 166 20.53 -1.58 -20.50
CA VAL B 166 21.86 -1.06 -20.82
C VAL B 166 22.84 -2.22 -20.91
N GLN B 167 23.58 -2.26 -22.00
CA GLN B 167 24.64 -3.24 -22.25
C GLN B 167 25.92 -2.50 -22.61
N ARG B 168 27.00 -2.77 -21.90
CA ARG B 168 28.27 -2.12 -22.15
C ARG B 168 29.06 -2.97 -23.13
N PHE B 169 29.33 -2.42 -24.32
CA PHE B 169 30.07 -3.12 -25.37
C PHE B 169 31.55 -3.24 -25.04
N LYS B 170 31.88 -3.97 -23.98
CA LYS B 170 33.27 -4.23 -23.58
C LYS B 170 34.17 -4.40 -24.80
N GLY B 171 35.18 -3.55 -24.89
CA GLY B 171 36.11 -3.55 -26.00
C GLY B 171 35.38 -3.54 -27.34
N LEU B 172 35.85 -4.39 -28.26
CA LEU B 172 35.13 -4.65 -29.50
C LEU B 172 34.68 -6.09 -29.67
N GLY B 173 35.27 -7.04 -28.94
CA GLY B 173 34.96 -8.44 -29.14
C GLY B 173 33.52 -8.81 -28.83
N GLU B 174 32.92 -8.16 -27.84
CA GLU B 174 31.54 -8.47 -27.48
C GLU B 174 30.56 -8.15 -28.60
N MET B 175 30.90 -7.23 -29.50
CA MET B 175 30.01 -6.92 -30.60
C MET B 175 29.86 -8.11 -31.53
N ASN B 176 28.63 -8.38 -31.93
CA ASN B 176 28.39 -9.41 -32.93
C ASN B 176 28.91 -8.93 -34.28
N PRO B 177 29.36 -9.86 -35.14
CA PRO B 177 29.92 -9.43 -36.44
C PRO B 177 28.97 -8.57 -37.25
N MET B 178 27.67 -8.89 -37.27
CA MET B 178 26.72 -8.04 -38.00
C MET B 178 26.60 -6.68 -37.34
N GLN B 179 26.60 -6.64 -36.00
CA GLN B 179 26.56 -5.36 -35.30
C GLN B 179 27.81 -4.54 -35.59
N LEU B 180 28.98 -5.19 -35.61
CA LEU B 180 30.22 -4.49 -35.95
C LEU B 180 30.15 -3.93 -37.37
N ARG B 181 29.61 -4.71 -38.30
CA ARG B 181 29.47 -4.24 -39.68
C ARG B 181 28.56 -3.00 -39.74
N GLU B 182 27.42 -3.06 -39.06
CA GLU B 182 26.50 -1.92 -39.09
C GLU B 182 27.11 -0.69 -38.41
N THR B 183 27.91 -0.89 -37.37
CA THR B 183 28.40 0.26 -36.61
C THR B 183 29.61 0.91 -37.27
N THR B 184 30.63 0.11 -37.62
CA THR B 184 31.92 0.68 -38.00
C THR B 184 32.49 0.12 -39.31
N LEU B 185 31.75 -0.70 -40.03
CA LEU B 185 32.29 -1.28 -41.25
C LEU B 185 31.47 -1.02 -42.50
N ASP B 186 30.14 -1.05 -42.40
CA ASP B 186 29.31 -0.81 -43.58
C ASP B 186 29.21 0.69 -43.83
N PRO B 187 29.68 1.19 -44.97
CA PRO B 187 29.72 2.65 -45.18
C PRO B 187 28.35 3.31 -45.14
N ASN B 188 27.28 2.57 -45.40
CA ASN B 188 25.95 3.17 -45.38
C ASN B 188 25.55 3.63 -43.98
N THR B 189 26.07 2.99 -42.94
CA THR B 189 25.78 3.37 -41.56
C THR B 189 27.02 3.55 -40.69
N ARG B 190 28.21 3.41 -41.25
CA ARG B 190 29.44 3.55 -40.47
C ARG B 190 29.65 4.99 -40.05
N ARG B 191 30.32 5.16 -38.91
CA ARG B 191 30.66 6.49 -38.38
C ARG B 191 32.18 6.66 -38.45
N LEU B 192 32.69 6.91 -39.65
CA LEU B 192 34.10 7.22 -39.84
C LEU B 192 34.33 8.72 -39.80
N VAL B 193 35.43 9.14 -39.17
CA VAL B 193 35.78 10.54 -39.08
C VAL B 193 37.19 10.72 -39.63
N GLN B 194 37.35 11.59 -40.63
CA GLN B 194 38.67 11.85 -41.20
C GLN B 194 39.46 12.78 -40.29
N LEU B 195 40.62 12.32 -39.83
CA LEU B 195 41.48 13.12 -38.97
C LEU B 195 42.40 13.96 -39.85
N VAL B 196 42.23 15.28 -39.81
CA VAL B 196 42.94 16.19 -40.70
C VAL B 196 43.74 17.17 -39.86
N ILE B 197 45.02 17.32 -40.20
CA ILE B 197 45.89 18.33 -39.61
C ILE B 197 45.97 19.48 -40.62
N SER B 198 45.14 20.49 -40.43
CA SER B 198 45.18 21.65 -41.32
C SER B 198 46.43 22.49 -41.06
N ASP B 199 46.88 23.18 -42.11
CA ASP B 199 48.08 24.00 -42.00
C ASP B 199 47.89 25.19 -41.07
N GLU B 200 46.65 25.62 -40.84
CA GLU B 200 46.43 26.76 -39.96
C GLU B 200 46.69 26.40 -38.50
N ASP B 201 46.39 25.17 -38.10
CA ASP B 201 46.54 24.73 -36.72
C ASP B 201 47.65 23.70 -36.54
N GLU B 202 48.49 23.49 -37.56
CA GLU B 202 49.52 22.47 -37.50
C GLU B 202 50.46 22.70 -36.31
N GLN B 203 50.90 23.94 -36.12
CA GLN B 203 51.77 24.26 -34.99
C GLN B 203 51.05 23.95 -33.66
N GLN B 204 49.76 24.28 -33.59
CA GLN B 204 48.99 23.98 -32.39
C GLN B 204 48.90 22.48 -32.15
N THR B 205 48.69 21.70 -33.22
CA THR B 205 48.62 20.25 -33.08
C THR B 205 49.94 19.70 -32.55
N THR B 206 51.07 20.15 -33.12
CA THR B 206 52.36 19.69 -32.65
C THR B 206 52.60 20.07 -31.19
N ALA B 207 52.22 21.29 -30.81
CA ALA B 207 52.39 21.72 -29.42
C ALA B 207 51.57 20.87 -28.47
N ILE B 208 50.31 20.59 -28.83
CA ILE B 208 49.45 19.78 -27.96
C ILE B 208 49.99 18.37 -27.83
N MET B 209 50.39 17.77 -28.96
CA MET B 209 50.92 16.41 -28.92
C MET B 209 52.21 16.34 -28.11
N ASP B 210 53.08 17.35 -28.23
CA ASP B 210 54.28 17.39 -27.41
C ASP B 210 53.95 17.52 -25.93
N MET B 211 52.93 18.32 -25.60
CA MET B 211 52.50 18.43 -24.21
C MET B 211 51.99 17.08 -23.70
N LEU B 212 51.30 16.34 -24.55
CA LEU B 212 50.68 15.09 -24.15
C LEU B 212 51.68 13.96 -24.02
N LEU B 213 52.47 13.72 -25.08
CA LEU B 213 53.29 12.52 -25.17
C LEU B 213 54.78 12.80 -25.02
N ALA B 214 55.16 13.50 -23.96
CA ALA B 214 56.56 13.78 -23.65
C ALA B 214 56.89 13.24 -22.27
N LYS B 215 58.02 12.55 -22.15
CA LYS B 215 58.40 11.91 -20.90
C LYS B 215 58.74 12.90 -19.80
N LYS B 216 59.11 14.14 -20.14
CA LYS B 216 59.57 15.11 -19.16
C LYS B 216 58.54 16.19 -18.84
N ARG B 217 57.54 16.37 -19.70
CA ARG B 217 56.53 17.42 -19.56
C ARG B 217 55.39 17.04 -18.62
N SER B 218 55.55 15.98 -17.81
CA SER B 218 54.47 15.51 -16.93
C SER B 218 53.89 16.62 -16.06
N GLU B 219 54.71 17.56 -15.60
CA GLU B 219 54.19 18.68 -14.83
C GLU B 219 53.16 19.48 -15.63
N ASP B 220 53.46 19.74 -16.91
CA ASP B 220 52.50 20.49 -17.70
C ASP B 220 51.29 19.63 -18.02
N ARG B 221 51.40 18.31 -17.88
CA ARG B 221 50.21 17.47 -17.99
C ARG B 221 49.37 17.54 -16.73
N ARG B 222 49.99 17.69 -15.56
CA ARG B 222 49.20 17.92 -14.35
C ARG B 222 48.45 19.24 -14.44
N ASN B 223 49.12 20.28 -14.93
CA ASN B 223 48.45 21.57 -15.10
C ASN B 223 47.32 21.47 -16.13
N TRP B 224 47.57 20.79 -17.25
CA TRP B 224 46.54 20.58 -18.25
C TRP B 224 45.35 19.84 -17.67
N LEU B 225 45.61 18.75 -16.94
CA LEU B 225 44.51 17.97 -16.38
C LEU B 225 43.68 18.80 -15.41
N GLN B 226 44.33 19.51 -14.49
CA GLN B 226 43.57 20.31 -13.53
C GLN B 226 42.72 21.36 -14.24
N GLU B 227 43.34 22.18 -15.09
CA GLU B 227 42.61 23.27 -15.72
C GLU B 227 41.51 22.75 -16.64
N LYS B 228 41.87 21.84 -17.55
CA LYS B 228 40.91 21.34 -18.52
C LYS B 228 39.77 20.58 -17.84
N GLY B 229 40.07 19.72 -16.87
CA GLY B 229 39.00 18.99 -16.22
C GLY B 229 38.04 19.91 -15.49
N ASP B 230 38.58 20.86 -14.72
CA ASP B 230 37.67 21.74 -13.98
C ASP B 230 36.82 22.59 -14.92
N MET B 231 37.43 23.25 -15.91
CA MET B 231 36.62 24.15 -16.72
C MET B 231 35.73 23.42 -17.72
N ALA B 232 36.17 22.25 -18.23
CA ALA B 232 35.33 21.48 -19.13
C ALA B 232 34.15 20.83 -18.42
N ASP B 233 34.34 20.41 -17.17
CA ASP B 233 33.21 19.86 -16.42
C ASP B 233 32.41 20.93 -15.70
N LEU B 234 32.83 22.19 -15.79
CA LEU B 234 32.01 23.30 -15.32
C LEU B 234 31.23 23.97 -16.45
N GLU B 235 31.72 23.87 -17.69
CA GLU B 235 31.03 24.51 -18.80
C GLU B 235 29.84 23.69 -19.29
N VAL B 236 30.12 22.49 -19.82
CA VAL B 236 29.13 21.54 -20.37
C VAL B 236 27.69 21.75 -19.91
N MET B 239 28.33 14.72 -29.37
CA MET B 239 29.28 14.38 -30.44
C MET B 239 29.53 15.61 -31.30
N SER B 240 30.34 15.46 -32.34
CA SER B 240 30.72 16.60 -33.19
C SER B 240 29.73 16.82 -34.33
N ASP B 241 28.45 16.89 -33.98
CA ASP B 241 27.34 17.19 -34.88
C ASP B 241 27.43 16.46 -36.23
N MET B 242 27.49 15.13 -36.16
CA MET B 242 27.52 14.26 -37.34
C MET B 242 28.45 14.79 -38.41
N ALA B 243 29.75 14.76 -38.16
CA ALA B 243 30.74 15.36 -39.05
C ALA B 243 31.56 14.28 -39.76
N GLU B 244 32.14 14.68 -40.88
CA GLU B 244 32.97 13.83 -41.71
C GLU B 244 34.46 14.13 -41.56
N ARG B 245 34.81 15.11 -40.73
CA ARG B 245 36.21 15.51 -40.56
C ARG B 245 36.37 16.16 -39.20
N LEU B 246 37.56 15.97 -38.62
CA LEU B 246 37.87 16.51 -37.30
C LEU B 246 39.36 16.75 -37.24
N ALA B 247 39.77 17.74 -36.46
CA ALA B 247 41.18 18.09 -36.33
C ALA B 247 41.85 17.23 -35.26
N LEU B 248 43.11 16.87 -35.51
CA LEU B 248 43.82 15.99 -34.59
C LEU B 248 44.05 16.65 -33.23
N HIS B 249 44.25 17.97 -33.20
CA HIS B 249 44.48 18.66 -31.94
C HIS B 249 43.30 18.51 -30.98
N GLU B 250 42.09 18.31 -31.53
CA GLU B 250 40.92 18.07 -30.70
C GLU B 250 40.78 16.61 -30.32
N PHE B 251 40.90 15.70 -31.30
CA PHE B 251 40.69 14.29 -31.06
C PHE B 251 41.72 13.74 -30.07
N THR B 252 43.00 14.03 -30.30
CA THR B 252 44.04 13.52 -29.42
C THR B 252 43.88 14.10 -28.02
N GLU B 253 43.56 15.39 -27.91
CA GLU B 253 43.37 16.01 -26.61
C GLU B 253 42.23 15.35 -25.85
N ASN B 254 41.09 15.16 -26.50
CA ASN B 254 39.95 14.54 -25.82
C ASN B 254 40.23 13.09 -25.43
N ALA B 255 40.84 12.32 -26.33
CA ALA B 255 41.13 10.92 -26.03
C ALA B 255 42.11 10.79 -24.87
N TYR B 256 43.17 11.61 -24.88
CA TYR B 256 44.13 11.55 -23.79
C TYR B 256 43.55 12.07 -22.49
N LEU B 257 42.64 13.05 -22.56
CA LEU B 257 41.93 13.50 -21.37
C LEU B 257 41.13 12.35 -20.76
N ASN B 258 40.37 11.64 -21.60
CA ASN B 258 39.57 10.54 -21.10
C ASN B 258 40.44 9.46 -20.48
N TYR B 259 41.52 9.07 -21.16
CA TYR B 259 42.39 8.02 -20.63
C TYR B 259 43.07 8.47 -19.34
N SER B 260 43.57 9.70 -19.29
CA SER B 260 44.25 10.18 -18.09
C SER B 260 43.30 10.26 -16.90
N MET B 261 42.09 10.78 -17.11
CA MET B 261 41.13 10.84 -16.02
C MET B 261 40.74 9.45 -15.55
N TYR B 262 40.52 8.52 -16.49
CA TYR B 262 40.17 7.16 -16.10
C TYR B 262 41.28 6.50 -15.30
N VAL B 263 42.54 6.69 -15.72
CA VAL B 263 43.65 6.07 -15.00
C VAL B 263 43.82 6.72 -13.63
N ILE B 264 43.61 8.03 -13.54
CA ILE B 264 43.81 8.73 -12.27
C ILE B 264 42.74 8.34 -11.26
N MET B 265 41.47 8.33 -11.69
CA MET B 265 40.37 8.19 -10.74
C MET B 265 39.78 6.79 -10.69
N ASP B 266 40.24 5.86 -11.53
CA ASP B 266 39.65 4.53 -11.57
C ASP B 266 40.65 3.40 -11.75
N ARG B 267 41.95 3.68 -11.85
CA ARG B 267 42.87 2.58 -12.07
C ARG B 267 44.06 2.54 -11.12
N ALA B 268 44.62 3.70 -10.77
CA ALA B 268 45.92 3.73 -10.09
C ALA B 268 45.94 4.51 -8.79
N LEU B 269 44.98 5.38 -8.53
CA LEU B 269 45.06 6.13 -7.28
C LEU B 269 44.05 5.61 -6.27
N PRO B 270 44.46 5.37 -5.04
CA PRO B 270 43.53 4.88 -4.03
C PRO B 270 42.63 5.98 -3.49
N PHE B 271 41.55 5.55 -2.85
CA PHE B 271 40.62 6.45 -2.17
C PHE B 271 41.06 6.63 -0.73
N ILE B 272 40.94 7.85 -0.22
CA ILE B 272 41.51 8.17 1.09
C ILE B 272 40.81 7.36 2.19
N GLY B 273 39.51 7.13 2.04
CA GLY B 273 38.75 6.42 3.06
C GLY B 273 39.20 4.99 3.29
N ASP B 274 38.99 4.12 2.29
CA ASP B 274 39.34 2.71 2.42
C ASP B 274 40.76 2.39 1.98
N GLY B 275 41.46 3.33 1.38
CA GLY B 275 42.83 3.08 0.93
C GLY B 275 42.94 2.00 -0.13
N LEU B 276 41.98 1.95 -1.06
CA LEU B 276 41.94 0.90 -2.06
C LEU B 276 41.73 1.50 -3.45
N LYS B 277 42.38 0.91 -4.44
CA LYS B 277 42.08 1.19 -5.83
C LYS B 277 40.83 0.42 -6.24
N PRO B 278 40.13 0.89 -7.29
CA PRO B 278 38.84 0.26 -7.63
C PRO B 278 38.91 -1.25 -7.85
N VAL B 279 39.97 -1.75 -8.48
CA VAL B 279 40.07 -3.19 -8.73
C VAL B 279 40.15 -3.93 -7.41
N GLN B 280 40.94 -3.42 -6.45
CA GLN B 280 41.04 -4.06 -5.15
C GLN B 280 39.70 -4.05 -4.42
N ARG B 281 38.98 -2.93 -4.48
CA ARG B 281 37.68 -2.85 -3.84
C ARG B 281 36.70 -3.86 -4.44
N ARG B 282 36.69 -3.97 -5.77
CA ARG B 282 35.79 -4.93 -6.41
C ARG B 282 36.17 -6.35 -6.04
N ILE B 283 37.47 -6.65 -5.96
CA ILE B 283 37.91 -7.98 -5.57
C ILE B 283 37.41 -8.31 -4.16
N VAL B 284 37.61 -7.38 -3.22
CA VAL B 284 37.20 -7.64 -1.84
C VAL B 284 35.69 -7.78 -1.74
N TYR B 285 34.94 -6.92 -2.44
CA TYR B 285 33.48 -7.01 -2.39
C TYR B 285 32.98 -8.32 -2.99
N ALA B 286 33.57 -8.75 -4.11
CA ALA B 286 33.15 -10.01 -4.73
C ALA B 286 33.48 -11.20 -3.83
N MET B 287 34.63 -11.15 -3.15
CA MET B 287 34.95 -12.22 -2.21
C MET B 287 33.96 -12.25 -1.05
N SER B 288 33.56 -11.08 -0.54
CA SER B 288 32.57 -11.05 0.54
C SER B 288 31.23 -11.59 0.06
N GLU B 289 30.81 -11.22 -1.15
CA GLU B 289 29.56 -11.73 -1.69
C GLU B 289 29.64 -13.23 -1.98
N LEU B 290 30.84 -13.78 -2.11
CA LEU B 290 31.03 -15.21 -2.28
C LEU B 290 31.05 -15.95 -0.94
N GLY B 291 30.89 -15.24 0.17
CA GLY B 291 30.94 -15.87 1.48
C GLY B 291 32.33 -16.24 1.95
N LEU B 292 33.36 -15.67 1.35
CA LEU B 292 34.75 -16.01 1.69
C LEU B 292 35.24 -15.18 2.88
N ASN B 293 34.54 -15.33 4.00
CA ASN B 293 34.94 -14.65 5.21
C ASN B 293 36.16 -15.33 5.83
N ALA B 294 36.76 -14.65 6.81
CA ALA B 294 37.98 -15.18 7.43
C ALA B 294 37.74 -16.51 8.12
N SER B 295 36.52 -16.75 8.61
CA SER B 295 36.19 -18.01 9.27
C SER B 295 35.66 -19.06 8.31
N ALA B 296 35.44 -18.71 7.05
CA ALA B 296 34.85 -19.64 6.09
C ALA B 296 35.93 -20.54 5.49
N LYS B 297 35.50 -21.47 4.65
CA LYS B 297 36.40 -22.37 3.96
C LYS B 297 36.91 -21.72 2.67
N PHE B 298 38.12 -22.15 2.27
CA PHE B 298 38.72 -21.63 1.06
C PHE B 298 37.93 -22.03 -0.18
N LYS B 299 38.00 -21.18 -1.20
CA LYS B 299 37.37 -21.45 -2.49
C LYS B 299 38.35 -21.08 -3.60
N LYS B 300 38.18 -21.72 -4.75
CA LYS B 300 39.09 -21.52 -5.87
C LYS B 300 39.11 -20.06 -6.31
N SER B 301 40.31 -19.53 -6.51
CA SER B 301 40.46 -18.14 -6.94
C SER B 301 39.89 -17.91 -8.34
N ALA B 302 39.71 -18.98 -9.12
CA ALA B 302 39.10 -18.83 -10.44
C ALA B 302 37.69 -18.29 -10.33
N ARG B 303 36.91 -18.80 -9.38
CA ARG B 303 35.55 -18.29 -9.18
C ARG B 303 35.57 -16.83 -8.76
N THR B 304 36.50 -16.44 -7.90
CA THR B 304 36.60 -15.04 -7.48
C THR B 304 36.92 -14.14 -8.66
N VAL B 305 37.88 -14.55 -9.49
CA VAL B 305 38.25 -13.75 -10.65
C VAL B 305 37.09 -13.65 -11.63
N GLY B 306 36.39 -14.77 -11.86
CA GLY B 306 35.23 -14.74 -12.74
C GLY B 306 34.13 -13.84 -12.23
N ASP B 307 33.86 -13.88 -10.92
CA ASP B 307 32.86 -13.00 -10.34
C ASP B 307 33.26 -11.55 -10.49
N VAL B 308 34.53 -11.23 -10.22
CA VAL B 308 35.00 -9.85 -10.35
C VAL B 308 34.84 -9.38 -11.79
N LEU B 309 35.19 -10.22 -12.76
CA LEU B 309 35.15 -9.80 -14.16
C LEU B 309 33.73 -9.69 -14.67
N GLY B 310 32.86 -10.61 -14.27
CA GLY B 310 31.49 -10.62 -14.75
C GLY B 310 30.51 -9.74 -14.00
N LYS B 311 30.90 -9.22 -12.85
CA LYS B 311 30.01 -8.39 -12.05
C LYS B 311 30.45 -6.93 -11.94
N TYR B 312 31.72 -6.66 -11.69
CA TYR B 312 32.11 -5.29 -11.38
C TYR B 312 33.25 -4.74 -12.23
N HIS B 313 34.23 -5.57 -12.57
CA HIS B 313 35.44 -5.07 -13.22
C HIS B 313 35.47 -5.46 -14.69
N PRO B 314 35.33 -4.51 -15.61
CA PRO B 314 35.39 -4.83 -17.05
C PRO B 314 36.81 -4.73 -17.62
N HIS B 315 37.70 -5.58 -17.10
CA HIS B 315 39.10 -5.56 -17.49
C HIS B 315 39.61 -6.99 -17.53
N GLY B 316 40.93 -7.14 -17.65
CA GLY B 316 41.49 -8.46 -17.84
C GLY B 316 41.56 -9.28 -16.57
N ASP B 317 41.65 -10.60 -16.77
CA ASP B 317 41.73 -11.52 -15.64
C ASP B 317 43.11 -11.48 -14.98
N SER B 318 44.17 -11.38 -15.79
CA SER B 318 45.52 -11.47 -15.25
C SER B 318 45.82 -10.32 -14.30
N ALA B 319 45.43 -9.09 -14.67
CA ALA B 319 45.67 -7.95 -13.79
C ALA B 319 44.92 -8.09 -12.48
N CYS B 320 43.66 -8.54 -12.55
CA CYS B 320 42.87 -8.74 -11.34
C CYS B 320 43.52 -9.79 -10.44
N TYR B 321 43.97 -10.90 -11.02
CA TYR B 321 44.61 -11.94 -10.23
C TYR B 321 45.92 -11.45 -9.63
N GLU B 322 46.68 -10.65 -10.38
CA GLU B 322 47.92 -10.09 -9.84
C GLU B 322 47.63 -9.17 -8.65
N ALA B 323 46.59 -8.36 -8.75
CA ALA B 323 46.21 -7.50 -7.63
C ALA B 323 45.80 -8.33 -6.42
N MET B 324 45.04 -9.41 -6.65
CA MET B 324 44.66 -10.30 -5.55
C MET B 324 45.88 -10.93 -4.90
N VAL B 325 46.83 -11.40 -5.71
CA VAL B 325 48.03 -12.04 -5.16
C VAL B 325 48.84 -11.02 -4.35
N LEU B 326 48.98 -9.80 -4.87
CA LEU B 326 49.70 -8.77 -4.13
C LEU B 326 49.01 -8.48 -2.80
N MET B 327 47.68 -8.40 -2.80
CA MET B 327 46.95 -8.23 -1.55
C MET B 327 47.08 -9.43 -0.62
N ALA B 328 47.42 -10.60 -1.16
CA ALA B 328 47.53 -11.82 -0.36
C ALA B 328 48.95 -12.11 0.11
N GLN B 329 49.96 -11.52 -0.50
CA GLN B 329 51.34 -11.85 -0.17
C GLN B 329 51.78 -11.14 1.09
N PRO B 330 52.20 -11.86 2.14
CA PRO B 330 52.67 -11.19 3.36
C PRO B 330 53.89 -10.30 3.13
N PHE B 331 54.76 -10.66 2.18
CA PHE B 331 55.95 -9.87 1.93
C PHE B 331 55.67 -8.65 1.05
N SER B 332 54.46 -8.49 0.55
CA SER B 332 54.07 -7.32 -0.24
C SER B 332 53.12 -6.40 0.50
N TYR B 333 52.17 -6.94 1.24
CA TYR B 333 51.22 -6.15 2.02
C TYR B 333 51.56 -6.26 3.49
N ARG B 334 51.69 -5.11 4.16
CA ARG B 334 51.96 -5.11 5.60
C ARG B 334 50.80 -5.74 6.37
N TYR B 335 49.57 -5.42 5.97
CA TYR B 335 48.36 -6.01 6.55
C TYR B 335 47.57 -6.63 5.40
N PRO B 336 47.83 -7.90 5.08
CA PRO B 336 47.19 -8.51 3.91
C PRO B 336 45.68 -8.55 4.04
N LEU B 337 44.99 -8.36 2.91
CA LEU B 337 43.54 -8.44 2.86
C LEU B 337 43.04 -9.83 2.48
N VAL B 338 43.91 -10.68 1.94
CA VAL B 338 43.53 -11.99 1.45
C VAL B 338 44.46 -13.04 2.05
N ASP B 339 43.88 -14.13 2.54
CA ASP B 339 44.62 -15.30 3.00
C ASP B 339 44.44 -16.41 1.98
N GLY B 340 45.55 -17.00 1.53
CA GLY B 340 45.51 -17.97 0.46
C GLY B 340 46.15 -19.28 0.83
N GLN B 341 45.80 -20.31 0.05
CA GLN B 341 46.36 -21.64 0.15
C GLN B 341 46.87 -22.05 -1.23
N GLY B 342 48.13 -22.45 -1.30
CA GLY B 342 48.78 -22.83 -2.53
C GLY B 342 50.05 -22.04 -2.75
N ASN B 343 50.52 -22.04 -4.00
CA ASN B 343 51.73 -21.30 -4.37
C ASN B 343 51.34 -19.85 -4.64
N TRP B 344 51.46 -19.03 -3.60
CA TRP B 344 51.14 -17.60 -3.69
C TRP B 344 52.38 -16.72 -3.81
N GLY B 345 53.46 -17.27 -4.34
CA GLY B 345 54.69 -16.51 -4.54
C GLY B 345 55.69 -16.71 -3.42
N ALA B 346 56.84 -16.08 -3.59
CA ALA B 346 57.95 -16.14 -2.65
C ALA B 346 58.53 -14.74 -2.50
N PRO B 347 59.17 -14.45 -1.36
CA PRO B 347 59.79 -13.13 -1.20
C PRO B 347 60.83 -12.82 -2.26
N ASP B 348 61.60 -13.81 -2.69
CA ASP B 348 62.60 -13.59 -3.73
C ASP B 348 61.98 -13.46 -5.11
N ASP B 349 60.90 -14.19 -5.38
CA ASP B 349 60.20 -14.15 -6.66
C ASP B 349 58.73 -13.90 -6.39
N PRO B 350 58.35 -12.63 -6.21
CA PRO B 350 56.94 -12.33 -5.89
C PRO B 350 55.96 -12.78 -6.96
N LYS B 351 56.34 -12.75 -8.23
CA LYS B 351 55.46 -13.12 -9.33
C LYS B 351 55.52 -14.59 -9.67
N SER B 352 56.00 -15.43 -8.75
CA SER B 352 56.11 -16.87 -8.96
C SER B 352 54.87 -17.63 -8.52
N PHE B 353 53.71 -16.98 -8.45
CA PHE B 353 52.50 -17.68 -8.01
C PHE B 353 52.09 -18.70 -9.08
N ALA B 354 51.26 -19.66 -8.68
CA ALA B 354 50.93 -20.75 -9.61
C ALA B 354 49.89 -20.35 -10.65
N ALA B 355 48.64 -20.19 -10.21
CA ALA B 355 47.51 -19.84 -11.08
C ALA B 355 46.26 -19.82 -10.22
N MET B 356 45.22 -19.16 -10.73
CA MET B 356 43.97 -19.09 -9.98
C MET B 356 43.26 -20.43 -9.91
N ARG B 357 43.59 -21.38 -10.80
CA ARG B 357 43.03 -22.72 -10.70
C ARG B 357 43.77 -23.58 -9.69
N TYR B 358 45.02 -23.24 -9.35
CA TYR B 358 45.83 -24.00 -8.41
C TYR B 358 46.02 -23.24 -7.11
N THR B 359 45.08 -22.36 -6.77
CA THR B 359 45.13 -21.60 -5.53
C THR B 359 43.73 -21.46 -4.97
N GLU B 360 43.63 -21.42 -3.66
CA GLU B 360 42.38 -21.15 -2.96
C GLU B 360 42.54 -19.89 -2.14
N SER B 361 41.46 -19.15 -1.96
CA SER B 361 41.56 -17.85 -1.31
C SER B 361 40.36 -17.61 -0.41
N ARG B 362 40.57 -16.72 0.56
CA ARG B 362 39.52 -16.27 1.46
C ARG B 362 39.95 -14.92 2.00
N LEU B 363 39.00 -14.17 2.55
CA LEU B 363 39.33 -12.88 3.13
C LEU B 363 40.08 -13.06 4.44
N SER B 364 40.97 -12.12 4.74
CA SER B 364 41.70 -12.15 5.99
C SER B 364 40.87 -11.51 7.10
N LYS B 365 41.32 -11.72 8.34
CA LYS B 365 40.65 -11.09 9.47
C LYS B 365 40.73 -9.58 9.39
N TYR B 366 41.89 -9.04 8.99
CA TYR B 366 42.05 -7.61 8.84
C TYR B 366 41.03 -7.04 7.86
N ALA B 367 40.69 -7.80 6.82
CA ALA B 367 39.72 -7.34 5.84
C ALA B 367 38.36 -7.06 6.47
N GLU B 368 38.06 -7.66 7.63
CA GLU B 368 36.81 -7.36 8.31
C GLU B 368 36.68 -5.87 8.58
N LEU B 369 37.79 -5.20 8.91
CA LEU B 369 37.77 -3.77 9.18
C LEU B 369 37.27 -2.95 8.00
N LEU B 370 37.14 -3.55 6.82
CA LEU B 370 36.62 -2.85 5.65
C LEU B 370 35.19 -3.23 5.29
N LEU B 371 34.65 -4.33 5.83
CA LEU B 371 33.36 -4.83 5.38
C LEU B 371 32.35 -5.09 6.49
N SER B 372 32.73 -4.92 7.76
CA SER B 372 31.80 -5.24 8.84
C SER B 372 30.56 -4.37 8.82
N GLU B 373 30.70 -3.10 8.42
CA GLU B 373 29.60 -2.15 8.43
C GLU B 373 29.07 -1.86 7.02
N LEU B 374 29.39 -2.72 6.04
CA LEU B 374 28.98 -2.44 4.66
C LEU B 374 27.47 -2.49 4.50
N GLY B 375 26.81 -3.45 5.13
CA GLY B 375 25.38 -3.62 4.97
C GLY B 375 24.51 -2.66 5.74
N GLN B 376 25.10 -1.83 6.60
CA GLN B 376 24.37 -0.92 7.47
C GLN B 376 24.23 0.48 6.88
N GLY B 377 24.19 0.59 5.56
CA GLY B 377 24.01 1.88 4.91
C GLY B 377 25.10 2.88 5.19
N THR B 378 26.34 2.41 5.34
CA THR B 378 27.45 3.29 5.71
C THR B 378 28.01 4.04 4.52
N VAL B 379 27.96 3.46 3.33
CA VAL B 379 28.59 4.02 2.14
C VAL B 379 27.55 4.15 1.04
N ASP B 380 27.91 4.91 0.01
CA ASP B 380 27.06 5.12 -1.15
C ASP B 380 27.27 3.98 -2.15
N TRP B 381 26.21 3.68 -2.91
CA TRP B 381 26.22 2.56 -3.84
C TRP B 381 25.89 3.04 -5.24
N VAL B 382 26.49 2.40 -6.23
CA VAL B 382 26.37 2.81 -7.64
C VAL B 382 26.05 1.58 -8.48
N PRO B 383 25.26 1.70 -9.54
CA PRO B 383 25.03 0.54 -10.42
C PRO B 383 26.31 0.12 -11.13
N ASN B 384 26.38 -1.18 -11.42
CA ASN B 384 27.55 -1.75 -12.09
C ASN B 384 27.50 -1.42 -13.59
N PHE B 385 28.45 -1.98 -14.35
CA PHE B 385 28.56 -1.62 -15.76
C PHE B 385 27.36 -2.12 -16.57
N ASP B 386 26.83 -3.29 -16.23
CA ASP B 386 25.69 -3.85 -16.94
C ASP B 386 24.35 -3.38 -16.38
N GLY B 387 24.35 -2.69 -15.24
CA GLY B 387 23.13 -2.18 -14.66
C GLY B 387 22.27 -3.20 -13.95
N THR B 388 22.71 -4.45 -13.88
CA THR B 388 21.94 -5.52 -13.25
C THR B 388 22.31 -5.74 -11.79
N LEU B 389 23.24 -4.96 -11.25
CA LEU B 389 23.70 -5.14 -9.88
C LEU B 389 24.11 -3.80 -9.31
N GLN B 390 24.42 -3.79 -8.01
CA GLN B 390 24.88 -2.61 -7.31
C GLN B 390 26.24 -2.91 -6.67
N GLU B 391 27.07 -1.88 -6.62
CA GLU B 391 28.45 -1.98 -6.15
C GLU B 391 28.75 -0.86 -5.17
N PRO B 392 29.49 -1.14 -4.11
CA PRO B 392 29.86 -0.07 -3.16
C PRO B 392 30.89 0.85 -3.77
N LYS B 393 30.61 2.16 -3.72
CA LYS B 393 31.59 3.14 -4.18
C LYS B 393 32.81 3.17 -3.27
N MET B 394 32.60 2.93 -1.98
CA MET B 394 33.67 2.93 -0.98
C MET B 394 33.39 1.82 0.02
N LEU B 395 34.28 1.68 1.00
CA LEU B 395 34.09 0.69 2.04
C LEU B 395 34.18 1.36 3.40
N PRO B 396 33.36 0.92 4.36
CA PRO B 396 33.40 1.53 5.71
C PRO B 396 34.65 1.14 6.48
N ALA B 397 35.78 1.75 6.14
CA ALA B 397 37.04 1.41 6.79
C ALA B 397 37.03 1.86 8.24
N ARG B 398 37.13 0.89 9.15
CA ARG B 398 37.20 1.21 10.58
C ARG B 398 38.54 1.79 10.98
N LEU B 399 39.59 1.55 10.19
CA LEU B 399 40.92 2.09 10.42
C LEU B 399 41.45 2.66 9.12
N PRO B 400 42.36 3.65 9.18
CA PRO B 400 42.80 4.33 7.95
C PRO B 400 43.71 3.45 7.11
N ASN B 401 43.12 2.56 6.31
CA ASN B 401 43.89 1.62 5.51
C ASN B 401 44.79 2.31 4.51
N ILE B 402 44.53 3.58 4.19
CA ILE B 402 45.38 4.31 3.25
C ILE B 402 46.80 4.43 3.79
N LEU B 403 46.96 4.52 5.11
CA LEU B 403 48.27 4.63 5.74
C LEU B 403 48.79 3.31 6.29
N LEU B 404 47.90 2.43 6.75
CA LEU B 404 48.35 1.17 7.33
C LEU B 404 49.00 0.27 6.29
N ASN B 405 48.37 0.14 5.12
CA ASN B 405 48.89 -0.68 4.03
C ASN B 405 49.63 0.15 2.99
N GLY B 406 48.98 1.18 2.46
CA GLY B 406 49.60 2.03 1.45
C GLY B 406 49.66 1.35 0.10
N THR B 407 49.56 2.14 -0.97
CA THR B 407 49.62 1.63 -2.32
C THR B 407 50.64 2.42 -3.13
N THR B 408 51.25 1.74 -4.09
CA THR B 408 52.14 2.37 -5.07
C THR B 408 51.54 2.19 -6.45
N GLY B 409 51.42 3.30 -7.19
CA GLY B 409 50.81 3.27 -8.50
C GLY B 409 51.32 4.40 -9.37
N ILE B 410 51.24 4.20 -10.67
CA ILE B 410 51.68 5.16 -11.67
C ILE B 410 50.52 5.47 -12.58
N ALA B 411 50.23 6.75 -12.78
CA ALA B 411 49.14 7.18 -13.64
C ALA B 411 49.62 8.21 -14.65
N VAL B 412 48.71 8.80 -15.40
CA VAL B 412 49.06 9.85 -16.35
C VAL B 412 49.13 11.18 -15.61
N GLY B 413 50.28 11.83 -15.68
CA GLY B 413 50.52 13.11 -15.01
C GLY B 413 51.03 12.99 -13.59
N MET B 414 50.46 12.09 -12.80
CA MET B 414 50.80 11.94 -11.39
C MET B 414 51.09 10.47 -11.08
N ALA B 415 51.50 10.23 -9.83
CA ALA B 415 51.74 8.90 -9.32
C ALA B 415 51.61 8.97 -7.79
N THR B 416 51.73 7.82 -7.14
CA THR B 416 51.61 7.78 -5.68
C THR B 416 52.42 6.62 -5.11
N ASP B 417 53.15 6.90 -4.03
CA ASP B 417 53.91 5.87 -3.31
C ASP B 417 53.68 6.04 -1.81
N ILE B 418 52.51 5.60 -1.34
CA ILE B 418 52.19 5.66 0.09
C ILE B 418 52.81 4.45 0.79
N PRO B 419 53.69 4.65 1.76
CA PRO B 419 54.30 3.51 2.45
C PRO B 419 53.38 2.97 3.53
N PRO B 420 53.58 1.73 3.98
CA PRO B 420 52.77 1.20 5.07
C PRO B 420 53.16 1.80 6.42
N HIS B 421 52.22 1.72 7.36
CA HIS B 421 52.45 2.23 8.71
C HIS B 421 51.90 1.23 9.73
N ASN B 422 52.32 1.40 10.97
CA ASN B 422 51.89 0.52 12.05
C ASN B 422 50.45 0.79 12.42
N LEU B 423 49.70 -0.29 12.71
CA LEU B 423 48.29 -0.14 13.06
C LEU B 423 48.13 0.60 14.38
N ARG B 424 48.85 0.16 15.41
CA ARG B 424 48.70 0.74 16.74
C ARG B 424 49.13 2.20 16.76
N GLU B 425 50.23 2.53 16.08
CA GLU B 425 50.72 3.91 16.08
C GLU B 425 49.72 4.85 15.42
N VAL B 426 49.17 4.44 14.27
CA VAL B 426 48.20 5.27 13.57
C VAL B 426 46.90 5.39 14.38
N ALA B 427 46.49 4.29 15.01
CA ALA B 427 45.29 4.33 15.84
C ALA B 427 45.46 5.28 17.02
N LYS B 428 46.62 5.21 17.69
CA LYS B 428 46.90 6.13 18.79
C LYS B 428 46.95 7.57 18.30
N ALA B 429 47.53 7.80 17.12
CA ALA B 429 47.55 9.15 16.56
C ALA B 429 46.14 9.67 16.32
N ALA B 430 45.27 8.83 15.77
CA ALA B 430 43.89 9.23 15.53
C ALA B 430 43.16 9.51 16.84
N ILE B 431 43.37 8.67 17.85
CA ILE B 431 42.72 8.88 19.14
C ILE B 431 43.20 10.18 19.78
N THR B 432 44.50 10.44 19.73
CA THR B 432 45.02 11.70 20.29
C THR B 432 44.50 12.91 19.52
N LEU B 433 44.40 12.80 18.19
CA LEU B 433 43.87 13.90 17.41
C LEU B 433 42.42 14.17 17.76
N ILE B 434 41.63 13.11 17.99
CA ILE B 434 40.26 13.29 18.44
C ILE B 434 40.24 13.96 19.80
N GLU B 435 41.12 13.52 20.71
CA GLU B 435 41.17 14.11 22.05
C GLU B 435 41.59 15.58 21.98
N GLN B 436 42.61 15.90 21.17
CA GLN B 436 43.10 17.26 21.00
C GLN B 436 43.05 17.59 19.51
N PRO B 437 41.98 18.24 19.04
CA PRO B 437 41.90 18.57 17.61
C PRO B 437 43.02 19.47 17.13
N LYS B 438 43.54 20.34 17.98
CA LYS B 438 44.61 21.26 17.59
C LYS B 438 45.98 20.67 17.92
N THR B 439 46.24 19.49 17.34
CA THR B 439 47.49 18.78 17.53
C THR B 439 48.40 19.05 16.34
N THR B 440 49.65 19.42 16.62
CA THR B 440 50.60 19.75 15.58
C THR B 440 51.15 18.48 14.91
N LEU B 441 51.74 18.66 13.74
CA LEU B 441 52.30 17.54 13.00
C LEU B 441 53.44 16.88 13.77
N ASP B 442 54.28 17.69 14.43
CA ASP B 442 55.40 17.13 15.18
C ASP B 442 54.91 16.25 16.32
N GLU B 443 53.82 16.66 16.99
CA GLU B 443 53.26 15.84 18.06
C GLU B 443 52.78 14.49 17.52
N LEU B 444 52.16 14.49 16.33
CA LEU B 444 51.77 13.24 15.70
C LEU B 444 52.98 12.39 15.36
N LEU B 445 54.05 13.02 14.87
CA LEU B 445 55.28 12.29 14.55
C LEU B 445 55.95 11.73 15.79
N ASP B 446 55.69 12.32 16.97
CA ASP B 446 56.18 11.72 18.20
C ASP B 446 55.48 10.41 18.52
N ILE B 447 54.33 10.14 17.89
CA ILE B 447 53.62 8.89 18.06
C ILE B 447 53.86 7.95 16.89
N VAL B 448 53.76 8.46 15.67
CA VAL B 448 54.04 7.68 14.46
C VAL B 448 55.52 7.88 14.13
N GLN B 449 56.33 6.86 14.42
CA GLN B 449 57.76 6.96 14.13
C GLN B 449 58.06 7.02 12.64
N GLY B 450 57.10 6.69 11.78
CA GLY B 450 57.33 6.67 10.36
C GLY B 450 56.77 5.41 9.73
N PRO B 451 57.24 5.08 8.53
CA PRO B 451 56.75 3.89 7.85
C PRO B 451 57.13 2.63 8.61
N ASP B 452 56.30 1.58 8.44
CA ASP B 452 56.52 0.28 9.06
C ASP B 452 56.39 -0.78 7.96
N PHE B 453 57.50 -1.10 7.31
CA PHE B 453 57.52 -2.08 6.23
C PHE B 453 57.43 -3.50 6.79
N PRO B 454 56.92 -4.45 6.00
CA PRO B 454 56.77 -5.82 6.50
C PRO B 454 58.09 -6.59 6.47
N THR B 455 59.18 -5.97 6.94
CA THR B 455 60.46 -6.65 7.06
C THR B 455 61.10 -6.27 8.39
N GLU B 456 61.93 -7.16 8.91
CA GLU B 456 62.65 -6.90 10.15
C GLU B 456 63.90 -6.05 9.94
N ALA B 457 64.03 -5.40 8.79
CA ALA B 457 65.18 -4.56 8.52
C ALA B 457 65.09 -3.25 9.29
N GLU B 458 66.07 -2.38 9.08
CA GLU B 458 66.20 -1.14 9.82
C GLU B 458 65.99 0.06 8.89
N ILE B 459 65.32 1.08 9.41
CA ILE B 459 65.14 2.34 8.70
C ILE B 459 66.18 3.32 9.21
N ILE B 460 66.97 3.88 8.30
CA ILE B 460 68.13 4.68 8.67
C ILE B 460 67.91 6.17 8.50
N THR B 461 66.81 6.60 7.88
CA THR B 461 66.56 8.01 7.69
C THR B 461 66.36 8.71 9.03
N SER B 462 66.92 9.91 9.16
CA SER B 462 66.82 10.66 10.41
C SER B 462 65.39 11.12 10.64
N ARG B 463 65.07 11.37 11.91
CA ARG B 463 63.72 11.78 12.27
C ARG B 463 63.36 13.13 11.68
N ALA B 464 64.33 14.06 11.58
CA ALA B 464 64.04 15.36 10.99
C ALA B 464 63.67 15.25 9.51
N GLU B 465 64.40 14.42 8.76
CA GLU B 465 64.07 14.22 7.35
C GLU B 465 62.70 13.58 7.20
N ILE B 466 62.38 12.62 8.07
CA ILE B 466 61.06 12.00 8.04
C ILE B 466 59.98 13.02 8.35
N ARG B 467 60.27 13.95 9.27
CA ARG B 467 59.33 15.04 9.55
C ARG B 467 59.11 15.90 8.30
N LYS B 468 60.18 16.21 7.58
CA LYS B 468 60.02 16.98 6.35
C LYS B 468 59.18 16.22 5.33
N ILE B 469 59.41 14.91 5.21
CA ILE B 469 58.64 14.10 4.26
C ILE B 469 57.16 14.11 4.62
N TYR B 470 56.85 13.88 5.91
CA TYR B 470 55.47 13.82 6.33
C TYR B 470 54.81 15.19 6.43
N GLN B 471 55.58 16.28 6.35
CA GLN B 471 55.01 17.61 6.28
C GLN B 471 54.73 18.04 4.86
N ASN B 472 55.67 17.80 3.93
CA ASN B 472 55.50 18.18 2.54
C ASN B 472 54.92 17.07 1.68
N GLY B 473 54.75 15.86 2.22
CA GLY B 473 54.20 14.76 1.45
C GLY B 473 55.25 13.98 0.68
N ARG B 474 55.89 14.64 -0.29
CA ARG B 474 56.91 13.97 -1.09
C ARG B 474 58.19 13.78 -0.28
N GLY B 475 58.96 12.77 -0.65
CA GLY B 475 60.23 12.53 0.00
C GLY B 475 60.77 11.15 -0.35
N SER B 476 61.77 10.73 0.40
CA SER B 476 62.37 9.41 0.21
C SER B 476 62.92 8.91 1.54
N VAL B 477 62.72 7.62 1.79
CA VAL B 477 63.18 6.98 3.02
C VAL B 477 64.21 5.92 2.62
N ARG B 478 64.97 5.44 3.60
CA ARG B 478 65.99 4.45 3.32
C ARG B 478 65.94 3.33 4.35
N MET B 479 66.22 2.10 3.90
CA MET B 479 66.29 0.94 4.76
C MET B 479 67.57 0.19 4.45
N ARG B 480 68.19 -0.40 5.49
CA ARG B 480 69.44 -1.07 5.19
C ARG B 480 69.43 -2.57 5.46
N ALA B 481 69.54 -2.98 6.72
CA ALA B 481 69.63 -4.41 7.06
C ALA B 481 69.92 -4.64 8.54
N VAL B 482 69.76 -5.89 8.97
CA VAL B 482 70.25 -6.33 10.28
C VAL B 482 71.46 -7.21 10.01
N TRP B 483 72.62 -6.80 10.52
CA TRP B 483 73.90 -7.44 10.18
C TRP B 483 74.68 -7.74 11.46
N SER B 484 74.50 -8.95 11.99
CA SER B 484 75.16 -9.35 13.23
C SER B 484 76.39 -10.18 12.92
N LYS B 485 77.43 -10.01 13.72
CA LYS B 485 78.73 -10.60 13.47
C LYS B 485 78.92 -11.85 14.32
N GLU B 486 79.33 -12.94 13.69
CA GLU B 486 79.63 -14.20 14.38
C GLU B 486 80.96 -14.74 13.88
N ASP B 487 81.84 -15.10 14.81
CA ASP B 487 83.16 -15.64 14.48
C ASP B 487 83.94 -14.68 13.58
N GLY B 488 83.75 -13.39 13.78
CA GLY B 488 84.38 -12.41 12.94
C GLY B 488 83.83 -12.32 11.53
N ALA B 489 82.68 -12.94 11.28
CA ALA B 489 82.05 -12.96 9.97
C ALA B 489 80.68 -12.29 10.06
N VAL B 490 80.34 -11.56 9.00
CA VAL B 490 79.08 -10.82 8.97
C VAL B 490 77.94 -11.76 8.63
N VAL B 491 76.88 -11.75 9.43
CA VAL B 491 75.69 -12.57 9.18
C VAL B 491 74.52 -11.63 8.97
N ILE B 492 73.96 -11.65 7.76
CA ILE B 492 72.79 -10.86 7.40
C ILE B 492 71.55 -11.72 7.63
N SER B 493 70.63 -11.20 8.46
CA SER B 493 69.41 -11.92 8.81
C SER B 493 68.14 -11.30 8.24
N ALA B 494 68.14 -9.99 7.98
CA ALA B 494 66.97 -9.31 7.45
C ALA B 494 67.39 -8.42 6.28
N LEU B 495 66.56 -8.39 5.24
CA LEU B 495 66.79 -7.60 4.05
C LEU B 495 65.75 -6.48 3.94
N PRO B 496 66.06 -5.41 3.23
CA PRO B 496 65.06 -4.35 3.02
C PRO B 496 63.86 -4.87 2.24
N HIS B 497 62.80 -4.07 2.26
CA HIS B 497 61.55 -4.46 1.62
C HIS B 497 61.73 -4.63 0.11
N GLN B 498 61.05 -5.66 -0.42
CA GLN B 498 61.06 -5.96 -1.85
C GLN B 498 62.47 -6.20 -2.38
N VAL B 499 63.32 -6.83 -1.55
CA VAL B 499 64.69 -7.16 -1.92
C VAL B 499 64.85 -8.66 -1.80
N SER B 500 65.29 -9.30 -2.88
CA SER B 500 65.51 -10.74 -2.91
C SER B 500 66.90 -11.06 -2.41
N GLY B 501 67.00 -12.10 -1.57
CA GLY B 501 68.31 -12.55 -1.11
C GLY B 501 69.18 -13.06 -2.25
N ALA B 502 68.55 -13.72 -3.23
CA ALA B 502 69.29 -14.22 -4.38
C ALA B 502 69.94 -13.08 -5.16
N LYS B 503 69.21 -11.97 -5.33
CA LYS B 503 69.78 -10.82 -6.04
C LYS B 503 70.99 -10.26 -5.31
N VAL B 504 70.91 -10.16 -3.98
CA VAL B 504 72.04 -9.66 -3.20
C VAL B 504 73.23 -10.61 -3.33
N LEU B 505 72.97 -11.92 -3.25
CA LEU B 505 74.05 -12.89 -3.41
C LEU B 505 74.70 -12.78 -4.78
N GLU B 506 73.90 -12.62 -5.84
CA GLU B 506 74.46 -12.49 -7.18
C GLU B 506 75.26 -11.20 -7.31
N GLN B 507 74.79 -10.10 -6.71
CA GLN B 507 75.54 -8.85 -6.78
C GLN B 507 76.88 -8.96 -6.08
N ILE B 508 76.90 -9.56 -4.88
CA ILE B 508 78.17 -9.69 -4.17
C ILE B 508 79.10 -10.66 -4.90
N ALA B 509 78.55 -11.72 -5.49
CA ALA B 509 79.39 -12.62 -6.27
C ALA B 509 79.93 -11.95 -7.52
N ALA B 510 79.16 -11.05 -8.13
CA ALA B 510 79.65 -10.26 -9.25
C ALA B 510 80.82 -9.39 -8.82
N GLN B 511 80.71 -8.76 -7.65
CA GLN B 511 81.83 -8.00 -7.12
C GLN B 511 83.04 -8.89 -6.87
N MET B 512 82.81 -10.11 -6.36
CA MET B 512 83.90 -11.04 -6.07
C MET B 512 84.64 -11.46 -7.34
N ARG B 513 83.90 -11.77 -8.42
CA ARG B 513 84.55 -12.23 -9.64
C ARG B 513 85.32 -11.09 -10.31
N ASN B 514 84.76 -9.89 -10.30
CA ASN B 514 85.43 -8.71 -10.85
C ASN B 514 86.58 -8.24 -9.97
N LYS B 515 86.74 -8.84 -8.79
CA LYS B 515 87.79 -8.48 -7.83
C LYS B 515 87.69 -7.01 -7.42
N LYS B 516 86.45 -6.52 -7.32
CA LYS B 516 86.22 -5.23 -6.69
C LYS B 516 86.44 -5.30 -5.19
N LEU B 517 86.23 -6.48 -4.59
CA LEU B 517 86.42 -6.69 -3.16
C LEU B 517 87.32 -7.90 -2.95
N PRO B 518 88.64 -7.72 -2.96
CA PRO B 518 89.54 -8.85 -2.75
C PRO B 518 89.80 -9.19 -1.30
N MET B 519 89.01 -8.66 -0.37
CA MET B 519 89.11 -9.00 1.05
C MET B 519 88.17 -10.13 1.44
N VAL B 520 87.31 -10.57 0.53
CA VAL B 520 86.35 -11.61 0.82
C VAL B 520 87.02 -12.98 0.76
N ASP B 521 86.46 -13.93 1.47
CA ASP B 521 86.97 -15.30 1.46
C ASP B 521 85.88 -16.36 1.37
N ASP B 522 84.65 -16.09 1.80
CA ASP B 522 83.58 -17.06 1.66
C ASP B 522 82.24 -16.35 1.76
N LEU B 523 81.51 -16.30 0.65
CA LEU B 523 80.13 -15.80 0.63
C LEU B 523 79.21 -17.02 0.55
N ARG B 524 78.48 -17.28 1.64
CA ARG B 524 77.63 -18.47 1.70
C ARG B 524 76.21 -18.06 2.08
N ASP B 525 75.25 -18.88 1.64
CA ASP B 525 73.84 -18.69 1.92
C ASP B 525 73.39 -19.83 2.84
N GLU B 526 73.27 -19.52 4.14
CA GLU B 526 72.85 -20.49 5.14
C GLU B 526 71.36 -20.36 5.45
N SER B 527 70.57 -19.82 4.53
CA SER B 527 69.14 -19.67 4.75
C SER B 527 68.46 -21.03 4.79
N ASP B 528 67.46 -21.16 5.66
CA ASP B 528 66.71 -22.39 5.82
C ASP B 528 65.28 -22.02 6.19
N HIS B 529 64.45 -23.04 6.40
CA HIS B 529 63.07 -22.79 6.80
C HIS B 529 63.00 -22.18 8.19
N GLU B 530 63.84 -22.66 9.12
CA GLU B 530 63.85 -22.10 10.46
C GLU B 530 64.35 -20.66 10.46
N ASN B 531 65.42 -20.38 9.71
CA ASN B 531 65.96 -19.03 9.60
C ASN B 531 65.75 -18.53 8.18
N PRO B 532 64.76 -17.65 7.94
CA PRO B 532 64.41 -17.29 6.56
C PRO B 532 65.56 -16.72 5.74
N THR B 533 66.42 -15.91 6.36
CA THR B 533 67.55 -15.31 5.65
C THR B 533 68.78 -15.37 6.53
N ARG B 534 69.85 -16.00 6.03
CA ARG B 534 71.12 -16.05 6.73
C ARG B 534 72.22 -16.03 5.67
N LEU B 535 72.74 -14.85 5.37
CA LEU B 535 73.82 -14.70 4.39
C LEU B 535 75.11 -14.39 5.14
N VAL B 536 76.11 -15.24 5.01
CA VAL B 536 77.34 -15.15 5.77
C VAL B 536 78.46 -14.68 4.84
N ILE B 537 79.15 -13.62 5.26
CA ILE B 537 80.33 -13.12 4.57
C ILE B 537 81.51 -13.32 5.52
N VAL B 538 82.45 -14.17 5.10
CA VAL B 538 83.63 -14.56 5.85
C VAL B 538 84.84 -13.90 5.18
N PRO B 539 85.48 -12.94 5.83
CA PRO B 539 86.66 -12.29 5.24
C PRO B 539 87.89 -13.18 5.38
N ARG B 540 89.02 -12.64 4.93
CA ARG B 540 90.25 -13.41 4.86
C ARG B 540 91.11 -13.34 6.11
N SER B 541 90.68 -12.61 7.14
CA SER B 541 91.46 -12.45 8.37
C SER B 541 90.68 -11.57 9.33
N ASN B 542 91.21 -11.43 10.54
CA ASN B 542 90.59 -10.65 11.61
C ASN B 542 91.18 -9.25 11.71
N ARG B 543 91.91 -8.81 10.69
CA ARG B 543 92.47 -7.47 10.63
C ARG B 543 91.77 -6.60 9.60
N VAL B 544 90.79 -7.14 8.89
CA VAL B 544 90.09 -6.40 7.85
C VAL B 544 88.89 -5.71 8.48
N ASP B 545 88.76 -4.41 8.22
CA ASP B 545 87.66 -3.63 8.79
C ASP B 545 86.35 -3.99 8.11
N MET B 546 85.66 -5.02 8.63
CA MET B 546 84.42 -5.48 8.01
C MET B 546 83.37 -4.38 7.95
N GLU B 547 83.46 -3.39 8.84
CA GLU B 547 82.49 -2.30 8.81
C GLU B 547 82.61 -1.49 7.52
N GLN B 548 83.84 -1.26 7.06
CA GLN B 548 84.03 -0.50 5.83
C GLN B 548 83.58 -1.31 4.61
N VAL B 549 83.78 -2.63 4.65
CA VAL B 549 83.31 -3.48 3.55
C VAL B 549 81.78 -3.49 3.53
N MET B 550 81.14 -3.50 4.70
CA MET B 550 79.69 -3.42 4.75
C MET B 550 79.19 -2.08 4.25
N ASN B 551 79.90 -1.00 4.58
CA ASN B 551 79.52 0.32 4.06
C ASN B 551 79.62 0.36 2.54
N HIS B 552 80.69 -0.22 1.98
CA HIS B 552 80.81 -0.29 0.53
C HIS B 552 79.69 -1.11 -0.08
N LEU B 553 79.35 -2.24 0.53
CA LEU B 553 78.25 -3.06 0.03
C LEU B 553 76.92 -2.33 0.08
N PHE B 554 76.68 -1.58 1.17
CA PHE B 554 75.48 -0.77 1.26
C PHE B 554 75.43 0.27 0.14
N ALA B 555 76.57 0.92 -0.11
CA ALA B 555 76.60 1.94 -1.16
C ALA B 555 76.46 1.34 -2.56
N THR B 556 76.86 0.09 -2.75
CA THR B 556 76.90 -0.51 -4.08
C THR B 556 75.79 -1.52 -4.36
N THR B 557 75.48 -2.40 -3.41
CA THR B 557 74.52 -3.47 -3.66
C THR B 557 73.11 -3.03 -3.25
N ASP B 558 72.18 -3.98 -3.24
CA ASP B 558 70.81 -3.73 -2.83
C ASP B 558 70.62 -3.89 -1.33
N LEU B 559 71.71 -4.12 -0.58
CA LEU B 559 71.64 -4.27 0.86
C LEU B 559 71.21 -2.98 1.55
N GLU B 560 71.22 -1.85 0.87
CA GLU B 560 70.65 -0.61 1.38
C GLU B 560 69.89 0.06 0.25
N LYS B 561 68.58 0.25 0.43
CA LYS B 561 67.75 0.75 -0.65
C LYS B 561 66.87 1.89 -0.19
N SER B 562 66.56 2.78 -1.13
CA SER B 562 65.69 3.92 -0.91
C SER B 562 64.30 3.63 -1.45
N TYR B 563 63.30 4.30 -0.87
CA TYR B 563 61.91 4.12 -1.22
C TYR B 563 61.28 5.51 -1.39
N ARG B 564 60.63 5.72 -2.52
CA ARG B 564 59.96 6.98 -2.79
C ARG B 564 58.70 7.11 -1.93
N ILE B 565 58.37 8.35 -1.57
CA ILE B 565 57.18 8.65 -0.80
C ILE B 565 56.44 9.77 -1.51
N ASN B 566 55.22 9.49 -1.96
CA ASN B 566 54.38 10.46 -2.65
C ASN B 566 52.97 10.24 -2.15
N LEU B 567 52.56 11.02 -1.15
CA LEU B 567 51.26 10.84 -0.51
C LEU B 567 50.15 11.49 -1.36
N ASN B 568 49.98 10.93 -2.55
CA ASN B 568 48.96 11.39 -3.49
C ASN B 568 47.77 10.43 -3.43
N MET B 569 46.58 10.98 -3.26
CA MET B 569 45.40 10.15 -3.12
C MET B 569 44.18 10.95 -3.54
N ILE B 570 43.08 10.23 -3.77
CA ILE B 570 41.79 10.84 -4.07
C ILE B 570 41.10 11.13 -2.75
N GLY B 571 40.82 12.41 -2.49
CA GLY B 571 40.21 12.81 -1.25
C GLY B 571 38.70 12.69 -1.27
N LEU B 572 38.09 13.08 -0.15
CA LEU B 572 36.63 13.07 -0.06
C LEU B 572 35.98 14.00 -1.06
N ASP B 573 36.71 15.01 -1.54
CA ASP B 573 36.20 15.90 -2.59
C ASP B 573 36.14 15.21 -3.94
N GLY B 574 36.70 14.01 -4.07
CA GLY B 574 36.71 13.32 -5.35
C GLY B 574 37.79 13.76 -6.31
N ARG B 575 38.80 14.48 -5.81
CA ARG B 575 39.87 14.98 -6.65
C ARG B 575 41.23 14.52 -6.12
N PRO B 576 42.15 14.14 -7.00
CA PRO B 576 43.49 13.76 -6.53
C PRO B 576 44.22 14.94 -5.92
N ALA B 577 45.01 14.66 -4.90
CA ALA B 577 45.76 15.69 -4.20
C ALA B 577 46.85 15.05 -3.36
N VAL B 578 47.92 15.81 -3.14
CA VAL B 578 49.00 15.41 -2.24
C VAL B 578 48.71 15.96 -0.85
N LYS B 579 48.69 15.08 0.14
CA LYS B 579 48.31 15.45 1.50
C LYS B 579 49.41 15.04 2.47
N ASN B 580 49.58 15.82 3.53
CA ASN B 580 50.52 15.49 4.59
C ASN B 580 49.85 14.56 5.59
N LEU B 581 50.62 14.13 6.59
CA LEU B 581 50.11 13.19 7.59
C LEU B 581 48.90 13.76 8.33
N LEU B 582 49.00 15.02 8.76
CA LEU B 582 47.90 15.65 9.47
C LEU B 582 46.66 15.76 8.58
N GLU B 583 46.85 16.17 7.32
CA GLU B 583 45.72 16.30 6.41
C GLU B 583 45.05 14.96 6.15
N ILE B 584 45.86 13.91 5.94
CA ILE B 584 45.31 12.58 5.70
C ILE B 584 44.50 12.13 6.92
N LEU B 585 45.08 12.30 8.12
CA LEU B 585 44.38 11.86 9.32
C LEU B 585 43.09 12.64 9.54
N SER B 586 43.11 13.95 9.29
CA SER B 586 41.90 14.76 9.48
C SER B 586 40.82 14.35 8.50
N GLU B 587 41.17 14.18 7.22
CA GLU B 587 40.17 13.79 6.23
C GLU B 587 39.61 12.41 6.53
N TRP B 588 40.47 11.46 6.93
CA TRP B 588 39.95 10.16 7.28
C TRP B 588 39.08 10.20 8.52
N LEU B 589 39.40 11.08 9.47
CA LEU B 589 38.53 11.22 10.65
C LEU B 589 37.16 11.77 10.26
N VAL B 590 37.12 12.72 9.32
CA VAL B 590 35.85 13.22 8.82
C VAL B 590 35.06 12.09 8.16
N PHE B 591 35.75 11.29 7.33
CA PHE B 591 35.09 10.17 6.65
C PHE B 591 34.55 9.16 7.66
N ARG B 592 35.34 8.83 8.68
CA ARG B 592 34.90 7.87 9.69
C ARG B 592 33.73 8.41 10.49
N ARG B 593 33.76 9.70 10.83
CA ARG B 593 32.63 10.30 11.55
C ARG B 593 31.35 10.22 10.72
N ASP B 594 31.46 10.53 9.42
CA ASP B 594 30.29 10.44 8.54
C ASP B 594 29.75 9.02 8.48
N THR B 595 30.64 8.04 8.30
CA THR B 595 30.20 6.64 8.20
C THR B 595 29.57 6.16 9.51
N VAL B 596 30.16 6.53 10.65
CA VAL B 596 29.61 6.11 11.93
C VAL B 596 28.24 6.75 12.17
N ARG B 597 28.09 8.03 11.80
CA ARG B 597 26.78 8.66 11.91
C ARG B 597 25.75 7.95 11.03
N ARG B 598 26.14 7.58 9.82
CA ARG B 598 25.21 6.86 8.94
C ARG B 598 24.83 5.51 9.54
N ARG B 599 25.80 4.79 10.10
CA ARG B 599 25.51 3.50 10.72
C ARG B 599 24.56 3.65 11.90
N LEU B 600 24.81 4.65 12.76
CA LEU B 600 23.93 4.88 13.91
C LEU B 600 22.52 5.24 13.47
N ASN B 601 22.40 6.08 12.44
CA ASN B 601 21.07 6.44 11.94
C ASN B 601 20.35 5.23 11.35
N HIS B 602 21.09 4.37 10.64
CA HIS B 602 20.50 3.14 10.10
C HIS B 602 19.96 2.25 11.22
N ARG B 603 20.77 2.05 12.26
CA ARG B 603 20.32 1.24 13.39
C ARG B 603 19.13 1.87 14.08
N LEU B 604 19.13 3.20 14.21
CA LEU B 604 18.01 3.89 14.84
C LEU B 604 16.73 3.71 14.03
N GLU B 605 16.82 3.80 12.71
CA GLU B 605 15.65 3.59 11.87
C GLU B 605 15.10 2.18 12.03
N LYS B 606 15.99 1.19 12.02
CA LYS B 606 15.54 -0.19 12.21
C LYS B 606 14.87 -0.37 13.57
N VAL B 607 15.48 0.19 14.62
CA VAL B 607 14.93 0.03 15.97
C VAL B 607 13.57 0.70 16.08
N LEU B 608 13.43 1.90 15.51
CA LEU B 608 12.15 2.61 15.57
C LEU B 608 11.06 1.84 14.83
N LYS B 609 11.38 1.31 13.64
CA LYS B 609 10.38 0.54 12.91
C LYS B 609 9.96 -0.70 13.68
N ARG B 610 10.94 -1.42 14.26
CA ARG B 610 10.59 -2.61 15.02
C ARG B 610 9.79 -2.26 16.27
N LEU B 611 10.09 -1.12 16.90
CA LEU B 611 9.31 -0.69 18.07
C LEU B 611 7.87 -0.39 17.68
N HIS B 612 7.67 0.25 16.53
CA HIS B 612 6.32 0.51 16.04
C HIS B 612 5.58 -0.81 15.81
N ILE B 613 6.24 -1.77 15.17
CA ILE B 613 5.61 -3.06 14.91
C ILE B 613 5.27 -3.77 16.21
N LEU B 614 6.18 -3.73 17.20
CA LEU B 614 5.92 -4.38 18.47
C LEU B 614 4.76 -3.72 19.22
N GLU B 615 4.67 -2.39 19.16
CA GLU B 615 3.55 -1.70 19.77
C GLU B 615 2.23 -2.15 19.14
N GLY B 616 2.20 -2.23 17.81
CA GLY B 616 1.00 -2.74 17.15
C GLY B 616 0.67 -4.17 17.54
N LEU B 617 1.70 -5.02 17.66
CA LEU B 617 1.48 -6.41 18.03
C LEU B 617 0.92 -6.52 19.45
N LEU B 618 1.44 -5.69 20.37
CA LEU B 618 0.92 -5.70 21.73
C LEU B 618 -0.53 -5.23 21.77
N VAL B 619 -0.85 -4.21 20.97
CA VAL B 619 -2.24 -3.77 20.85
C VAL B 619 -3.12 -4.92 20.35
N ALA B 620 -2.61 -5.68 19.38
CA ALA B 620 -3.36 -6.83 18.87
C ALA B 620 -3.56 -7.88 19.96
N PHE B 621 -2.52 -8.16 20.75
CA PHE B 621 -2.64 -9.16 21.81
C PHE B 621 -3.67 -8.73 22.84
N LEU B 622 -3.71 -7.43 23.15
CA LEU B 622 -4.70 -6.92 24.11
C LEU B 622 -6.13 -7.12 23.62
N ASN B 623 -6.35 -7.07 22.31
CA ASN B 623 -7.70 -7.17 21.76
C ASN B 623 -7.79 -8.29 20.73
N ILE B 624 -7.29 -9.47 21.09
CA ILE B 624 -7.19 -10.57 20.13
C ILE B 624 -8.57 -10.97 19.61
N ASP B 625 -9.56 -11.08 20.51
CA ASP B 625 -10.89 -11.50 20.09
C ASP B 625 -11.51 -10.51 19.12
N GLU B 626 -11.41 -9.22 19.42
CA GLU B 626 -11.96 -8.21 18.53
C GLU B 626 -11.24 -8.21 17.19
N VAL B 627 -9.91 -8.39 17.20
CA VAL B 627 -9.15 -8.44 15.96
C VAL B 627 -9.60 -9.61 15.10
N ILE B 628 -9.79 -10.79 15.72
CA ILE B 628 -10.24 -11.96 14.98
C ILE B 628 -11.65 -11.74 14.43
N GLU B 629 -12.52 -11.10 15.21
CA GLU B 629 -13.86 -10.81 14.71
C GLU B 629 -13.81 -9.87 13.51
N ILE B 630 -12.96 -8.85 13.56
CA ILE B 630 -12.83 -7.93 12.43
C ILE B 630 -12.31 -8.67 11.21
N ILE B 631 -11.32 -9.55 11.40
CA ILE B 631 -10.77 -10.31 10.28
C ILE B 631 -11.84 -11.21 9.66
N ARG B 632 -12.61 -11.89 10.51
CA ARG B 632 -13.59 -12.85 10.02
C ARG B 632 -14.83 -12.19 9.43
N THR B 633 -15.11 -10.94 9.77
CA THR B 633 -16.33 -10.29 9.28
C THR B 633 -16.06 -9.31 8.14
N GLU B 634 -15.00 -8.52 8.20
CA GLU B 634 -14.71 -7.53 7.18
C GLU B 634 -13.92 -8.16 6.04
N ASP B 635 -14.33 -7.84 4.81
CA ASP B 635 -13.63 -8.36 3.64
C ASP B 635 -12.23 -7.77 3.53
N GLU B 636 -12.09 -6.47 3.80
CA GLU B 636 -10.82 -5.76 3.80
C GLU B 636 -10.49 -5.39 5.24
N PRO B 637 -9.81 -6.25 5.99
CA PRO B 637 -9.66 -6.02 7.44
C PRO B 637 -8.67 -4.92 7.79
N LYS B 638 -7.75 -4.56 6.90
CA LYS B 638 -6.74 -3.55 7.25
C LYS B 638 -7.33 -2.19 7.57
N PRO B 639 -8.18 -1.57 6.73
CA PRO B 639 -8.75 -0.27 7.13
C PRO B 639 -9.62 -0.36 8.36
N ALA B 640 -10.35 -1.46 8.55
CA ALA B 640 -11.17 -1.62 9.74
C ALA B 640 -10.30 -1.69 11.00
N LEU B 641 -9.19 -2.42 10.93
CA LEU B 641 -8.27 -2.45 12.06
C LEU B 641 -7.66 -1.09 12.32
N MET B 642 -7.32 -0.36 11.25
CA MET B 642 -6.75 0.97 11.41
C MET B 642 -7.72 1.92 12.10
N SER B 643 -9.00 1.87 11.70
CA SER B 643 -9.99 2.76 12.28
C SER B 643 -10.34 2.35 13.70
N ARG B 644 -10.54 1.06 13.95
CA ARG B 644 -11.02 0.59 15.23
C ARG B 644 -9.99 0.82 16.34
N PHE B 645 -8.72 0.52 16.08
CA PHE B 645 -7.68 0.61 17.09
C PHE B 645 -6.78 1.82 16.92
N GLY B 646 -7.08 2.71 15.97
CA GLY B 646 -6.24 3.86 15.72
C GLY B 646 -4.82 3.49 15.37
N ILE B 647 -4.66 2.49 14.50
CA ILE B 647 -3.37 1.87 14.24
C ILE B 647 -2.94 2.18 12.81
N SER B 648 -1.64 2.06 12.57
CA SER B 648 -1.08 2.38 11.27
C SER B 648 -1.26 1.21 10.30
N GLU B 649 -1.08 1.50 9.01
CA GLU B 649 -1.23 0.48 7.98
C GLU B 649 -0.18 -0.61 8.12
N THR B 650 1.08 -0.23 8.36
CA THR B 650 2.13 -1.23 8.55
C THR B 650 1.89 -2.04 9.80
N GLN B 651 1.43 -1.40 10.87
CA GLN B 651 1.08 -2.12 12.09
C GLN B 651 -0.08 -3.08 11.84
N ALA B 652 -1.07 -2.65 11.07
CA ALA B 652 -2.19 -3.52 10.72
C ALA B 652 -1.71 -4.73 9.93
N GLU B 653 -0.79 -4.53 8.98
CA GLU B 653 -0.24 -5.65 8.23
C GLU B 653 0.53 -6.59 9.14
N ALA B 654 1.28 -6.05 10.09
CA ALA B 654 2.01 -6.88 11.05
C ALA B 654 1.03 -7.72 11.88
N ILE B 655 -0.09 -7.12 12.28
CA ILE B 655 -1.12 -7.87 13.00
C ILE B 655 -1.68 -8.99 12.12
N LEU B 656 -1.96 -8.67 10.85
CA LEU B 656 -2.52 -9.66 9.94
C LEU B 656 -1.55 -10.81 9.69
N GLU B 657 -0.24 -10.52 9.71
CA GLU B 657 0.77 -11.53 9.45
C GLU B 657 1.20 -12.27 10.71
N LEU B 658 0.59 -11.98 11.85
CA LEU B 658 0.88 -12.72 13.07
C LEU B 658 0.37 -14.16 12.95
N LYS B 659 1.12 -15.09 13.53
CA LYS B 659 0.77 -16.50 13.50
C LYS B 659 0.05 -16.90 14.79
N LEU B 660 -0.73 -17.99 14.69
CA LEU B 660 -1.51 -18.43 15.84
C LEU B 660 -0.61 -18.83 17.01
N ARG B 661 0.53 -19.46 16.73
CA ARG B 661 1.45 -19.84 17.78
C ARG B 661 1.97 -18.63 18.56
N HIS B 662 2.01 -17.46 17.92
CA HIS B 662 2.44 -16.25 18.60
C HIS B 662 1.40 -15.73 19.59
N LEU B 663 0.19 -16.28 19.59
CA LEU B 663 -0.85 -15.87 20.53
C LEU B 663 -0.59 -16.36 21.94
N ALA B 664 0.40 -17.23 22.14
CA ALA B 664 0.71 -17.74 23.47
C ALA B 664 1.34 -16.65 24.34
N LYS B 665 1.27 -16.86 25.66
CA LYS B 665 1.79 -15.87 26.60
C LYS B 665 3.30 -15.75 26.53
N LEU B 666 4.00 -16.85 26.22
CA LEU B 666 5.46 -16.81 26.14
C LEU B 666 5.92 -15.85 25.04
N GLU B 667 5.24 -15.88 23.90
CA GLU B 667 5.59 -14.96 22.81
C GLU B 667 5.32 -13.52 23.21
N GLU B 668 4.24 -13.27 23.96
CA GLU B 668 3.97 -11.92 24.44
C GLU B 668 5.06 -11.44 25.39
N MET B 669 5.51 -12.31 26.29
CA MET B 669 6.60 -11.93 27.20
C MET B 669 7.88 -11.66 26.43
N LYS B 670 8.18 -12.49 25.42
CA LYS B 670 9.35 -12.25 24.59
C LYS B 670 9.27 -10.92 23.87
N ILE B 671 8.08 -10.59 23.33
CA ILE B 671 7.90 -9.32 22.65
C ILE B 671 8.09 -8.15 23.62
N ARG B 672 7.58 -8.28 24.84
CA ARG B 672 7.76 -7.20 25.82
C ARG B 672 9.23 -7.02 26.18
N GLY B 673 9.96 -8.12 26.37
CA GLY B 673 11.39 -8.00 26.62
C GLY B 673 12.13 -7.35 25.46
N GLU B 674 11.78 -7.74 24.23
CA GLU B 674 12.35 -7.10 23.05
C GLU B 674 12.05 -5.61 23.02
N GLN B 675 10.82 -5.23 23.38
CA GLN B 675 10.44 -3.82 23.41
C GLN B 675 11.28 -3.05 24.42
N SER B 676 11.48 -3.62 25.62
CA SER B 676 12.29 -2.94 26.63
C SER B 676 13.72 -2.76 26.14
N GLU B 677 14.31 -3.82 25.59
CA GLU B 677 15.68 -3.74 25.10
C GLU B 677 15.80 -2.72 23.97
N LEU B 678 14.82 -2.71 23.06
CA LEU B 678 14.86 -1.78 21.94
C LEU B 678 14.64 -0.34 22.38
N GLU B 679 13.81 -0.12 23.41
CA GLU B 679 13.67 1.23 23.95
C GLU B 679 14.99 1.72 24.53
N LYS B 680 15.68 0.86 25.29
CA LYS B 680 16.99 1.25 25.80
C LYS B 680 17.96 1.53 24.66
N GLU B 681 17.96 0.68 23.64
CA GLU B 681 18.85 0.88 22.50
C GLU B 681 18.55 2.19 21.77
N ARG B 682 17.26 2.50 21.57
CA ARG B 682 16.89 3.75 20.92
C ARG B 682 17.35 4.95 21.73
N ASP B 683 17.17 4.89 23.06
CA ASP B 683 17.63 5.99 23.90
C ASP B 683 19.15 6.17 23.78
N GLN B 684 19.89 5.06 23.81
CA GLN B 684 21.35 5.15 23.69
C GLN B 684 21.76 5.72 22.35
N LEU B 685 21.15 5.24 21.26
CA LEU B 685 21.51 5.72 19.92
C LEU B 685 21.21 7.20 19.76
N GLN B 686 20.04 7.64 20.24
CA GLN B 686 19.70 9.06 20.15
C GLN B 686 20.65 9.90 21.00
N ALA B 687 21.04 9.40 22.17
CA ALA B 687 22.00 10.12 22.99
C ALA B 687 23.34 10.26 22.29
N ILE B 688 23.81 9.20 21.63
CA ILE B 688 25.08 9.29 20.91
C ILE B 688 24.96 10.28 19.76
N LEU B 689 23.87 10.21 19.01
CA LEU B 689 23.70 11.09 17.86
C LEU B 689 23.46 12.54 18.26
N ALA B 690 23.05 12.79 19.51
CA ALA B 690 22.73 14.14 19.95
C ALA B 690 23.93 14.90 20.50
N SER B 691 24.93 14.21 21.03
CA SER B 691 26.08 14.85 21.65
C SER B 691 27.35 14.56 20.85
N GLU B 692 28.11 15.62 20.57
CA GLU B 692 29.38 15.43 19.87
C GLU B 692 30.42 14.77 20.77
N ARG B 693 30.41 15.09 22.06
CA ARG B 693 31.38 14.52 22.99
C ARG B 693 31.19 13.02 23.13
N LYS B 694 29.93 12.57 23.23
CA LYS B 694 29.67 11.14 23.34
C LYS B 694 30.06 10.41 22.07
N MET B 695 29.81 11.02 20.90
CA MET B 695 30.22 10.41 19.65
C MET B 695 31.74 10.31 19.55
N ASN B 696 32.45 11.34 20.01
CA ASN B 696 33.91 11.28 20.02
C ASN B 696 34.40 10.18 20.96
N ASN B 697 33.76 10.04 22.13
CA ASN B 697 34.13 8.97 23.05
C ASN B 697 33.91 7.61 22.41
N LEU B 698 32.78 7.44 21.71
CA LEU B 698 32.52 6.18 21.01
C LEU B 698 33.57 5.92 19.95
N LEU B 699 33.96 6.95 19.20
CA LEU B 699 34.99 6.78 18.18
C LEU B 699 36.31 6.34 18.79
N LYS B 700 36.70 6.96 19.91
CA LYS B 700 37.94 6.56 20.57
C LYS B 700 37.86 5.12 21.06
N LYS B 701 36.72 4.74 21.64
CA LYS B 701 36.56 3.36 22.12
C LYS B 701 36.66 2.37 20.97
N GLU B 702 35.99 2.65 19.86
CA GLU B 702 36.03 1.74 18.70
C GLU B 702 37.43 1.65 18.12
N LEU B 703 38.13 2.78 18.00
CA LEU B 703 39.49 2.75 17.47
C LEU B 703 40.42 1.96 18.38
N GLN B 704 40.30 2.15 19.70
CA GLN B 704 41.15 1.40 20.62
C GLN B 704 40.83 -0.09 20.57
N ALA B 705 39.54 -0.45 20.47
CA ALA B 705 39.18 -1.85 20.39
C ALA B 705 39.72 -2.50 19.12
N ASP B 706 39.62 -1.80 17.99
CA ASP B 706 40.15 -2.33 16.74
C ASP B 706 41.67 -2.46 16.81
N ALA B 707 42.35 -1.50 17.43
CA ALA B 707 43.80 -1.58 17.58
C ALA B 707 44.19 -2.76 18.46
N ASP B 708 43.44 -3.01 19.53
CA ASP B 708 43.76 -4.13 20.41
C ASP B 708 43.44 -5.47 19.77
N ALA B 709 42.44 -5.53 18.89
CA ALA B 709 42.03 -6.79 18.29
C ALA B 709 42.81 -7.13 17.04
N PHE B 710 43.32 -6.13 16.31
CA PHE B 710 44.00 -6.38 15.04
C PHE B 710 45.45 -5.91 15.01
N GLY B 711 45.93 -5.25 16.07
CA GLY B 711 47.26 -4.66 16.03
C GLY B 711 48.38 -5.67 16.20
N ASP B 712 49.59 -5.18 15.97
CA ASP B 712 50.80 -5.98 16.11
C ASP B 712 51.97 -5.05 16.38
N ASP B 713 53.06 -5.63 16.88
CA ASP B 713 54.24 -4.84 17.18
C ASP B 713 54.89 -4.34 15.89
N ARG B 714 55.71 -3.30 16.04
CA ARG B 714 56.45 -2.76 14.90
C ARG B 714 57.40 -3.81 14.36
N ARG B 715 57.44 -3.95 13.04
CA ARG B 715 58.26 -4.95 12.38
C ARG B 715 59.60 -4.41 11.92
N SER B 716 59.65 -3.17 11.43
CA SER B 716 60.89 -2.56 10.95
C SER B 716 61.34 -1.48 11.93
N PRO B 717 62.33 -1.75 12.78
CA PRO B 717 62.79 -0.71 13.70
C PRO B 717 63.45 0.44 12.96
N LEU B 718 63.41 1.61 13.59
CA LEU B 718 63.97 2.84 13.04
C LEU B 718 65.18 3.22 13.87
N HIS B 719 66.37 3.12 13.28
CA HIS B 719 67.61 3.47 13.96
C HIS B 719 68.47 4.30 13.01
N GLU B 720 68.95 5.45 13.49
CA GLU B 720 69.79 6.29 12.68
C GLU B 720 71.16 5.64 12.48
N ARG B 721 71.67 5.73 11.26
CA ARG B 721 72.95 5.12 10.92
C ARG B 721 73.78 6.10 10.10
N GLU B 722 75.06 5.78 9.94
CA GLU B 722 75.98 6.64 9.23
C GLU B 722 75.71 6.55 7.72
N GLU B 723 76.42 7.38 6.96
CA GLU B 723 76.24 7.40 5.51
C GLU B 723 76.96 6.24 4.86
N ALA B 724 76.32 5.63 3.87
CA ALA B 724 76.90 4.51 3.14
C ALA B 724 77.87 5.05 2.10
N LYS B 725 79.15 4.76 2.27
CA LYS B 725 80.19 5.21 1.35
C LYS B 725 80.86 3.99 0.73
N ALA B 726 81.01 4.02 -0.59
CA ALA B 726 81.68 2.93 -1.29
C ALA B 726 83.18 3.03 -1.07
N LEU B 727 83.89 1.97 -1.47
CA LEU B 727 85.33 1.93 -1.34
C LEU B 727 85.98 2.95 -2.26
N GLU B 728 87.27 3.16 -2.07
CA GLU B 728 88.05 3.98 -2.99
C GLU B 728 87.96 3.40 -4.39
N HIS B 729 87.78 4.28 -5.38
CA HIS B 729 87.51 3.84 -6.74
C HIS B 729 88.59 2.94 -7.29
N HIS B 730 88.27 1.67 -7.53
CA HIS B 730 89.21 0.70 -8.04
C HIS B 730 89.07 0.51 -9.55
N HIS B 731 87.88 0.13 -10.01
CA HIS B 731 87.61 -0.11 -11.43
C HIS B 731 88.61 -1.06 -12.06
N GLY C 5 -55.48 40.33 17.76
CA GLY C 5 -56.29 39.66 16.76
C GLY C 5 -56.32 38.16 16.92
N LYS C 6 -57.37 37.64 17.56
CA LYS C 6 -57.51 36.22 17.79
C LYS C 6 -58.30 35.54 16.67
N LEU C 7 -59.33 36.21 16.15
CA LEU C 7 -60.14 35.70 15.06
C LEU C 7 -60.01 36.64 13.85
N ALA C 8 -60.70 36.29 12.77
CA ALA C 8 -60.72 37.11 11.56
C ALA C 8 -62.16 37.50 11.23
N ASP C 9 -62.43 38.80 11.18
CA ASP C 9 -63.72 39.36 10.85
C ASP C 9 -63.66 40.00 9.47
N CYS C 10 -64.82 40.10 8.82
CA CYS C 10 -64.88 40.69 7.48
C CYS C 10 -65.04 42.21 7.62
N THR C 11 -65.50 42.87 6.56
CA THR C 11 -65.76 44.30 6.57
C THR C 11 -67.10 44.55 5.87
N ALA C 12 -68.08 43.70 6.15
CA ALA C 12 -69.41 43.80 5.57
C ALA C 12 -70.36 42.99 6.43
N GLN C 13 -71.60 43.46 6.53
CA GLN C 13 -72.62 42.81 7.34
C GLN C 13 -73.73 42.22 6.49
N ASP C 14 -73.53 42.11 5.19
CA ASP C 14 -74.55 41.57 4.28
C ASP C 14 -74.66 40.06 4.50
N LEU C 15 -75.77 39.63 5.11
CA LEU C 15 -76.00 38.23 5.42
C LEU C 15 -76.18 37.36 4.17
N ASN C 16 -76.36 37.96 2.99
CA ASN C 16 -76.62 37.18 1.79
C ASN C 16 -75.44 36.28 1.44
N ARG C 17 -74.22 36.80 1.55
CA ARG C 17 -73.04 36.08 1.10
C ARG C 17 -71.92 36.01 2.12
N THR C 18 -72.07 36.63 3.29
CA THR C 18 -71.02 36.59 4.30
C THR C 18 -70.78 35.16 4.76
N GLU C 19 -69.50 34.77 4.84
CA GLU C 19 -69.13 33.41 5.16
C GLU C 19 -68.10 33.39 6.29
N LEU C 20 -68.27 32.44 7.22
CA LEU C 20 -67.31 32.21 8.29
C LEU C 20 -66.83 30.77 8.19
N PHE C 21 -65.51 30.60 8.27
CA PHE C 21 -64.89 29.28 8.16
C PHE C 21 -64.24 28.90 9.48
N LEU C 22 -64.60 27.73 10.00
CA LEU C 22 -64.02 27.18 11.22
C LEU C 22 -62.91 26.23 10.82
N VAL C 23 -61.67 26.59 11.13
CA VAL C 23 -60.51 25.84 10.70
C VAL C 23 -59.99 25.01 11.88
N GLU C 24 -59.05 24.10 11.57
CA GLU C 24 -58.54 23.19 12.59
C GLU C 24 -57.55 23.89 13.51
N GLY C 25 -56.47 24.43 12.95
CA GLY C 25 -55.45 25.07 13.76
C GLY C 25 -54.89 26.29 13.06
N ASP C 26 -54.17 27.11 13.84
CA ASP C 26 -53.65 28.37 13.32
C ASP C 26 -52.64 28.16 12.20
N SER C 27 -52.05 26.97 12.10
CA SER C 27 -51.22 26.65 10.94
C SER C 27 -52.04 26.75 9.65
N ALA C 28 -53.23 26.16 9.65
CA ALA C 28 -54.16 26.36 8.55
C ALA C 28 -54.85 27.72 8.63
N GLY C 29 -54.94 28.28 9.84
CA GLY C 29 -55.57 29.58 9.98
C GLY C 29 -54.82 30.68 9.24
N GLY C 30 -53.50 30.63 9.27
CA GLY C 30 -52.72 31.62 8.54
C GLY C 30 -52.94 31.55 7.04
N SER C 31 -52.94 30.34 6.48
CA SER C 31 -53.20 30.20 5.05
C SER C 31 -54.61 30.66 4.70
N ALA C 32 -55.59 30.31 5.53
CA ALA C 32 -56.96 30.75 5.26
C ALA C 32 -57.09 32.26 5.33
N LYS C 33 -56.46 32.89 6.34
CA LYS C 33 -56.57 34.34 6.50
C LYS C 33 -55.80 35.10 5.43
N GLN C 34 -54.71 34.54 4.91
CA GLN C 34 -54.01 35.22 3.84
C GLN C 34 -54.64 34.97 2.48
N ALA C 35 -55.35 33.85 2.31
CA ALA C 35 -56.00 33.51 1.05
C ALA C 35 -57.45 33.96 1.02
N ARG C 36 -57.94 34.59 2.08
CA ARG C 36 -59.35 34.94 2.16
C ARG C 36 -59.72 36.07 1.20
N ASP C 37 -61.00 36.11 0.86
CA ASP C 37 -61.58 37.20 0.09
C ASP C 37 -62.25 38.19 1.05
N ARG C 38 -61.44 38.80 1.91
CA ARG C 38 -61.94 39.62 3.01
C ARG C 38 -63.05 40.58 2.61
N GLU C 39 -63.88 40.96 3.59
CA GLU C 39 -65.14 41.67 3.43
C GLU C 39 -66.20 40.77 2.81
N TYR C 40 -65.79 39.61 2.30
CA TYR C 40 -66.69 38.56 1.85
C TYR C 40 -66.70 37.33 2.75
N GLN C 41 -65.54 36.96 3.30
CA GLN C 41 -65.39 35.74 4.08
C GLN C 41 -64.64 36.03 5.38
N ALA C 42 -64.73 35.07 6.31
CA ALA C 42 -64.04 35.18 7.59
C ALA C 42 -63.53 33.80 8.02
N ILE C 43 -62.55 33.82 8.92
CA ILE C 43 -61.88 32.61 9.40
C ILE C 43 -61.80 32.67 10.91
N MET C 44 -62.20 31.59 11.56
CA MET C 44 -62.12 31.48 13.02
C MET C 44 -61.23 30.31 13.40
N PRO C 45 -60.08 30.54 14.04
CA PRO C 45 -59.21 29.43 14.42
C PRO C 45 -59.66 28.78 15.71
N LEU C 46 -59.36 27.48 15.82
CA LEU C 46 -59.67 26.69 17.00
C LEU C 46 -58.39 26.07 17.55
N LYS C 47 -58.28 26.01 18.88
CA LYS C 47 -57.08 25.46 19.52
C LYS C 47 -57.22 23.95 19.66
N GLY C 48 -57.08 23.27 18.52
CA GLY C 48 -57.14 21.83 18.50
C GLY C 48 -58.56 21.27 18.48
N LYS C 49 -58.70 20.11 19.10
CA LYS C 49 -59.99 19.43 19.15
C LYS C 49 -60.94 20.14 20.12
N ILE C 50 -62.21 19.71 20.05
CA ILE C 50 -63.30 20.23 20.87
C ILE C 50 -63.83 19.08 21.70
N LEU C 51 -64.99 19.25 22.31
CA LEU C 51 -65.55 18.26 23.21
C LEU C 51 -66.86 17.73 22.64
N ASN C 52 -67.14 16.46 22.94
CA ASN C 52 -68.37 15.82 22.50
C ASN C 52 -69.55 16.38 23.27
N THR C 53 -70.37 17.19 22.60
CA THR C 53 -71.45 17.89 23.25
C THR C 53 -72.74 17.09 23.29
N TRP C 54 -72.74 15.87 22.75
CA TRP C 54 -73.96 15.05 22.72
C TRP C 54 -74.41 14.69 24.13
N GLU C 55 -73.47 14.33 25.01
CA GLU C 55 -73.79 13.88 26.35
C GLU C 55 -73.60 14.99 27.39
N VAL C 56 -73.71 16.25 26.99
CA VAL C 56 -73.65 17.39 27.89
C VAL C 56 -74.88 18.25 27.66
N SER C 57 -75.45 18.77 28.74
CA SER C 57 -76.64 19.60 28.63
C SER C 57 -76.32 20.91 27.91
N SER C 58 -77.33 21.47 27.23
CA SER C 58 -77.14 22.68 26.46
C SER C 58 -76.81 23.90 27.33
N ASP C 59 -77.18 23.87 28.61
CA ASP C 59 -76.85 24.96 29.52
C ASP C 59 -75.47 24.82 30.15
N GLU C 60 -74.87 23.64 30.10
CA GLU C 60 -73.58 23.39 30.76
C GLU C 60 -72.38 23.58 29.85
N VAL C 61 -72.57 24.04 28.62
CA VAL C 61 -71.43 24.29 27.71
C VAL C 61 -70.97 25.70 27.99
N LEU C 62 -70.19 25.84 29.08
CA LEU C 62 -69.57 27.12 29.41
C LEU C 62 -68.16 26.95 29.97
N ALA C 63 -67.49 25.82 29.66
CA ALA C 63 -66.18 25.51 30.21
C ALA C 63 -65.08 25.64 29.17
N SER C 64 -65.25 25.03 28.01
CA SER C 64 -64.27 25.16 26.95
C SER C 64 -64.23 26.59 26.43
N GLN C 65 -63.09 26.96 25.85
CA GLN C 65 -62.90 28.32 25.37
C GLN C 65 -63.11 28.44 23.87
N GLU C 66 -62.94 27.34 23.12
CA GLU C 66 -63.17 27.37 21.69
C GLU C 66 -64.66 27.57 21.40
N VAL C 67 -65.51 26.77 22.04
CA VAL C 67 -66.94 26.92 21.84
C VAL C 67 -67.45 28.21 22.46
N HIS C 68 -66.80 28.69 23.53
CA HIS C 68 -67.19 29.98 24.09
C HIS C 68 -66.90 31.10 23.10
N ASP C 69 -65.73 31.06 22.46
CA ASP C 69 -65.39 32.05 21.44
C ASP C 69 -66.34 31.93 20.24
N ILE C 70 -66.71 30.70 19.87
CA ILE C 70 -67.65 30.51 18.78
C ILE C 70 -69.00 31.14 19.12
N SER C 71 -69.47 30.92 20.36
CA SER C 71 -70.76 31.48 20.78
C SER C 71 -70.73 33.00 20.80
N VAL C 72 -69.62 33.59 21.26
CA VAL C 72 -69.50 35.04 21.24
C VAL C 72 -69.42 35.55 19.81
N ALA C 73 -68.72 34.81 18.95
CA ALA C 73 -68.52 35.17 17.55
C ALA C 73 -69.73 34.85 16.67
N ILE C 74 -70.71 34.13 17.19
CA ILE C 74 -71.89 33.76 16.42
C ILE C 74 -73.11 34.36 17.12
N GLY C 75 -74.10 34.77 16.32
CA GLY C 75 -75.28 35.37 16.90
C GLY C 75 -76.10 34.43 17.75
N ILE C 76 -76.12 33.15 17.41
CA ILE C 76 -76.98 32.18 18.08
C ILE C 76 -76.42 31.85 19.46
N ASP C 77 -77.22 32.11 20.48
CA ASP C 77 -76.89 31.67 21.83
C ASP C 77 -76.96 30.14 21.90
N PRO C 78 -76.22 29.51 22.80
CA PRO C 78 -76.19 28.04 22.83
C PRO C 78 -77.55 27.39 23.04
N ASP C 79 -78.51 28.08 23.64
CA ASP C 79 -79.82 27.49 23.81
C ASP C 79 -80.60 27.53 22.50
N SER C 80 -81.74 26.83 22.49
CA SER C 80 -82.59 26.72 21.30
C SER C 80 -83.34 28.02 21.04
N ASP C 81 -82.69 28.95 20.34
CA ASP C 81 -83.27 30.27 20.09
C ASP C 81 -84.30 30.24 18.96
N ASP C 82 -83.85 29.90 17.75
CA ASP C 82 -84.58 29.86 16.48
C ASP C 82 -84.70 31.25 15.87
N LEU C 83 -84.32 32.31 16.58
CA LEU C 83 -84.37 33.65 16.02
C LEU C 83 -83.26 33.81 14.98
N SER C 84 -83.35 34.88 14.19
CA SER C 84 -82.37 35.02 13.11
C SER C 84 -81.03 35.43 13.70
N GLN C 85 -80.93 36.68 14.17
CA GLN C 85 -79.80 37.19 14.95
C GLN C 85 -78.49 36.54 14.52
N LEU C 86 -78.11 36.70 13.26
CA LEU C 86 -76.92 36.02 12.73
C LEU C 86 -75.87 37.01 12.30
N ARG C 87 -74.64 36.79 12.75
CA ARG C 87 -73.50 37.63 12.42
C ARG C 87 -73.08 37.39 10.98
N TYR C 88 -72.60 36.18 10.71
CA TYR C 88 -72.17 35.78 9.38
C TYR C 88 -73.28 35.03 8.67
N GLY C 89 -73.43 35.29 7.38
CA GLY C 89 -74.43 34.63 6.56
C GLY C 89 -74.30 33.12 6.51
N LYS C 90 -73.25 32.63 5.88
CA LYS C 90 -73.04 31.20 5.71
C LYS C 90 -71.98 30.72 6.70
N ILE C 91 -72.29 29.63 7.40
CA ILE C 91 -71.38 29.04 8.38
C ILE C 91 -70.85 27.76 7.77
N CYS C 92 -69.52 27.64 7.68
CA CYS C 92 -68.88 26.54 7.00
C CYS C 92 -67.92 25.82 7.94
N ILE C 93 -67.81 24.51 7.74
CA ILE C 93 -66.90 23.67 8.51
C ILE C 93 -65.71 23.36 7.61
N LEU C 94 -64.54 23.84 8.01
CA LEU C 94 -63.28 23.67 7.29
C LEU C 94 -62.37 22.77 8.11
N ALA C 95 -62.49 21.47 7.91
CA ALA C 95 -61.68 20.49 8.59
C ALA C 95 -60.83 19.74 7.57
N ASP C 96 -59.66 19.28 8.01
CA ASP C 96 -58.74 18.62 7.11
C ASP C 96 -59.33 17.30 6.60
N ALA C 97 -58.87 16.88 5.42
CA ALA C 97 -59.39 15.67 4.81
C ALA C 97 -58.89 14.40 5.47
N ASP C 98 -57.91 14.48 6.37
CA ASP C 98 -57.48 13.30 7.09
C ASP C 98 -58.58 12.82 8.03
N SER C 99 -58.47 11.55 8.44
CA SER C 99 -59.50 10.95 9.29
C SER C 99 -59.66 11.71 10.60
N ASP C 100 -58.57 12.19 11.17
CA ASP C 100 -58.65 12.98 12.40
C ASP C 100 -59.38 14.30 12.15
N GLY C 101 -59.12 14.93 11.01
CA GLY C 101 -59.90 16.11 10.64
C GLY C 101 -61.38 15.79 10.48
N LEU C 102 -61.68 14.61 9.94
CA LEU C 102 -63.07 14.17 9.86
C LEU C 102 -63.69 14.00 11.24
N HIS C 103 -62.90 13.50 12.20
CA HIS C 103 -63.40 13.38 13.57
C HIS C 103 -63.71 14.76 14.17
N ILE C 104 -62.81 15.73 13.95
CA ILE C 104 -63.07 17.08 14.46
C ILE C 104 -64.30 17.67 13.78
N ALA C 105 -64.44 17.44 12.47
CA ALA C 105 -65.63 17.91 11.76
C ALA C 105 -66.90 17.27 12.32
N THR C 106 -66.84 15.98 12.63
CA THR C 106 -68.00 15.30 13.21
C THR C 106 -68.36 15.87 14.57
N LEU C 107 -67.35 16.16 15.41
CA LEU C 107 -67.64 16.76 16.70
C LEU C 107 -68.27 18.15 16.54
N LEU C 108 -67.73 18.95 15.61
CA LEU C 108 -68.31 20.26 15.34
C LEU C 108 -69.74 20.14 14.81
N CYS C 109 -69.99 19.13 13.98
CA CYS C 109 -71.32 18.89 13.45
C CYS C 109 -72.29 18.51 14.57
N ALA C 110 -71.83 17.67 15.51
CA ALA C 110 -72.67 17.33 16.66
C ALA C 110 -73.00 18.56 17.48
N LEU C 111 -72.01 19.43 17.68
CA LEU C 111 -72.26 20.68 18.38
C LEU C 111 -73.27 21.55 17.64
N PHE C 112 -73.18 21.57 16.31
CA PHE C 112 -74.12 22.35 15.51
C PHE C 112 -75.51 21.75 15.49
N VAL C 113 -75.64 20.46 15.79
CA VAL C 113 -76.94 19.81 15.81
C VAL C 113 -77.61 19.97 17.17
N ARG C 114 -76.89 19.72 18.27
CA ARG C 114 -77.52 19.77 19.58
C ARG C 114 -77.90 21.19 20.00
N HIS C 115 -77.27 22.22 19.43
CA HIS C 115 -77.51 23.58 19.87
C HIS C 115 -77.92 24.55 18.76
N PHE C 116 -77.77 24.20 17.50
CA PHE C 116 -78.07 25.09 16.39
C PHE C 116 -78.98 24.40 15.37
N ARG C 117 -80.06 23.78 15.85
CA ARG C 117 -80.97 23.06 14.97
C ARG C 117 -81.57 23.97 13.90
N THR C 118 -81.78 25.25 14.23
CA THR C 118 -82.30 26.19 13.25
C THR C 118 -81.31 26.45 12.13
N LEU C 119 -80.01 26.45 12.43
CA LEU C 119 -79.00 26.70 11.40
C LEU C 119 -78.90 25.57 10.40
N VAL C 120 -79.46 24.41 10.69
CA VAL C 120 -79.49 23.29 9.76
C VAL C 120 -80.86 23.13 9.11
N LYS C 121 -81.92 23.34 9.88
CA LYS C 121 -83.28 23.29 9.31
C LYS C 121 -83.48 24.37 8.27
N GLU C 122 -83.02 25.60 8.56
CA GLU C 122 -83.15 26.68 7.58
C GLU C 122 -82.25 26.47 6.37
N GLY C 123 -81.14 25.75 6.53
CA GLY C 123 -80.24 25.52 5.43
C GLY C 123 -79.19 26.60 5.30
N HIS C 124 -78.33 26.72 6.32
CA HIS C 124 -77.25 27.70 6.32
C HIS C 124 -75.93 27.11 6.79
N VAL C 125 -75.86 25.79 6.94
CA VAL C 125 -74.66 25.09 7.38
C VAL C 125 -74.04 24.39 6.18
N TYR C 126 -72.75 24.63 5.96
CA TYR C 126 -72.04 24.04 4.84
C TYR C 126 -70.80 23.33 5.35
N VAL C 127 -70.36 22.33 4.60
CA VAL C 127 -69.15 21.58 4.89
C VAL C 127 -68.22 21.71 3.69
N ALA C 128 -66.96 22.02 3.96
CA ALA C 128 -65.95 22.08 2.92
C ALA C 128 -65.45 20.69 2.59
N LEU C 129 -65.08 20.49 1.32
CA LEU C 129 -64.53 19.23 0.83
C LEU C 129 -63.11 19.49 0.36
N PRO C 130 -62.16 19.61 1.28
CA PRO C 130 -60.78 19.91 0.89
C PRO C 130 -60.10 18.67 0.34
N PRO C 131 -59.17 18.84 -0.59
CA PRO C 131 -58.40 17.70 -1.09
C PRO C 131 -57.28 17.32 -0.13
N LEU C 132 -56.90 16.04 -0.18
CA LEU C 132 -55.79 15.54 0.63
C LEU C 132 -54.57 15.16 -0.20
N TYR C 133 -54.76 14.74 -1.45
CA TYR C 133 -53.66 14.29 -2.28
C TYR C 133 -53.60 15.09 -3.57
N ARG C 134 -52.38 15.35 -4.05
CA ARG C 134 -52.18 15.98 -5.35
C ARG C 134 -51.22 15.11 -6.14
N ILE C 135 -51.63 14.75 -7.35
CA ILE C 135 -50.82 13.94 -8.27
C ILE C 135 -50.38 14.82 -9.42
N ASP C 136 -49.06 14.88 -9.64
CA ASP C 136 -48.43 15.72 -10.67
C ASP C 136 -47.52 14.82 -11.52
N LEU C 137 -48.10 14.17 -12.52
CA LEU C 137 -47.33 13.34 -13.44
C LEU C 137 -46.89 14.10 -14.68
N GLY C 138 -47.09 15.40 -14.71
CA GLY C 138 -46.92 16.22 -15.88
C GLY C 138 -47.82 17.45 -15.77
N LYS C 139 -48.38 17.87 -16.90
CA LYS C 139 -49.38 18.93 -16.87
C LYS C 139 -50.78 18.35 -16.71
N GLU C 140 -50.90 17.39 -15.79
CA GLU C 140 -52.12 16.67 -15.47
C GLU C 140 -52.41 16.75 -13.99
N VAL C 141 -52.42 17.97 -13.45
CA VAL C 141 -52.58 18.14 -12.01
C VAL C 141 -53.92 17.54 -11.60
N TYR C 142 -53.87 16.60 -10.66
CA TYR C 142 -55.07 15.89 -10.20
C TYR C 142 -55.15 16.00 -8.68
N TYR C 143 -56.37 16.09 -8.16
CA TYR C 143 -56.61 16.24 -6.75
C TYR C 143 -57.54 15.13 -6.25
N ALA C 144 -57.24 14.61 -5.07
CA ALA C 144 -58.07 13.60 -4.44
C ALA C 144 -58.31 13.98 -2.98
N LEU C 145 -59.36 13.38 -2.41
CA LEU C 145 -59.80 13.67 -1.06
C LEU C 145 -59.61 12.50 -0.10
N THR C 146 -59.74 11.27 -0.59
CA THR C 146 -59.64 10.07 0.22
C THR C 146 -58.72 9.08 -0.48
N GLU C 147 -58.29 8.06 0.26
CA GLU C 147 -57.49 7.00 -0.33
C GLU C 147 -58.26 6.21 -1.38
N GLU C 148 -59.59 6.18 -1.30
CA GLU C 148 -60.38 5.48 -2.30
C GLU C 148 -60.43 6.23 -3.62
N GLU C 149 -60.19 7.55 -3.61
CA GLU C 149 -60.01 8.30 -4.84
C GLU C 149 -58.54 8.56 -5.17
N LYS C 150 -57.64 8.37 -4.21
CA LYS C 150 -56.21 8.39 -4.49
C LYS C 150 -55.72 7.07 -5.05
N THR C 151 -56.63 6.10 -5.23
CA THR C 151 -56.32 4.83 -5.86
C THR C 151 -56.98 4.68 -7.22
N GLY C 152 -57.97 5.51 -7.54
CA GLY C 152 -58.56 5.50 -8.87
C GLY C 152 -57.62 6.01 -9.95
N VAL C 153 -56.51 6.65 -9.55
CA VAL C 153 -55.51 7.10 -10.51
C VAL C 153 -54.85 5.93 -11.22
N LEU C 154 -54.88 4.75 -10.61
CA LEU C 154 -54.35 3.51 -11.20
C LEU C 154 -55.13 3.09 -12.44
N GLU C 155 -56.09 3.92 -12.87
CA GLU C 155 -56.93 3.63 -14.02
C GLU C 155 -56.49 4.43 -15.24
N GLN C 156 -56.52 5.76 -15.13
CA GLN C 156 -56.01 6.65 -16.17
C GLN C 156 -54.49 6.81 -16.12
N LEU C 157 -53.76 5.87 -15.51
CA LEU C 157 -52.30 5.93 -15.44
C LEU C 157 -51.68 5.03 -16.51
N LYS C 158 -52.05 5.29 -17.76
CA LYS C 158 -51.47 4.56 -18.90
C LYS C 158 -50.29 5.34 -19.48
N ARG C 159 -49.25 5.51 -18.65
CA ARG C 159 -48.05 6.19 -19.07
C ARG C 159 -46.83 5.40 -18.61
N LYS C 160 -45.75 5.48 -19.41
CA LYS C 160 -44.47 4.90 -19.04
C LYS C 160 -43.38 5.94 -18.84
N LYS C 161 -43.71 7.22 -18.96
CA LYS C 161 -42.79 8.31 -18.68
C LYS C 161 -43.51 9.32 -17.82
N GLY C 162 -42.75 10.07 -17.02
CA GLY C 162 -43.36 11.14 -16.25
C GLY C 162 -44.02 10.52 -15.04
N LYS C 163 -43.23 9.85 -14.21
CA LYS C 163 -43.79 9.10 -13.09
C LYS C 163 -44.56 10.02 -12.15
N PRO C 164 -45.69 9.56 -11.60
CA PRO C 164 -46.48 10.40 -10.70
C PRO C 164 -45.69 10.78 -9.45
N ASN C 165 -45.93 12.00 -8.97
CA ASN C 165 -45.32 12.49 -7.74
C ASN C 165 -46.44 12.88 -6.80
N VAL C 166 -46.93 11.90 -6.04
CA VAL C 166 -48.04 12.13 -5.13
C VAL C 166 -47.56 12.93 -3.94
N GLN C 167 -48.32 13.95 -3.57
CA GLN C 167 -48.05 14.75 -2.39
C GLN C 167 -49.27 14.75 -1.48
N ARG C 168 -49.08 14.33 -0.23
CA ARG C 168 -50.14 14.26 0.75
C ARG C 168 -50.16 15.55 1.54
N PHE C 169 -51.31 16.23 1.56
CA PHE C 169 -51.45 17.46 2.32
C PHE C 169 -51.70 17.09 3.78
N LYS C 170 -50.71 17.34 4.64
CA LYS C 170 -50.84 17.05 6.07
C LYS C 170 -51.78 18.12 6.64
N GLY C 171 -53.06 17.90 6.41
CA GLY C 171 -54.08 18.84 6.88
C GLY C 171 -54.34 19.92 5.85
N LEU C 172 -54.35 21.17 6.30
CA LEU C 172 -54.41 22.31 5.40
C LEU C 172 -53.12 23.13 5.39
N GLY C 173 -52.29 23.00 6.42
CA GLY C 173 -51.06 23.78 6.46
C GLY C 173 -50.12 23.40 5.33
N GLU C 174 -50.11 22.13 4.93
CA GLU C 174 -49.26 21.69 3.83
C GLU C 174 -49.71 22.32 2.52
N MET C 175 -50.99 22.65 2.40
CA MET C 175 -51.51 23.27 1.20
C MET C 175 -51.00 24.70 1.05
N ASN C 176 -50.62 25.06 -0.17
CA ASN C 176 -50.29 26.45 -0.44
C ASN C 176 -51.55 27.32 -0.35
N PRO C 177 -51.41 28.57 0.09
CA PRO C 177 -52.60 29.42 0.23
C PRO C 177 -53.41 29.56 -1.05
N MET C 178 -52.74 29.72 -2.20
CA MET C 178 -53.47 29.82 -3.46
C MET C 178 -54.13 28.49 -3.83
N GLN C 179 -53.46 27.37 -3.59
CA GLN C 179 -54.09 26.07 -3.84
C GLN C 179 -55.31 25.86 -2.96
N LEU C 180 -55.19 26.23 -1.67
CA LEU C 180 -56.34 26.14 -0.77
C LEU C 180 -57.47 27.04 -1.24
N ARG C 181 -57.13 28.24 -1.72
CA ARG C 181 -58.15 29.14 -2.25
C ARG C 181 -58.87 28.53 -3.45
N GLU C 182 -58.10 27.98 -4.39
CA GLU C 182 -58.71 27.42 -5.60
C GLU C 182 -59.57 26.20 -5.27
N THR C 183 -59.13 25.38 -4.32
CA THR C 183 -59.84 24.13 -4.04
C THR C 183 -61.05 24.34 -3.13
N THR C 184 -60.88 25.07 -2.03
CA THR C 184 -61.86 25.04 -0.95
C THR C 184 -62.26 26.44 -0.47
N LEU C 185 -61.80 27.51 -1.10
CA LEU C 185 -62.15 28.84 -0.63
C LEU C 185 -62.80 29.72 -1.69
N ASP C 186 -62.34 29.66 -2.93
CA ASP C 186 -62.91 30.53 -3.97
C ASP C 186 -64.22 29.92 -4.48
N PRO C 187 -65.35 30.61 -4.34
CA PRO C 187 -66.64 29.99 -4.68
C PRO C 187 -66.77 29.58 -6.13
N ASN C 188 -66.00 30.17 -7.05
CA ASN C 188 -66.11 29.82 -8.46
C ASN C 188 -65.69 28.37 -8.70
N THR C 189 -64.76 27.84 -7.90
CA THR C 189 -64.33 26.46 -8.05
C THR C 189 -64.35 25.66 -6.75
N ARG C 190 -64.79 26.24 -5.64
CA ARG C 190 -64.80 25.52 -4.37
C ARG C 190 -65.87 24.43 -4.37
N ARG C 191 -65.60 23.36 -3.63
CA ARG C 191 -66.53 22.26 -3.48
C ARG C 191 -67.17 22.32 -2.09
N LEU C 192 -68.07 23.28 -1.93
CA LEU C 192 -68.84 23.42 -0.70
C LEU C 192 -70.12 22.60 -0.82
N VAL C 193 -70.51 21.95 0.28
CA VAL C 193 -71.71 21.11 0.28
C VAL C 193 -72.66 21.60 1.37
N GLN C 194 -73.90 21.89 0.98
CA GLN C 194 -74.90 22.34 1.94
C GLN C 194 -75.42 21.15 2.72
N LEU C 195 -75.27 21.19 4.05
CA LEU C 195 -75.70 20.11 4.92
C LEU C 195 -77.15 20.35 5.33
N VAL C 196 -78.04 19.46 4.88
CA VAL C 196 -79.48 19.60 5.09
C VAL C 196 -79.99 18.39 5.84
N ILE C 197 -80.85 18.62 6.83
CA ILE C 197 -81.48 17.52 7.54
C ILE C 197 -82.86 17.23 6.94
N SER C 198 -83.71 18.26 6.86
CA SER C 198 -85.03 18.14 6.24
C SER C 198 -85.94 17.19 7.01
N ASP C 199 -87.26 17.36 6.87
CA ASP C 199 -88.20 16.51 7.58
C ASP C 199 -88.10 15.05 7.15
N GLU C 200 -87.59 14.78 5.94
CA GLU C 200 -87.46 13.40 5.50
C GLU C 200 -86.37 12.66 6.26
N ASP C 201 -85.28 13.35 6.60
CA ASP C 201 -84.15 12.70 7.25
C ASP C 201 -83.91 13.15 8.69
N GLU C 202 -84.82 13.93 9.29
CA GLU C 202 -84.57 14.41 10.64
C GLU C 202 -84.41 13.27 11.64
N GLN C 203 -85.38 12.34 11.63
CA GLN C 203 -85.32 11.19 12.54
C GLN C 203 -84.09 10.32 12.26
N GLN C 204 -83.77 10.11 10.98
CA GLN C 204 -82.62 9.29 10.63
C GLN C 204 -81.31 9.91 11.10
N THR C 205 -81.17 11.24 10.90
CA THR C 205 -79.96 11.92 11.36
C THR C 205 -79.83 11.84 12.87
N THR C 206 -80.93 12.09 13.59
CA THR C 206 -80.87 12.00 15.05
C THR C 206 -80.50 10.60 15.50
N ALA C 207 -81.06 9.57 14.86
CA ALA C 207 -80.76 8.20 15.25
C ALA C 207 -79.29 7.86 15.01
N ILE C 208 -78.76 8.23 13.83
CA ILE C 208 -77.37 7.89 13.54
C ILE C 208 -76.42 8.65 14.46
N MET C 209 -76.66 9.95 14.67
CA MET C 209 -75.79 10.73 15.54
C MET C 209 -75.82 10.21 16.97
N ASP C 210 -77.01 9.83 17.46
CA ASP C 210 -77.10 9.22 18.78
C ASP C 210 -76.33 7.91 18.84
N MET C 211 -76.40 7.11 17.77
CA MET C 211 -75.64 5.86 17.73
C MET C 211 -74.14 6.12 17.77
N LEU C 212 -73.68 7.18 17.11
CA LEU C 212 -72.25 7.41 16.98
C LEU C 212 -71.64 8.00 18.24
N LEU C 213 -72.12 9.16 18.67
CA LEU C 213 -71.46 9.93 19.73
C LEU C 213 -72.17 9.73 21.08
N ALA C 214 -72.30 8.47 21.50
CA ALA C 214 -72.88 8.13 22.79
C ALA C 214 -71.91 7.28 23.59
N LYS C 215 -71.75 7.62 24.87
CA LYS C 215 -70.81 6.91 25.74
C LYS C 215 -71.24 5.47 26.01
N LYS C 216 -72.52 5.15 25.87
CA LYS C 216 -73.03 3.83 26.21
C LYS C 216 -73.30 2.94 25.00
N ARG C 217 -73.43 3.52 23.81
CA ARG C 217 -73.72 2.79 22.59
C ARG C 217 -72.48 2.16 21.97
N SER C 218 -71.34 2.17 22.67
CA SER C 218 -70.11 1.61 22.10
C SER C 218 -70.31 0.19 21.59
N GLU C 219 -71.15 -0.59 22.26
CA GLU C 219 -71.47 -1.93 21.75
C GLU C 219 -72.13 -1.83 20.38
N ASP C 220 -73.06 -0.90 20.21
CA ASP C 220 -73.69 -0.76 18.91
C ASP C 220 -72.76 -0.10 17.91
N ARG C 221 -71.70 0.56 18.37
CA ARG C 221 -70.69 1.02 17.42
C ARG C 221 -69.81 -0.11 16.96
N ARG C 222 -69.54 -1.08 17.84
CA ARG C 222 -68.83 -2.28 17.42
C ARG C 222 -69.65 -3.07 16.42
N ASN C 223 -70.96 -3.18 16.66
CA ASN C 223 -71.84 -3.86 15.71
C ASN C 223 -71.89 -3.13 14.37
N TRP C 224 -71.98 -1.79 14.42
CA TRP C 224 -71.98 -0.97 13.21
C TRP C 224 -70.70 -1.18 12.41
N LEU C 225 -69.55 -1.11 13.08
CA LEU C 225 -68.26 -1.30 12.41
C LEU C 225 -68.14 -2.70 11.83
N GLN C 226 -68.54 -3.72 12.60
CA GLN C 226 -68.47 -5.09 12.13
C GLN C 226 -69.32 -5.27 10.88
N GLU C 227 -70.56 -4.79 10.90
CA GLU C 227 -71.46 -4.95 9.76
C GLU C 227 -70.90 -4.25 8.52
N LYS C 228 -70.49 -3.00 8.67
CA LYS C 228 -69.96 -2.26 7.52
C LYS C 228 -68.69 -2.90 6.97
N GLY C 229 -67.79 -3.33 7.85
CA GLY C 229 -66.59 -4.01 7.38
C GLY C 229 -66.90 -5.30 6.64
N ASP C 230 -67.84 -6.09 7.18
CA ASP C 230 -68.20 -7.35 6.55
C ASP C 230 -68.78 -7.11 5.16
N MET C 231 -69.68 -6.13 5.03
CA MET C 231 -70.21 -5.87 3.70
C MET C 231 -69.23 -5.12 2.82
N ALA C 232 -68.15 -4.56 3.40
CA ALA C 232 -67.09 -3.98 2.58
C ALA C 232 -66.26 -5.07 1.93
N ASP C 233 -66.00 -6.16 2.67
CA ASP C 233 -65.35 -7.33 2.08
C ASP C 233 -65.94 -7.67 0.71
N LEU C 234 -67.27 -7.66 0.62
CA LEU C 234 -67.95 -7.88 -0.65
C LEU C 234 -67.65 -6.74 -1.64
N GLU C 235 -68.06 -5.52 -1.31
CA GLU C 235 -67.87 -4.36 -2.18
C GLU C 235 -67.05 -3.31 -1.42
N VAL C 236 -65.77 -3.23 -1.77
CA VAL C 236 -64.78 -2.30 -1.18
C VAL C 236 -65.37 -1.10 -0.44
N MET C 239 -71.08 6.76 -4.06
CA MET C 239 -69.95 7.41 -4.71
C MET C 239 -70.16 8.91 -4.80
N SER C 240 -69.16 9.61 -5.35
CA SER C 240 -69.22 11.06 -5.48
C SER C 240 -69.83 11.40 -6.83
N ASP C 241 -70.99 12.04 -6.82
CA ASP C 241 -71.70 12.44 -8.03
C ASP C 241 -71.67 13.94 -8.25
N MET C 242 -70.69 14.64 -7.67
CA MET C 242 -70.57 16.09 -7.80
C MET C 242 -71.88 16.76 -7.38
N ALA C 243 -72.13 16.71 -6.08
CA ALA C 243 -73.39 17.15 -5.50
C ALA C 243 -73.22 18.44 -4.71
N GLU C 244 -74.24 19.29 -4.80
CA GLU C 244 -74.25 20.59 -4.13
C GLU C 244 -74.96 20.57 -2.79
N ARG C 245 -75.49 19.42 -2.36
CA ARG C 245 -76.21 19.33 -1.10
C ARG C 245 -76.17 17.88 -0.64
N LEU C 246 -76.14 17.70 0.68
CA LEU C 246 -76.05 16.36 1.25
C LEU C 246 -76.72 16.31 2.61
N ALA C 247 -77.19 15.13 2.97
CA ALA C 247 -77.87 14.88 4.23
C ALA C 247 -76.87 14.60 5.34
N LEU C 248 -77.21 15.02 6.55
CA LEU C 248 -76.31 14.87 7.69
C LEU C 248 -76.09 13.39 8.02
N HIS C 249 -77.14 12.57 7.87
CA HIS C 249 -77.05 11.15 8.20
C HIS C 249 -76.01 10.44 7.35
N GLU C 250 -75.72 10.95 6.15
CA GLU C 250 -74.70 10.36 5.30
C GLU C 250 -73.30 10.90 5.65
N PHE C 251 -73.18 12.24 5.75
CA PHE C 251 -71.88 12.85 5.97
C PHE C 251 -71.29 12.43 7.32
N THR C 252 -72.07 12.57 8.39
CA THR C 252 -71.55 12.22 9.72
C THR C 252 -71.22 10.74 9.81
N GLU C 253 -72.10 9.90 9.26
CA GLU C 253 -71.87 8.46 9.29
C GLU C 253 -70.58 8.08 8.57
N ASN C 254 -70.38 8.62 7.35
CA ASN C 254 -69.18 8.30 6.59
C ASN C 254 -67.92 8.82 7.28
N ALA C 255 -67.98 10.05 7.80
CA ALA C 255 -66.80 10.62 8.44
C ALA C 255 -66.41 9.83 9.69
N TYR C 256 -67.40 9.48 10.51
CA TYR C 256 -67.08 8.71 11.72
C TYR C 256 -66.64 7.29 11.37
N LEU C 257 -67.20 6.70 10.31
CA LEU C 257 -66.72 5.39 9.87
C LEU C 257 -65.25 5.46 9.48
N ASN C 258 -64.88 6.47 8.69
CA ASN C 258 -63.48 6.62 8.27
C ASN C 258 -62.57 6.81 9.49
N TYR C 259 -62.97 7.69 10.41
CA TYR C 259 -62.13 7.95 11.58
C TYR C 259 -62.00 6.70 12.46
N SER C 260 -63.11 5.99 12.68
CA SER C 260 -63.06 4.80 13.51
C SER C 260 -62.18 3.73 12.89
N MET C 261 -62.31 3.51 11.57
CA MET C 261 -61.47 2.51 10.92
C MET C 261 -60.00 2.90 10.98
N TYR C 262 -59.70 4.18 10.76
CA TYR C 262 -58.31 4.63 10.83
C TYR C 262 -57.74 4.44 12.24
N VAL C 263 -58.52 4.78 13.27
CA VAL C 263 -58.02 4.62 14.64
C VAL C 263 -57.84 3.15 14.98
N ILE C 264 -58.76 2.30 14.52
CA ILE C 264 -58.70 0.88 14.85
C ILE C 264 -57.50 0.22 14.18
N MET C 265 -57.31 0.47 12.88
CA MET C 265 -56.35 -0.31 12.10
C MET C 265 -55.03 0.42 11.87
N ASP C 266 -54.89 1.67 12.29
CA ASP C 266 -53.67 2.42 12.02
C ASP C 266 -53.22 3.31 13.18
N ARG C 267 -53.91 3.30 14.31
CA ARG C 267 -53.51 4.21 15.38
C ARG C 267 -53.33 3.55 16.73
N ALA C 268 -54.19 2.61 17.10
CA ALA C 268 -54.25 2.14 18.48
C ALA C 268 -54.14 0.63 18.67
N LEU C 269 -54.39 -0.17 17.65
CA LEU C 269 -54.35 -1.61 17.83
C LEU C 269 -53.09 -2.20 17.23
N PRO C 270 -52.36 -3.03 17.97
CA PRO C 270 -51.13 -3.62 17.44
C PRO C 270 -51.42 -4.79 16.49
N PHE C 271 -50.40 -5.12 15.72
CA PHE C 271 -50.45 -6.26 14.81
C PHE C 271 -49.91 -7.50 15.51
N ILE C 272 -50.54 -8.65 15.26
CA ILE C 272 -50.21 -9.86 16.00
C ILE C 272 -48.77 -10.29 15.75
N GLY C 273 -48.29 -10.10 14.52
CA GLY C 273 -46.95 -10.52 14.15
C GLY C 273 -45.84 -9.85 14.94
N ASP C 274 -45.66 -8.55 14.75
CA ASP C 274 -44.60 -7.82 15.43
C ASP C 274 -45.00 -7.27 16.79
N GLY C 275 -46.29 -7.32 17.12
CA GLY C 275 -46.74 -6.78 18.40
C GLY C 275 -46.52 -5.29 18.53
N LEU C 276 -46.67 -4.55 17.43
CA LEU C 276 -46.38 -3.13 17.41
C LEU C 276 -47.52 -2.38 16.74
N LYS C 277 -47.82 -1.19 17.27
CA LYS C 277 -48.69 -0.26 16.60
C LYS C 277 -47.93 0.46 15.49
N PRO C 278 -48.64 0.98 14.48
CA PRO C 278 -47.94 1.53 13.30
C PRO C 278 -46.88 2.58 13.63
N VAL C 279 -47.15 3.47 14.58
CA VAL C 279 -46.18 4.51 14.91
C VAL C 279 -44.91 3.87 15.48
N GLN C 280 -45.06 2.85 16.33
CA GLN C 280 -43.90 2.15 16.88
C GLN C 280 -43.09 1.47 15.78
N ARG C 281 -43.79 0.83 14.84
CA ARG C 281 -43.09 0.17 13.73
C ARG C 281 -42.30 1.18 12.90
N ARG C 282 -42.91 2.32 12.59
CA ARG C 282 -42.21 3.34 11.82
C ARG C 282 -41.02 3.89 12.58
N ILE C 283 -41.16 4.08 13.90
CA ILE C 283 -40.04 4.56 14.71
C ILE C 283 -38.88 3.57 14.66
N VAL C 284 -39.18 2.28 14.85
CA VAL C 284 -38.12 1.27 14.86
C VAL C 284 -37.46 1.18 13.48
N TYR C 285 -38.27 1.21 12.42
CA TYR C 285 -37.72 1.13 11.07
C TYR C 285 -36.84 2.34 10.75
N ALA C 286 -37.28 3.53 11.13
CA ALA C 286 -36.48 4.72 10.88
C ALA C 286 -35.19 4.71 11.70
N MET C 287 -35.24 4.20 12.93
CA MET C 287 -34.01 4.07 13.70
C MET C 287 -33.05 3.09 13.06
N SER C 288 -33.57 1.97 12.53
CA SER C 288 -32.72 1.01 11.84
C SER C 288 -32.11 1.62 10.58
N GLU C 289 -32.90 2.37 9.82
CA GLU C 289 -32.40 3.01 8.61
C GLU C 289 -31.37 4.08 8.91
N LEU C 290 -31.36 4.62 10.14
CA LEU C 290 -30.35 5.58 10.55
C LEU C 290 -29.07 4.90 11.05
N GLY C 291 -29.02 3.57 11.05
CA GLY C 291 -27.85 2.87 11.54
C GLY C 291 -27.72 2.88 13.04
N LEU C 292 -28.80 3.18 13.75
CA LEU C 292 -28.76 3.29 15.21
C LEU C 292 -28.96 1.91 15.87
N ASN C 293 -28.08 0.99 15.51
CA ASN C 293 -28.10 -0.34 16.10
C ASN C 293 -27.53 -0.30 17.52
N ALA C 294 -27.69 -1.41 18.23
CA ALA C 294 -27.25 -1.47 19.63
C ALA C 294 -25.74 -1.29 19.74
N SER C 295 -24.99 -1.66 18.71
CA SER C 295 -23.54 -1.51 18.73
C SER C 295 -23.06 -0.16 18.22
N ALA C 296 -23.97 0.67 17.69
CA ALA C 296 -23.59 1.96 17.14
C ALA C 296 -23.52 3.01 18.25
N LYS C 297 -23.14 4.22 17.86
CA LYS C 297 -23.06 5.35 18.79
C LYS C 297 -24.43 6.02 18.92
N PHE C 298 -24.65 6.64 20.07
CA PHE C 298 -25.92 7.33 20.31
C PHE C 298 -26.07 8.52 19.36
N LYS C 299 -27.32 8.83 19.04
CA LYS C 299 -27.64 9.98 18.20
C LYS C 299 -28.83 10.71 18.80
N LYS C 300 -28.93 12.01 18.51
CA LYS C 300 -29.99 12.83 19.06
C LYS C 300 -31.35 12.32 18.62
N SER C 301 -32.28 12.23 19.57
CA SER C 301 -33.63 11.77 19.26
C SER C 301 -34.36 12.73 18.32
N ALA C 302 -33.89 13.98 18.23
CA ALA C 302 -34.50 14.93 17.30
C ALA C 302 -34.39 14.46 15.87
N ARG C 303 -33.23 13.93 15.48
CA ARG C 303 -33.06 13.41 14.13
C ARG C 303 -33.99 12.23 13.89
N THR C 304 -34.12 11.34 14.87
CA THR C 304 -35.02 10.20 14.71
C THR C 304 -36.46 10.64 14.52
N VAL C 305 -36.91 11.60 15.34
CA VAL C 305 -38.29 12.09 15.22
C VAL C 305 -38.49 12.76 13.87
N GLY C 306 -37.53 13.58 13.44
CA GLY C 306 -37.64 14.22 12.15
C GLY C 306 -37.70 13.23 11.00
N ASP C 307 -36.87 12.17 11.07
CA ASP C 307 -36.91 11.14 10.04
C ASP C 307 -38.26 10.43 10.02
N VAL C 308 -38.79 10.09 11.21
CA VAL C 308 -40.08 9.41 11.29
C VAL C 308 -41.17 10.28 10.68
N LEU C 309 -41.16 11.57 11.00
CA LEU C 309 -42.23 12.46 10.52
C LEU C 309 -42.10 12.75 9.04
N GLY C 310 -40.88 12.91 8.54
CA GLY C 310 -40.68 13.26 7.15
C GLY C 310 -40.64 12.10 6.19
N LYS C 311 -40.58 10.87 6.69
CA LYS C 311 -40.51 9.70 5.82
C LYS C 311 -41.75 8.82 5.89
N TYR C 312 -42.26 8.54 7.08
CA TYR C 312 -43.32 7.53 7.16
C TYR C 312 -44.55 7.99 7.92
N HIS C 313 -44.40 8.78 8.99
CA HIS C 313 -45.52 9.10 9.87
C HIS C 313 -45.98 10.53 9.68
N PRO C 314 -47.18 10.76 9.13
CA PRO C 314 -47.71 12.12 8.97
C PRO C 314 -48.53 12.58 10.17
N HIS C 315 -47.88 12.68 11.33
CA HIS C 315 -48.58 13.03 12.56
C HIS C 315 -47.70 13.94 13.41
N GLY C 316 -48.13 14.13 14.66
CA GLY C 316 -47.51 15.11 15.54
C GLY C 316 -46.18 14.66 16.12
N ASP C 317 -45.45 15.65 16.63
CA ASP C 317 -44.14 15.40 17.23
C ASP C 317 -44.29 14.73 18.58
N SER C 318 -45.26 15.20 19.37
CA SER C 318 -45.40 14.76 20.75
C SER C 318 -45.75 13.28 20.83
N ALA C 319 -46.65 12.81 19.96
CA ALA C 319 -47.03 11.40 19.99
C ALA C 319 -45.85 10.51 19.64
N CYS C 320 -45.07 10.90 18.63
CA CYS C 320 -43.88 10.12 18.27
C CYS C 320 -42.88 10.08 19.41
N TYR C 321 -42.63 11.22 20.05
CA TYR C 321 -41.69 11.24 21.16
C TYR C 321 -42.20 10.43 22.35
N GLU C 322 -43.50 10.50 22.63
CA GLU C 322 -44.08 9.71 23.71
C GLU C 322 -43.94 8.21 23.44
N ALA C 323 -44.18 7.80 22.19
CA ALA C 323 -43.98 6.40 21.84
C ALA C 323 -42.53 5.98 22.01
N MET C 324 -41.60 6.85 21.60
CA MET C 324 -40.18 6.56 21.77
C MET C 324 -39.83 6.39 23.25
N VAL C 325 -40.31 7.29 24.10
CA VAL C 325 -40.02 7.21 25.53
C VAL C 325 -40.63 5.94 26.12
N LEU C 326 -41.86 5.61 25.74
CA LEU C 326 -42.48 4.39 26.23
C LEU C 326 -41.68 3.15 25.83
N MET C 327 -41.22 3.11 24.58
CA MET C 327 -40.37 2.00 24.15
C MET C 327 -39.02 2.00 24.84
N ALA C 328 -38.57 3.15 25.35
CA ALA C 328 -37.26 3.25 25.98
C ALA C 328 -37.30 3.08 27.51
N GLN C 329 -38.45 3.27 28.13
CA GLN C 329 -38.52 3.25 29.59
C GLN C 329 -38.55 1.82 30.10
N PRO C 330 -37.59 1.40 30.92
CA PRO C 330 -37.66 0.05 31.50
C PRO C 330 -38.88 -0.18 32.36
N PHE C 331 -39.38 0.88 33.02
CA PHE C 331 -40.53 0.77 33.90
C PHE C 331 -41.86 0.75 33.17
N SER C 332 -41.85 0.96 31.86
CA SER C 332 -43.05 0.89 31.04
C SER C 332 -43.06 -0.32 30.12
N TYR C 333 -41.92 -0.67 29.54
CA TYR C 333 -41.77 -1.83 28.67
C TYR C 333 -41.02 -2.92 29.40
N ARG C 334 -41.57 -4.13 29.41
CA ARG C 334 -40.89 -5.27 30.01
C ARG C 334 -39.57 -5.56 29.31
N TYR C 335 -39.58 -5.49 27.98
CA TYR C 335 -38.38 -5.67 27.15
C TYR C 335 -38.25 -4.42 26.28
N PRO C 336 -37.55 -3.39 26.75
CA PRO C 336 -37.51 -2.12 26.01
C PRO C 336 -36.91 -2.28 24.63
N LEU C 337 -37.45 -1.53 23.68
CA LEU C 337 -36.97 -1.54 22.30
C LEU C 337 -35.93 -0.46 22.04
N VAL C 338 -35.80 0.52 22.93
CA VAL C 338 -34.91 1.66 22.75
C VAL C 338 -34.05 1.80 24.01
N ASP C 339 -32.74 1.99 23.82
CA ASP C 339 -31.83 2.32 24.90
C ASP C 339 -31.44 3.79 24.76
N GLY C 340 -31.57 4.53 25.86
CA GLY C 340 -31.37 5.96 25.79
C GLY C 340 -30.33 6.52 26.74
N GLN C 341 -29.87 7.73 26.44
CA GLN C 341 -28.95 8.47 27.30
C GLN C 341 -29.55 9.84 27.57
N GLY C 342 -29.68 10.18 28.86
CA GLY C 342 -30.26 11.45 29.24
C GLY C 342 -31.42 11.31 30.20
N ASN C 343 -32.23 12.36 30.32
CA ASN C 343 -33.41 12.33 31.18
C ASN C 343 -34.53 11.66 30.40
N TRP C 344 -34.65 10.35 30.56
CA TRP C 344 -35.66 9.55 29.88
C TRP C 344 -36.82 9.18 30.81
N GLY C 345 -37.09 10.02 31.81
CA GLY C 345 -38.16 9.78 32.75
C GLY C 345 -37.68 9.15 34.04
N ALA C 346 -38.62 9.00 34.96
CA ALA C 346 -38.35 8.44 36.28
C ALA C 346 -39.45 7.47 36.65
N PRO C 347 -39.16 6.50 37.53
CA PRO C 347 -40.22 5.57 37.96
C PRO C 347 -41.40 6.25 38.61
N ASP C 348 -41.17 7.29 39.41
CA ASP C 348 -42.27 8.02 40.05
C ASP C 348 -42.97 8.96 39.08
N ASP C 349 -42.22 9.57 38.16
CA ASP C 349 -42.78 10.50 37.18
C ASP C 349 -42.34 10.05 35.78
N PRO C 350 -43.05 9.10 35.18
CA PRO C 350 -42.64 8.60 33.86
C PRO C 350 -42.60 9.69 32.79
N LYS C 351 -43.48 10.68 32.86
CA LYS C 351 -43.57 11.72 31.84
C LYS C 351 -42.69 12.93 32.16
N SER C 352 -41.71 12.77 33.04
CA SER C 352 -40.77 13.84 33.37
C SER C 352 -39.53 13.80 32.48
N PHE C 353 -39.63 13.18 31.31
CA PHE C 353 -38.50 13.05 30.41
C PHE C 353 -38.12 14.39 29.80
N ALA C 354 -36.92 14.44 29.23
CA ALA C 354 -36.38 15.64 28.62
C ALA C 354 -36.97 15.84 27.22
N ALA C 355 -36.26 16.56 26.36
CA ALA C 355 -36.71 16.88 25.02
C ALA C 355 -35.77 16.27 24.00
N MET C 356 -36.23 16.22 22.73
CA MET C 356 -35.46 15.57 21.69
C MET C 356 -34.13 16.26 21.44
N ARG C 357 -33.98 17.52 21.86
CA ARG C 357 -32.70 18.20 21.75
C ARG C 357 -31.75 17.82 22.87
N TYR C 358 -32.27 17.36 24.01
CA TYR C 358 -31.46 17.04 25.18
C TYR C 358 -31.48 15.55 25.53
N THR C 359 -31.69 14.69 24.54
CA THR C 359 -31.70 13.25 24.76
C THR C 359 -31.04 12.55 23.58
N GLU C 360 -30.39 11.42 23.85
CA GLU C 360 -29.81 10.59 22.82
C GLU C 360 -30.45 9.21 22.87
N SER C 361 -30.56 8.56 21.72
CA SER C 361 -31.28 7.30 21.63
C SER C 361 -30.55 6.34 20.70
N ARG C 362 -30.82 5.05 20.90
CA ARG C 362 -30.29 4.00 20.05
C ARG C 362 -31.21 2.80 20.19
N LEU C 363 -31.15 1.89 19.23
CA LEU C 363 -31.97 0.68 19.32
C LEU C 363 -31.41 -0.26 20.38
N SER C 364 -32.32 -0.99 21.02
CA SER C 364 -31.90 -1.95 22.03
C SER C 364 -31.53 -3.28 21.37
N LYS C 365 -30.88 -4.15 22.15
CA LYS C 365 -30.53 -5.47 21.66
C LYS C 365 -31.78 -6.28 21.35
N TYR C 366 -32.80 -6.18 22.20
CA TYR C 366 -34.05 -6.89 21.96
C TYR C 366 -34.65 -6.52 20.62
N ALA C 367 -34.49 -5.25 20.20
CA ALA C 367 -35.02 -4.80 18.92
C ALA C 367 -34.46 -5.59 17.74
N GLU C 368 -33.29 -6.23 17.93
CA GLU C 368 -32.74 -7.07 16.87
C GLU C 368 -33.74 -8.15 16.46
N LEU C 369 -34.46 -8.72 17.44
CA LEU C 369 -35.45 -9.75 17.15
C LEU C 369 -36.55 -9.28 16.21
N LEU C 370 -36.64 -7.97 15.95
CA LEU C 370 -37.63 -7.44 15.02
C LEU C 370 -37.05 -7.02 13.68
N LEU C 371 -35.73 -6.91 13.56
CA LEU C 371 -35.12 -6.35 12.35
C LEU C 371 -34.03 -7.20 11.73
N SER C 372 -33.66 -8.32 12.35
CA SER C 372 -32.54 -9.11 11.83
C SER C 372 -32.84 -9.68 10.45
N GLU C 373 -34.10 -10.05 10.20
CA GLU C 373 -34.49 -10.69 8.95
C GLU C 373 -35.27 -9.74 8.04
N LEU C 374 -35.19 -8.43 8.28
CA LEU C 374 -35.99 -7.49 7.51
C LEU C 374 -35.59 -7.47 6.04
N GLY C 375 -34.29 -7.52 5.76
CA GLY C 375 -33.82 -7.43 4.39
C GLY C 375 -33.95 -8.70 3.57
N GLN C 376 -34.29 -9.83 4.18
CA GLN C 376 -34.37 -11.10 3.44
C GLN C 376 -35.82 -11.39 3.02
N GLY C 377 -36.37 -10.50 2.20
CA GLY C 377 -37.70 -10.63 1.66
C GLY C 377 -38.74 -11.27 2.56
N THR C 378 -38.67 -10.98 3.85
CA THR C 378 -39.55 -11.66 4.81
C THR C 378 -40.94 -11.04 4.89
N VAL C 379 -41.05 -9.72 4.69
CA VAL C 379 -42.30 -9.00 4.89
C VAL C 379 -42.64 -8.23 3.62
N ASP C 380 -43.88 -7.80 3.55
CA ASP C 380 -44.35 -6.98 2.44
C ASP C 380 -44.07 -5.51 2.70
N TRP C 381 -43.86 -4.76 1.63
CA TRP C 381 -43.49 -3.36 1.71
C TRP C 381 -44.49 -2.51 0.95
N VAL C 382 -44.71 -1.29 1.46
CA VAL C 382 -45.72 -0.40 0.89
C VAL C 382 -45.12 0.98 0.70
N PRO C 383 -45.48 1.72 -0.35
CA PRO C 383 -44.98 3.08 -0.50
C PRO C 383 -45.49 4.00 0.59
N ASN C 384 -44.68 5.01 0.90
CA ASN C 384 -45.00 5.99 1.94
C ASN C 384 -46.01 6.99 1.39
N PHE C 385 -46.30 8.05 2.16
CA PHE C 385 -47.37 8.98 1.78
C PHE C 385 -47.02 9.75 0.51
N ASP C 386 -45.76 10.15 0.35
CA ASP C 386 -45.36 10.88 -0.85
C ASP C 386 -44.94 9.96 -1.99
N GLY C 387 -44.84 8.65 -1.74
CA GLY C 387 -44.48 7.71 -2.77
C GLY C 387 -43.01 7.66 -3.13
N THR C 388 -42.16 8.40 -2.43
CA THR C 388 -40.74 8.46 -2.73
C THR C 388 -39.93 7.46 -1.92
N LEU C 389 -40.56 6.65 -1.08
CA LEU C 389 -39.86 5.69 -0.25
C LEU C 389 -40.75 4.48 -0.02
N GLN C 390 -40.18 3.44 0.56
CA GLN C 390 -40.89 2.22 0.90
C GLN C 390 -40.73 1.92 2.38
N GLU C 391 -41.77 1.38 3.00
CA GLU C 391 -41.79 1.09 4.42
C GLU C 391 -42.35 -0.31 4.64
N PRO C 392 -41.82 -1.04 5.62
CA PRO C 392 -42.36 -2.38 5.90
C PRO C 392 -43.72 -2.32 6.58
N LYS C 393 -44.68 -3.04 6.01
CA LYS C 393 -45.99 -3.15 6.64
C LYS C 393 -45.91 -3.91 7.95
N MET C 394 -44.99 -4.87 8.06
CA MET C 394 -44.81 -5.66 9.26
C MET C 394 -43.32 -5.82 9.52
N LEU C 395 -42.97 -6.50 10.61
CA LEU C 395 -41.59 -6.77 10.94
C LEU C 395 -41.38 -8.26 11.16
N PRO C 396 -40.24 -8.81 10.74
CA PRO C 396 -39.98 -10.24 10.94
C PRO C 396 -39.67 -10.57 12.39
N ALA C 397 -40.70 -10.59 13.23
CA ALA C 397 -40.51 -10.85 14.66
C ALA C 397 -40.07 -12.30 14.88
N ARG C 398 -38.86 -12.47 15.41
CA ARG C 398 -38.39 -13.81 15.75
C ARG C 398 -39.07 -14.36 16.99
N LEU C 399 -39.62 -13.49 17.84
CA LEU C 399 -40.34 -13.88 19.03
C LEU C 399 -41.64 -13.10 19.11
N PRO C 400 -42.67 -13.66 19.76
CA PRO C 400 -43.98 -12.99 19.76
C PRO C 400 -44.00 -11.76 20.66
N ASN C 401 -43.54 -10.63 20.13
CA ASN C 401 -43.45 -9.39 20.90
C ASN C 401 -44.80 -8.92 21.40
N ILE C 402 -45.90 -9.40 20.81
CA ILE C 402 -47.22 -8.97 21.26
C ILE C 402 -47.47 -9.39 22.71
N LEU C 403 -46.91 -10.52 23.13
CA LEU C 403 -47.07 -10.99 24.50
C LEU C 403 -45.89 -10.66 25.40
N LEU C 404 -44.67 -10.61 24.85
CA LEU C 404 -43.50 -10.34 25.69
C LEU C 404 -43.53 -8.93 26.25
N ASN C 405 -43.84 -7.94 25.41
CA ASN C 405 -43.91 -6.55 25.83
C ASN C 405 -45.34 -6.10 26.09
N GLY C 406 -46.25 -6.31 25.14
CA GLY C 406 -47.62 -5.91 25.30
C GLY C 406 -47.84 -4.42 25.16
N THR C 407 -48.99 -4.02 24.63
CA THR C 407 -49.33 -2.62 24.47
C THR C 407 -50.71 -2.36 25.07
N THR C 408 -50.90 -1.14 25.55
CA THR C 408 -52.18 -0.66 26.04
C THR C 408 -52.64 0.50 25.17
N GLY C 409 -53.85 0.41 24.65
CA GLY C 409 -54.37 1.44 23.78
C GLY C 409 -55.88 1.45 23.81
N ILE C 410 -56.45 2.62 23.50
CA ILE C 410 -57.90 2.81 23.46
C ILE C 410 -58.26 3.40 22.10
N ALA C 411 -59.26 2.79 21.45
CA ALA C 411 -59.69 3.23 20.13
C ALA C 411 -61.19 3.46 20.09
N VAL C 412 -61.73 3.71 18.90
CA VAL C 412 -63.17 3.87 18.73
C VAL C 412 -63.79 2.49 18.63
N GLY C 413 -64.73 2.21 19.52
CA GLY C 413 -65.40 0.92 19.59
C GLY C 413 -64.71 -0.14 20.42
N MET C 414 -63.39 -0.24 20.29
CA MET C 414 -62.62 -1.29 20.95
C MET C 414 -61.47 -0.68 21.74
N ALA C 415 -60.74 -1.55 22.44
CA ALA C 415 -59.55 -1.17 23.19
C ALA C 415 -58.70 -2.42 23.38
N THR C 416 -57.52 -2.25 23.99
CA THR C 416 -56.63 -3.37 24.23
C THR C 416 -55.76 -3.07 25.45
N ASP C 417 -55.64 -4.06 26.32
CA ASP C 417 -54.79 -3.98 27.51
C ASP C 417 -53.98 -5.26 27.68
N ILE C 418 -53.16 -5.58 26.69
CA ILE C 418 -52.36 -6.80 26.74
C ILE C 418 -51.17 -6.61 27.69
N PRO C 419 -51.06 -7.42 28.73
CA PRO C 419 -49.95 -7.28 29.67
C PRO C 419 -48.70 -7.97 29.16
N PRO C 420 -47.53 -7.61 29.68
CA PRO C 420 -46.29 -8.31 29.30
C PRO C 420 -46.21 -9.70 29.90
N HIS C 421 -45.37 -10.53 29.28
CA HIS C 421 -45.12 -11.89 29.74
C HIS C 421 -43.63 -12.19 29.67
N ASN C 422 -43.24 -13.25 30.35
CA ASN C 422 -41.82 -13.63 30.37
C ASN C 422 -41.40 -14.22 29.03
N LEU C 423 -40.18 -13.86 28.60
CA LEU C 423 -39.69 -14.30 27.30
C LEU C 423 -39.46 -15.80 27.26
N ARG C 424 -38.74 -16.34 28.25
CA ARG C 424 -38.38 -17.75 28.22
C ARG C 424 -39.60 -18.65 28.33
N GLU C 425 -40.55 -18.29 29.19
CA GLU C 425 -41.75 -19.11 29.35
C GLU C 425 -42.59 -19.12 28.08
N VAL C 426 -42.75 -17.96 27.43
CA VAL C 426 -43.51 -17.90 26.20
C VAL C 426 -42.80 -18.66 25.09
N ALA C 427 -41.47 -18.58 25.04
CA ALA C 427 -40.71 -19.35 24.05
C ALA C 427 -40.90 -20.85 24.26
N LYS C 428 -40.87 -21.29 25.52
CA LYS C 428 -41.11 -22.71 25.81
C LYS C 428 -42.52 -23.12 25.41
N ALA C 429 -43.50 -22.23 25.65
CA ALA C 429 -44.87 -22.52 25.23
C ALA C 429 -44.97 -22.66 23.72
N ALA C 430 -44.30 -21.79 22.98
CA ALA C 430 -44.30 -21.88 21.51
C ALA C 430 -43.66 -23.17 21.05
N ILE C 431 -42.53 -23.55 21.66
CA ILE C 431 -41.85 -24.79 21.28
C ILE C 431 -42.75 -25.99 21.57
N THR C 432 -43.42 -25.98 22.72
CA THR C 432 -44.33 -27.07 23.06
C THR C 432 -45.49 -27.14 22.07
N LEU C 433 -46.01 -25.98 21.66
CA LEU C 433 -47.09 -25.96 20.67
C LEU C 433 -46.62 -26.53 19.34
N ILE C 434 -45.38 -26.23 18.95
CA ILE C 434 -44.82 -26.81 17.72
C ILE C 434 -44.70 -28.32 17.86
N GLU C 435 -44.21 -28.79 19.01
CA GLU C 435 -44.07 -30.23 19.22
C GLU C 435 -45.43 -30.93 19.23
N GLN C 436 -46.41 -30.36 19.92
CA GLN C 436 -47.75 -30.93 20.01
C GLN C 436 -48.78 -29.91 19.54
N PRO C 437 -49.19 -29.95 18.28
CA PRO C 437 -50.17 -28.97 17.79
C PRO C 437 -51.49 -29.00 18.54
N LYS C 438 -51.93 -30.16 19.02
CA LYS C 438 -53.20 -30.28 19.73
C LYS C 438 -52.99 -30.16 21.24
N THR C 439 -52.42 -29.02 21.64
CA THR C 439 -52.14 -28.73 23.04
C THR C 439 -53.24 -27.85 23.60
N THR C 440 -53.77 -28.24 24.76
CA THR C 440 -54.85 -27.51 25.41
C THR C 440 -54.30 -26.25 26.09
N LEU C 441 -55.20 -25.32 26.41
CA LEU C 441 -54.79 -24.08 27.05
C LEU C 441 -54.14 -24.31 28.41
N ASP C 442 -54.65 -25.29 29.16
CA ASP C 442 -54.12 -25.55 30.50
C ASP C 442 -52.65 -25.96 30.45
N GLU C 443 -52.26 -26.75 29.45
CA GLU C 443 -50.86 -27.14 29.34
C GLU C 443 -49.98 -25.92 29.12
N LEU C 444 -50.42 -24.98 28.29
CA LEU C 444 -49.66 -23.74 28.09
C LEU C 444 -49.61 -22.93 29.37
N LEU C 445 -50.71 -22.85 30.11
CA LEU C 445 -50.74 -22.08 31.34
C LEU C 445 -49.84 -22.70 32.41
N ASP C 446 -49.59 -24.01 32.33
CA ASP C 446 -48.60 -24.62 33.22
C ASP C 446 -47.18 -24.19 32.90
N ILE C 447 -46.95 -23.61 31.71
CA ILE C 447 -45.64 -23.14 31.31
C ILE C 447 -45.48 -21.63 31.49
N VAL C 448 -46.47 -20.85 31.08
CA VAL C 448 -46.35 -19.39 31.19
C VAL C 448 -46.79 -18.88 32.55
N GLN C 449 -47.84 -19.47 33.12
CA GLN C 449 -48.36 -19.14 34.46
C GLN C 449 -49.02 -17.77 34.53
N GLY C 450 -48.86 -16.95 33.49
CA GLY C 450 -49.50 -15.65 33.47
C GLY C 450 -48.59 -14.51 33.08
N PRO C 451 -49.03 -13.28 33.37
CA PRO C 451 -48.23 -12.09 33.04
C PRO C 451 -46.96 -12.00 33.86
N ASP C 452 -45.97 -11.31 33.28
CA ASP C 452 -44.68 -11.03 33.94
C ASP C 452 -44.40 -9.54 33.78
N PHE C 453 -44.86 -8.74 34.75
CA PHE C 453 -44.66 -7.30 34.74
C PHE C 453 -43.23 -6.95 35.14
N PRO C 454 -42.72 -5.77 34.70
CA PRO C 454 -41.35 -5.36 35.02
C PRO C 454 -41.18 -4.81 36.43
N THR C 455 -41.77 -5.51 37.41
CA THR C 455 -41.61 -5.17 38.82
C THR C 455 -41.40 -6.45 39.61
N GLU C 456 -40.70 -6.32 40.73
CA GLU C 456 -40.45 -7.45 41.62
C GLU C 456 -41.63 -7.72 42.56
N ALA C 457 -42.80 -7.16 42.27
CA ALA C 457 -43.97 -7.35 43.09
C ALA C 457 -44.55 -8.75 42.86
N GLU C 458 -45.68 -9.02 43.52
CA GLU C 458 -46.30 -10.34 43.50
C GLU C 458 -47.66 -10.27 42.82
N ILE C 459 -47.98 -11.30 42.05
CA ILE C 459 -49.28 -11.44 41.40
C ILE C 459 -50.14 -12.35 42.26
N ILE C 460 -51.32 -11.85 42.65
CA ILE C 460 -52.15 -12.54 43.65
C ILE C 460 -53.36 -13.25 43.05
N THR C 461 -53.66 -13.03 41.78
CA THR C 461 -54.82 -13.67 41.18
C THR C 461 -54.64 -15.18 41.11
N SER C 462 -55.71 -15.91 41.41
CA SER C 462 -55.66 -17.37 41.44
C SER C 462 -55.48 -17.93 40.03
N ARG C 463 -54.98 -19.17 39.98
CA ARG C 463 -54.73 -19.82 38.70
C ARG C 463 -56.03 -20.06 37.93
N ALA C 464 -57.13 -20.36 38.64
CA ALA C 464 -58.40 -20.57 37.95
C ALA C 464 -58.89 -19.30 37.28
N GLU C 465 -58.77 -18.16 37.97
CA GLU C 465 -59.17 -16.89 37.36
C GLU C 465 -58.31 -16.56 36.16
N ILE C 466 -57.01 -16.82 36.25
CA ILE C 466 -56.12 -16.60 35.12
C ILE C 466 -56.49 -17.52 33.96
N ARG C 467 -56.89 -18.75 34.26
CA ARG C 467 -57.36 -19.66 33.22
C ARG C 467 -58.60 -19.09 32.53
N LYS C 468 -59.53 -18.55 33.32
CA LYS C 468 -60.72 -17.93 32.72
C LYS C 468 -60.35 -16.75 31.83
N ILE C 469 -59.41 -15.91 32.29
CA ILE C 469 -58.99 -14.77 31.50
C ILE C 469 -58.36 -15.21 30.19
N TYR C 470 -57.44 -16.17 30.25
CA TYR C 470 -56.75 -16.63 29.05
C TYR C 470 -57.60 -17.53 28.17
N GLN C 471 -58.75 -18.00 28.65
CA GLN C 471 -59.68 -18.73 27.80
C GLN C 471 -60.68 -17.82 27.12
N ASN C 472 -61.23 -16.85 27.85
CA ASN C 472 -62.20 -15.93 27.28
C ASN C 472 -61.58 -14.63 26.75
N GLY C 473 -60.28 -14.43 26.95
CA GLY C 473 -59.61 -13.23 26.48
C GLY C 473 -59.68 -12.08 27.46
N ARG C 474 -60.88 -11.56 27.70
CA ARG C 474 -61.05 -10.44 28.62
C ARG C 474 -60.89 -10.90 30.07
N GLY C 475 -60.50 -9.97 30.93
CA GLY C 475 -60.36 -10.28 32.34
C GLY C 475 -59.64 -9.19 33.09
N SER C 476 -59.25 -9.51 34.32
CA SER C 476 -58.52 -8.57 35.16
C SER C 476 -57.60 -9.34 36.10
N VAL C 477 -56.40 -8.81 36.32
CA VAL C 477 -55.42 -9.41 37.20
C VAL C 477 -55.18 -8.45 38.36
N ARG C 478 -54.57 -8.94 39.43
CA ARG C 478 -54.27 -8.11 40.59
C ARG C 478 -52.86 -8.36 41.06
N MET C 479 -52.20 -7.30 41.53
CA MET C 479 -50.83 -7.39 42.04
C MET C 479 -50.71 -6.68 43.38
N ARG C 480 -49.82 -7.20 44.22
CA ARG C 480 -49.57 -6.69 45.56
C ARG C 480 -48.14 -6.20 45.71
N ALA C 481 -47.67 -6.09 46.96
CA ALA C 481 -46.36 -5.56 47.29
C ALA C 481 -45.59 -6.59 48.11
N VAL C 482 -44.30 -6.30 48.32
CA VAL C 482 -43.42 -7.11 49.16
C VAL C 482 -43.28 -6.44 50.51
N TRP C 483 -43.64 -7.17 51.57
CA TRP C 483 -43.81 -6.64 52.92
C TRP C 483 -43.00 -7.44 53.93
N SER C 484 -41.71 -7.59 53.67
CA SER C 484 -40.85 -8.42 54.51
C SER C 484 -40.19 -7.57 55.59
N LYS C 485 -40.05 -8.16 56.77
CA LYS C 485 -39.63 -7.45 57.98
C LYS C 485 -38.16 -7.68 58.26
N GLU C 486 -37.43 -6.59 58.50
CA GLU C 486 -36.03 -6.64 58.89
C GLU C 486 -35.81 -5.67 60.05
N ASP C 487 -35.13 -6.14 61.09
CA ASP C 487 -34.84 -5.36 62.29
C ASP C 487 -36.12 -4.84 62.96
N GLY C 488 -37.19 -5.62 62.88
CA GLY C 488 -38.46 -5.25 63.47
C GLY C 488 -39.18 -4.09 62.80
N ALA C 489 -38.73 -3.66 61.63
CA ALA C 489 -39.35 -2.56 60.91
C ALA C 489 -39.77 -3.03 59.53
N VAL C 490 -40.92 -2.56 59.06
CA VAL C 490 -41.43 -2.97 57.75
C VAL C 490 -40.70 -2.17 56.68
N VAL C 491 -40.07 -2.87 55.75
CA VAL C 491 -39.36 -2.25 54.63
C VAL C 491 -39.99 -2.73 53.33
N ILE C 492 -40.51 -1.80 52.55
CA ILE C 492 -41.09 -2.09 51.25
C ILE C 492 -39.99 -1.93 50.21
N SER C 493 -39.76 -2.97 49.41
CA SER C 493 -38.66 -2.98 48.46
C SER C 493 -39.10 -2.93 46.99
N ALA C 494 -40.30 -3.40 46.68
CA ALA C 494 -40.79 -3.40 45.31
C ALA C 494 -42.18 -2.81 45.26
N LEU C 495 -42.46 -2.01 44.24
CA LEU C 495 -43.73 -1.35 44.07
C LEU C 495 -44.50 -1.93 42.90
N PRO C 496 -45.83 -1.83 42.90
CA PRO C 496 -46.62 -2.33 41.77
C PRO C 496 -46.33 -1.54 40.49
N HIS C 497 -46.73 -2.13 39.37
CA HIS C 497 -46.49 -1.51 38.07
C HIS C 497 -47.27 -0.21 37.95
N GLN C 498 -46.64 0.79 37.33
CA GLN C 498 -47.26 2.10 37.08
C GLN C 498 -47.73 2.74 38.38
N VAL C 499 -46.99 2.54 39.47
CA VAL C 499 -47.32 3.10 40.78
C VAL C 499 -46.13 3.93 41.24
N SER C 500 -46.38 5.20 41.53
CA SER C 500 -45.34 6.11 42.00
C SER C 500 -45.19 6.00 43.51
N GLY C 501 -43.94 5.96 43.97
CA GLY C 501 -43.68 5.96 45.40
C GLY C 501 -44.16 7.23 46.08
N ALA C 502 -44.00 8.37 45.39
CA ALA C 502 -44.47 9.63 45.95
C ALA C 502 -45.99 9.64 46.09
N LYS C 503 -46.70 9.08 45.11
CA LYS C 503 -48.16 8.98 45.21
C LYS C 503 -48.57 8.09 46.38
N VAL C 504 -47.87 6.98 46.58
CA VAL C 504 -48.17 6.10 47.70
C VAL C 504 -47.93 6.82 49.02
N LEU C 505 -46.82 7.57 49.11
CA LEU C 505 -46.54 8.34 50.33
C LEU C 505 -47.63 9.38 50.58
N GLU C 506 -48.06 10.07 49.53
CA GLU C 506 -49.13 11.06 49.70
C GLU C 506 -50.44 10.41 50.14
N GLN C 507 -50.75 9.24 49.57
CA GLN C 507 -51.96 8.52 49.97
C GLN C 507 -51.87 8.08 51.43
N ILE C 508 -50.70 7.61 51.85
CA ILE C 508 -50.48 7.21 53.24
C ILE C 508 -50.57 8.42 54.16
N ALA C 509 -50.19 9.60 53.65
CA ALA C 509 -50.30 10.82 54.45
C ALA C 509 -51.74 11.10 54.84
N ALA C 510 -52.71 10.67 54.03
CA ALA C 510 -54.11 10.76 54.44
C ALA C 510 -54.37 9.93 55.69
N GLN C 511 -53.81 8.73 55.76
CA GLN C 511 -53.91 7.92 56.97
C GLN C 511 -53.20 8.60 58.14
N MET C 512 -52.06 9.24 57.87
CA MET C 512 -51.30 9.90 58.93
C MET C 512 -52.10 11.06 59.52
N ARG C 513 -52.68 11.90 58.65
CA ARG C 513 -53.41 13.06 59.15
C ARG C 513 -54.75 12.68 59.77
N ASN C 514 -55.51 11.78 59.13
CA ASN C 514 -56.79 11.40 59.69
C ASN C 514 -56.68 10.47 60.89
N LYS C 515 -55.53 9.82 61.09
CA LYS C 515 -55.29 8.96 62.24
C LYS C 515 -56.37 7.89 62.38
N LYS C 516 -56.79 7.32 61.25
CA LYS C 516 -57.68 6.16 61.32
C LYS C 516 -56.98 4.97 61.96
N LEU C 517 -55.65 4.90 61.81
CA LEU C 517 -54.83 3.86 62.42
C LEU C 517 -53.72 4.61 63.16
N PRO C 518 -53.93 4.92 64.44
CA PRO C 518 -52.96 5.74 65.18
C PRO C 518 -51.78 4.95 65.70
N MET C 519 -51.49 3.82 65.06
CA MET C 519 -50.33 3.00 65.41
C MET C 519 -49.06 3.45 64.72
N VAL C 520 -49.14 4.41 63.81
CA VAL C 520 -47.97 4.90 63.10
C VAL C 520 -47.18 5.85 64.00
N ASP C 521 -45.88 5.98 63.72
CA ASP C 521 -45.05 6.89 64.48
C ASP C 521 -44.22 7.83 63.64
N ASP C 522 -44.31 7.77 62.31
CA ASP C 522 -43.57 8.62 61.38
C ASP C 522 -43.73 8.02 59.99
N LEU C 523 -43.37 8.83 59.00
CA LEU C 523 -43.33 8.42 57.60
C LEU C 523 -42.14 9.07 56.93
N ARG C 524 -41.10 8.29 56.65
CA ARG C 524 -39.89 8.79 56.02
C ARG C 524 -39.55 7.93 54.82
N ASP C 525 -38.89 8.54 53.84
CA ASP C 525 -38.43 7.85 52.63
C ASP C 525 -36.91 7.89 52.62
N GLU C 526 -36.27 6.77 52.97
CA GLU C 526 -34.82 6.67 53.00
C GLU C 526 -34.26 6.01 51.74
N SER C 527 -34.97 6.13 50.62
CA SER C 527 -34.52 5.53 49.37
C SER C 527 -33.23 6.20 48.88
N ASP C 528 -32.36 5.40 48.29
CA ASP C 528 -31.07 5.86 47.80
C ASP C 528 -30.71 5.08 46.54
N HIS C 529 -29.51 5.33 46.01
CA HIS C 529 -29.08 4.62 44.81
C HIS C 529 -28.91 3.13 45.06
N GLU C 530 -28.37 2.77 46.23
CA GLU C 530 -28.17 1.35 46.54
C GLU C 530 -29.51 0.61 46.67
N ASN C 531 -30.48 1.23 47.34
CA ASN C 531 -31.80 0.64 47.51
C ASN C 531 -32.81 1.48 46.73
N PRO C 532 -33.30 1.01 45.57
CA PRO C 532 -34.10 1.91 44.70
C PRO C 532 -35.32 2.51 45.40
N THR C 533 -35.98 1.75 46.26
CA THR C 533 -37.12 2.26 47.01
C THR C 533 -37.00 1.78 48.45
N ARG C 534 -36.91 2.72 49.39
CA ARG C 534 -36.86 2.36 50.81
C ARG C 534 -37.58 3.45 51.60
N LEU C 535 -38.88 3.23 51.83
CA LEU C 535 -39.70 4.10 52.66
C LEU C 535 -40.09 3.30 53.90
N VAL C 536 -39.78 3.84 55.08
CA VAL C 536 -39.95 3.12 56.34
C VAL C 536 -41.16 3.64 57.07
N ILE C 537 -42.06 2.72 57.43
CA ILE C 537 -43.23 2.99 58.25
C ILE C 537 -43.04 2.24 59.55
N VAL C 538 -43.03 2.96 60.67
CA VAL C 538 -42.77 2.37 61.98
C VAL C 538 -44.09 2.24 62.72
N PRO C 539 -44.65 1.04 62.84
CA PRO C 539 -45.89 0.84 63.62
C PRO C 539 -45.60 0.67 65.10
N ARG C 540 -46.58 0.13 65.83
CA ARG C 540 -46.47 -0.06 67.27
C ARG C 540 -45.48 -1.19 67.54
N SER C 541 -45.48 -1.70 68.78
CA SER C 541 -44.54 -2.76 69.13
C SER C 541 -44.99 -4.08 68.50
N ASN C 542 -44.51 -5.21 69.01
CA ASN C 542 -44.82 -6.50 68.39
C ASN C 542 -45.98 -7.20 69.07
N ARG C 543 -46.97 -6.45 69.51
CA ARG C 543 -48.20 -7.01 70.06
C ARG C 543 -49.43 -6.69 69.21
N VAL C 544 -49.26 -5.88 68.16
CA VAL C 544 -50.40 -5.44 67.36
C VAL C 544 -50.66 -6.29 66.12
N ASP C 545 -49.70 -7.11 65.69
CA ASP C 545 -49.87 -7.95 64.50
C ASP C 545 -50.08 -7.10 63.24
N MET C 546 -49.07 -6.26 62.95
CA MET C 546 -49.11 -5.28 61.87
C MET C 546 -49.47 -5.88 60.51
N GLU C 547 -49.38 -7.19 60.34
CA GLU C 547 -49.69 -7.81 59.04
C GLU C 547 -51.12 -7.52 58.60
N GLN C 548 -52.08 -7.55 59.53
CA GLN C 548 -53.45 -7.22 59.15
C GLN C 548 -53.59 -5.74 58.80
N VAL C 549 -52.83 -4.88 59.46
CA VAL C 549 -52.84 -3.47 59.11
C VAL C 549 -52.28 -3.27 57.70
N MET C 550 -51.26 -4.06 57.34
CA MET C 550 -50.77 -4.03 55.97
C MET C 550 -51.83 -4.53 54.99
N ASN C 551 -52.61 -5.54 55.40
CA ASN C 551 -53.71 -6.01 54.56
C ASN C 551 -54.72 -4.89 54.31
N HIS C 552 -55.06 -4.14 55.36
CA HIS C 552 -55.95 -2.99 55.21
C HIS C 552 -55.35 -1.94 54.29
N LEU C 553 -54.04 -1.68 54.44
CA LEU C 553 -53.37 -0.71 53.57
C LEU C 553 -53.43 -1.14 52.11
N PHE C 554 -53.24 -2.45 51.85
CA PHE C 554 -53.39 -2.97 50.50
C PHE C 554 -54.82 -2.75 50.00
N ALA C 555 -55.80 -2.97 50.86
CA ALA C 555 -57.19 -2.80 50.45
C ALA C 555 -57.54 -1.35 50.18
N THR C 556 -56.81 -0.40 50.80
CA THR C 556 -57.16 1.01 50.69
C THR C 556 -56.24 1.79 49.76
N THR C 557 -54.93 1.57 49.83
CA THR C 557 -53.98 2.36 49.07
C THR C 557 -53.70 1.71 47.72
N ASP C 558 -52.70 2.22 47.00
CA ASP C 558 -52.32 1.71 45.70
C ASP C 558 -51.30 0.58 45.78
N LEU C 559 -50.95 0.13 46.99
CA LEU C 559 -49.99 -0.96 47.15
C LEU C 559 -50.50 -2.29 46.59
N GLU C 560 -51.80 -2.39 46.33
CA GLU C 560 -52.38 -3.55 45.65
C GLU C 560 -53.36 -3.03 44.62
N LYS C 561 -53.08 -3.29 43.34
CA LYS C 561 -53.87 -2.71 42.26
C LYS C 561 -54.21 -3.75 41.21
N SER C 562 -55.33 -3.52 40.52
CA SER C 562 -55.81 -4.38 39.46
C SER C 562 -55.46 -3.80 38.09
N TYR C 563 -55.34 -4.69 37.11
CA TYR C 563 -54.98 -4.35 35.74
C TYR C 563 -55.93 -5.06 34.79
N ARG C 564 -56.52 -4.29 33.88
CA ARG C 564 -57.42 -4.84 32.88
C ARG C 564 -56.65 -5.64 31.84
N ILE C 565 -57.29 -6.67 31.29
CA ILE C 565 -56.71 -7.52 30.26
C ILE C 565 -57.73 -7.63 29.13
N ASN C 566 -57.35 -7.16 27.95
CA ASN C 566 -58.21 -7.21 26.77
C ASN C 566 -57.34 -7.58 25.58
N LEU C 567 -57.31 -8.87 25.24
CA LEU C 567 -56.44 -9.38 24.18
C LEU C 567 -57.06 -9.13 22.81
N ASN C 568 -57.19 -7.85 22.48
CA ASN C 568 -57.73 -7.41 21.20
C ASN C 568 -56.58 -7.00 20.29
N MET C 569 -56.55 -7.54 19.08
CA MET C 569 -55.45 -7.27 18.16
C MET C 569 -55.92 -7.48 16.73
N ILE C 570 -55.13 -6.95 15.80
CA ILE C 570 -55.36 -7.14 14.38
C ILE C 570 -54.67 -8.42 13.94
N GLY C 571 -55.46 -9.39 13.46
CA GLY C 571 -54.92 -10.66 13.04
C GLY C 571 -54.40 -10.64 11.62
N LEU C 572 -53.92 -11.81 11.17
CA LEU C 572 -53.44 -11.94 9.80
C LEU C 572 -54.54 -11.71 8.78
N ASP C 573 -55.80 -11.90 9.16
CA ASP C 573 -56.92 -11.60 8.29
C ASP C 573 -57.13 -10.11 8.06
N GLY C 574 -56.43 -9.27 8.81
CA GLY C 574 -56.59 -7.83 8.68
C GLY C 574 -57.77 -7.25 9.42
N ARG C 575 -58.37 -8.00 10.34
CA ARG C 575 -59.52 -7.55 11.08
C ARG C 575 -59.27 -7.61 12.58
N PRO C 576 -59.72 -6.63 13.35
CA PRO C 576 -59.56 -6.69 14.80
C PRO C 576 -60.38 -7.82 15.40
N ALA C 577 -59.83 -8.45 16.44
CA ALA C 577 -60.51 -9.55 17.09
C ALA C 577 -59.88 -9.79 18.46
N VAL C 578 -60.67 -10.34 19.37
CA VAL C 578 -60.20 -10.76 20.68
C VAL C 578 -59.83 -12.24 20.61
N LYS C 579 -58.60 -12.56 21.00
CA LYS C 579 -58.09 -13.92 20.87
C LYS C 579 -57.58 -14.41 22.22
N ASN C 580 -57.70 -15.72 22.43
CA ASN C 580 -57.18 -16.36 23.63
C ASN C 580 -55.72 -16.72 23.43
N LEU C 581 -55.10 -17.27 24.49
CA LEU C 581 -53.68 -17.59 24.43
C LEU C 581 -53.38 -18.61 23.33
N LEU C 582 -54.20 -19.66 23.24
CA LEU C 582 -53.99 -20.67 22.22
C LEU C 582 -54.12 -20.08 20.81
N GLU C 583 -55.16 -19.27 20.59
CA GLU C 583 -55.35 -18.64 19.28
C GLU C 583 -54.21 -17.69 18.95
N ILE C 584 -53.78 -16.89 19.92
CA ILE C 584 -52.68 -15.95 19.69
C ILE C 584 -51.41 -16.71 19.32
N LEU C 585 -51.09 -17.76 20.07
CA LEU C 585 -49.88 -18.53 19.80
C LEU C 585 -49.96 -19.22 18.45
N SER C 586 -51.13 -19.77 18.09
CA SER C 586 -51.26 -20.43 16.80
C SER C 586 -51.09 -19.43 15.65
N GLU C 587 -51.71 -18.26 15.76
CA GLU C 587 -51.60 -17.27 14.70
C GLU C 587 -50.17 -16.77 14.57
N TRP C 588 -49.48 -16.54 15.70
CA TRP C 588 -48.10 -16.11 15.61
C TRP C 588 -47.20 -17.21 15.06
N LEU C 589 -47.50 -18.48 15.37
CA LEU C 589 -46.72 -19.57 14.78
C LEU C 589 -46.91 -19.62 13.27
N VAL C 590 -48.14 -19.39 12.80
CA VAL C 590 -48.37 -19.32 11.36
C VAL C 590 -47.56 -18.18 10.74
N PHE C 591 -47.57 -17.02 11.39
CA PHE C 591 -46.81 -15.87 10.90
C PHE C 591 -45.32 -16.18 10.84
N ARG C 592 -44.78 -16.81 11.89
CA ARG C 592 -43.36 -17.14 11.93
C ARG C 592 -43.00 -18.16 10.86
N ARG C 593 -43.87 -19.16 10.66
CA ARG C 593 -43.62 -20.13 9.60
C ARG C 593 -43.59 -19.46 8.23
N ASP C 594 -44.53 -18.55 7.98
CA ASP C 594 -44.55 -17.84 6.71
C ASP C 594 -43.27 -17.02 6.51
N THR C 595 -42.87 -16.27 7.55
CA THR C 595 -41.68 -15.45 7.42
C THR C 595 -40.42 -16.29 7.22
N VAL C 596 -40.33 -17.42 7.92
CA VAL C 596 -39.17 -18.30 7.76
C VAL C 596 -39.14 -18.88 6.35
N ARG C 597 -40.30 -19.26 5.82
CA ARG C 597 -40.36 -19.75 4.45
C ARG C 597 -39.89 -18.68 3.47
N ARG C 598 -40.34 -17.44 3.66
CA ARG C 598 -39.90 -16.36 2.78
C ARG C 598 -38.39 -16.14 2.86
N ARG C 599 -37.83 -16.17 4.08
CA ARG C 599 -36.40 -15.99 4.25
C ARG C 599 -35.61 -17.11 3.56
N LEU C 600 -36.06 -18.36 3.74
CA LEU C 600 -35.38 -19.48 3.10
C LEU C 600 -35.45 -19.38 1.58
N ASN C 601 -36.60 -18.99 1.04
CA ASN C 601 -36.73 -18.85 -0.41
C ASN C 601 -35.83 -17.73 -0.94
N HIS C 602 -35.74 -16.62 -0.20
CA HIS C 602 -34.86 -15.52 -0.60
C HIS C 602 -33.40 -15.98 -0.64
N ARG C 603 -32.95 -16.65 0.42
CA ARG C 603 -31.58 -17.15 0.45
C ARG C 603 -31.34 -18.17 -0.65
N LEU C 604 -32.32 -19.03 -0.91
CA LEU C 604 -32.18 -20.03 -1.98
C LEU C 604 -32.05 -19.38 -3.33
N GLU C 605 -32.84 -18.33 -3.60
CA GLU C 605 -32.71 -17.62 -4.88
C GLU C 605 -31.33 -17.01 -5.01
N LYS C 606 -30.84 -16.37 -3.95
CA LYS C 606 -29.50 -15.77 -4.01
C LYS C 606 -28.44 -16.85 -4.28
N VAL C 607 -28.55 -17.99 -3.59
CA VAL C 607 -27.57 -19.06 -3.74
C VAL C 607 -27.60 -19.61 -5.17
N LEU C 608 -28.80 -19.81 -5.72
CA LEU C 608 -28.91 -20.35 -7.08
C LEU C 608 -28.33 -19.38 -8.10
N LYS C 609 -28.63 -18.09 -7.96
CA LYS C 609 -28.08 -17.11 -8.90
C LYS C 609 -26.56 -17.08 -8.83
N ARG C 610 -26.00 -17.07 -7.62
CA ARG C 610 -24.55 -17.06 -7.50
C ARG C 610 -23.92 -18.36 -8.01
N LEU C 611 -24.60 -19.49 -7.83
CA LEU C 611 -24.09 -20.75 -8.35
C LEU C 611 -24.06 -20.74 -9.88
N HIS C 612 -25.09 -20.18 -10.50
CA HIS C 612 -25.10 -20.04 -11.96
C HIS C 612 -23.93 -19.17 -12.42
N ILE C 613 -23.72 -18.04 -11.74
CA ILE C 613 -22.62 -17.16 -12.10
C ILE C 613 -21.27 -17.86 -11.91
N LEU C 614 -21.14 -18.63 -10.83
CA LEU C 614 -19.90 -19.36 -10.57
C LEU C 614 -19.64 -20.42 -11.63
N GLU C 615 -20.69 -21.11 -12.08
CA GLU C 615 -20.53 -22.08 -13.16
C GLU C 615 -20.03 -21.39 -14.43
N GLY C 616 -20.62 -20.24 -14.77
CA GLY C 616 -20.14 -19.49 -15.92
C GLY C 616 -18.70 -19.06 -15.77
N LEU C 617 -18.32 -18.60 -14.57
CA LEU C 617 -16.94 -18.18 -14.33
C LEU C 617 -15.97 -19.35 -14.45
N LEU C 618 -16.35 -20.53 -13.94
CA LEU C 618 -15.49 -21.70 -14.08
C LEU C 618 -15.33 -22.11 -15.54
N VAL C 619 -16.42 -22.04 -16.31
CA VAL C 619 -16.33 -22.31 -17.74
C VAL C 619 -15.37 -21.34 -18.40
N ALA C 620 -15.43 -20.06 -18.01
CA ALA C 620 -14.50 -19.07 -18.55
C ALA C 620 -13.06 -19.40 -18.17
N PHE C 621 -12.84 -19.80 -16.92
CA PHE C 621 -11.50 -20.12 -16.44
C PHE C 621 -10.91 -21.30 -17.21
N LEU C 622 -11.72 -22.30 -17.53
CA LEU C 622 -11.22 -23.44 -18.30
C LEU C 622 -10.69 -23.01 -19.65
N ASN C 623 -11.28 -21.98 -20.26
CA ASN C 623 -10.90 -21.53 -21.59
C ASN C 623 -10.51 -20.06 -21.55
N ILE C 624 -9.66 -19.69 -20.57
CA ILE C 624 -9.34 -18.29 -20.34
C ILE C 624 -8.67 -17.67 -21.56
N ASP C 625 -7.71 -18.38 -22.16
CA ASP C 625 -7.01 -17.83 -23.32
C ASP C 625 -7.96 -17.60 -24.48
N GLU C 626 -8.84 -18.58 -24.76
CA GLU C 626 -9.80 -18.42 -25.84
C GLU C 626 -10.79 -17.31 -25.54
N VAL C 627 -11.23 -17.19 -24.28
CA VAL C 627 -12.17 -16.14 -23.91
C VAL C 627 -11.55 -14.76 -24.15
N ILE C 628 -10.31 -14.59 -23.71
CA ILE C 628 -9.62 -13.31 -23.90
C ILE C 628 -9.43 -13.03 -25.39
N GLU C 629 -9.09 -14.06 -26.17
CA GLU C 629 -8.94 -13.88 -27.61
C GLU C 629 -10.25 -13.45 -28.25
N ILE C 630 -11.37 -14.07 -27.84
CA ILE C 630 -12.67 -13.68 -28.38
C ILE C 630 -12.99 -12.24 -28.01
N ILE C 631 -12.74 -11.85 -26.77
CA ILE C 631 -13.02 -10.48 -26.35
C ILE C 631 -12.19 -9.49 -27.14
N ARG C 632 -10.90 -9.77 -27.31
CA ARG C 632 -10.00 -8.84 -27.98
C ARG C 632 -10.16 -8.82 -29.49
N THR C 633 -10.70 -9.88 -30.09
CA THR C 633 -10.81 -9.97 -31.54
C THR C 633 -12.22 -9.72 -32.06
N GLU C 634 -13.25 -10.21 -31.38
CA GLU C 634 -14.61 -10.03 -31.86
C GLU C 634 -15.17 -8.69 -31.40
N ASP C 635 -15.84 -8.00 -32.32
CA ASP C 635 -16.40 -6.69 -32.00
C ASP C 635 -17.53 -6.79 -30.98
N GLU C 636 -18.38 -7.81 -31.10
CA GLU C 636 -19.47 -8.06 -30.17
C GLU C 636 -19.15 -9.33 -29.39
N PRO C 637 -18.41 -9.24 -28.28
CA PRO C 637 -17.92 -10.47 -27.63
C PRO C 637 -18.97 -11.21 -26.83
N LYS C 638 -20.02 -10.51 -26.35
CA LYS C 638 -21.03 -11.18 -25.53
C LYS C 638 -21.80 -12.24 -26.31
N PRO C 639 -22.39 -11.94 -27.48
CA PRO C 639 -23.08 -13.01 -28.22
C PRO C 639 -22.13 -14.13 -28.67
N ALA C 640 -20.89 -13.79 -29.00
CA ALA C 640 -19.93 -14.83 -29.38
C ALA C 640 -19.64 -15.76 -28.22
N LEU C 641 -19.46 -15.20 -27.02
CA LEU C 641 -19.25 -16.03 -25.84
C LEU C 641 -20.47 -16.89 -25.55
N MET C 642 -21.68 -16.31 -25.71
CA MET C 642 -22.90 -17.09 -25.48
C MET C 642 -23.02 -18.24 -26.47
N SER C 643 -22.71 -18.00 -27.74
CA SER C 643 -22.86 -19.04 -28.76
C SER C 643 -21.79 -20.12 -28.62
N ARG C 644 -20.53 -19.73 -28.43
CA ARG C 644 -19.44 -20.71 -28.44
C ARG C 644 -19.53 -21.67 -27.26
N PHE C 645 -19.79 -21.17 -26.07
CA PHE C 645 -19.77 -21.99 -24.86
C PHE C 645 -21.15 -22.37 -24.38
N GLY C 646 -22.20 -22.04 -25.12
CA GLY C 646 -23.56 -22.34 -24.69
C GLY C 646 -23.89 -21.72 -23.35
N ILE C 647 -23.52 -20.45 -23.16
CA ILE C 647 -23.56 -19.81 -21.86
C ILE C 647 -24.65 -18.74 -21.87
N SER C 648 -25.12 -18.39 -20.68
CA SER C 648 -26.22 -17.43 -20.55
C SER C 648 -25.71 -16.01 -20.64
N GLU C 649 -26.65 -15.08 -20.86
CA GLU C 649 -26.30 -13.67 -20.98
C GLU C 649 -25.73 -13.13 -19.67
N THR C 650 -26.34 -13.50 -18.53
CA THR C 650 -25.82 -13.06 -17.25
C THR C 650 -24.44 -13.64 -16.99
N GLN C 651 -24.24 -14.92 -17.34
CA GLN C 651 -22.92 -15.54 -17.20
C GLN C 651 -21.90 -14.85 -18.11
N ALA C 652 -22.30 -14.52 -19.34
CA ALA C 652 -21.40 -13.82 -20.25
C ALA C 652 -21.02 -12.45 -19.70
N GLU C 653 -21.98 -11.73 -19.12
CA GLU C 653 -21.67 -10.44 -18.50
C GLU C 653 -20.74 -10.61 -17.31
N ALA C 654 -20.95 -11.67 -16.51
CA ALA C 654 -20.04 -11.93 -15.40
C ALA C 654 -18.63 -12.19 -15.89
N ILE C 655 -18.49 -12.93 -16.99
CA ILE C 655 -17.18 -13.15 -17.59
C ILE C 655 -16.58 -11.82 -18.04
N LEU C 656 -17.39 -11.00 -18.71
CA LEU C 656 -16.91 -9.70 -19.20
C LEU C 656 -16.52 -8.78 -18.05
N GLU C 657 -17.20 -8.91 -16.90
CA GLU C 657 -16.93 -8.06 -15.75
C GLU C 657 -15.85 -8.63 -14.84
N LEU C 658 -15.26 -9.77 -15.21
CA LEU C 658 -14.14 -10.32 -14.45
C LEU C 658 -12.93 -9.40 -14.54
N LYS C 659 -12.19 -9.28 -13.45
CA LYS C 659 -11.01 -8.43 -13.40
C LYS C 659 -9.75 -9.25 -13.63
N LEU C 660 -8.69 -8.55 -14.06
CA LEU C 660 -7.44 -9.23 -14.38
C LEU C 660 -6.84 -9.90 -13.15
N ARG C 661 -6.98 -9.27 -11.98
CA ARG C 661 -6.48 -9.88 -10.75
C ARG C 661 -7.14 -11.21 -10.47
N HIS C 662 -8.38 -11.39 -10.92
CA HIS C 662 -9.09 -12.65 -10.76
C HIS C 662 -8.57 -13.75 -11.67
N LEU C 663 -7.71 -13.42 -12.63
CA LEU C 663 -7.17 -14.43 -13.54
C LEU C 663 -6.13 -15.33 -12.87
N ALA C 664 -5.71 -15.01 -11.65
CA ALA C 664 -4.75 -15.86 -10.95
C ALA C 664 -5.42 -17.16 -10.49
N LYS C 665 -4.59 -18.16 -10.22
CA LYS C 665 -5.11 -19.47 -9.82
C LYS C 665 -5.79 -19.42 -8.46
N LEU C 666 -5.32 -18.53 -7.57
CA LEU C 666 -5.90 -18.45 -6.23
C LEU C 666 -7.37 -18.07 -6.30
N GLU C 667 -7.73 -17.15 -7.19
CA GLU C 667 -9.14 -16.79 -7.35
C GLU C 667 -9.95 -17.98 -7.88
N GLU C 668 -9.36 -18.79 -8.76
CA GLU C 668 -10.05 -20.00 -9.22
C GLU C 668 -10.33 -20.95 -8.06
N MET C 669 -9.34 -21.15 -7.19
CA MET C 669 -9.56 -21.99 -6.01
C MET C 669 -10.65 -21.41 -5.12
N LYS C 670 -10.64 -20.08 -4.94
CA LYS C 670 -11.68 -19.42 -4.16
C LYS C 670 -13.06 -19.66 -4.76
N ILE C 671 -13.16 -19.56 -6.09
CA ILE C 671 -14.44 -19.79 -6.77
C ILE C 671 -14.90 -21.24 -6.56
N ARG C 672 -13.96 -22.19 -6.66
CA ARG C 672 -14.33 -23.59 -6.48
C ARG C 672 -14.82 -23.87 -5.06
N GLY C 673 -14.13 -23.31 -4.06
CA GLY C 673 -14.57 -23.47 -2.69
C GLY C 673 -15.93 -22.84 -2.43
N GLU C 674 -16.14 -21.64 -2.97
CA GLU C 674 -17.44 -20.98 -2.85
C GLU C 674 -18.53 -21.82 -3.50
N GLN C 675 -18.24 -22.40 -4.66
CA GLN C 675 -19.23 -23.24 -5.35
C GLN C 675 -19.58 -24.46 -4.51
N SER C 676 -18.58 -25.11 -3.91
CA SER C 676 -18.86 -26.28 -3.09
C SER C 676 -19.71 -25.92 -1.87
N GLU C 677 -19.33 -24.85 -1.17
CA GLU C 677 -20.08 -24.44 0.01
C GLU C 677 -21.51 -24.05 -0.36
N LEU C 678 -21.68 -23.33 -1.47
CA LEU C 678 -23.01 -22.91 -1.87
C LEU C 678 -23.86 -24.08 -2.34
N GLU C 679 -23.25 -25.09 -2.97
CA GLU C 679 -24.00 -26.28 -3.32
C GLU C 679 -24.50 -26.99 -2.08
N LYS C 680 -23.64 -27.13 -1.06
CA LYS C 680 -24.10 -27.73 0.20
C LYS C 680 -25.22 -26.91 0.83
N GLU C 681 -25.07 -25.58 0.83
CA GLU C 681 -26.12 -24.73 1.41
C GLU C 681 -27.43 -24.85 0.64
N ARG C 682 -27.37 -24.91 -0.68
CA ARG C 682 -28.57 -25.07 -1.49
C ARG C 682 -29.25 -26.39 -1.19
N ASP C 683 -28.46 -27.47 -1.06
CA ASP C 683 -29.04 -28.76 -0.71
C ASP C 683 -29.73 -28.71 0.65
N GLN C 684 -29.09 -28.08 1.64
CA GLN C 684 -29.70 -27.98 2.96
C GLN C 684 -30.99 -27.18 2.92
N LEU C 685 -30.98 -26.04 2.22
CA LEU C 685 -32.16 -25.19 2.15
C LEU C 685 -33.31 -25.91 1.44
N GLN C 686 -33.01 -26.59 0.34
CA GLN C 686 -34.05 -27.32 -0.38
C GLN C 686 -34.62 -28.45 0.46
N ALA C 687 -33.75 -29.15 1.21
CA ALA C 687 -34.23 -30.21 2.09
C ALA C 687 -35.13 -29.67 3.19
N ILE C 688 -34.76 -28.54 3.78
CA ILE C 688 -35.58 -27.97 4.85
C ILE C 688 -36.94 -27.52 4.32
N LEU C 689 -36.96 -26.86 3.16
CA LEU C 689 -38.21 -26.38 2.60
C LEU C 689 -39.11 -27.52 2.13
N ALA C 690 -38.57 -28.72 1.94
CA ALA C 690 -39.34 -29.85 1.44
C ALA C 690 -39.99 -30.66 2.54
N SER C 691 -39.43 -30.66 3.75
CA SER C 691 -39.93 -31.46 4.85
C SER C 691 -40.46 -30.55 5.94
N GLU C 692 -41.66 -30.84 6.43
CA GLU C 692 -42.26 -30.06 7.51
C GLU C 692 -41.52 -30.25 8.83
N ARG C 693 -41.08 -31.48 9.10
CA ARG C 693 -40.40 -31.75 10.37
C ARG C 693 -39.08 -31.00 10.46
N LYS C 694 -38.34 -30.91 9.35
CA LYS C 694 -37.07 -30.18 9.37
C LYS C 694 -37.30 -28.71 9.65
N MET C 695 -38.34 -28.12 9.05
CA MET C 695 -38.66 -26.72 9.34
C MET C 695 -39.09 -26.55 10.80
N ASN C 696 -39.87 -27.50 11.33
CA ASN C 696 -40.25 -27.43 12.73
C ASN C 696 -39.04 -27.51 13.64
N ASN C 697 -38.08 -28.37 13.32
CA ASN C 697 -36.85 -28.46 14.09
C ASN C 697 -36.07 -27.15 14.01
N LEU C 698 -36.02 -26.54 12.82
CA LEU C 698 -35.34 -25.25 12.69
C LEU C 698 -36.02 -24.19 13.54
N LEU C 699 -37.36 -24.16 13.54
CA LEU C 699 -38.08 -23.19 14.36
C LEU C 699 -37.82 -23.42 15.84
N LYS C 700 -37.83 -24.68 16.28
CA LYS C 700 -37.56 -24.97 17.69
C LYS C 700 -36.15 -24.56 18.08
N LYS C 701 -35.16 -24.86 17.22
CA LYS C 701 -33.79 -24.46 17.50
C LYS C 701 -33.65 -22.95 17.57
N GLU C 702 -34.29 -22.24 16.64
CA GLU C 702 -34.20 -20.78 16.64
C GLU C 702 -34.86 -20.20 17.89
N LEU C 703 -36.03 -20.71 18.27
CA LEU C 703 -36.71 -20.21 19.46
C LEU C 703 -35.88 -20.48 20.72
N GLN C 704 -35.31 -21.68 20.84
CA GLN C 704 -34.50 -21.99 22.01
C GLN C 704 -33.24 -21.13 22.06
N ALA C 705 -32.59 -20.92 20.91
CA ALA C 705 -31.40 -20.08 20.88
C ALA C 705 -31.72 -18.64 21.24
N ASP C 706 -32.83 -18.11 20.70
CA ASP C 706 -33.22 -16.74 21.04
C ASP C 706 -33.58 -16.61 22.51
N ALA C 707 -34.26 -17.61 23.07
CA ALA C 707 -34.59 -17.57 24.50
C ALA C 707 -33.33 -17.63 25.35
N ASP C 708 -32.35 -18.45 24.95
CA ASP C 708 -31.12 -18.56 25.75
C ASP C 708 -30.25 -17.32 25.62
N ALA C 709 -30.28 -16.65 24.47
CA ALA C 709 -29.42 -15.50 24.24
C ALA C 709 -30.04 -14.18 24.70
N PHE C 710 -31.36 -14.06 24.68
CA PHE C 710 -32.04 -12.82 25.02
C PHE C 710 -32.97 -12.92 26.22
N GLY C 711 -33.18 -14.12 26.76
CA GLY C 711 -34.14 -14.29 27.82
C GLY C 711 -33.64 -13.84 29.18
N ASP C 712 -34.57 -13.82 30.13
CA ASP C 712 -34.26 -13.45 31.50
C ASP C 712 -35.26 -14.12 32.43
N ASP C 713 -34.91 -14.18 33.71
CA ASP C 713 -35.79 -14.81 34.68
C ASP C 713 -37.04 -13.97 34.91
N ARG C 714 -38.08 -14.62 35.45
CA ARG C 714 -39.30 -13.92 35.78
C ARG C 714 -39.06 -12.88 36.85
N ARG C 715 -39.65 -11.71 36.67
CA ARG C 715 -39.48 -10.59 37.59
C ARG C 715 -40.59 -10.51 38.63
N SER C 716 -41.82 -10.84 38.25
CA SER C 716 -42.96 -10.78 39.16
C SER C 716 -43.41 -12.20 39.50
N PRO C 717 -43.10 -12.71 40.68
CA PRO C 717 -43.57 -14.05 41.04
C PRO C 717 -45.09 -14.09 41.20
N LEU C 718 -45.65 -15.28 40.98
CA LEU C 718 -47.09 -15.50 41.04
C LEU C 718 -47.41 -16.38 42.24
N HIS C 719 -48.06 -15.81 43.25
CA HIS C 719 -48.48 -16.54 44.43
C HIS C 719 -49.89 -16.10 44.82
N GLU C 720 -50.76 -17.08 45.05
CA GLU C 720 -52.14 -16.77 45.44
C GLU C 720 -52.18 -16.18 46.84
N ARG C 721 -53.01 -15.15 47.01
CA ARG C 721 -53.14 -14.45 48.28
C ARG C 721 -54.61 -14.22 48.60
N GLU C 722 -54.86 -13.85 49.86
CA GLU C 722 -56.22 -13.65 50.34
C GLU C 722 -56.81 -12.35 49.79
N GLU C 723 -58.09 -12.12 50.09
CA GLU C 723 -58.78 -10.93 49.63
C GLU C 723 -58.48 -9.69 50.47
N ALA C 724 -57.92 -9.86 51.65
CA ALA C 724 -57.54 -8.77 52.56
C ALA C 724 -58.82 -8.01 52.93
N LYS C 725 -58.77 -6.67 52.98
CA LYS C 725 -59.90 -5.79 53.28
C LYS C 725 -60.29 -5.85 54.76
N ALA C 726 -60.54 -4.69 55.36
CA ALA C 726 -60.88 -4.59 56.77
C ALA C 726 -61.49 -3.21 57.01
N LEU C 727 -61.91 -2.98 58.27
CA LEU C 727 -62.45 -1.72 58.74
C LEU C 727 -63.83 -1.43 58.14
N GLU C 728 -64.70 -0.79 58.91
CA GLU C 728 -66.04 -0.45 58.45
C GLU C 728 -66.63 0.68 59.29
N GLY D 5 61.39 -25.02 -19.96
CA GLY D 5 62.69 -24.63 -19.47
C GLY D 5 62.79 -24.59 -17.97
N LYS D 6 63.55 -23.61 -17.45
CA LYS D 6 63.80 -23.39 -16.02
C LYS D 6 64.55 -24.57 -15.41
N LEU D 7 65.52 -24.28 -14.52
CA LEU D 7 66.31 -25.36 -13.92
C LEU D 7 66.87 -24.91 -12.57
N ALA D 8 66.25 -25.38 -11.49
CA ALA D 8 66.83 -25.22 -10.18
C ALA D 8 68.14 -26.03 -10.09
N ASP D 9 68.83 -25.94 -8.95
CA ASP D 9 70.07 -26.69 -8.83
C ASP D 9 70.34 -27.05 -7.37
N CYS D 10 70.97 -28.21 -7.19
CA CYS D 10 71.39 -28.69 -5.88
C CYS D 10 72.82 -28.23 -5.64
N THR D 11 73.02 -27.37 -4.64
CA THR D 11 74.38 -26.90 -4.34
C THR D 11 75.20 -28.00 -3.67
N ALA D 12 75.19 -29.20 -4.24
CA ALA D 12 75.96 -30.33 -3.73
C ALA D 12 76.07 -31.38 -4.82
N GLN D 13 77.20 -32.07 -4.85
CA GLN D 13 77.45 -33.12 -5.83
C GLN D 13 77.56 -34.49 -5.18
N ASP D 14 77.17 -34.62 -3.92
CA ASP D 14 77.24 -35.89 -3.19
C ASP D 14 76.16 -36.83 -3.71
N LEU D 15 76.56 -37.86 -4.45
CA LEU D 15 75.62 -38.81 -5.04
C LEU D 15 74.88 -39.63 -4.01
N ASN D 16 75.31 -39.62 -2.74
CA ASN D 16 74.69 -40.46 -1.72
C ASN D 16 73.23 -40.08 -1.50
N ARG D 17 72.93 -38.77 -1.44
CA ARG D 17 71.60 -38.32 -1.08
C ARG D 17 71.03 -37.25 -2.01
N THR D 18 71.78 -36.81 -3.02
CA THR D 18 71.27 -35.78 -3.92
C THR D 18 70.05 -36.30 -4.67
N GLU D 19 69.00 -35.49 -4.72
CA GLU D 19 67.72 -35.88 -5.30
C GLU D 19 67.25 -34.82 -6.30
N LEU D 20 66.68 -35.28 -7.41
CA LEU D 20 66.07 -34.41 -8.41
C LEU D 20 64.61 -34.80 -8.54
N PHE D 21 63.72 -33.81 -8.53
CA PHE D 21 62.29 -34.02 -8.62
C PHE D 21 61.76 -33.42 -9.92
N LEU D 22 61.04 -34.25 -10.69
CA LEU D 22 60.42 -33.83 -11.94
C LEU D 22 58.97 -33.45 -11.65
N VAL D 23 58.64 -32.18 -11.77
CA VAL D 23 57.32 -31.69 -11.43
C VAL D 23 56.53 -31.45 -12.72
N GLU D 24 55.22 -31.25 -12.56
CA GLU D 24 54.32 -31.09 -13.70
C GLU D 24 54.34 -29.70 -14.31
N GLY D 25 54.96 -28.72 -13.67
CA GLY D 25 54.95 -27.37 -14.18
C GLY D 25 55.31 -26.36 -13.11
N ASP D 26 55.56 -25.14 -13.56
CA ASP D 26 56.01 -24.09 -12.65
C ASP D 26 54.96 -23.77 -11.59
N SER D 27 53.70 -24.11 -11.83
CA SER D 27 52.69 -23.98 -10.79
C SER D 27 53.04 -24.88 -9.60
N ALA D 28 53.37 -26.14 -9.86
CA ALA D 28 53.93 -27.01 -8.85
C ALA D 28 55.41 -26.74 -8.63
N GLY D 29 56.10 -26.19 -9.62
CA GLY D 29 57.52 -25.91 -9.49
C GLY D 29 57.82 -24.90 -8.41
N GLY D 30 56.97 -23.87 -8.27
CA GLY D 30 57.17 -22.89 -7.23
C GLY D 30 57.05 -23.49 -5.85
N SER D 31 56.03 -24.32 -5.63
CA SER D 31 55.87 -24.98 -4.34
C SER D 31 57.03 -25.92 -4.06
N ALA D 32 57.49 -26.67 -5.08
CA ALA D 32 58.62 -27.56 -4.91
C ALA D 32 59.89 -26.79 -4.55
N LYS D 33 60.13 -25.67 -5.24
CA LYS D 33 61.33 -24.88 -4.97
C LYS D 33 61.26 -24.17 -3.63
N GLN D 34 60.05 -23.87 -3.15
CA GLN D 34 59.91 -23.27 -1.83
C GLN D 34 60.02 -24.31 -0.72
N ALA D 35 59.67 -25.57 -1.01
CA ALA D 35 59.72 -26.63 -0.01
C ALA D 35 61.02 -27.42 -0.04
N ARG D 36 61.95 -27.09 -0.92
CA ARG D 36 63.14 -27.91 -1.08
C ARG D 36 64.08 -27.75 0.12
N ASP D 37 64.87 -28.80 0.35
CA ASP D 37 65.91 -28.79 1.39
C ASP D 37 67.28 -28.50 0.75
N ARG D 38 67.39 -27.30 0.16
CA ARG D 38 68.55 -26.87 -0.62
C ARG D 38 69.86 -27.50 -0.17
N GLU D 39 70.62 -28.03 -1.13
CA GLU D 39 71.79 -28.89 -1.04
C GLU D 39 71.42 -30.36 -0.78
N TYR D 40 70.15 -30.67 -0.48
CA TYR D 40 69.68 -32.04 -0.42
C TYR D 40 68.88 -32.45 -1.65
N GLN D 41 68.08 -31.54 -2.20
CA GLN D 41 67.17 -31.84 -3.30
C GLN D 41 67.28 -30.79 -4.40
N ALA D 42 66.76 -31.14 -5.57
CA ALA D 42 66.70 -30.26 -6.72
C ALA D 42 65.39 -30.50 -7.45
N ILE D 43 64.96 -29.51 -8.23
CA ILE D 43 63.67 -29.55 -8.92
C ILE D 43 63.85 -29.14 -10.37
N MET D 44 63.30 -29.93 -11.29
CA MET D 44 63.30 -29.63 -12.71
C MET D 44 61.86 -29.57 -13.20
N PRO D 45 61.37 -28.41 -13.65
CA PRO D 45 59.99 -28.33 -14.12
C PRO D 45 59.82 -28.80 -15.55
N LEU D 46 58.64 -29.31 -15.85
CA LEU D 46 58.26 -29.76 -17.18
C LEU D 46 57.01 -29.03 -17.62
N LYS D 47 56.96 -28.66 -18.90
CA LYS D 47 55.84 -27.89 -19.45
C LYS D 47 54.72 -28.84 -19.88
N GLY D 48 54.05 -29.40 -18.87
CA GLY D 48 52.92 -30.28 -19.13
C GLY D 48 53.34 -31.69 -19.48
N LYS D 49 52.54 -32.34 -20.32
CA LYS D 49 52.81 -33.70 -20.74
C LYS D 49 53.99 -33.75 -21.72
N ILE D 50 54.45 -34.97 -21.96
CA ILE D 50 55.56 -35.24 -22.87
C ILE D 50 55.02 -36.11 -23.99
N LEU D 51 55.90 -36.63 -24.84
CA LEU D 51 55.48 -37.39 -26.00
C LEU D 51 55.83 -38.86 -25.81
N ASN D 52 55.03 -39.72 -26.44
CA ASN D 52 55.23 -41.17 -26.34
C ASN D 52 56.48 -41.56 -27.10
N THR D 53 57.53 -41.90 -26.36
CA THR D 53 58.84 -42.20 -26.92
C THR D 53 59.00 -43.67 -27.29
N TRP D 54 57.95 -44.48 -27.10
CA TRP D 54 58.06 -45.91 -27.38
C TRP D 54 58.30 -46.17 -28.86
N GLU D 55 57.61 -45.42 -29.73
CA GLU D 55 57.72 -45.60 -31.17
C GLU D 55 58.64 -44.56 -31.81
N VAL D 56 59.62 -44.07 -31.06
CA VAL D 56 60.60 -43.11 -31.56
C VAL D 56 61.99 -43.67 -31.28
N SER D 57 62.87 -43.55 -32.27
CA SER D 57 64.23 -44.05 -32.14
C SER D 57 65.02 -43.25 -31.11
N SER D 58 66.02 -43.90 -30.52
CA SER D 58 66.83 -43.24 -29.50
C SER D 58 67.61 -42.05 -30.07
N ASP D 59 67.84 -42.03 -31.39
CA ASP D 59 68.49 -40.88 -32.03
C ASP D 59 67.50 -39.77 -32.35
N GLU D 60 66.20 -40.10 -32.40
CA GLU D 60 65.16 -39.13 -32.72
C GLU D 60 64.52 -38.52 -31.47
N VAL D 61 65.03 -38.84 -30.29
CA VAL D 61 64.50 -38.31 -29.04
C VAL D 61 65.17 -36.98 -28.74
N LEU D 62 65.88 -36.43 -29.73
CA LEU D 62 66.46 -35.11 -29.66
C LEU D 62 65.64 -34.07 -30.41
N ALA D 63 64.54 -34.49 -31.04
CA ALA D 63 63.73 -33.60 -31.87
C ALA D 63 63.02 -32.54 -31.06
N SER D 64 62.07 -32.95 -30.21
CA SER D 64 61.34 -32.00 -29.39
C SER D 64 62.29 -31.34 -28.38
N GLN D 65 62.20 -30.02 -28.28
CA GLN D 65 63.11 -29.28 -27.40
C GLN D 65 62.87 -29.57 -25.93
N GLU D 66 61.68 -30.06 -25.56
CA GLU D 66 61.43 -30.40 -24.17
C GLU D 66 62.29 -31.59 -23.74
N VAL D 67 62.29 -32.65 -24.55
CA VAL D 67 63.14 -33.79 -24.24
C VAL D 67 64.61 -33.39 -24.40
N HIS D 68 64.89 -32.41 -25.24
CA HIS D 68 66.24 -31.87 -25.32
C HIS D 68 66.64 -31.21 -24.00
N ASP D 69 65.72 -30.47 -23.39
CA ASP D 69 65.97 -29.87 -22.08
C ASP D 69 66.19 -30.95 -21.03
N ILE D 70 65.42 -32.03 -21.11
CA ILE D 70 65.66 -33.17 -20.22
C ILE D 70 67.04 -33.74 -20.46
N SER D 71 67.45 -33.86 -21.73
CA SER D 71 68.74 -34.43 -22.07
C SER D 71 69.90 -33.60 -21.55
N VAL D 72 69.82 -32.28 -21.68
CA VAL D 72 70.89 -31.44 -21.13
C VAL D 72 70.85 -31.43 -19.61
N ALA D 73 69.65 -31.43 -19.01
CA ALA D 73 69.52 -31.34 -17.56
C ALA D 73 70.30 -32.41 -16.81
N ILE D 74 70.64 -33.52 -17.47
CA ILE D 74 71.44 -34.57 -16.86
C ILE D 74 72.44 -35.08 -17.89
N GLY D 75 73.66 -35.38 -17.45
CA GLY D 75 74.68 -35.86 -18.35
C GLY D 75 74.33 -37.15 -19.08
N ILE D 76 73.51 -38.00 -18.47
CA ILE D 76 73.31 -39.34 -19.03
C ILE D 76 72.43 -39.24 -20.28
N ASP D 77 73.05 -39.49 -21.44
CA ASP D 77 72.45 -39.69 -22.75
C ASP D 77 71.85 -41.09 -22.86
N PRO D 78 70.81 -41.28 -23.69
CA PRO D 78 70.24 -42.62 -23.84
C PRO D 78 71.24 -43.59 -24.44
N ASP D 79 71.72 -44.53 -23.63
CA ASP D 79 72.71 -45.53 -24.04
C ASP D 79 72.78 -46.59 -22.95
N SER D 80 73.78 -47.46 -23.04
CA SER D 80 73.99 -48.54 -22.08
C SER D 80 75.08 -48.15 -21.10
N ASP D 81 74.95 -48.67 -19.87
CA ASP D 81 75.86 -48.38 -18.77
C ASP D 81 75.99 -46.88 -18.54
N ASP D 82 77.15 -46.31 -18.87
CA ASP D 82 77.46 -44.88 -18.72
C ASP D 82 76.84 -44.26 -17.48
N LEU D 83 76.84 -45.00 -16.36
CA LEU D 83 76.24 -44.50 -15.14
C LEU D 83 77.05 -43.35 -14.56
N SER D 84 78.33 -43.60 -14.30
CA SER D 84 79.20 -42.62 -13.63
C SER D 84 79.63 -41.48 -14.54
N GLN D 85 79.04 -41.35 -15.73
CA GLN D 85 79.31 -40.21 -16.60
C GLN D 85 79.09 -38.92 -15.85
N LEU D 86 77.84 -38.63 -15.50
CA LEU D 86 77.50 -37.47 -14.69
C LEU D 86 76.82 -37.88 -13.39
N ARG D 87 75.70 -38.62 -13.48
CA ARG D 87 74.95 -39.06 -12.31
C ARG D 87 74.77 -37.96 -11.29
N TYR D 88 74.02 -36.90 -11.65
CA TYR D 88 73.82 -35.78 -10.73
C TYR D 88 73.24 -36.20 -9.39
N GLY D 89 72.58 -37.35 -9.33
CA GLY D 89 72.07 -37.85 -8.06
C GLY D 89 70.96 -38.87 -8.22
N LYS D 90 69.89 -38.71 -7.45
CA LYS D 90 68.75 -39.60 -7.46
C LYS D 90 67.60 -38.91 -8.19
N ILE D 91 66.94 -39.64 -9.08
CA ILE D 91 65.87 -39.08 -9.91
C ILE D 91 64.53 -39.54 -9.37
N CYS D 92 63.65 -38.58 -9.09
CA CYS D 92 62.34 -38.81 -8.51
C CYS D 92 61.28 -38.19 -9.40
N ILE D 93 60.13 -38.84 -9.46
CA ILE D 93 58.99 -38.37 -10.24
C ILE D 93 57.98 -37.76 -9.30
N LEU D 94 57.73 -36.46 -9.46
CA LEU D 94 56.78 -35.71 -8.65
C LEU D 94 55.62 -35.29 -9.54
N ALA D 95 54.64 -36.18 -9.67
CA ALA D 95 53.44 -35.92 -10.46
C ALA D 95 52.22 -35.98 -9.55
N ASP D 96 51.19 -35.22 -9.92
CA ASP D 96 49.99 -35.16 -9.09
C ASP D 96 49.30 -36.51 -9.05
N ALA D 97 48.55 -36.74 -7.97
CA ALA D 97 47.83 -38.00 -7.80
C ALA D 97 46.62 -38.10 -8.72
N ASP D 98 46.27 -37.02 -9.43
CA ASP D 98 45.17 -37.05 -10.37
C ASP D 98 45.50 -38.01 -11.53
N SER D 99 44.46 -38.45 -12.22
CA SER D 99 44.64 -39.41 -13.32
C SER D 99 45.56 -38.86 -14.39
N ASP D 100 45.46 -37.55 -14.67
CA ASP D 100 46.37 -36.94 -15.63
C ASP D 100 47.81 -36.96 -15.11
N GLY D 101 47.98 -36.73 -13.81
CA GLY D 101 49.31 -36.88 -13.22
C GLY D 101 49.84 -38.29 -13.32
N LEU D 102 48.96 -39.29 -13.15
CA LEU D 102 49.36 -40.68 -13.34
C LEU D 102 49.74 -40.94 -14.80
N HIS D 103 49.03 -40.33 -15.74
CA HIS D 103 49.38 -40.46 -17.15
C HIS D 103 50.75 -39.87 -17.43
N ILE D 104 51.05 -38.70 -16.87
CA ILE D 104 52.36 -38.08 -17.06
C ILE D 104 53.44 -38.95 -16.42
N ALA D 105 53.16 -39.50 -15.24
CA ALA D 105 54.12 -40.40 -14.60
C ALA D 105 54.38 -41.65 -15.45
N THR D 106 53.32 -42.19 -16.05
CA THR D 106 53.47 -43.35 -16.93
C THR D 106 54.30 -43.01 -18.16
N LEU D 107 54.06 -41.83 -18.74
CA LEU D 107 54.86 -41.39 -19.89
C LEU D 107 56.33 -41.23 -19.50
N LEU D 108 56.60 -40.65 -18.33
CA LEU D 108 57.97 -40.51 -17.86
C LEU D 108 58.60 -41.87 -17.62
N CYS D 109 57.84 -42.82 -17.08
CA CYS D 109 58.35 -44.17 -16.86
C CYS D 109 58.68 -44.85 -18.18
N ALA D 110 57.81 -44.69 -19.19
CA ALA D 110 58.09 -45.26 -20.51
C ALA D 110 59.34 -44.65 -21.11
N LEU D 111 59.51 -43.33 -21.00
CA LEU D 111 60.72 -42.68 -21.50
C LEU D 111 61.96 -43.19 -20.76
N PHE D 112 61.83 -43.38 -19.44
CA PHE D 112 62.96 -43.86 -18.64
C PHE D 112 63.26 -45.33 -18.89
N VAL D 113 62.30 -46.12 -19.37
CA VAL D 113 62.54 -47.53 -19.62
C VAL D 113 63.06 -47.78 -21.03
N ARG D 114 62.38 -47.25 -22.05
CA ARG D 114 62.78 -47.55 -23.42
C ARG D 114 64.07 -46.84 -23.82
N HIS D 115 64.42 -45.75 -23.15
CA HIS D 115 65.57 -44.94 -23.55
C HIS D 115 66.57 -44.69 -22.44
N PHE D 116 66.22 -44.92 -21.18
CA PHE D 116 67.08 -44.64 -20.04
C PHE D 116 67.16 -45.86 -19.14
N ARG D 117 67.40 -47.03 -19.73
CA ARG D 117 67.42 -48.28 -18.96
C ARG D 117 68.44 -48.22 -17.83
N THR D 118 69.52 -47.46 -18.02
CA THR D 118 70.49 -47.27 -16.96
C THR D 118 69.85 -46.44 -15.84
N LEU D 119 70.39 -46.62 -14.62
CA LEU D 119 69.91 -45.95 -13.40
C LEU D 119 68.59 -46.56 -12.95
N VAL D 120 67.99 -47.40 -13.79
CA VAL D 120 66.79 -48.14 -13.43
C VAL D 120 67.12 -49.59 -13.07
N LYS D 121 68.02 -50.20 -13.83
CA LYS D 121 68.51 -51.53 -13.48
C LYS D 121 69.28 -51.48 -12.16
N GLU D 122 70.09 -50.43 -11.98
CA GLU D 122 70.84 -50.26 -10.73
C GLU D 122 69.90 -49.95 -9.57
N GLY D 123 68.73 -49.38 -9.83
CA GLY D 123 67.81 -49.05 -8.77
C GLY D 123 68.04 -47.68 -8.17
N HIS D 124 67.85 -46.63 -8.99
CA HIS D 124 68.03 -45.26 -8.54
C HIS D 124 66.88 -44.35 -8.94
N VAL D 125 65.78 -44.90 -9.45
CA VAL D 125 64.62 -44.12 -9.88
C VAL D 125 63.51 -44.33 -8.86
N TYR D 126 62.97 -43.22 -8.34
CA TYR D 126 61.90 -43.26 -7.36
C TYR D 126 60.74 -42.40 -7.81
N VAL D 127 59.56 -42.74 -7.32
CA VAL D 127 58.33 -41.98 -7.59
C VAL D 127 57.76 -41.53 -6.25
N ALA D 128 57.41 -40.26 -6.16
CA ALA D 128 56.76 -39.74 -4.97
C ALA D 128 55.27 -40.07 -5.02
N LEU D 129 54.69 -40.24 -3.84
CA LEU D 129 53.27 -40.53 -3.73
C LEU D 129 52.57 -39.37 -3.04
N PRO D 130 52.30 -38.28 -3.74
CA PRO D 130 51.69 -37.12 -3.10
C PRO D 130 50.21 -37.37 -2.85
N PRO D 131 49.66 -36.78 -1.79
CA PRO D 131 48.23 -36.92 -1.55
C PRO D 131 47.42 -35.99 -2.44
N LEU D 132 46.18 -36.41 -2.70
CA LEU D 132 45.24 -35.61 -3.47
C LEU D 132 44.10 -35.08 -2.62
N TYR D 133 43.76 -35.78 -1.54
CA TYR D 133 42.63 -35.39 -0.70
C TYR D 133 43.09 -35.14 0.72
N ARG D 134 42.48 -34.15 1.36
CA ARG D 134 42.73 -33.90 2.77
C ARG D 134 41.38 -33.85 3.47
N ILE D 135 41.25 -34.63 4.53
CA ILE D 135 40.04 -34.71 5.34
C ILE D 135 40.28 -33.99 6.66
N ASP D 136 39.40 -33.05 6.98
CA ASP D 136 39.52 -32.20 8.16
C ASP D 136 38.25 -32.31 8.97
N LEU D 137 37.86 -33.54 9.31
CA LEU D 137 36.67 -33.80 10.11
C LEU D 137 37.10 -33.73 11.57
N GLY D 138 36.74 -32.63 12.23
CA GLY D 138 37.33 -32.30 13.50
C GLY D 138 38.70 -31.70 13.30
N LYS D 139 39.36 -31.41 14.41
CA LYS D 139 40.73 -30.89 14.37
C LYS D 139 41.75 -32.03 14.33
N GLU D 140 41.48 -33.00 13.45
CA GLU D 140 42.29 -34.20 13.28
C GLU D 140 42.71 -34.29 11.82
N VAL D 141 43.96 -33.93 11.53
CA VAL D 141 44.45 -33.90 10.16
C VAL D 141 44.43 -35.30 9.55
N TYR D 142 43.77 -35.43 8.41
CA TYR D 142 43.70 -36.69 7.68
C TYR D 142 44.12 -36.45 6.24
N TYR D 143 44.87 -37.38 5.66
CA TYR D 143 45.33 -37.27 4.29
C TYR D 143 45.06 -38.56 3.53
N ALA D 144 44.65 -38.42 2.26
CA ALA D 144 44.45 -39.54 1.37
C ALA D 144 45.10 -39.25 0.03
N LEU D 145 45.38 -40.33 -0.70
CA LEU D 145 46.11 -40.29 -1.96
C LEU D 145 45.27 -40.61 -3.18
N THR D 146 44.41 -41.63 -3.09
CA THR D 146 43.62 -42.10 -4.22
C THR D 146 42.18 -42.27 -3.76
N GLU D 147 41.29 -42.42 -4.75
CA GLU D 147 39.88 -42.66 -4.44
C GLU D 147 39.66 -43.94 -3.63
N GLU D 148 40.61 -44.89 -3.68
CA GLU D 148 40.44 -46.10 -2.88
C GLU D 148 40.66 -45.83 -1.41
N GLU D 149 41.46 -44.82 -1.07
CA GLU D 149 41.54 -44.34 0.30
C GLU D 149 40.76 -43.05 0.52
N LYS D 150 40.09 -42.53 -0.51
CA LYS D 150 39.17 -41.42 -0.32
C LYS D 150 37.80 -41.89 0.14
N THR D 151 37.62 -43.20 0.32
CA THR D 151 36.41 -43.78 0.87
C THR D 151 36.66 -44.46 2.20
N GLY D 152 37.87 -44.96 2.43
CA GLY D 152 38.27 -45.53 3.70
C GLY D 152 38.06 -44.57 4.84
N VAL D 153 38.74 -43.41 4.80
CA VAL D 153 38.53 -42.40 5.84
C VAL D 153 37.12 -41.82 5.78
N LEU D 154 36.50 -41.84 4.59
CA LEU D 154 35.12 -41.37 4.46
C LEU D 154 34.18 -42.16 5.37
N GLU D 155 34.23 -43.48 5.30
CA GLU D 155 33.30 -44.31 6.05
C GLU D 155 33.87 -44.81 7.38
N GLN D 156 35.16 -44.62 7.62
CA GLN D 156 35.73 -44.90 8.94
C GLN D 156 35.44 -43.74 9.89
N LEU D 157 35.42 -42.52 9.37
CA LEU D 157 35.12 -41.31 10.13
C LEU D 157 33.69 -40.84 9.88
N LYS D 158 32.80 -41.73 9.46
CA LYS D 158 31.40 -41.41 9.28
C LYS D 158 30.58 -41.65 10.54
N ARG D 159 31.20 -42.15 11.61
CA ARG D 159 30.53 -42.42 12.86
C ARG D 159 31.34 -41.88 14.03
N LYS D 160 31.73 -40.61 13.97
CA LYS D 160 32.36 -39.95 15.12
C LYS D 160 31.50 -38.80 15.62
N LYS D 161 31.46 -37.68 14.89
CA LYS D 161 30.63 -36.49 15.12
C LYS D 161 31.03 -35.46 14.06
N GLY D 162 30.13 -34.52 13.79
CA GLY D 162 30.49 -33.37 12.98
C GLY D 162 30.45 -33.65 11.49
N LYS D 163 30.70 -32.59 10.71
CA LYS D 163 30.65 -32.70 9.26
C LYS D 163 32.05 -32.82 8.66
N PRO D 164 32.22 -33.71 7.69
CA PRO D 164 33.53 -33.85 7.03
C PRO D 164 33.88 -32.62 6.20
N ASN D 165 35.18 -32.33 6.12
CA ASN D 165 35.68 -31.28 5.25
C ASN D 165 36.70 -31.89 4.31
N VAL D 166 36.56 -31.58 3.01
CA VAL D 166 37.36 -32.17 1.96
C VAL D 166 38.16 -31.10 1.23
N GLN D 167 39.43 -31.36 0.98
CA GLN D 167 40.27 -30.51 0.15
C GLN D 167 40.84 -31.35 -0.99
N ARG D 168 40.57 -30.91 -2.22
CA ARG D 168 40.97 -31.59 -3.46
C ARG D 168 42.27 -31.00 -3.97
N PHE D 169 43.40 -31.52 -3.50
CA PHE D 169 44.69 -31.06 -3.98
C PHE D 169 44.97 -31.56 -5.39
N LYS D 170 44.13 -31.16 -6.35
CA LYS D 170 44.27 -31.52 -7.76
C LYS D 170 45.74 -31.54 -8.20
N GLY D 171 46.40 -30.39 -8.11
CA GLY D 171 47.80 -30.27 -8.44
C GLY D 171 48.62 -30.05 -7.18
N LEU D 172 49.94 -30.17 -7.33
CA LEU D 172 50.83 -29.78 -6.24
C LEU D 172 50.81 -28.28 -6.00
N GLY D 173 50.40 -27.49 -7.00
CA GLY D 173 50.36 -26.05 -6.81
C GLY D 173 49.35 -25.63 -5.77
N GLU D 174 48.22 -26.33 -5.69
CA GLU D 174 47.21 -26.03 -4.69
C GLU D 174 47.71 -26.35 -3.29
N MET D 175 48.62 -27.32 -3.17
CA MET D 175 49.20 -27.66 -1.89
C MET D 175 50.10 -26.54 -1.39
N ASN D 176 50.02 -26.24 -0.10
CA ASN D 176 50.93 -25.29 0.49
C ASN D 176 52.36 -25.85 0.49
N PRO D 177 53.37 -24.99 0.35
CA PRO D 177 54.76 -25.50 0.30
C PRO D 177 55.15 -26.35 1.49
N MET D 178 54.74 -25.97 2.70
CA MET D 178 55.07 -26.77 3.87
C MET D 178 54.36 -28.12 3.83
N GLN D 179 53.11 -28.13 3.36
CA GLN D 179 52.41 -29.40 3.19
C GLN D 179 53.10 -30.30 2.18
N LEU D 180 53.57 -29.71 1.07
CA LEU D 180 54.31 -30.49 0.08
C LEU D 180 55.60 -31.05 0.67
N ARG D 181 56.31 -30.24 1.47
CA ARG D 181 57.52 -30.73 2.12
C ARG D 181 57.21 -31.89 3.05
N GLU D 182 56.17 -31.75 3.87
CA GLU D 182 55.82 -32.80 4.82
C GLU D 182 55.38 -34.07 4.11
N THR D 183 54.70 -33.95 2.97
CA THR D 183 54.15 -35.12 2.30
C THR D 183 55.19 -35.83 1.46
N THR D 184 55.90 -35.11 0.59
CA THR D 184 56.69 -35.74 -0.46
C THR D 184 58.14 -35.25 -0.53
N LEU D 185 58.60 -34.44 0.42
CA LEU D 185 59.97 -33.94 0.37
C LEU D 185 60.77 -34.26 1.63
N ASP D 186 60.17 -34.19 2.80
CA ASP D 186 60.90 -34.46 4.04
C ASP D 186 61.01 -35.97 4.24
N PRO D 187 62.22 -36.53 4.29
CA PRO D 187 62.35 -38.01 4.33
C PRO D 187 61.74 -38.66 5.55
N ASN D 188 61.57 -37.93 6.66
CA ASN D 188 60.97 -38.51 7.86
C ASN D 188 59.51 -38.88 7.62
N THR D 189 58.85 -38.18 6.70
CA THR D 189 57.45 -38.44 6.37
C THR D 189 57.24 -38.63 4.87
N ARG D 190 58.32 -38.71 4.10
CA ARG D 190 58.22 -38.84 2.65
C ARG D 190 57.63 -40.18 2.25
N ARG D 191 56.92 -40.17 1.12
CA ARG D 191 56.31 -41.37 0.57
C ARG D 191 56.94 -41.71 -0.78
N LEU D 192 58.26 -41.84 -0.82
CA LEU D 192 58.96 -42.20 -2.04
C LEU D 192 59.02 -43.72 -2.17
N VAL D 193 58.82 -44.19 -3.40
CA VAL D 193 58.83 -45.62 -3.71
C VAL D 193 59.85 -45.86 -4.81
N GLN D 194 60.78 -46.77 -4.56
CA GLN D 194 61.80 -47.10 -5.54
C GLN D 194 61.20 -48.01 -6.61
N LEU D 195 61.21 -47.55 -7.86
CA LEU D 195 60.68 -48.32 -8.98
C LEU D 195 61.81 -49.18 -9.54
N VAL D 196 61.68 -50.50 -9.41
CA VAL D 196 62.75 -51.42 -9.80
C VAL D 196 62.22 -52.41 -10.84
N ILE D 197 62.96 -52.56 -11.93
CA ILE D 197 62.69 -53.59 -12.93
C ILE D 197 63.68 -54.72 -12.65
N SER D 198 63.24 -55.68 -11.83
CA SER D 198 64.09 -56.82 -11.53
C SER D 198 64.33 -57.65 -12.79
N ASP D 199 65.48 -58.34 -12.83
CA ASP D 199 65.81 -59.16 -13.98
C ASP D 199 64.86 -60.34 -14.16
N GLU D 200 64.19 -60.78 -13.09
CA GLU D 200 63.26 -61.90 -13.22
C GLU D 200 62.01 -61.52 -14.00
N ASP D 201 61.54 -60.27 -13.84
CA ASP D 201 60.32 -59.82 -14.50
C ASP D 201 60.58 -58.74 -15.54
N GLU D 202 61.84 -58.51 -15.91
CA GLU D 202 62.18 -57.44 -16.85
C GLU D 202 61.47 -57.63 -18.18
N GLN D 203 61.52 -58.85 -18.72
CA GLN D 203 60.84 -59.12 -19.99
C GLN D 203 59.34 -58.88 -19.87
N GLN D 204 58.73 -59.29 -18.76
CA GLN D 204 57.31 -59.07 -18.56
C GLN D 204 56.99 -57.58 -18.51
N THR D 205 57.81 -56.81 -17.79
CA THR D 205 57.60 -55.36 -17.72
C THR D 205 57.68 -54.73 -19.11
N THR D 206 58.70 -55.11 -19.89
CA THR D 206 58.83 -54.57 -21.24
C THR D 206 57.63 -54.94 -22.10
N ALA D 207 57.15 -56.18 -21.98
CA ALA D 207 55.99 -56.60 -22.77
C ALA D 207 54.77 -55.78 -22.43
N ILE D 208 54.51 -55.56 -21.13
CA ILE D 208 53.34 -54.79 -20.72
C ILE D 208 53.46 -53.34 -21.15
N MET D 209 54.64 -52.75 -21.00
CA MET D 209 54.83 -51.37 -21.42
C MET D 209 54.63 -51.23 -22.92
N ASP D 210 55.11 -52.19 -23.70
CA ASP D 210 54.86 -52.19 -25.14
C ASP D 210 53.37 -52.33 -25.43
N MET D 211 52.66 -53.14 -24.64
CA MET D 211 51.21 -53.26 -24.80
C MET D 211 50.52 -51.94 -24.53
N LEU D 212 51.01 -51.18 -23.56
CA LEU D 212 50.34 -49.95 -23.15
C LEU D 212 50.59 -48.82 -24.16
N LEU D 213 51.85 -48.50 -24.40
CA LEU D 213 52.21 -47.31 -25.18
C LEU D 213 52.55 -47.69 -26.64
N ALA D 214 51.59 -48.34 -27.30
CA ALA D 214 51.73 -48.72 -28.70
C ALA D 214 50.58 -48.12 -29.50
N LYS D 215 50.92 -47.52 -30.65
CA LYS D 215 49.91 -46.88 -31.48
C LYS D 215 48.96 -47.88 -32.13
N LYS D 216 49.37 -49.13 -32.31
CA LYS D 216 48.57 -50.12 -33.01
C LYS D 216 47.89 -51.13 -32.10
N ARG D 217 48.37 -51.29 -30.87
CA ARG D 217 47.84 -52.25 -29.92
C ARG D 217 46.60 -51.75 -29.19
N SER D 218 46.06 -50.59 -29.57
CA SER D 218 44.90 -50.02 -28.88
C SER D 218 43.76 -51.01 -28.77
N GLU D 219 43.58 -51.87 -29.78
CA GLU D 219 42.55 -52.90 -29.69
C GLU D 219 42.83 -53.84 -28.52
N ASP D 220 44.09 -54.24 -28.33
CA ASP D 220 44.39 -55.11 -27.21
C ASP D 220 44.36 -54.35 -25.89
N ARG D 221 44.42 -53.01 -25.92
CA ARG D 221 44.21 -52.26 -24.69
C ARG D 221 42.72 -52.19 -24.34
N ARG D 222 41.85 -52.11 -25.35
CA ARG D 222 40.42 -52.21 -25.09
C ARG D 222 40.07 -53.58 -24.53
N ASN D 223 40.68 -54.62 -25.09
CA ASN D 223 40.46 -55.97 -24.57
C ASN D 223 40.99 -56.09 -23.14
N TRP D 224 42.16 -55.51 -22.87
CA TRP D 224 42.71 -55.50 -21.52
C TRP D 224 41.77 -54.80 -20.54
N LEU D 225 41.24 -53.63 -20.92
CA LEU D 225 40.33 -52.92 -20.03
C LEU D 225 39.07 -53.74 -19.77
N GLN D 226 38.49 -54.33 -20.82
CA GLN D 226 37.31 -55.16 -20.65
C GLN D 226 37.59 -56.33 -19.72
N GLU D 227 38.72 -57.02 -19.94
CA GLU D 227 39.09 -58.15 -19.10
C GLU D 227 39.32 -57.72 -17.66
N LYS D 228 40.03 -56.62 -17.45
CA LYS D 228 40.32 -56.15 -16.11
C LYS D 228 39.03 -55.83 -15.36
N GLY D 229 38.10 -55.13 -16.02
CA GLY D 229 36.83 -54.84 -15.38
C GLY D 229 36.01 -56.08 -15.07
N ASP D 230 35.90 -56.98 -16.04
CA ASP D 230 35.09 -58.19 -15.85
C ASP D 230 35.68 -59.11 -14.80
N MET D 231 36.98 -59.40 -14.88
CA MET D 231 37.62 -60.31 -13.93
C MET D 231 37.88 -59.66 -12.59
N ALA D 232 37.78 -58.32 -12.50
CA ALA D 232 37.83 -57.67 -11.20
C ALA D 232 36.56 -57.94 -10.41
N ASP D 233 35.43 -58.07 -11.11
CA ASP D 233 34.11 -58.38 -10.57
C ASP D 233 33.57 -57.23 -9.75
N LEU D 234 34.29 -56.10 -9.67
CA LEU D 234 33.83 -54.90 -8.98
C LEU D 234 33.65 -55.16 -7.48
N GLU D 235 34.60 -55.88 -6.90
CA GLU D 235 34.58 -56.23 -5.48
C GLU D 235 35.79 -55.68 -4.75
N VAL D 236 37.01 -55.96 -5.24
CA VAL D 236 38.30 -55.57 -4.66
C VAL D 236 38.25 -55.13 -3.19
N SER D 238 42.28 -56.63 1.34
CA SER D 238 42.66 -56.69 -0.06
C SER D 238 43.31 -55.40 -0.52
N MET D 239 44.28 -54.91 0.26
CA MET D 239 44.99 -53.68 -0.06
C MET D 239 46.46 -53.83 0.31
N SER D 240 47.24 -52.81 -0.01
CA SER D 240 48.67 -52.79 0.27
C SER D 240 48.94 -52.08 1.59
N ASP D 241 50.20 -52.12 2.02
CA ASP D 241 50.61 -51.44 3.25
C ASP D 241 52.13 -51.43 3.34
N MET D 242 52.68 -50.28 3.71
CA MET D 242 54.12 -50.08 3.92
C MET D 242 54.93 -50.59 2.72
N ALA D 243 54.86 -49.82 1.65
CA ALA D 243 55.49 -50.18 0.37
C ALA D 243 56.66 -49.24 0.12
N GLU D 244 57.86 -49.69 0.47
CA GLU D 244 59.08 -48.91 0.26
C GLU D 244 59.76 -49.20 -1.07
N ARG D 245 59.24 -50.14 -1.86
CA ARG D 245 59.79 -50.49 -3.15
C ARG D 245 58.71 -51.17 -3.96
N LEU D 246 58.74 -50.95 -5.28
CA LEU D 246 57.70 -51.52 -6.13
C LEU D 246 58.24 -51.74 -7.54
N ALA D 247 57.66 -52.72 -8.22
CA ALA D 247 58.03 -53.07 -9.58
C ALA D 247 57.24 -52.23 -10.58
N LEU D 248 57.87 -51.92 -11.71
CA LEU D 248 57.22 -51.08 -12.72
C LEU D 248 55.96 -51.75 -13.26
N HIS D 249 55.94 -53.08 -13.31
CA HIS D 249 54.77 -53.80 -13.81
C HIS D 249 53.50 -53.48 -13.02
N GLU D 250 53.64 -53.12 -11.75
CA GLU D 250 52.48 -52.74 -10.97
C GLU D 250 52.16 -51.25 -11.13
N PHE D 251 53.17 -50.39 -10.99
CA PHE D 251 52.95 -48.95 -11.01
C PHE D 251 52.40 -48.49 -12.35
N THR D 252 53.07 -48.86 -13.44
CA THR D 252 52.62 -48.40 -14.76
C THR D 252 51.25 -48.97 -15.10
N GLU D 253 51.02 -50.24 -14.79
CA GLU D 253 49.72 -50.86 -15.08
C GLU D 253 48.60 -50.15 -14.33
N ASN D 254 48.80 -49.91 -13.02
CA ASN D 254 47.76 -49.26 -12.23
C ASN D 254 47.52 -47.83 -12.70
N ALA D 255 48.60 -47.08 -12.96
CA ALA D 255 48.45 -45.69 -13.39
C ALA D 255 47.73 -45.60 -14.72
N TYR D 256 48.11 -46.44 -15.69
CA TYR D 256 47.44 -46.39 -16.99
C TYR D 256 46.01 -46.89 -16.91
N LEU D 257 45.73 -47.88 -16.05
CA LEU D 257 44.35 -48.30 -15.83
C LEU D 257 43.50 -47.15 -15.29
N ASN D 258 44.01 -46.44 -14.28
CA ASN D 258 43.28 -45.32 -13.71
C ASN D 258 43.04 -44.24 -14.76
N TYR D 259 44.09 -43.88 -15.51
CA TYR D 259 43.94 -42.83 -16.51
C TYR D 259 42.97 -43.23 -17.61
N SER D 260 43.07 -44.49 -18.09
CA SER D 260 42.19 -44.95 -19.14
C SER D 260 40.74 -44.97 -18.68
N MET D 261 40.49 -45.45 -17.45
CA MET D 261 39.12 -45.47 -16.94
C MET D 261 38.59 -44.06 -16.78
N TYR D 262 39.41 -43.14 -16.26
CA TYR D 262 38.94 -41.76 -16.10
C TYR D 262 38.62 -41.11 -17.44
N VAL D 263 39.47 -41.32 -18.45
CA VAL D 263 39.22 -40.71 -19.75
C VAL D 263 38.00 -41.35 -20.41
N ILE D 264 37.82 -42.66 -20.24
CA ILE D 264 36.72 -43.36 -20.88
C ILE D 264 35.39 -42.93 -20.28
N MET D 265 35.29 -42.93 -18.94
CA MET D 265 34.01 -42.76 -18.28
C MET D 265 33.78 -41.35 -17.74
N ASP D 266 34.75 -40.46 -17.84
CA ASP D 266 34.62 -39.13 -17.26
C ASP D 266 35.20 -38.00 -18.13
N ARG D 267 35.73 -38.30 -19.30
CA ARG D 267 36.32 -37.21 -20.08
C ARG D 267 35.85 -37.14 -21.53
N ALA D 268 35.68 -38.29 -22.19
CA ALA D 268 35.51 -38.30 -23.63
C ALA D 268 34.27 -39.01 -24.14
N LEU D 269 33.66 -39.88 -23.35
CA LEU D 269 32.50 -40.63 -23.82
C LEU D 269 31.23 -40.07 -23.19
N PRO D 270 30.21 -39.80 -23.99
CA PRO D 270 28.96 -39.25 -23.44
C PRO D 270 28.12 -40.32 -22.77
N PHE D 271 27.17 -39.85 -21.96
CA PHE D 271 26.20 -40.73 -21.31
C PHE D 271 24.97 -40.84 -22.21
N ILE D 272 24.41 -42.05 -22.28
CA ILE D 272 23.35 -42.31 -23.26
C ILE D 272 22.11 -41.48 -22.96
N GLY D 273 21.81 -41.26 -21.68
CA GLY D 273 20.62 -40.54 -21.28
C GLY D 273 20.58 -39.11 -21.79
N ASP D 274 21.48 -38.27 -21.29
CA ASP D 274 21.52 -36.86 -21.68
C ASP D 274 22.38 -36.59 -22.90
N GLY D 275 23.13 -37.57 -23.37
CA GLY D 275 23.99 -37.37 -24.53
C GLY D 275 25.08 -36.34 -24.30
N LEU D 276 25.64 -36.29 -23.10
CA LEU D 276 26.63 -35.30 -22.74
C LEU D 276 27.82 -35.95 -22.04
N LYS D 277 29.01 -35.46 -22.35
CA LYS D 277 30.18 -35.79 -21.56
C LYS D 277 30.20 -34.91 -20.30
N PRO D 278 30.90 -35.35 -19.25
CA PRO D 278 30.80 -34.63 -17.96
C PRO D 278 31.09 -33.14 -18.02
N VAL D 279 32.06 -32.69 -18.81
CA VAL D 279 32.38 -31.26 -18.84
C VAL D 279 31.20 -30.46 -19.35
N GLN D 280 30.54 -30.95 -20.41
CA GLN D 280 29.36 -30.26 -20.93
C GLN D 280 28.24 -30.22 -19.91
N ARG D 281 28.03 -31.34 -19.20
CA ARG D 281 27.00 -31.37 -18.17
C ARG D 281 27.28 -30.36 -17.06
N ARG D 282 28.53 -30.28 -16.61
CA ARG D 282 28.88 -29.31 -15.56
C ARG D 282 28.69 -27.89 -16.06
N ILE D 283 29.06 -27.61 -17.31
CA ILE D 283 28.86 -26.27 -17.86
C ILE D 283 27.37 -25.92 -17.87
N VAL D 284 26.54 -26.85 -18.36
CA VAL D 284 25.11 -26.59 -18.46
C VAL D 284 24.50 -26.39 -17.07
N TYR D 285 24.88 -27.23 -16.11
CA TYR D 285 24.34 -27.11 -14.75
C TYR D 285 24.76 -25.80 -14.11
N ALA D 286 26.03 -25.40 -14.28
CA ALA D 286 26.49 -24.14 -13.70
C ALA D 286 25.78 -22.96 -14.35
N MET D 287 25.53 -23.02 -15.65
CA MET D 287 24.79 -21.95 -16.31
C MET D 287 23.36 -21.88 -15.78
N SER D 288 22.73 -23.03 -15.56
CA SER D 288 21.38 -23.03 -15.01
C SER D 288 21.35 -22.46 -13.60
N GLU D 289 22.32 -22.85 -12.77
CA GLU D 289 22.40 -22.31 -11.41
C GLU D 289 22.72 -20.83 -11.39
N LEU D 290 23.29 -20.29 -12.46
CA LEU D 290 23.52 -18.85 -12.58
C LEU D 290 22.30 -18.11 -13.10
N GLY D 291 21.20 -18.82 -13.36
CA GLY D 291 20.01 -18.18 -13.88
C GLY D 291 20.09 -17.78 -15.33
N LEU D 292 21.02 -18.37 -16.08
CA LEU D 292 21.24 -18.01 -17.48
C LEU D 292 20.29 -18.79 -18.39
N ASN D 293 19.00 -18.60 -18.15
CA ASN D 293 17.97 -19.20 -18.97
C ASN D 293 17.85 -18.48 -20.31
N ALA D 294 17.09 -19.09 -21.22
CA ALA D 294 16.93 -18.51 -22.56
C ALA D 294 16.24 -17.16 -22.50
N SER D 295 15.41 -16.92 -21.50
CA SER D 295 14.72 -15.65 -21.34
C SER D 295 15.51 -14.64 -20.52
N ALA D 296 16.63 -15.03 -19.93
CA ALA D 296 17.41 -14.15 -19.09
C ALA D 296 18.34 -13.28 -19.94
N LYS D 297 19.06 -12.38 -19.27
CA LYS D 297 20.02 -11.52 -19.93
C LYS D 297 21.37 -12.23 -20.05
N PHE D 298 22.13 -11.85 -21.05
CA PHE D 298 23.45 -12.44 -21.27
C PHE D 298 24.39 -12.07 -20.12
N LYS D 299 25.33 -12.97 -19.84
CA LYS D 299 26.35 -12.74 -18.83
C LYS D 299 27.70 -13.20 -19.37
N LYS D 300 28.76 -12.59 -18.84
CA LYS D 300 30.11 -12.89 -19.32
C LYS D 300 30.45 -14.36 -19.11
N SER D 301 31.01 -14.98 -20.15
CA SER D 301 31.40 -16.38 -20.06
C SER D 301 32.51 -16.61 -19.06
N ALA D 302 33.25 -15.56 -18.69
CA ALA D 302 34.29 -15.70 -17.68
C ALA D 302 33.71 -16.13 -16.34
N ARG D 303 32.58 -15.53 -15.94
CA ARG D 303 31.94 -15.94 -14.69
C ARG D 303 31.47 -17.39 -14.76
N THR D 304 30.91 -17.80 -15.90
CA THR D 304 30.47 -19.19 -16.03
C THR D 304 31.65 -20.15 -15.92
N VAL D 305 32.76 -19.84 -16.59
CA VAL D 305 33.93 -20.72 -16.53
C VAL D 305 34.48 -20.77 -15.11
N GLY D 306 34.54 -19.61 -14.44
CA GLY D 306 34.99 -19.60 -13.06
C GLY D 306 34.10 -20.42 -12.14
N ASP D 307 32.78 -20.33 -12.34
CA ASP D 307 31.86 -21.14 -11.55
C ASP D 307 32.07 -22.63 -11.80
N VAL D 308 32.24 -23.01 -13.07
CA VAL D 308 32.46 -24.42 -13.40
C VAL D 308 33.74 -24.93 -12.74
N LEU D 309 34.80 -24.12 -12.78
CA LEU D 309 36.08 -24.57 -12.22
C LEU D 309 36.05 -24.61 -10.70
N GLY D 310 35.41 -23.63 -10.07
CA GLY D 310 35.39 -23.56 -8.62
C GLY D 310 34.32 -24.36 -7.92
N LYS D 311 33.34 -24.88 -8.66
CA LYS D 311 32.24 -25.62 -8.06
C LYS D 311 32.22 -27.09 -8.45
N TYR D 312 32.43 -27.42 -9.72
CA TYR D 312 32.21 -28.80 -10.14
C TYR D 312 33.38 -29.41 -10.89
N HIS D 313 34.07 -28.65 -11.73
CA HIS D 313 35.08 -29.20 -12.63
C HIS D 313 36.48 -28.85 -12.16
N PRO D 314 37.27 -29.82 -11.67
CA PRO D 314 38.65 -29.54 -11.24
C PRO D 314 39.65 -29.69 -12.38
N HIS D 315 39.51 -28.86 -13.41
CA HIS D 315 40.37 -28.95 -14.59
C HIS D 315 40.62 -27.55 -15.12
N GLY D 316 41.21 -27.47 -16.32
CA GLY D 316 41.65 -26.20 -16.86
C GLY D 316 40.52 -25.34 -17.41
N ASP D 317 40.83 -24.04 -17.51
CA ASP D 317 39.85 -23.08 -18.03
C ASP D 317 39.72 -23.19 -19.54
N SER D 318 40.84 -23.38 -20.25
CA SER D 318 40.82 -23.34 -21.71
C SER D 318 39.95 -24.45 -22.29
N ALA D 319 40.08 -25.66 -21.75
CA ALA D 319 39.26 -26.77 -22.24
C ALA D 319 37.77 -26.51 -21.98
N CYS D 320 37.44 -25.99 -20.81
CA CYS D 320 36.06 -25.67 -20.49
C CYS D 320 35.49 -24.63 -21.46
N TYR D 321 36.26 -23.57 -21.72
CA TYR D 321 35.79 -22.54 -22.64
C TYR D 321 35.66 -23.09 -24.06
N GLU D 322 36.59 -23.95 -24.49
CA GLU D 322 36.49 -24.55 -25.82
C GLU D 322 35.24 -25.41 -25.94
N ALA D 323 34.95 -26.21 -24.91
CA ALA D 323 33.73 -27.00 -24.92
C ALA D 323 32.49 -26.11 -24.96
N MET D 324 32.50 -25.01 -24.21
CA MET D 324 31.39 -24.07 -24.21
C MET D 324 31.18 -23.48 -25.61
N VAL D 325 32.27 -23.06 -26.25
CA VAL D 325 32.19 -22.48 -27.59
C VAL D 325 31.65 -23.51 -28.57
N LEU D 326 32.13 -24.76 -28.48
CA LEU D 326 31.62 -25.80 -29.35
C LEU D 326 30.12 -26.02 -29.15
N MET D 327 29.67 -26.01 -27.90
CA MET D 327 28.24 -26.12 -27.62
C MET D 327 27.47 -24.89 -28.11
N ALA D 328 28.14 -23.75 -28.30
CA ALA D 328 27.46 -22.54 -28.73
C ALA D 328 27.48 -22.33 -30.24
N GLN D 329 28.37 -23.00 -30.95
CA GLN D 329 28.53 -22.74 -32.39
C GLN D 329 27.43 -23.44 -33.18
N PRO D 330 26.61 -22.72 -33.95
CA PRO D 330 25.60 -23.38 -34.77
C PRO D 330 26.17 -24.32 -35.81
N PHE D 331 27.37 -24.04 -36.34
CA PHE D 331 27.97 -24.88 -37.36
C PHE D 331 28.65 -26.11 -36.78
N SER D 332 28.73 -26.23 -35.47
CA SER D 332 29.29 -27.40 -34.81
C SER D 332 28.25 -28.28 -34.14
N TYR D 333 27.23 -27.68 -33.53
CA TYR D 333 26.14 -28.40 -32.90
C TYR D 333 24.90 -28.26 -33.75
N ARG D 334 24.26 -29.39 -34.08
CA ARG D 334 23.01 -29.33 -34.84
C ARG D 334 21.93 -28.62 -34.05
N TYR D 335 21.87 -28.87 -32.74
CA TYR D 335 20.94 -28.18 -31.83
C TYR D 335 21.78 -27.57 -30.73
N PRO D 336 22.25 -26.33 -30.90
CA PRO D 336 23.16 -25.74 -29.92
C PRO D 336 22.54 -25.62 -28.54
N LEU D 337 23.37 -25.82 -27.52
CA LEU D 337 22.92 -25.69 -26.13
C LEU D 337 23.15 -24.30 -25.57
N VAL D 338 23.98 -23.48 -26.21
CA VAL D 338 24.36 -22.17 -25.71
C VAL D 338 24.13 -21.12 -26.80
N ASP D 339 23.51 -20.01 -26.42
CA ASP D 339 23.37 -18.84 -27.29
C ASP D 339 24.32 -17.76 -26.79
N GLY D 340 25.11 -17.21 -27.69
CA GLY D 340 26.15 -16.28 -27.30
C GLY D 340 26.12 -14.93 -27.99
N GLN D 341 26.81 -13.96 -27.38
CA GLN D 341 26.99 -12.63 -27.94
C GLN D 341 28.48 -12.32 -27.96
N GLY D 342 28.99 -11.97 -29.14
CA GLY D 342 30.38 -11.66 -29.35
C GLY D 342 30.96 -12.51 -30.46
N ASN D 343 32.30 -12.56 -30.49
CA ASN D 343 33.03 -13.34 -31.48
C ASN D 343 33.11 -14.79 -31.00
N TRP D 344 32.15 -15.60 -31.44
CA TRP D 344 32.09 -17.01 -31.06
C TRP D 344 32.60 -17.93 -32.16
N GLY D 345 33.50 -17.44 -33.00
CA GLY D 345 34.08 -18.25 -34.06
C GLY D 345 33.38 -18.06 -35.39
N ALA D 346 33.94 -18.73 -36.40
CA ALA D 346 33.44 -18.69 -37.76
C ALA D 346 33.44 -20.10 -38.34
N PRO D 347 32.58 -20.38 -39.33
CA PRO D 347 32.61 -21.70 -39.96
C PRO D 347 33.95 -22.05 -40.56
N ASP D 348 34.65 -21.07 -41.15
CA ASP D 348 35.96 -21.33 -41.72
C ASP D 348 37.04 -21.45 -40.66
N ASP D 349 36.94 -20.68 -39.57
CA ASP D 349 37.90 -20.72 -38.47
C ASP D 349 37.14 -20.92 -37.17
N PRO D 350 36.80 -22.17 -36.84
CA PRO D 350 36.03 -22.42 -35.61
C PRO D 350 36.72 -21.96 -34.35
N LYS D 351 38.05 -22.04 -34.29
CA LYS D 351 38.80 -21.69 -33.09
C LYS D 351 39.24 -20.22 -33.07
N SER D 352 38.60 -19.37 -33.88
CA SER D 352 38.91 -17.95 -33.90
C SER D 352 38.03 -17.15 -32.95
N PHE D 353 37.44 -17.79 -31.94
CA PHE D 353 36.55 -17.12 -31.02
C PHE D 353 37.32 -16.15 -30.12
N ALA D 354 36.59 -15.21 -29.53
CA ALA D 354 37.16 -14.23 -28.64
C ALA D 354 37.37 -14.83 -27.25
N ALA D 355 38.11 -14.10 -26.42
CA ALA D 355 38.39 -14.58 -25.07
C ALA D 355 37.12 -14.53 -24.21
N MET D 356 37.17 -15.27 -23.10
CA MET D 356 36.00 -15.36 -22.23
C MET D 356 35.67 -14.03 -21.57
N ARG D 357 36.59 -13.07 -21.57
CA ARG D 357 36.33 -11.74 -21.04
C ARG D 357 35.55 -10.86 -22.00
N TYR D 358 35.57 -11.16 -23.30
CA TYR D 358 34.90 -10.35 -24.31
C TYR D 358 33.72 -11.07 -24.96
N THR D 359 33.09 -11.99 -24.24
CA THR D 359 31.95 -12.73 -24.77
C THR D 359 30.91 -12.92 -23.67
N GLU D 360 29.65 -12.94 -24.08
CA GLU D 360 28.54 -13.19 -23.17
C GLU D 360 27.80 -14.44 -23.62
N SER D 361 27.22 -15.17 -22.67
CA SER D 361 26.60 -16.44 -22.99
C SER D 361 25.34 -16.64 -22.15
N ARG D 362 24.47 -17.49 -22.66
CA ARG D 362 23.26 -17.91 -21.95
C ARG D 362 22.81 -19.24 -22.52
N LEU D 363 21.96 -19.94 -21.78
CA LEU D 363 21.45 -21.21 -22.27
C LEU D 363 20.47 -21.00 -23.41
N SER D 364 20.44 -21.95 -24.33
CA SER D 364 19.52 -21.92 -25.46
C SER D 364 18.17 -22.52 -25.05
N LYS D 365 17.17 -22.29 -25.91
CA LYS D 365 15.85 -22.87 -25.66
C LYS D 365 15.92 -24.39 -25.67
N TYR D 366 16.68 -24.96 -26.61
CA TYR D 366 16.85 -26.40 -26.67
C TYR D 366 17.36 -26.97 -25.36
N ALA D 367 18.23 -26.21 -24.68
CA ALA D 367 18.78 -26.66 -23.40
C ALA D 367 17.69 -26.90 -22.36
N GLU D 368 16.52 -26.28 -22.51
CA GLU D 368 15.42 -26.55 -21.59
C GLU D 368 15.07 -28.04 -21.59
N LEU D 369 15.15 -28.70 -22.74
CA LEU D 369 14.87 -30.12 -22.84
C LEU D 369 15.79 -30.96 -21.96
N LEU D 370 16.85 -30.38 -21.42
CA LEU D 370 17.75 -31.10 -20.53
C LEU D 370 17.59 -30.72 -19.07
N LEU D 371 16.90 -29.62 -18.76
CA LEU D 371 16.84 -29.12 -17.40
C LEU D 371 15.44 -28.83 -16.89
N SER D 372 14.40 -29.00 -17.72
CA SER D 372 13.05 -28.63 -17.31
C SER D 372 12.58 -29.45 -16.11
N GLU D 373 12.98 -30.72 -16.03
CA GLU D 373 12.55 -31.61 -14.97
C GLU D 373 13.64 -31.87 -13.94
N LEU D 374 14.70 -31.04 -13.93
CA LEU D 374 15.83 -31.31 -13.04
C LEU D 374 15.45 -31.19 -11.57
N GLY D 375 14.62 -30.20 -11.22
CA GLY D 375 14.28 -29.97 -9.83
C GLY D 375 13.24 -30.91 -9.25
N GLN D 376 12.64 -31.76 -10.07
CA GLN D 376 11.56 -32.65 -9.63
C GLN D 376 12.07 -34.04 -9.22
N GLY D 377 13.29 -34.13 -8.71
CA GLY D 377 13.83 -35.39 -8.24
C GLY D 377 13.95 -36.45 -9.32
N THR D 378 14.26 -36.05 -10.54
CA THR D 378 14.29 -36.98 -11.67
C THR D 378 15.60 -37.77 -11.73
N VAL D 379 16.71 -37.18 -11.28
CA VAL D 379 18.03 -37.78 -11.44
C VAL D 379 18.69 -37.86 -10.07
N ASP D 380 19.76 -38.66 -10.02
CA ASP D 380 20.56 -38.83 -8.81
C ASP D 380 21.62 -37.75 -8.71
N TRP D 381 21.98 -37.41 -7.47
CA TRP D 381 22.91 -36.33 -7.19
C TRP D 381 24.09 -36.84 -6.36
N VAL D 382 25.25 -36.25 -6.60
CA VAL D 382 26.50 -36.71 -5.97
C VAL D 382 27.23 -35.49 -5.40
N PRO D 383 27.93 -35.61 -4.27
CA PRO D 383 28.69 -34.45 -3.78
C PRO D 383 29.82 -34.08 -4.73
N ASN D 384 30.16 -32.78 -4.74
CA ASN D 384 31.19 -32.26 -5.62
C ASN D 384 32.57 -32.62 -5.06
N PHE D 385 33.63 -32.09 -5.69
CA PHE D 385 34.98 -32.50 -5.30
C PHE D 385 35.33 -32.01 -3.90
N ASP D 386 34.87 -30.82 -3.53
CA ASP D 386 35.13 -30.29 -2.20
C ASP D 386 34.12 -30.73 -1.15
N GLY D 387 33.04 -31.39 -1.57
CA GLY D 387 32.03 -31.86 -0.65
C GLY D 387 31.09 -30.80 -0.13
N THR D 388 31.24 -29.56 -0.59
CA THR D 388 30.41 -28.45 -0.14
C THR D 388 29.22 -28.19 -1.06
N LEU D 389 29.02 -29.00 -2.10
CA LEU D 389 27.94 -28.79 -3.04
C LEU D 389 27.47 -30.13 -3.58
N GLN D 390 26.40 -30.09 -4.35
CA GLN D 390 25.84 -31.27 -4.99
C GLN D 390 25.75 -31.04 -6.49
N GLU D 391 25.95 -32.11 -7.25
CA GLU D 391 26.01 -32.07 -8.70
C GLU D 391 25.15 -33.18 -9.29
N PRO D 392 24.43 -32.91 -10.37
CA PRO D 392 23.63 -33.97 -11.00
C PRO D 392 24.51 -34.95 -11.75
N LYS D 393 24.32 -36.23 -11.46
CA LYS D 393 25.04 -37.28 -12.19
C LYS D 393 24.60 -37.33 -13.65
N MET D 394 23.34 -37.05 -13.91
CA MET D 394 22.76 -37.05 -15.26
C MET D 394 21.77 -35.90 -15.36
N LEU D 395 21.16 -35.75 -16.53
CA LEU D 395 20.15 -34.74 -16.72
C LEU D 395 18.86 -35.37 -17.22
N PRO D 396 17.70 -34.89 -16.78
CA PRO D 396 16.43 -35.47 -17.25
C PRO D 396 16.13 -35.08 -18.68
N ALA D 397 16.81 -35.72 -19.64
CA ALA D 397 16.64 -35.39 -21.04
C ALA D 397 15.25 -35.80 -21.50
N ARG D 398 14.44 -34.82 -21.91
CA ARG D 398 13.12 -35.11 -22.44
C ARG D 398 13.18 -35.70 -23.85
N LEU D 399 14.28 -35.47 -24.55
CA LEU D 399 14.51 -36.03 -25.88
C LEU D 399 15.91 -36.62 -25.94
N PRO D 400 16.13 -37.62 -26.81
CA PRO D 400 17.43 -38.31 -26.83
C PRO D 400 18.52 -37.46 -27.45
N ASN D 401 19.12 -36.57 -26.63
CA ASN D 401 20.15 -35.65 -27.11
C ASN D 401 21.38 -36.38 -27.64
N ILE D 402 21.57 -37.66 -27.28
CA ILE D 402 22.73 -38.41 -27.75
C ILE D 402 22.71 -38.54 -29.27
N LEU D 403 21.52 -38.62 -29.87
CA LEU D 403 21.39 -38.73 -31.31
C LEU D 403 21.09 -37.40 -31.99
N LEU D 404 20.38 -36.50 -31.32
CA LEU D 404 20.01 -35.23 -31.93
C LEU D 404 21.23 -34.37 -32.21
N ASN D 405 22.13 -34.26 -31.24
CA ASN D 405 23.34 -33.46 -31.38
C ASN D 405 24.56 -34.31 -31.72
N GLY D 406 24.83 -35.34 -30.93
CA GLY D 406 25.96 -36.21 -31.18
C GLY D 406 27.28 -35.59 -30.77
N THR D 407 28.23 -36.41 -30.32
CA THR D 407 29.54 -35.94 -29.91
C THR D 407 30.63 -36.77 -30.59
N THR D 408 31.77 -36.13 -30.81
CA THR D 408 32.97 -36.79 -31.30
C THR D 408 34.05 -36.67 -30.25
N GLY D 409 34.64 -37.79 -29.86
CA GLY D 409 35.64 -37.79 -28.82
C GLY D 409 36.60 -38.96 -28.96
N ILE D 410 37.79 -38.75 -28.41
CA ILE D 410 38.86 -39.75 -28.46
C ILE D 410 39.32 -40.03 -27.04
N ALA D 411 39.38 -41.32 -26.68
CA ALA D 411 39.80 -41.72 -25.34
C ALA D 411 40.89 -42.77 -25.43
N VAL D 412 41.29 -43.34 -24.30
CA VAL D 412 42.28 -44.41 -24.29
C VAL D 412 41.56 -45.72 -24.54
N GLY D 413 41.97 -46.43 -25.59
CA GLY D 413 41.34 -47.69 -25.96
C GLY D 413 40.16 -47.57 -26.91
N MET D 414 39.28 -46.59 -26.67
CA MET D 414 38.06 -46.44 -27.44
C MET D 414 37.96 -45.02 -27.98
N ALA D 415 36.90 -44.79 -28.76
CA ALA D 415 36.57 -43.47 -29.30
C ALA D 415 35.09 -43.46 -29.63
N THR D 416 34.60 -42.31 -30.08
CA THR D 416 33.19 -42.18 -30.42
C THR D 416 33.01 -41.10 -31.48
N ASP D 417 32.20 -41.40 -32.49
CA ASP D 417 31.89 -40.47 -33.56
C ASP D 417 30.39 -40.48 -33.88
N ILE D 418 29.56 -40.16 -32.89
CA ILE D 418 28.12 -40.15 -33.10
C ILE D 418 27.72 -38.90 -33.87
N PRO D 419 27.10 -39.04 -35.04
CA PRO D 419 26.71 -37.86 -35.83
C PRO D 419 25.40 -37.30 -35.34
N PRO D 420 25.09 -36.05 -35.68
CA PRO D 420 23.79 -35.49 -35.32
C PRO D 420 22.67 -36.09 -36.16
N HIS D 421 21.45 -35.98 -35.63
CA HIS D 421 20.27 -36.46 -36.33
C HIS D 421 19.15 -35.43 -36.20
N ASN D 422 18.15 -35.57 -37.06
CA ASN D 422 17.01 -34.66 -37.04
C ASN D 422 16.13 -34.95 -35.83
N LEU D 423 15.63 -33.88 -35.20
CA LEU D 423 14.81 -34.04 -34.00
C LEU D 423 13.49 -34.74 -34.32
N ARG D 424 12.80 -34.29 -35.36
CA ARG D 424 11.47 -34.81 -35.65
C ARG D 424 11.51 -36.30 -36.01
N GLU D 425 12.51 -36.71 -36.81
CA GLU D 425 12.61 -38.11 -37.20
C GLU D 425 12.86 -39.01 -36.00
N VAL D 426 13.76 -38.61 -35.12
CA VAL D 426 14.07 -39.43 -33.94
C VAL D 426 12.86 -39.46 -33.00
N ALA D 427 12.17 -38.33 -32.85
CA ALA D 427 10.97 -38.31 -32.02
C ALA D 427 9.89 -39.23 -32.57
N LYS D 428 9.69 -39.21 -33.89
CA LYS D 428 8.73 -40.11 -34.51
C LYS D 428 9.14 -41.56 -34.32
N ALA D 429 10.44 -41.85 -34.42
CA ALA D 429 10.92 -43.21 -34.19
C ALA D 429 10.63 -43.66 -32.76
N ALA D 430 10.87 -42.77 -31.79
CA ALA D 430 10.59 -43.11 -30.40
C ALA D 430 9.10 -43.34 -30.17
N ILE D 431 8.26 -42.49 -30.76
CA ILE D 431 6.81 -42.64 -30.60
C ILE D 431 6.34 -43.96 -31.22
N THR D 432 6.85 -44.29 -32.40
CA THR D 432 6.48 -45.56 -33.04
C THR D 432 6.97 -46.75 -32.21
N LEU D 433 8.17 -46.64 -31.63
CA LEU D 433 8.68 -47.72 -30.78
C LEU D 433 7.80 -47.91 -29.55
N ILE D 434 7.32 -46.81 -28.97
CA ILE D 434 6.39 -46.91 -27.84
C ILE D 434 5.09 -47.55 -28.29
N GLU D 435 4.57 -47.14 -29.45
CA GLU D 435 3.32 -47.72 -29.96
C GLU D 435 3.49 -49.20 -30.28
N GLN D 436 4.60 -49.56 -30.92
CA GLN D 436 4.88 -50.95 -31.28
C GLN D 436 6.23 -51.34 -30.71
N PRO D 437 6.26 -51.96 -29.52
CA PRO D 437 7.57 -52.33 -28.93
C PRO D 437 8.38 -53.27 -29.81
N LYS D 438 7.74 -54.15 -30.58
CA LYS D 438 8.45 -55.10 -31.42
C LYS D 438 8.64 -54.55 -32.84
N THR D 439 9.28 -53.39 -32.91
CA THR D 439 9.55 -52.72 -34.18
C THR D 439 10.97 -53.03 -34.62
N THR D 440 11.13 -53.45 -35.86
CA THR D 440 12.42 -53.83 -36.40
C THR D 440 13.26 -52.58 -36.73
N LEU D 441 14.56 -52.80 -36.90
CA LEU D 441 15.48 -51.71 -37.20
C LEU D 441 15.14 -51.06 -38.55
N ASP D 442 14.76 -51.88 -39.54
CA ASP D 442 14.45 -51.33 -40.86
C ASP D 442 13.27 -50.37 -40.80
N GLU D 443 12.25 -50.69 -40.01
CA GLU D 443 11.10 -49.81 -39.87
C GLU D 443 11.52 -48.46 -39.27
N LEU D 444 12.40 -48.48 -38.27
CA LEU D 444 12.91 -47.24 -37.71
C LEU D 444 13.71 -46.47 -38.76
N LEU D 445 14.51 -47.18 -39.56
CA LEU D 445 15.30 -46.53 -40.60
C LEU D 445 14.43 -45.93 -41.70
N ASP D 446 13.21 -46.43 -41.87
CA ASP D 446 12.28 -45.79 -42.80
C ASP D 446 11.82 -44.42 -42.29
N ILE D 447 12.00 -44.15 -41.00
CA ILE D 447 11.68 -42.85 -40.41
C ILE D 447 12.93 -42.00 -40.20
N VAL D 448 13.97 -42.60 -39.65
CA VAL D 448 15.24 -41.90 -39.42
C VAL D 448 16.07 -42.10 -40.69
N GLN D 449 15.77 -41.28 -41.71
CA GLN D 449 16.47 -41.33 -42.98
C GLN D 449 18.00 -41.31 -42.83
N GLY D 450 18.51 -40.95 -41.66
CA GLY D 450 19.93 -40.92 -41.43
C GLY D 450 20.38 -39.67 -40.70
N PRO D 451 21.67 -39.38 -40.75
CA PRO D 451 22.20 -38.19 -40.07
C PRO D 451 21.66 -36.91 -40.67
N ASP D 452 21.61 -35.87 -39.84
CA ASP D 452 21.18 -34.53 -40.25
C ASP D 452 22.23 -33.54 -39.74
N PHE D 453 23.23 -33.30 -40.56
CA PHE D 453 24.28 -32.36 -40.19
C PHE D 453 23.78 -30.93 -40.34
N PRO D 454 24.37 -29.98 -39.58
CA PRO D 454 23.93 -28.57 -39.63
C PRO D 454 24.43 -27.81 -40.85
N THR D 455 24.34 -28.43 -42.01
CA THR D 455 24.69 -27.81 -43.29
C THR D 455 23.62 -28.18 -44.31
N GLU D 456 23.43 -27.29 -45.28
CA GLU D 456 22.50 -27.53 -46.38
C GLU D 456 23.10 -28.38 -47.49
N ALA D 457 24.20 -29.07 -47.21
CA ALA D 457 24.85 -29.91 -48.21
C ALA D 457 24.04 -31.20 -48.41
N GLU D 458 24.58 -32.08 -49.25
CA GLU D 458 23.88 -33.29 -49.65
C GLU D 458 24.64 -34.51 -49.14
N ILE D 459 23.89 -35.51 -48.69
CA ILE D 459 24.44 -36.80 -48.26
C ILE D 459 24.27 -37.80 -49.39
N ILE D 460 25.37 -38.43 -49.80
CA ILE D 460 25.37 -39.28 -50.99
C ILE D 460 25.37 -40.77 -50.66
N THR D 461 25.57 -41.15 -49.40
CA THR D 461 25.61 -42.56 -49.05
C THR D 461 24.24 -43.21 -49.27
N SER D 462 24.26 -44.42 -49.81
CA SER D 462 23.04 -45.13 -50.12
C SER D 462 22.31 -45.56 -48.85
N ARG D 463 21.00 -45.80 -48.98
CA ARG D 463 20.20 -46.19 -47.84
C ARG D 463 20.60 -47.55 -47.29
N ALA D 464 21.01 -48.48 -48.16
CA ALA D 464 21.46 -49.79 -47.70
C ALA D 464 22.73 -49.68 -46.86
N GLU D 465 23.67 -48.83 -47.28
CA GLU D 465 24.88 -48.62 -46.50
C GLU D 465 24.56 -48.01 -45.13
N ILE D 466 23.62 -47.06 -45.11
CA ILE D 466 23.20 -46.46 -43.83
C ILE D 466 22.54 -47.52 -42.95
N ARG D 467 21.76 -48.41 -43.55
CA ARG D 467 21.14 -49.49 -42.79
C ARG D 467 22.20 -50.39 -42.17
N LYS D 468 23.22 -50.75 -42.94
CA LYS D 468 24.31 -51.56 -42.39
C LYS D 468 25.04 -50.82 -41.27
N ILE D 469 25.31 -49.53 -41.47
CA ILE D 469 26.02 -48.74 -40.46
C ILE D 469 25.23 -48.70 -39.16
N TYR D 470 23.94 -48.41 -39.25
CA TYR D 470 23.10 -48.32 -38.06
C TYR D 470 22.74 -49.69 -37.50
N GLN D 471 23.02 -50.77 -38.21
CA GLN D 471 22.84 -52.10 -37.64
C GLN D 471 24.08 -52.58 -36.88
N ASN D 472 25.27 -52.41 -37.45
CA ASN D 472 26.48 -52.83 -36.76
C ASN D 472 27.14 -51.70 -35.96
N GLY D 473 26.61 -50.48 -36.03
CA GLY D 473 27.18 -49.37 -35.29
C GLY D 473 28.27 -48.63 -36.03
N ARG D 474 29.38 -49.30 -36.31
CA ARG D 474 30.50 -48.67 -36.99
C ARG D 474 30.17 -48.42 -38.46
N GLY D 475 30.84 -47.42 -39.04
CA GLY D 475 30.67 -47.16 -40.45
C GLY D 475 31.25 -45.81 -40.84
N SER D 476 30.90 -45.38 -42.05
CA SER D 476 31.36 -44.10 -42.57
C SER D 476 30.33 -43.56 -43.55
N VAL D 477 30.11 -42.25 -43.49
CA VAL D 477 29.19 -41.55 -44.39
C VAL D 477 30.01 -40.58 -45.25
N ARG D 478 29.39 -40.08 -46.31
CA ARG D 478 30.05 -39.13 -47.19
C ARG D 478 29.11 -37.98 -47.51
N MET D 479 29.68 -36.79 -47.65
CA MET D 479 28.91 -35.59 -47.96
C MET D 479 29.54 -34.83 -49.13
N ARG D 480 28.67 -34.23 -49.94
CA ARG D 480 29.05 -33.46 -51.11
C ARG D 480 28.59 -32.01 -50.98
N ALA D 481 28.53 -31.31 -52.11
CA ALA D 481 28.19 -29.89 -52.16
C ALA D 481 27.00 -29.67 -53.09
N VAL D 482 26.49 -28.44 -53.06
CA VAL D 482 25.43 -27.99 -53.96
C VAL D 482 26.09 -27.19 -55.08
N TRP D 483 25.87 -27.61 -56.33
CA TRP D 483 26.65 -27.16 -57.47
C TRP D 483 25.77 -26.62 -58.59
N SER D 484 24.78 -25.80 -58.25
CA SER D 484 23.89 -25.27 -59.28
C SER D 484 24.66 -24.34 -60.20
N LYS D 485 24.38 -24.43 -61.50
CA LYS D 485 25.12 -23.69 -62.52
C LYS D 485 24.30 -22.51 -63.02
N GLU D 486 24.93 -21.35 -63.10
CA GLU D 486 24.30 -20.15 -63.64
C GLU D 486 25.26 -19.46 -64.60
N ASP D 487 24.76 -19.09 -65.78
CA ASP D 487 25.54 -18.42 -66.82
C ASP D 487 26.76 -19.23 -67.24
N GLY D 488 26.65 -20.56 -67.24
CA GLY D 488 27.77 -21.40 -67.62
C GLY D 488 28.91 -21.44 -66.63
N ALA D 489 28.71 -20.93 -65.42
CA ALA D 489 29.75 -20.88 -64.40
C ALA D 489 29.30 -21.68 -63.19
N VAL D 490 30.24 -22.37 -62.55
CA VAL D 490 29.93 -23.21 -61.39
C VAL D 490 29.79 -22.32 -60.17
N VAL D 491 28.66 -22.45 -59.48
CA VAL D 491 28.40 -21.69 -58.26
C VAL D 491 28.22 -22.69 -57.12
N ILE D 492 29.12 -22.62 -56.14
CA ILE D 492 29.05 -23.46 -54.95
C ILE D 492 28.29 -22.68 -53.88
N SER D 493 27.20 -23.28 -53.39
CA SER D 493 26.32 -22.65 -52.42
C SER D 493 26.35 -23.29 -51.04
N ALA D 494 26.66 -24.58 -50.95
CA ALA D 494 26.69 -25.29 -49.68
C ALA D 494 27.97 -26.09 -49.57
N LEU D 495 28.56 -26.11 -48.36
CA LEU D 495 29.78 -26.84 -48.10
C LEU D 495 29.52 -27.99 -47.13
N PRO D 496 30.32 -29.05 -47.17
CA PRO D 496 30.15 -30.14 -46.20
C PRO D 496 30.45 -29.68 -44.78
N HIS D 497 30.02 -30.50 -43.82
CA HIS D 497 30.21 -30.19 -42.41
C HIS D 497 31.70 -30.18 -42.07
N GLN D 498 32.07 -29.24 -41.19
CA GLN D 498 33.45 -29.12 -40.71
C GLN D 498 34.45 -28.93 -41.85
N VAL D 499 34.02 -28.21 -42.89
CA VAL D 499 34.85 -27.92 -44.04
C VAL D 499 34.95 -26.41 -44.17
N SER D 500 36.19 -25.90 -44.16
CA SER D 500 36.44 -24.48 -44.28
C SER D 500 36.52 -24.08 -45.74
N GLY D 501 35.93 -22.92 -46.06
CA GLY D 501 36.03 -22.41 -47.41
C GLY D 501 37.45 -22.08 -47.81
N ALA D 502 38.27 -21.63 -46.85
CA ALA D 502 39.66 -21.34 -47.14
C ALA D 502 40.43 -22.60 -47.55
N LYS D 503 40.14 -23.73 -46.89
CA LYS D 503 40.80 -24.98 -47.26
C LYS D 503 40.43 -25.40 -48.68
N VAL D 504 39.14 -25.26 -49.03
CA VAL D 504 38.70 -25.60 -50.39
C VAL D 504 39.36 -24.67 -51.41
N LEU D 505 39.44 -23.37 -51.08
CA LEU D 505 40.10 -22.43 -51.97
C LEU D 505 41.57 -22.78 -52.17
N GLU D 506 42.27 -23.14 -51.09
CA GLU D 506 43.68 -23.51 -51.22
C GLU D 506 43.85 -24.80 -52.02
N GLN D 507 42.97 -25.77 -51.81
CA GLN D 507 43.05 -27.02 -52.56
C GLN D 507 42.81 -26.79 -54.04
N ILE D 508 41.81 -25.97 -54.38
CA ILE D 508 41.55 -25.67 -55.78
C ILE D 508 42.69 -24.84 -56.36
N ALA D 509 43.28 -23.94 -55.56
CA ALA D 509 44.41 -23.14 -56.01
C ALA D 509 45.62 -24.01 -56.30
N ALA D 510 45.75 -25.14 -55.61
CA ALA D 510 46.80 -26.08 -55.94
C ALA D 510 46.64 -26.60 -57.36
N GLN D 511 45.40 -26.91 -57.75
CA GLN D 511 45.13 -27.30 -59.14
C GLN D 511 45.38 -26.15 -60.10
N MET D 512 44.99 -24.94 -59.72
CA MET D 512 45.15 -23.80 -60.63
C MET D 512 46.63 -23.50 -60.88
N ARG D 513 47.44 -23.50 -59.82
CA ARG D 513 48.85 -23.18 -59.96
C ARG D 513 49.62 -24.29 -60.67
N ASN D 514 49.36 -25.56 -60.31
CA ASN D 514 50.06 -26.65 -60.97
C ASN D 514 49.52 -26.90 -62.38
N LYS D 515 48.34 -26.37 -62.70
CA LYS D 515 47.75 -26.48 -64.03
C LYS D 515 47.62 -27.94 -64.49
N LYS D 516 47.25 -28.83 -63.56
CA LYS D 516 46.89 -30.17 -63.99
C LYS D 516 45.61 -30.15 -64.81
N LEU D 517 44.73 -29.20 -64.51
CA LEU D 517 43.47 -28.98 -65.23
C LEU D 517 43.42 -27.50 -65.56
N PRO D 518 43.90 -27.11 -66.76
CA PRO D 518 44.00 -25.70 -67.16
C PRO D 518 42.65 -25.07 -67.56
N MET D 519 41.62 -25.40 -66.81
CA MET D 519 40.28 -24.85 -66.94
C MET D 519 40.06 -23.60 -66.11
N VAL D 520 41.08 -23.14 -65.37
CA VAL D 520 40.89 -22.03 -64.45
C VAL D 520 40.76 -20.72 -65.21
N ASP D 521 39.91 -19.84 -64.67
CA ASP D 521 39.69 -18.48 -65.17
C ASP D 521 38.80 -17.73 -64.18
N ASP D 522 39.23 -16.55 -63.74
CA ASP D 522 38.44 -15.68 -62.87
C ASP D 522 37.84 -16.44 -61.69
N LEU D 523 38.70 -17.16 -60.96
CA LEU D 523 38.30 -17.82 -59.72
C LEU D 523 37.92 -16.78 -58.68
N ARG D 524 36.63 -16.68 -58.35
CA ARG D 524 36.18 -15.65 -57.43
C ARG D 524 35.38 -16.24 -56.28
N ASP D 525 35.40 -15.56 -55.15
CA ASP D 525 34.62 -15.92 -53.97
C ASP D 525 33.60 -14.81 -53.79
N GLU D 526 32.35 -15.08 -54.21
CA GLU D 526 31.27 -14.11 -54.13
C GLU D 526 30.40 -14.33 -52.90
N SER D 527 30.93 -14.96 -51.86
CA SER D 527 30.18 -15.16 -50.63
C SER D 527 29.90 -13.83 -49.95
N ASP D 528 28.73 -13.73 -49.32
CA ASP D 528 28.30 -12.51 -48.66
C ASP D 528 27.48 -12.89 -47.43
N HIS D 529 27.01 -11.89 -46.69
CA HIS D 529 26.20 -12.18 -45.51
C HIS D 529 24.85 -12.76 -45.91
N GLU D 530 24.26 -12.26 -46.99
CA GLU D 530 22.97 -12.79 -47.44
C GLU D 530 23.09 -14.24 -47.91
N ASN D 531 24.15 -14.56 -48.65
CA ASN D 531 24.36 -15.92 -49.13
C ASN D 531 25.59 -16.49 -48.44
N PRO D 532 25.43 -17.40 -47.48
CA PRO D 532 26.57 -17.83 -46.66
C PRO D 532 27.75 -18.36 -47.45
N THR D 533 27.49 -19.07 -48.56
CA THR D 533 28.56 -19.61 -49.39
C THR D 533 28.20 -19.37 -50.85
N ARG D 534 29.07 -18.65 -51.57
CA ARG D 534 28.88 -18.39 -52.98
C ARG D 534 30.26 -18.37 -53.63
N LEU D 535 30.68 -19.50 -54.18
CA LEU D 535 31.97 -19.62 -54.85
C LEU D 535 31.74 -19.70 -56.36
N VAL D 536 32.33 -18.74 -57.10
CA VAL D 536 32.10 -18.62 -58.54
C VAL D 536 33.35 -19.09 -59.27
N ILE D 537 33.18 -20.08 -60.14
CA ILE D 537 34.23 -20.55 -61.04
C ILE D 537 33.74 -20.34 -62.46
N VAL D 538 34.43 -19.49 -63.21
CA VAL D 538 34.02 -19.26 -64.60
C VAL D 538 35.04 -19.91 -65.52
N PRO D 539 34.75 -21.06 -66.10
CA PRO D 539 35.71 -21.68 -67.02
C PRO D 539 35.65 -21.13 -68.42
N ARG D 540 34.45 -20.74 -68.85
CA ARG D 540 34.17 -20.33 -70.23
C ARG D 540 34.67 -21.40 -71.20
N SER D 541 34.89 -21.02 -72.47
CA SER D 541 35.34 -21.95 -73.50
C SER D 541 34.48 -23.21 -73.55
N ASN D 542 34.95 -24.29 -72.93
CA ASN D 542 34.28 -25.57 -72.94
C ASN D 542 33.47 -25.72 -71.67
N ARG D 543 32.19 -26.11 -71.80
CA ARG D 543 31.31 -26.31 -70.66
C ARG D 543 30.97 -27.77 -70.40
N VAL D 544 31.44 -28.70 -71.23
CA VAL D 544 31.08 -30.11 -71.01
C VAL D 544 32.11 -30.82 -70.13
N ASP D 545 33.38 -30.40 -70.17
CA ASP D 545 34.39 -31.04 -69.34
C ASP D 545 34.32 -30.60 -67.89
N MET D 546 33.88 -29.36 -67.64
CA MET D 546 33.86 -28.82 -66.29
C MET D 546 33.00 -29.67 -65.35
N GLU D 547 31.95 -30.30 -65.89
CA GLU D 547 31.09 -31.14 -65.05
C GLU D 547 31.85 -32.34 -64.51
N GLN D 548 32.63 -33.01 -65.37
CA GLN D 548 33.41 -34.16 -64.93
C GLN D 548 34.62 -33.76 -64.09
N VAL D 549 35.24 -32.61 -64.40
CA VAL D 549 36.35 -32.15 -63.57
C VAL D 549 35.84 -31.81 -62.17
N MET D 550 34.57 -31.41 -62.04
CA MET D 550 34.00 -31.24 -60.71
C MET D 550 34.00 -32.56 -59.94
N ASN D 551 33.67 -33.66 -60.62
CA ASN D 551 33.77 -34.98 -59.99
C ASN D 551 35.22 -35.29 -59.60
N HIS D 552 36.16 -34.95 -60.47
CA HIS D 552 37.57 -35.15 -60.15
C HIS D 552 37.97 -34.35 -58.91
N LEU D 553 37.50 -33.10 -58.81
CA LEU D 553 37.76 -32.28 -57.63
C LEU D 553 37.14 -32.90 -56.39
N PHE D 554 35.94 -33.46 -56.52
CA PHE D 554 35.32 -34.17 -55.40
C PHE D 554 36.19 -35.32 -54.96
N ALA D 555 36.76 -36.06 -55.92
CA ALA D 555 37.62 -37.19 -55.59
C ALA D 555 38.93 -36.72 -54.96
N THR D 556 39.37 -35.51 -55.27
CA THR D 556 40.67 -35.01 -54.83
C THR D 556 40.61 -33.98 -53.71
N THR D 557 39.69 -33.02 -53.78
CA THR D 557 39.66 -31.94 -52.80
C THR D 557 38.73 -32.29 -51.64
N ASP D 558 38.49 -31.32 -50.77
CA ASP D 558 37.61 -31.48 -49.61
C ASP D 558 36.16 -31.14 -49.89
N LEU D 559 35.81 -30.82 -51.14
CA LEU D 559 34.42 -30.49 -51.45
C LEU D 559 33.48 -31.67 -51.26
N GLU D 560 34.02 -32.88 -51.18
CA GLU D 560 33.24 -34.07 -50.82
C GLU D 560 34.10 -34.87 -49.85
N LYS D 561 33.63 -35.02 -48.61
CA LYS D 561 34.46 -35.61 -47.56
C LYS D 561 33.65 -36.64 -46.78
N SER D 562 34.37 -37.59 -46.20
CA SER D 562 33.78 -38.67 -45.42
C SER D 562 33.87 -38.37 -43.93
N TYR D 563 32.94 -38.98 -43.19
CA TYR D 563 32.79 -38.80 -41.74
C TYR D 563 32.69 -40.17 -41.10
N ARG D 564 33.53 -40.42 -40.10
CA ARG D 564 33.50 -41.67 -39.37
C ARG D 564 32.27 -41.74 -38.46
N ILE D 565 31.75 -42.94 -38.26
CA ILE D 565 30.60 -43.18 -37.40
C ILE D 565 30.95 -44.33 -36.46
N ASN D 566 30.97 -44.05 -35.16
CA ASN D 566 31.28 -45.05 -34.14
C ASN D 566 30.34 -44.78 -32.96
N LEU D 567 29.23 -45.50 -32.91
CA LEU D 567 28.19 -45.26 -31.91
C LEU D 567 28.57 -45.92 -30.57
N ASN D 568 29.66 -45.42 -30.00
CA ASN D 568 30.16 -45.89 -28.71
C ASN D 568 29.76 -44.90 -27.63
N MET D 569 29.16 -45.41 -26.56
CA MET D 569 28.66 -44.55 -25.49
C MET D 569 28.59 -45.34 -24.21
N ILE D 570 28.50 -44.61 -23.10
CA ILE D 570 28.32 -45.23 -21.78
C ILE D 570 26.83 -45.40 -21.53
N GLY D 571 26.40 -46.65 -21.36
CA GLY D 571 25.00 -46.95 -21.15
C GLY D 571 24.58 -46.82 -19.70
N LEU D 572 23.31 -47.13 -19.46
CA LEU D 572 22.78 -47.10 -18.09
C LEU D 572 23.47 -48.12 -17.20
N ASP D 573 24.08 -49.15 -17.77
CA ASP D 573 24.85 -50.13 -17.01
C ASP D 573 26.15 -49.55 -16.49
N GLY D 574 26.54 -48.36 -16.92
CA GLY D 574 27.78 -47.73 -16.49
C GLY D 574 29.01 -48.21 -17.20
N ARG D 575 28.87 -48.91 -18.33
CA ARG D 575 30.00 -49.43 -19.07
C ARG D 575 29.92 -48.95 -20.52
N PRO D 576 31.06 -48.59 -21.12
CA PRO D 576 31.05 -48.20 -22.53
C PRO D 576 30.70 -49.39 -23.42
N ALA D 577 29.98 -49.10 -24.50
CA ALA D 577 29.54 -50.12 -25.44
C ALA D 577 29.13 -49.45 -26.74
N VAL D 578 29.24 -50.21 -27.83
CA VAL D 578 28.76 -49.77 -29.13
C VAL D 578 27.36 -50.30 -29.33
N LYS D 579 26.42 -49.41 -29.64
CA LYS D 579 25.01 -49.75 -29.75
C LYS D 579 24.48 -49.30 -31.10
N ASN D 580 23.52 -50.09 -31.61
CA ASN D 580 22.84 -49.75 -32.86
C ASN D 580 21.67 -48.82 -32.57
N LEU D 581 20.99 -48.40 -33.64
CA LEU D 581 19.87 -47.46 -33.49
C LEU D 581 18.78 -48.03 -32.60
N LEU D 582 18.41 -49.30 -32.83
CA LEU D 582 17.38 -49.92 -32.01
C LEU D 582 17.80 -49.99 -30.55
N GLU D 583 19.04 -50.40 -30.29
CA GLU D 583 19.52 -50.50 -28.91
C GLU D 583 19.56 -49.12 -28.24
N ILE D 584 20.03 -48.11 -28.96
CA ILE D 584 20.09 -46.76 -28.41
C ILE D 584 18.69 -46.26 -28.06
N LEU D 585 17.75 -46.42 -28.99
CA LEU D 585 16.40 -45.96 -28.76
C LEU D 585 15.74 -46.71 -27.61
N SER D 586 15.93 -48.03 -27.54
CA SER D 586 15.32 -48.80 -26.46
C SER D 586 15.88 -48.40 -25.10
N GLU D 587 17.20 -48.26 -25.00
CA GLU D 587 17.81 -47.88 -23.72
C GLU D 587 17.39 -46.47 -23.32
N TRP D 588 17.36 -45.54 -24.27
CA TRP D 588 16.92 -44.19 -23.93
C TRP D 588 15.45 -44.17 -23.55
N LEU D 589 14.62 -45.01 -24.18
CA LEU D 589 13.22 -45.08 -23.79
C LEU D 589 13.06 -45.61 -22.37
N VAL D 590 13.88 -46.60 -22.00
CA VAL D 590 13.87 -47.10 -20.63
C VAL D 590 14.27 -45.99 -19.65
N PHE D 591 15.33 -45.24 -20.00
CA PHE D 591 15.77 -44.14 -19.15
C PHE D 591 14.69 -43.07 -19.01
N ARG D 592 14.05 -42.71 -20.11
CA ARG D 592 13.01 -41.69 -20.09
C ARG D 592 11.80 -42.16 -19.27
N ARG D 593 11.42 -43.43 -19.40
CA ARG D 593 10.33 -43.96 -18.61
C ARG D 593 10.66 -43.91 -17.12
N ASP D 594 11.89 -44.29 -16.76
CA ASP D 594 12.30 -44.24 -15.36
C ASP D 594 12.24 -42.80 -14.83
N THR D 595 12.77 -41.85 -15.60
CA THR D 595 12.78 -40.47 -15.15
C THR D 595 11.36 -39.91 -15.02
N VAL D 596 10.48 -40.26 -15.97
CA VAL D 596 9.11 -39.78 -15.91
C VAL D 596 8.37 -40.38 -14.72
N ARG D 597 8.60 -41.65 -14.43
CA ARG D 597 8.01 -42.26 -13.24
C ARG D 597 8.50 -41.56 -11.96
N ARG D 598 9.80 -41.27 -11.90
CA ARG D 598 10.32 -40.56 -10.73
C ARG D 598 9.69 -39.18 -10.60
N ARG D 599 9.53 -38.47 -11.72
CA ARG D 599 8.90 -37.15 -11.69
C ARG D 599 7.46 -37.24 -11.20
N LEU D 600 6.70 -38.22 -11.72
CA LEU D 600 5.31 -38.39 -11.28
C LEU D 600 5.22 -38.72 -9.81
N ASN D 601 6.12 -39.58 -9.31
CA ASN D 601 6.12 -39.92 -7.90
C ASN D 601 6.47 -38.71 -7.03
N HIS D 602 7.42 -37.88 -7.50
CA HIS D 602 7.77 -36.66 -6.78
C HIS D 602 6.56 -35.73 -6.66
N ARG D 603 5.86 -35.51 -7.78
CA ARG D 603 4.68 -34.66 -7.76
C ARG D 603 3.59 -35.26 -6.87
N LEU D 604 3.43 -36.59 -6.93
CA LEU D 604 2.43 -37.25 -6.09
C LEU D 604 2.73 -37.09 -4.62
N GLU D 605 4.01 -37.21 -4.24
CA GLU D 605 4.39 -37.01 -2.85
C GLU D 605 4.08 -35.59 -2.39
N LYS D 606 4.41 -34.60 -3.23
CA LYS D 606 4.10 -33.22 -2.87
C LYS D 606 2.59 -33.03 -2.70
N VAL D 607 1.80 -33.57 -3.64
CA VAL D 607 0.35 -33.41 -3.58
C VAL D 607 -0.23 -34.08 -2.34
N LEU D 608 0.23 -35.27 -2.02
CA LEU D 608 -0.29 -35.97 -0.83
C LEU D 608 0.04 -35.22 0.44
N LYS D 609 1.28 -34.72 0.57
CA LYS D 609 1.64 -33.96 1.77
C LYS D 609 0.80 -32.70 1.90
N ARG D 610 0.61 -31.97 0.80
CA ARG D 610 -0.21 -30.78 0.87
C ARG D 610 -1.66 -31.10 1.16
N LEU D 611 -2.18 -32.23 0.64
CA LEU D 611 -3.54 -32.63 0.95
C LEU D 611 -3.71 -32.94 2.43
N HIS D 612 -2.74 -33.62 3.03
CA HIS D 612 -2.79 -33.86 4.47
C HIS D 612 -2.81 -32.55 5.25
N ILE D 613 -1.95 -31.61 4.86
CA ILE D 613 -1.91 -30.32 5.55
C ILE D 613 -3.24 -29.60 5.38
N LEU D 614 -3.84 -29.67 4.18
CA LEU D 614 -5.13 -29.01 3.94
C LEU D 614 -6.24 -29.64 4.77
N GLU D 615 -6.23 -30.96 4.92
CA GLU D 615 -7.22 -31.62 5.77
C GLU D 615 -7.07 -31.14 7.22
N GLY D 616 -5.84 -31.06 7.71
CA GLY D 616 -5.63 -30.54 9.06
C GLY D 616 -6.10 -29.10 9.19
N LEU D 617 -5.84 -28.28 8.19
CA LEU D 617 -6.26 -26.88 8.23
C LEU D 617 -7.77 -26.76 8.24
N LEU D 618 -8.47 -27.58 7.45
CA LEU D 618 -9.93 -27.56 7.46
C LEU D 618 -10.49 -28.01 8.80
N VAL D 619 -9.87 -29.05 9.40
CA VAL D 619 -10.30 -29.47 10.73
C VAL D 619 -10.13 -28.33 11.73
N ALA D 620 -9.02 -27.60 11.64
CA ALA D 620 -8.81 -26.44 12.50
C ALA D 620 -9.87 -25.37 12.24
N PHE D 621 -10.19 -25.13 10.97
CA PHE D 621 -11.17 -24.12 10.61
C PHE D 621 -12.54 -24.44 11.20
N LEU D 622 -12.91 -25.72 11.23
CA LEU D 622 -14.19 -26.10 11.81
C LEU D 622 -14.28 -25.73 13.28
N ASN D 623 -13.16 -25.77 14.00
CA ASN D 623 -13.12 -25.50 15.44
C ASN D 623 -12.10 -24.40 15.77
N ILE D 624 -12.17 -23.28 15.05
CA ILE D 624 -11.17 -22.23 15.20
C ILE D 624 -11.17 -21.69 16.62
N ASP D 625 -12.35 -21.46 17.20
CA ASP D 625 -12.42 -20.89 18.55
C ASP D 625 -11.76 -21.82 19.56
N GLU D 626 -12.06 -23.12 19.49
CA GLU D 626 -11.44 -24.07 20.40
C GLU D 626 -9.93 -24.15 20.19
N VAL D 627 -9.48 -24.12 18.94
CA VAL D 627 -8.06 -24.19 18.65
C VAL D 627 -7.34 -22.98 19.25
N ILE D 628 -7.92 -21.79 19.05
CA ILE D 628 -7.31 -20.56 19.58
C ILE D 628 -7.31 -20.59 21.10
N GLU D 629 -8.38 -21.09 21.71
CA GLU D 629 -8.43 -21.20 23.16
C GLU D 629 -7.35 -22.15 23.68
N ILE D 630 -7.16 -23.29 22.99
CA ILE D 630 -6.12 -24.22 23.40
C ILE D 630 -4.74 -23.59 23.27
N ILE D 631 -4.49 -22.87 22.18
CA ILE D 631 -3.20 -22.23 21.98
C ILE D 631 -2.95 -21.18 23.07
N ARG D 632 -3.96 -20.36 23.37
CA ARG D 632 -3.79 -19.27 24.32
C ARG D 632 -3.78 -19.72 25.77
N THR D 633 -4.37 -20.88 26.08
CA THR D 633 -4.47 -21.36 27.45
C THR D 633 -3.52 -22.49 27.79
N GLU D 634 -3.31 -23.44 26.88
CA GLU D 634 -2.45 -24.58 27.16
C GLU D 634 -0.99 -24.24 26.94
N ASP D 635 -0.14 -24.69 27.87
CA ASP D 635 1.29 -24.39 27.79
C ASP D 635 1.95 -25.08 26.60
N GLU D 636 1.60 -26.35 26.35
CA GLU D 636 2.12 -27.11 25.22
C GLU D 636 1.00 -27.33 24.22
N PRO D 637 0.78 -26.41 23.28
CA PRO D 637 -0.42 -26.51 22.44
C PRO D 637 -0.35 -27.59 21.38
N LYS D 638 0.84 -28.01 20.94
CA LYS D 638 0.90 -29.02 19.88
C LYS D 638 0.34 -30.36 20.34
N PRO D 639 0.78 -30.95 21.46
CA PRO D 639 0.17 -32.23 21.89
C PRO D 639 -1.30 -32.10 22.21
N ALA D 640 -1.73 -30.97 22.78
CA ALA D 640 -3.14 -30.77 23.08
C ALA D 640 -3.98 -30.73 21.80
N LEU D 641 -3.49 -30.02 20.78
CA LEU D 641 -4.18 -29.99 19.50
C LEU D 641 -4.24 -31.37 18.87
N MET D 642 -3.13 -32.11 18.94
CA MET D 642 -3.12 -33.47 18.39
C MET D 642 -4.11 -34.37 19.10
N SER D 643 -4.18 -34.28 20.42
CA SER D 643 -5.06 -35.16 21.19
C SER D 643 -6.53 -34.79 21.01
N ARG D 644 -6.85 -33.50 21.05
CA ARG D 644 -8.26 -33.09 21.03
C ARG D 644 -8.91 -33.41 19.69
N PHE D 645 -8.22 -33.13 18.59
CA PHE D 645 -8.80 -33.30 17.26
C PHE D 645 -8.30 -34.55 16.54
N GLY D 646 -7.52 -35.39 17.21
CA GLY D 646 -6.99 -36.57 16.56
C GLY D 646 -6.15 -36.25 15.35
N ILE D 647 -5.27 -35.26 15.46
CA ILE D 647 -4.58 -34.70 14.31
C ILE D 647 -3.10 -35.04 14.42
N SER D 648 -2.42 -35.01 13.27
CA SER D 648 -1.01 -35.38 13.21
C SER D 648 -0.13 -34.21 13.66
N GLU D 649 1.14 -34.54 13.93
CA GLU D 649 2.09 -33.52 14.37
C GLU D 649 2.33 -32.48 13.29
N THR D 650 2.48 -32.92 12.04
CA THR D 650 2.68 -31.97 10.95
C THR D 650 1.44 -31.09 10.76
N GLN D 651 0.25 -31.67 10.87
CA GLN D 651 -0.97 -30.89 10.79
C GLN D 651 -1.06 -29.89 11.93
N ALA D 652 -0.68 -30.30 13.14
CA ALA D 652 -0.69 -29.38 14.27
C ALA D 652 0.29 -28.24 14.06
N GLU D 653 1.48 -28.52 13.53
CA GLU D 653 2.44 -27.46 13.22
C GLU D 653 1.89 -26.52 12.15
N ALA D 654 1.22 -27.08 11.14
CA ALA D 654 0.61 -26.24 10.11
C ALA D 654 -0.44 -25.31 10.71
N ILE D 655 -1.23 -25.83 11.65
CA ILE D 655 -2.20 -25.00 12.36
C ILE D 655 -1.48 -23.89 13.13
N LEU D 656 -0.40 -24.24 13.83
CA LEU D 656 0.33 -23.26 14.63
C LEU D 656 0.94 -22.17 13.75
N GLU D 657 1.34 -22.50 12.53
CA GLU D 657 1.96 -21.55 11.62
C GLU D 657 0.94 -20.80 10.77
N LEU D 658 -0.35 -21.05 10.97
CA LEU D 658 -1.38 -20.31 10.26
C LEU D 658 -1.38 -18.86 10.69
N LYS D 659 -1.64 -17.96 9.74
CA LYS D 659 -1.64 -16.53 10.00
C LYS D 659 -3.07 -16.03 10.23
N LEU D 660 -3.17 -14.89 10.91
CA LEU D 660 -4.47 -14.35 11.27
C LEU D 660 -5.29 -14.01 10.04
N ARG D 661 -4.65 -13.52 8.98
CA ARG D 661 -5.37 -13.21 7.74
C ARG D 661 -6.03 -14.44 7.16
N HIS D 662 -5.49 -15.63 7.42
CA HIS D 662 -6.08 -16.86 6.95
C HIS D 662 -7.36 -17.23 7.69
N LEU D 663 -7.68 -16.55 8.79
CA LEU D 663 -8.90 -16.84 9.53
C LEU D 663 -10.16 -16.36 8.80
N ALA D 664 -10.02 -15.59 7.73
CA ALA D 664 -11.17 -15.14 6.96
C ALA D 664 -11.78 -16.30 6.17
N LYS D 665 -13.05 -16.11 5.77
CA LYS D 665 -13.75 -17.15 5.02
C LYS D 665 -13.16 -17.35 3.63
N LEU D 666 -12.62 -16.29 3.04
CA LEU D 666 -12.04 -16.40 1.69
C LEU D 666 -10.90 -17.39 1.67
N GLU D 667 -10.05 -17.38 2.70
CA GLU D 667 -8.97 -18.36 2.76
C GLU D 667 -9.50 -19.78 2.90
N GLU D 668 -10.60 -19.95 3.64
CA GLU D 668 -11.23 -21.27 3.72
C GLU D 668 -11.72 -21.72 2.36
N MET D 669 -12.33 -20.82 1.60
CA MET D 669 -12.77 -21.17 0.25
C MET D 669 -11.57 -21.55 -0.64
N LYS D 670 -10.48 -20.80 -0.50
CA LYS D 670 -9.26 -21.13 -1.24
C LYS D 670 -8.75 -22.52 -0.87
N ILE D 671 -8.76 -22.84 0.42
CA ILE D 671 -8.30 -24.16 0.87
C ILE D 671 -9.18 -25.25 0.29
N ARG D 672 -10.50 -25.04 0.29
CA ARG D 672 -11.41 -26.05 -0.26
C ARG D 672 -11.18 -26.25 -1.76
N GLY D 673 -11.02 -25.15 -2.50
CA GLY D 673 -10.73 -25.27 -3.93
C GLY D 673 -9.41 -25.98 -4.20
N GLU D 674 -8.39 -25.64 -3.42
CA GLU D 674 -7.11 -26.32 -3.53
C GLU D 674 -7.25 -27.81 -3.24
N GLN D 675 -8.06 -28.16 -2.23
CA GLN D 675 -8.28 -29.56 -1.91
C GLN D 675 -8.94 -30.30 -3.07
N SER D 676 -9.95 -29.69 -3.68
CA SER D 676 -10.62 -30.33 -4.81
C SER D 676 -9.67 -30.52 -5.99
N GLU D 677 -8.93 -29.47 -6.33
CA GLU D 677 -8.00 -29.57 -7.46
C GLU D 677 -6.91 -30.60 -7.19
N LEU D 678 -6.39 -30.63 -5.97
CA LEU D 678 -5.33 -31.57 -5.63
C LEU D 678 -5.85 -33.00 -5.58
N GLU D 679 -7.11 -33.20 -5.17
CA GLU D 679 -7.70 -34.53 -5.23
C GLU D 679 -7.80 -35.02 -6.66
N LYS D 680 -8.25 -34.14 -7.57
CA LYS D 680 -8.31 -34.52 -8.98
C LYS D 680 -6.91 -34.82 -9.53
N GLU D 681 -5.93 -33.98 -9.17
CA GLU D 681 -4.57 -34.21 -9.64
C GLU D 681 -4.01 -35.54 -9.11
N ARG D 682 -4.27 -35.84 -7.84
CA ARG D 682 -3.83 -37.10 -7.26
C ARG D 682 -4.45 -38.28 -7.98
N ASP D 683 -5.76 -38.18 -8.29
CA ASP D 683 -6.42 -39.25 -9.03
C ASP D 683 -5.77 -39.44 -10.40
N GLN D 684 -5.50 -38.34 -11.10
CA GLN D 684 -4.87 -38.45 -12.42
C GLN D 684 -3.49 -39.08 -12.34
N LEU D 685 -2.67 -38.64 -11.38
CA LEU D 685 -1.32 -39.17 -11.24
C LEU D 685 -1.35 -40.65 -10.89
N GLN D 686 -2.22 -41.05 -9.96
CA GLN D 686 -2.32 -42.45 -9.59
C GLN D 686 -2.81 -43.30 -10.75
N ALA D 687 -3.76 -42.78 -11.53
CA ALA D 687 -4.24 -43.52 -12.70
C ALA D 687 -3.12 -43.71 -13.72
N ILE D 688 -2.33 -42.67 -13.96
CA ILE D 688 -1.22 -42.80 -14.91
C ILE D 688 -0.19 -43.80 -14.40
N LEU D 689 0.16 -43.71 -13.10
CA LEU D 689 1.17 -44.62 -12.55
C LEU D 689 0.67 -46.05 -12.42
N ALA D 690 -0.64 -46.27 -12.43
CA ALA D 690 -1.17 -47.61 -12.23
C ALA D 690 -1.36 -48.40 -13.52
N SER D 691 -1.58 -47.72 -14.64
CA SER D 691 -1.86 -48.38 -15.92
C SER D 691 -0.75 -48.08 -16.91
N GLU D 692 -0.27 -49.13 -17.59
CA GLU D 692 0.77 -48.95 -18.60
C GLU D 692 0.25 -48.17 -19.80
N ARG D 693 -1.02 -48.36 -20.18
CA ARG D 693 -1.56 -47.66 -21.35
C ARG D 693 -1.59 -46.15 -21.14
N LYS D 694 -2.00 -45.69 -19.96
CA LYS D 694 -2.03 -44.25 -19.70
C LYS D 694 -0.62 -43.67 -19.68
N MET D 695 0.34 -44.39 -19.10
CA MET D 695 1.72 -43.92 -19.10
C MET D 695 2.28 -43.85 -20.51
N ASN D 696 1.96 -44.84 -21.34
CA ASN D 696 2.41 -44.81 -22.73
C ASN D 696 1.80 -43.63 -23.48
N ASN D 697 0.50 -43.36 -23.24
CA ASN D 697 -0.14 -42.21 -23.87
C ASN D 697 0.51 -40.92 -23.43
N LEU D 698 0.83 -40.80 -22.14
CA LEU D 698 1.52 -39.60 -21.64
C LEU D 698 2.88 -39.43 -22.29
N LEU D 699 3.63 -40.53 -22.42
CA LEU D 699 4.95 -40.45 -23.05
C LEU D 699 4.84 -40.02 -24.51
N LYS D 700 3.87 -40.60 -25.23
CA LYS D 700 3.67 -40.21 -26.63
C LYS D 700 3.28 -38.75 -26.75
N LYS D 701 2.38 -38.28 -25.88
CA LYS D 701 1.98 -36.88 -25.91
C LYS D 701 3.16 -35.96 -25.64
N GLU D 702 3.97 -36.29 -24.63
CA GLU D 702 5.12 -35.45 -24.31
C GLU D 702 6.13 -35.43 -25.44
N LEU D 703 6.40 -36.59 -26.05
CA LEU D 703 7.34 -36.64 -27.16
C LEU D 703 6.84 -35.82 -28.34
N GLN D 704 5.55 -35.95 -28.67
CA GLN D 704 5.00 -35.18 -29.79
C GLN D 704 5.02 -33.69 -29.51
N ALA D 705 4.68 -33.29 -28.28
CA ALA D 705 4.71 -31.87 -27.93
C ALA D 705 6.12 -31.30 -28.01
N ASP D 706 7.11 -32.05 -27.49
CA ASP D 706 8.50 -31.59 -27.56
C ASP D 706 8.97 -31.51 -29.00
N ALA D 707 8.58 -32.48 -29.83
CA ALA D 707 8.96 -32.44 -31.25
C ALA D 707 8.33 -31.23 -31.94
N ASP D 708 7.09 -30.92 -31.61
CA ASP D 708 6.41 -29.79 -32.26
C ASP D 708 6.97 -28.46 -31.77
N ALA D 709 7.45 -28.40 -30.52
CA ALA D 709 7.95 -27.15 -29.97
C ALA D 709 9.41 -26.90 -30.25
N PHE D 710 10.22 -27.95 -30.43
CA PHE D 710 11.66 -27.78 -30.61
C PHE D 710 12.17 -28.33 -31.94
N GLY D 711 11.34 -29.00 -32.73
CA GLY D 711 11.82 -29.64 -33.94
C GLY D 711 12.04 -28.67 -35.08
N ASP D 712 12.66 -29.19 -36.14
CA ASP D 712 12.91 -28.40 -37.34
C ASP D 712 13.03 -29.36 -38.53
N ASP D 713 12.90 -28.80 -39.72
CA ASP D 713 13.02 -29.60 -40.93
C ASP D 713 14.45 -30.08 -41.13
N ARG D 714 14.59 -31.14 -41.93
CA ARG D 714 15.92 -31.65 -42.26
C ARG D 714 16.70 -30.61 -43.05
N ARG D 715 17.98 -30.46 -42.69
CA ARG D 715 18.85 -29.48 -43.32
C ARG D 715 19.71 -30.08 -44.44
N SER D 716 20.18 -31.31 -44.26
CA SER D 716 21.01 -31.97 -45.27
C SER D 716 20.23 -33.10 -45.92
N PRO D 717 19.72 -32.92 -47.14
CA PRO D 717 19.01 -34.01 -47.81
C PRO D 717 19.94 -35.16 -48.18
N LEU D 718 19.36 -36.35 -48.28
CA LEU D 718 20.10 -37.56 -48.63
C LEU D 718 19.67 -38.03 -50.01
N HIS D 719 20.58 -37.91 -50.98
CA HIS D 719 20.32 -38.38 -52.34
C HIS D 719 21.56 -39.09 -52.85
N GLU D 720 21.38 -40.29 -53.41
CA GLU D 720 22.49 -41.05 -53.92
C GLU D 720 23.07 -40.40 -55.17
N ARG D 721 24.40 -40.37 -55.27
CA ARG D 721 25.09 -39.75 -56.38
C ARG D 721 26.20 -40.68 -56.87
N GLU D 722 26.72 -40.36 -58.06
CA GLU D 722 27.75 -41.18 -58.68
C GLU D 722 29.10 -40.94 -57.99
N GLU D 723 30.10 -41.71 -58.40
CA GLU D 723 31.43 -41.61 -57.84
C GLU D 723 32.19 -40.43 -58.45
C01 A1L5V I . -43.22 22.94 23.13
C03 A1L5V I . -43.70 23.91 25.39
C04 A1L5V I . -44.47 24.78 26.32
C05 A1L5V I . -45.51 25.55 25.84
C07 A1L5V I . -45.25 24.73 23.41
C08 A1L5V I . -45.95 25.55 24.38
C09 A1L5V I . -47.06 26.39 23.93
C10 A1L5V I . -47.52 26.44 22.59
C11 A1L5V I . -46.83 25.63 21.65
C13 A1L5V I . -45.74 24.78 21.96
C14 A1L5V I . -45.16 24.00 20.75
C15 A1L5V I . -44.22 24.79 19.80
C17 A1L5V I . -44.23 23.16 17.94
C18 A1L5V I . -43.43 23.03 16.58
C19 A1L5V I . -42.17 22.18 16.78
C21 A1L5V I . -43.32 21.38 14.96
C23 A1L5V I . -41.08 20.15 15.64
C24 A1L5V I . -41.19 18.99 14.79
C27 A1L5V I . -38.90 19.37 16.29
C28 A1L5V I . -39.02 18.24 15.46
C30 A1L5V I . -36.65 17.87 15.42
C31 A1L5V I . -36.51 18.79 16.66
F12 A1L5V I . -47.28 25.69 20.37
N02 A1L5V I . -44.09 23.89 23.97
N16 A1L5V I . -44.51 24.56 18.34
N22 A1L5V I . -42.16 21.16 15.73
N25 A1L5V I . -40.18 18.06 14.72
N26 A1L5V I . -39.92 20.29 16.36
N32 A1L5V I . -37.70 19.51 17.05
O06 A1L5V I . -42.75 23.20 25.78
O20 A1L5V I . -44.12 22.32 15.54
O29 A1L5V I . -37.99 17.36 15.41
O33 A1L5V I . -35.47 18.90 17.30
O34 A1L5V I . -43.58 20.82 13.91
C01 A1L5V J . 46.61 -16.94 -22.62
C03 A1L5V J . 47.88 -16.28 -24.67
C04 A1L5V J . 49.12 -16.16 -25.48
C05 A1L5V J . 50.32 -16.61 -24.98
C07 A1L5V J . 49.30 -17.39 -22.75
C08 A1L5V J . 50.46 -17.24 -23.60
C09 A1L5V J . 51.76 -17.70 -23.11
C10 A1L5V J . 51.96 -18.29 -21.85
C11 A1L5V J . 50.82 -18.43 -21.02
C13 A1L5V J . 49.51 -18.03 -21.37
C14 A1L5V J . 48.43 -18.30 -20.30
C15 A1L5V J . 48.37 -17.29 -19.11
C17 A1L5V J . 46.72 -18.52 -17.78
C18 A1L5V J . 46.10 -18.35 -16.34
C19 A1L5V J . 44.64 -17.87 -16.44
C21 A1L5V J . 44.73 -19.72 -15.09
C23 A1L5V J . 42.36 -18.64 -15.53
C24 A1L5V J . 41.57 -19.70 -14.99
C27 A1L5V J . 40.36 -17.33 -15.79
C28 A1L5V J . 39.57 -18.38 -15.27
C30 A1L5V J . 37.75 -16.92 -14.72
C31 A1L5V J . 38.35 -15.86 -15.67
F12 A1L5V J . 51.03 -19.01 -19.81
N02 A1L5V J . 47.97 -16.88 -23.34
N16 A1L5V J . 47.03 -17.25 -18.47
N22 A1L5V J . 43.82 -18.78 -15.65
N25 A1L5V J . 40.19 -19.56 -14.87
N26 A1L5V J . 41.72 -17.47 -15.91
N32 A1L5V J . 39.68 -16.13 -16.17
O06 A1L5V J . 46.78 -15.89 -25.09
O20 A1L5V J . 45.97 -19.57 -15.61
O29 A1L5V J . 38.23 -18.21 -15.16
O33 A1L5V J . 37.75 -14.83 -15.99
O34 A1L5V J . 44.43 -20.55 -14.25
#